data_8EAM
#
_entry.id   8EAM
#
loop_
_entity.id
_entity.type
_entity.pdbx_description
1 polymer 'Minichromosome maintenance protein MCM'
2 polymer DNA
3 non-polymer 'ZINC ION'
4 non-polymer 'MAGNESIUM ION'
5 non-polymer [[[(2R,3S,4R,5R)-5-(6-aminopurin-9-yl)-3,4-bis(oxidanyl)oxolan-2-yl]methoxy-oxidanyl-phosphoryl]oxy-oxidanyl-phosphoryl]oxy-tris(fluoranyl)beryllium
6 water water
#
loop_
_entity_poly.entity_id
_entity_poly.type
_entity_poly.pdbx_seq_one_letter_code
_entity_poly.pdbx_strand_id
1 'polypeptide(L)'
;SLEIPSKQIDYRDVFIEFLTTFKGNNNQNKYIERINELVAYRKKSLIIEFSDVLSFNENLAYEIINNTKIILPILEGALY
DHILQLDPTYQRDIEKVHVRIVGIPRVIELRKIRSTDIGKLITIDGILVKVTPVKERIYKATYKHIHPDCMQEFEWPEDE
EMPEVLEMPTICPKCGKPGQFRLIPEKTKLIDWQKAVIQERPEEVPSGQLPRQLEIILEDDLVDSARPGDRVKVTGILDI
KQDSPVKRGSRAVFDIYMKVSSIEVSGGSGGSSEEDEKKIKDLAKDPWIRDRIISSIAPSIYGHWELKEALALALFGGVP
KVLEDTRIRGDIHILIIGDPGTAKSQMLQFISRVAPRAVYTTGKGSTAAGLTAAVVREKGTGEYYLEAGALVLADGGIAV
IDEIDKMRDEDRVAIHEAMEQQTVSIAKAGIVAKLNARAAVIAAGNPKFGRYISERPVSDNINLPPTILSRFDLIFILKD
QPGEQDRELANYILDVHSGKSTKNIIDIDTLRKYIAYARKYVTPKITSEAKNLITDFFVEMRKKSSETPDSPILITPRQL
EALIRISEAYAKMALKAEVTREDAERAINIMRLFLESVGVDMESGKIDID
;
A,B,C,D,E,F
2 'polydeoxyribonucleotide' (DT)(DT)(DT)(DT)(DT)(DT)(DT)(DT)(DT)(DT)(DT)(DT) X
#
# COMPACT_ATOMS: atom_id res chain seq x y z
N ARG A 106 -3.65 -31.37 45.13
CA ARG A 106 -4.97 -30.84 44.80
C ARG A 106 -5.10 -30.63 43.29
N VAL A 107 -6.28 -30.93 42.77
CA VAL A 107 -6.57 -30.82 41.34
C VAL A 107 -7.58 -29.70 41.13
N ILE A 108 -7.23 -28.76 40.25
CA ILE A 108 -8.08 -27.62 39.94
C ILE A 108 -8.16 -27.48 38.42
N GLU A 109 -9.34 -27.17 37.92
CA GLU A 109 -9.49 -26.90 36.49
C GLU A 109 -8.70 -25.66 36.10
N LEU A 110 -8.19 -25.66 34.87
CA LEU A 110 -7.36 -24.55 34.40
C LEU A 110 -8.12 -23.23 34.38
N ARG A 111 -9.45 -23.27 34.26
CA ARG A 111 -10.25 -22.06 34.24
C ARG A 111 -10.67 -21.59 35.62
N LYS A 112 -10.64 -22.47 36.62
CA LYS A 112 -11.12 -22.16 37.96
C LYS A 112 -10.00 -21.66 38.88
N ILE A 113 -8.79 -21.47 38.36
CA ILE A 113 -7.68 -20.99 39.18
C ILE A 113 -7.93 -19.56 39.61
N ARG A 114 -7.79 -19.29 40.91
CA ARG A 114 -8.01 -17.95 41.44
C ARG A 114 -6.81 -17.48 42.25
N SER A 115 -6.94 -16.34 42.91
CA SER A 115 -5.83 -15.78 43.66
C SER A 115 -5.46 -16.63 44.87
N THR A 116 -6.44 -17.31 45.48
CA THR A 116 -6.18 -18.10 46.67
C THR A 116 -5.30 -19.31 46.39
N ASP A 117 -5.17 -19.72 45.13
CA ASP A 117 -4.38 -20.89 44.77
C ASP A 117 -2.91 -20.56 44.52
N ILE A 118 -2.53 -19.28 44.58
CA ILE A 118 -1.15 -18.90 44.31
C ILE A 118 -0.28 -19.31 45.50
N GLY A 119 0.85 -19.95 45.20
CA GLY A 119 1.78 -20.35 46.22
C GLY A 119 1.49 -21.68 46.88
N LYS A 120 0.62 -22.50 46.30
CA LYS A 120 0.27 -23.79 46.87
C LYS A 120 0.48 -24.89 45.84
N LEU A 121 0.78 -26.10 46.32
CA LEU A 121 0.99 -27.23 45.44
C LEU A 121 -0.34 -27.68 44.85
N ILE A 122 -0.43 -27.70 43.52
CA ILE A 122 -1.66 -28.04 42.81
C ILE A 122 -1.30 -28.93 41.62
N THR A 123 -2.34 -29.47 40.98
CA THR A 123 -2.19 -30.33 39.83
C THR A 123 -3.11 -29.85 38.72
N ILE A 124 -2.57 -29.76 37.50
CA ILE A 124 -3.31 -29.28 36.34
C ILE A 124 -3.21 -30.31 35.23
N ASP A 125 -4.32 -30.58 34.57
CA ASP A 125 -4.37 -31.48 33.43
C ASP A 125 -4.68 -30.68 32.17
N GLY A 126 -3.95 -30.94 31.10
CA GLY A 126 -4.13 -30.19 29.88
C GLY A 126 -3.37 -30.80 28.73
N ILE A 127 -3.27 -30.04 27.65
CA ILE A 127 -2.63 -30.49 26.41
C ILE A 127 -1.47 -29.55 26.10
N LEU A 128 -0.29 -30.12 25.89
CA LEU A 128 0.86 -29.34 25.48
C LEU A 128 0.65 -28.81 24.06
N VAL A 129 1.00 -27.54 23.85
CA VAL A 129 0.80 -26.93 22.54
C VAL A 129 2.10 -26.34 22.02
N LYS A 130 3.01 -25.97 22.92
CA LYS A 130 4.27 -25.35 22.51
C LYS A 130 5.37 -25.74 23.49
N VAL A 131 6.55 -26.04 22.95
CA VAL A 131 7.74 -26.32 23.75
C VAL A 131 8.90 -25.52 23.17
N THR A 132 9.61 -24.80 24.03
CA THR A 132 10.74 -23.99 23.62
C THR A 132 12.02 -24.82 23.66
N PRO A 133 13.04 -24.44 22.89
CA PRO A 133 14.33 -25.14 22.97
C PRO A 133 14.96 -24.98 24.34
N VAL A 134 15.76 -25.97 24.72
CA VAL A 134 16.38 -25.97 26.03
C VAL A 134 17.37 -24.82 26.13
N LYS A 135 17.28 -24.05 27.21
CA LYS A 135 18.17 -22.94 27.48
C LYS A 135 18.74 -23.07 28.89
N GLU A 136 19.70 -22.21 29.21
CA GLU A 136 20.39 -22.25 30.49
C GLU A 136 20.06 -21.00 31.31
N ARG A 137 19.80 -21.21 32.60
CA ARG A 137 19.47 -20.13 33.52
C ARG A 137 20.54 -20.03 34.60
N ILE A 138 20.77 -18.81 35.05
CA ILE A 138 21.78 -18.54 36.08
C ILE A 138 21.12 -18.57 37.45
N TYR A 139 21.68 -19.38 38.35
CA TYR A 139 21.26 -19.38 39.75
C TYR A 139 22.35 -18.87 40.68
N LYS A 140 23.58 -18.71 40.20
CA LYS A 140 24.64 -18.11 41.01
C LYS A 140 25.67 -17.53 40.04
N ALA A 141 25.62 -16.23 39.83
CA ALA A 141 26.51 -15.55 38.90
C ALA A 141 27.81 -15.15 39.58
N THR A 142 28.83 -14.89 38.76
CA THR A 142 30.13 -14.43 39.23
C THR A 142 30.48 -13.14 38.51
N TYR A 143 30.78 -12.09 39.28
CA TYR A 143 31.02 -10.76 38.73
C TYR A 143 32.43 -10.30 39.08
N LYS A 144 33.03 -9.55 38.15
CA LYS A 144 34.34 -8.93 38.35
C LYS A 144 34.19 -7.43 38.22
N HIS A 145 34.72 -6.69 39.20
CA HIS A 145 34.59 -5.24 39.21
C HIS A 145 35.59 -4.63 38.26
N ILE A 146 35.10 -3.94 37.23
CA ILE A 146 35.94 -3.27 36.25
C ILE A 146 36.17 -1.85 36.78
N HIS A 147 37.17 -1.71 37.64
CA HIS A 147 37.58 -0.43 38.19
C HIS A 147 39.10 -0.47 38.35
N PRO A 148 39.83 0.50 37.79
CA PRO A 148 41.29 0.34 37.60
C PRO A 148 42.07 -0.04 38.86
N ASP A 149 41.41 -0.04 40.02
CA ASP A 149 42.04 -0.44 41.27
C ASP A 149 41.58 -1.81 41.77
N CYS A 150 40.42 -2.30 41.35
CA CYS A 150 39.78 -3.41 42.06
C CYS A 150 40.38 -4.77 41.68
N MET A 151 40.18 -5.19 40.43
CA MET A 151 40.52 -6.54 39.99
C MET A 151 40.11 -7.59 41.03
N GLN A 152 38.82 -7.63 41.32
CA GLN A 152 38.28 -8.54 42.32
C GLN A 152 37.17 -9.39 41.72
N GLU A 153 37.17 -10.67 42.08
CA GLU A 153 36.17 -11.64 41.62
C GLU A 153 35.26 -11.98 42.78
N PHE A 154 33.95 -11.98 42.52
CA PHE A 154 32.97 -12.29 43.56
C PHE A 154 31.71 -12.83 42.90
N GLU A 155 30.92 -13.53 43.71
CA GLU A 155 29.59 -14.01 43.32
C GLU A 155 28.57 -13.05 43.90
N TRP A 156 27.92 -12.27 43.04
CA TRP A 156 27.00 -11.24 43.51
C TRP A 156 25.83 -11.81 44.30
N PRO A 157 25.09 -12.82 43.82
CA PRO A 157 23.98 -13.34 44.64
C PRO A 157 24.49 -14.16 45.82
N GLU A 158 25.09 -13.50 46.79
CA GLU A 158 25.66 -14.19 47.94
C GLU A 158 24.58 -14.52 48.96
N ASP A 159 24.70 -15.70 49.56
CA ASP A 159 23.79 -16.17 50.61
C ASP A 159 22.34 -16.20 50.16
N GLU A 160 22.09 -16.29 48.85
CA GLU A 160 20.74 -16.27 48.31
C GLU A 160 20.78 -16.72 46.87
N GLU A 161 19.83 -17.57 46.48
CA GLU A 161 19.72 -17.98 45.09
C GLU A 161 19.41 -16.78 44.21
N MET A 162 19.95 -16.81 42.99
CA MET A 162 19.77 -15.70 42.06
C MET A 162 18.31 -15.66 41.62
N PRO A 163 17.60 -14.55 41.80
CA PRO A 163 16.18 -14.52 41.45
C PRO A 163 15.98 -14.55 39.93
N GLU A 164 14.70 -14.62 39.56
CA GLU A 164 14.35 -14.61 38.13
C GLU A 164 14.79 -13.31 37.48
N VAL A 165 14.59 -12.19 38.16
CA VAL A 165 15.06 -10.90 37.65
C VAL A 165 16.57 -10.84 37.75
N LEU A 166 17.21 -10.38 36.68
CA LEU A 166 18.67 -10.27 36.63
C LEU A 166 19.08 -8.92 37.19
N GLU A 167 19.64 -8.92 38.39
CA GLU A 167 20.08 -7.71 39.07
C GLU A 167 21.60 -7.73 39.21
N MET A 168 22.25 -6.68 38.72
CA MET A 168 23.70 -6.55 38.83
C MET A 168 24.08 -5.87 40.14
N PRO A 169 25.26 -6.18 40.68
CA PRO A 169 25.70 -5.51 41.90
C PRO A 169 25.91 -4.02 41.68
N THR A 170 25.65 -3.24 42.72
CA THR A 170 25.85 -1.79 42.70
C THR A 170 27.11 -1.36 43.43
N ILE A 171 27.43 -2.00 44.56
CA ILE A 171 28.62 -1.71 45.33
C ILE A 171 29.48 -2.98 45.38
N CYS A 172 30.76 -2.83 45.11
CA CYS A 172 31.67 -3.97 45.13
C CYS A 172 31.78 -4.50 46.56
N PRO A 173 31.49 -5.77 46.81
CA PRO A 173 31.57 -6.30 48.18
C PRO A 173 32.99 -6.30 48.73
N LYS A 174 34.01 -6.29 47.88
CA LYS A 174 35.40 -6.33 48.34
C LYS A 174 35.98 -4.93 48.48
N CYS A 175 36.00 -4.16 47.39
CA CYS A 175 36.57 -2.83 47.41
C CYS A 175 35.66 -1.80 48.05
N GLY A 176 34.36 -2.09 48.15
CA GLY A 176 33.44 -1.15 48.78
C GLY A 176 33.13 0.08 47.96
N LYS A 177 33.35 0.03 46.65
CA LYS A 177 33.13 1.19 45.78
C LYS A 177 32.28 0.76 44.59
N PRO A 178 31.51 1.70 44.03
CA PRO A 178 30.73 1.40 42.83
C PRO A 178 31.63 1.40 41.60
N GLY A 179 31.02 1.20 40.45
CA GLY A 179 31.75 1.20 39.19
C GLY A 179 31.11 0.23 38.21
N GLN A 180 31.97 -0.34 37.35
CA GLN A 180 31.53 -1.26 36.31
C GLN A 180 31.84 -2.69 36.73
N PHE A 181 30.87 -3.58 36.54
CA PHE A 181 31.02 -4.99 36.90
C PHE A 181 30.84 -5.84 35.66
N ARG A 182 31.73 -6.82 35.48
CA ARG A 182 31.72 -7.70 34.32
C ARG A 182 31.41 -9.13 34.75
N LEU A 183 30.45 -9.75 34.07
CA LEU A 183 30.09 -11.12 34.36
C LEU A 183 31.12 -12.09 33.78
N ILE A 184 31.40 -13.15 34.52
CA ILE A 184 32.34 -14.17 34.06
C ILE A 184 31.57 -15.45 33.76
N PRO A 185 31.32 -15.77 32.48
CA PRO A 185 30.59 -16.99 32.15
C PRO A 185 31.30 -18.27 32.56
N GLU A 186 32.63 -18.23 32.72
CA GLU A 186 33.35 -19.45 33.08
C GLU A 186 33.14 -19.81 34.55
N LYS A 187 33.14 -18.81 35.43
CA LYS A 187 33.01 -19.07 36.85
C LYS A 187 31.56 -19.19 37.32
N THR A 188 30.60 -18.82 36.49
CA THR A 188 29.19 -18.92 36.88
C THR A 188 28.70 -20.36 36.74
N LYS A 189 27.56 -20.63 37.38
CA LYS A 189 26.93 -21.93 37.34
C LYS A 189 25.54 -21.81 36.75
N LEU A 190 25.19 -22.73 35.86
CA LEU A 190 23.96 -22.68 35.09
C LEU A 190 23.07 -23.87 35.45
N ILE A 191 21.86 -23.86 34.89
CA ILE A 191 20.89 -24.93 35.09
C ILE A 191 19.99 -24.97 33.86
N ASP A 192 19.57 -26.18 33.48
CA ASP A 192 18.71 -26.35 32.31
C ASP A 192 17.38 -25.65 32.53
N TRP A 193 16.89 -25.01 31.46
CA TRP A 193 15.66 -24.23 31.53
C TRP A 193 14.85 -24.46 30.26
N GLN A 194 13.56 -24.70 30.41
CA GLN A 194 12.68 -24.91 29.26
C GLN A 194 11.31 -24.32 29.58
N LYS A 195 10.68 -23.76 28.55
CA LYS A 195 9.37 -23.12 28.68
C LYS A 195 8.35 -23.87 27.83
N ALA A 196 7.14 -24.02 28.36
CA ALA A 196 6.08 -24.73 27.65
C ALA A 196 4.74 -24.12 28.01
N VAL A 197 3.75 -24.38 27.16
CA VAL A 197 2.40 -23.83 27.31
C VAL A 197 1.42 -24.98 27.38
N ILE A 198 0.49 -24.90 28.32
CA ILE A 198 -0.53 -25.93 28.55
C ILE A 198 -1.89 -25.35 28.20
N GLN A 199 -2.66 -26.07 27.39
CA GLN A 199 -4.00 -25.66 26.98
C GLN A 199 -5.01 -26.66 27.52
N GLU A 200 -6.14 -26.14 28.00
CA GLU A 200 -7.16 -27.00 28.59
C GLU A 200 -7.83 -27.86 27.51
N ARG A 201 -8.34 -29.01 27.94
CA ARG A 201 -8.99 -29.92 27.01
C ARG A 201 -10.29 -29.31 26.48
N PRO A 202 -10.67 -29.65 25.25
CA PRO A 202 -11.89 -29.06 24.66
C PRO A 202 -13.16 -29.36 25.46
N GLU A 203 -13.24 -30.53 26.10
CA GLU A 203 -14.42 -30.87 26.89
C GLU A 203 -14.58 -29.99 28.11
N GLU A 204 -13.49 -29.37 28.59
CA GLU A 204 -13.54 -28.49 29.74
C GLU A 204 -13.92 -27.05 29.37
N VAL A 205 -13.91 -26.71 28.09
CA VAL A 205 -14.21 -25.34 27.66
C VAL A 205 -15.71 -25.10 27.76
N PRO A 206 -16.16 -24.02 28.41
CA PRO A 206 -17.58 -23.72 28.44
C PRO A 206 -18.10 -23.29 27.08
N SER A 207 -19.42 -23.23 26.97
CA SER A 207 -20.06 -22.91 25.70
C SER A 207 -19.77 -21.48 25.28
N GLY A 208 -19.46 -21.31 24.00
CA GLY A 208 -19.23 -19.98 23.45
C GLY A 208 -18.03 -19.25 24.03
N GLN A 209 -16.98 -19.98 24.39
CA GLN A 209 -15.78 -19.37 24.95
C GLN A 209 -14.55 -20.01 24.32
N LEU A 210 -13.45 -19.27 24.34
CA LEU A 210 -12.19 -19.78 23.83
C LEU A 210 -11.39 -20.46 24.94
N PRO A 211 -10.60 -21.48 24.61
CA PRO A 211 -9.83 -22.17 25.65
C PRO A 211 -8.76 -21.27 26.24
N ARG A 212 -8.47 -21.51 27.53
CA ARG A 212 -7.44 -20.76 28.23
C ARG A 212 -6.09 -21.47 28.12
N GLN A 213 -5.04 -20.73 28.42
CA GLN A 213 -3.68 -21.23 28.33
C GLN A 213 -2.91 -20.89 29.60
N LEU A 214 -1.93 -21.72 29.92
CA LEU A 214 -1.07 -21.51 31.08
C LEU A 214 0.37 -21.77 30.69
N GLU A 215 1.27 -20.95 31.21
CA GLU A 215 2.70 -21.08 30.94
C GLU A 215 3.36 -21.87 32.06
N ILE A 216 4.12 -22.90 31.69
CA ILE A 216 4.80 -23.74 32.66
C ILE A 216 6.30 -23.68 32.39
N ILE A 217 7.09 -23.94 33.43
CA ILE A 217 8.53 -23.89 33.37
C ILE A 217 9.10 -25.23 33.79
N LEU A 218 9.93 -25.82 32.94
CA LEU A 218 10.61 -27.08 33.22
C LEU A 218 12.10 -26.82 33.39
N GLU A 219 12.67 -27.34 34.47
CA GLU A 219 14.06 -27.10 34.81
C GLU A 219 14.76 -28.41 35.14
N ASP A 220 16.07 -28.42 34.96
CA ASP A 220 16.95 -29.55 35.31
C ASP A 220 16.52 -30.75 34.47
N ASP A 221 16.38 -31.94 35.06
CA ASP A 221 16.07 -33.14 34.28
C ASP A 221 14.68 -33.11 33.67
N LEU A 222 13.81 -32.20 34.12
CA LEU A 222 12.44 -32.14 33.62
C LEU A 222 12.37 -31.62 32.18
N VAL A 223 13.47 -31.11 31.63
CA VAL A 223 13.43 -30.59 30.27
C VAL A 223 13.26 -31.73 29.29
N ASP A 224 12.56 -31.44 28.18
CA ASP A 224 12.31 -32.41 27.11
C ASP A 224 11.61 -33.67 27.64
N SER A 225 10.72 -33.48 28.61
CA SER A 225 9.97 -34.60 29.16
C SER A 225 8.87 -35.07 28.22
N ALA A 226 8.24 -34.15 27.49
CA ALA A 226 7.14 -34.49 26.60
C ALA A 226 7.22 -33.62 25.35
N ARG A 227 6.59 -34.09 24.29
CA ARG A 227 6.54 -33.42 23.00
C ARG A 227 5.23 -32.67 22.84
N PRO A 228 5.20 -31.65 21.97
CA PRO A 228 3.96 -30.89 21.77
C PRO A 228 2.83 -31.78 21.25
N GLY A 229 1.62 -31.45 21.68
CA GLY A 229 0.44 -32.21 21.31
C GLY A 229 0.08 -33.34 22.25
N ASP A 230 0.90 -33.61 23.26
CA ASP A 230 0.63 -34.69 24.19
C ASP A 230 -0.32 -34.24 25.29
N ARG A 231 -0.84 -35.21 26.03
CA ARG A 231 -1.67 -34.95 27.20
C ARG A 231 -0.86 -35.22 28.45
N VAL A 232 -0.77 -34.22 29.34
CA VAL A 232 0.11 -34.28 30.49
C VAL A 232 -0.63 -33.83 31.73
N LYS A 233 -0.05 -34.16 32.88
CA LYS A 233 -0.56 -33.76 34.19
C LYS A 233 0.62 -33.22 35.00
N VAL A 234 0.62 -31.91 35.23
CA VAL A 234 1.74 -31.24 35.86
C VAL A 234 1.41 -30.95 37.32
N THR A 235 2.46 -30.91 38.14
CA THR A 235 2.32 -30.63 39.57
C THR A 235 3.40 -29.65 39.99
N GLY A 236 3.04 -28.71 40.85
CA GLY A 236 4.00 -27.72 41.30
C GLY A 236 3.30 -26.53 41.95
N ILE A 237 3.99 -25.39 41.92
CA ILE A 237 3.57 -24.19 42.62
C ILE A 237 3.35 -23.08 41.60
N LEU A 238 2.22 -22.38 41.71
CA LEU A 238 1.94 -21.24 40.86
C LEU A 238 2.65 -19.99 41.37
N ASP A 239 2.93 -19.07 40.44
CA ASP A 239 3.55 -17.80 40.79
C ASP A 239 3.25 -16.79 39.69
N ILE A 240 3.46 -15.52 40.01
CA ILE A 240 3.19 -14.44 39.08
C ILE A 240 4.39 -14.21 38.19
N LYS A 241 4.15 -13.57 37.04
CA LYS A 241 5.17 -13.33 36.04
C LYS A 241 5.66 -11.88 36.13
N GLN A 242 6.97 -11.70 36.15
CA GLN A 242 7.59 -10.38 36.16
C GLN A 242 8.49 -10.24 34.94
N ASP A 243 8.27 -9.18 34.17
CA ASP A 243 9.05 -8.91 32.97
C ASP A 243 9.89 -7.64 33.09
N SER A 244 9.26 -6.52 33.41
CA SER A 244 9.96 -5.24 33.55
C SER A 244 9.33 -4.45 34.68
N PRO A 245 9.63 -4.80 35.93
CA PRO A 245 9.06 -4.04 37.06
C PRO A 245 9.53 -2.61 37.13
N VAL A 246 10.66 -2.27 36.50
CA VAL A 246 11.15 -0.90 36.53
C VAL A 246 10.23 0.02 35.76
N LYS A 247 9.69 -0.45 34.63
CA LYS A 247 8.83 0.36 33.78
C LYS A 247 7.52 0.67 34.51
N ARG A 248 7.31 1.94 34.84
CA ARG A 248 6.08 2.39 35.45
C ARG A 248 5.02 2.63 34.37
N GLY A 249 3.94 3.32 34.72
CA GLY A 249 2.85 3.50 33.78
C GLY A 249 1.76 2.46 33.95
N SER A 250 1.23 2.37 35.18
CA SER A 250 0.18 1.42 35.52
C SER A 250 0.68 -0.01 35.39
N ARG A 251 -0.10 -0.86 34.71
CA ARG A 251 0.23 -2.27 34.54
C ARG A 251 0.42 -2.95 35.90
N ALA A 252 -0.41 -2.59 36.87
CA ALA A 252 -0.36 -3.22 38.18
C ALA A 252 -0.86 -4.66 38.17
N VAL A 253 -1.48 -5.09 37.08
CA VAL A 253 -1.96 -6.46 36.94
C VAL A 253 -0.81 -7.34 36.45
N PHE A 254 -0.85 -8.61 36.83
CA PHE A 254 0.21 -9.54 36.49
C PHE A 254 -0.39 -10.85 36.01
N ASP A 255 0.34 -11.53 35.13
CA ASP A 255 -0.01 -12.88 34.72
C ASP A 255 0.60 -13.89 35.68
N ILE A 256 0.11 -15.12 35.61
CA ILE A 256 0.57 -16.20 36.49
C ILE A 256 1.14 -17.32 35.64
N TYR A 257 2.32 -17.79 36.03
CA TYR A 257 2.97 -18.92 35.37
C TYR A 257 3.03 -20.09 36.34
N MET A 258 3.67 -21.18 35.90
CA MET A 258 3.61 -22.45 36.61
C MET A 258 5.01 -23.04 36.71
N LYS A 259 5.41 -23.43 37.91
CA LYS A 259 6.68 -24.11 38.14
C LYS A 259 6.40 -25.60 38.32
N VAL A 260 7.03 -26.43 37.50
CA VAL A 260 6.75 -27.86 37.47
C VAL A 260 7.72 -28.59 38.38
N SER A 261 7.19 -29.42 39.27
CA SER A 261 8.01 -30.30 40.09
C SER A 261 7.94 -31.76 39.63
N SER A 262 6.86 -32.15 38.97
CA SER A 262 6.72 -33.50 38.44
C SER A 262 5.70 -33.48 37.31
N ILE A 263 6.02 -34.15 36.21
CA ILE A 263 5.18 -34.17 35.02
C ILE A 263 5.04 -35.60 34.56
N GLU A 264 3.80 -36.02 34.28
CA GLU A 264 3.50 -37.33 33.72
C GLU A 264 2.74 -37.16 32.42
N VAL A 265 2.92 -38.12 31.52
CA VAL A 265 2.30 -38.10 30.19
C VAL A 265 1.21 -39.16 30.14
N SER A 266 0.00 -38.74 29.75
CA SER A 266 -1.15 -39.64 29.64
C SER A 266 -1.41 -40.39 30.93
N GLN B 8 -24.07 10.49 62.56
CA GLN B 8 -24.60 10.10 63.87
C GLN B 8 -25.50 8.87 63.74
N ILE B 9 -26.37 8.89 62.74
CA ILE B 9 -27.27 7.76 62.52
C ILE B 9 -26.49 6.59 61.95
N ASP B 10 -26.61 5.44 62.59
CA ASP B 10 -25.93 4.22 62.15
C ASP B 10 -26.93 3.30 61.46
N TYR B 11 -26.56 2.82 60.28
CA TYR B 11 -27.42 1.94 59.50
C TYR B 11 -27.03 0.47 59.61
N ARG B 12 -26.06 0.14 60.47
CA ARG B 12 -25.68 -1.26 60.64
C ARG B 12 -26.82 -2.08 61.21
N ASP B 13 -27.50 -1.55 62.24
CA ASP B 13 -28.67 -2.24 62.78
C ASP B 13 -29.80 -2.29 61.76
N VAL B 14 -30.01 -1.20 61.02
CA VAL B 14 -31.05 -1.18 60.01
C VAL B 14 -30.75 -2.20 58.91
N PHE B 15 -29.49 -2.28 58.49
CA PHE B 15 -29.10 -3.28 57.50
C PHE B 15 -29.35 -4.69 58.01
N ILE B 16 -28.95 -4.97 59.25
CA ILE B 16 -29.20 -6.29 59.83
C ILE B 16 -30.70 -6.53 59.97
N GLU B 17 -31.43 -5.51 60.41
CA GLU B 17 -32.88 -5.63 60.51
C GLU B 17 -33.51 -5.87 59.15
N PHE B 18 -33.04 -5.16 58.12
CA PHE B 18 -33.58 -5.34 56.78
C PHE B 18 -33.30 -6.75 56.25
N LEU B 19 -32.10 -7.27 56.51
CA LEU B 19 -31.76 -8.60 56.03
C LEU B 19 -32.62 -9.66 56.70
N THR B 20 -32.89 -9.52 58.00
CA THR B 20 -33.57 -10.55 58.76
C THR B 20 -35.08 -10.37 58.78
N THR B 21 -35.58 -9.14 58.76
CA THR B 21 -37.00 -8.86 58.95
C THR B 21 -37.63 -8.26 57.71
N PHE B 22 -37.32 -8.82 56.55
CA PHE B 22 -37.94 -8.41 55.29
C PHE B 22 -38.93 -9.47 54.84
N LYS B 23 -40.15 -9.05 54.52
CA LYS B 23 -41.19 -9.95 54.05
C LYS B 23 -41.42 -9.72 52.57
N GLY B 24 -41.24 -10.78 51.78
CA GLY B 24 -41.42 -10.72 50.35
C GLY B 24 -42.86 -10.97 49.93
N ASN B 25 -43.04 -11.25 48.64
CA ASN B 25 -44.37 -11.55 48.13
C ASN B 25 -44.92 -12.84 48.74
N ASN B 26 -44.06 -13.85 48.88
CA ASN B 26 -44.47 -15.12 49.49
C ASN B 26 -44.35 -15.11 51.00
N ASN B 27 -43.84 -14.02 51.60
CA ASN B 27 -43.67 -13.90 53.05
C ASN B 27 -42.80 -15.05 53.59
N GLN B 28 -41.56 -15.10 53.08
CA GLN B 28 -40.64 -16.17 53.43
C GLN B 28 -39.26 -15.68 53.86
N ASN B 29 -39.04 -14.36 53.93
CA ASN B 29 -37.74 -13.79 54.28
C ASN B 29 -36.66 -14.29 53.30
N LYS B 30 -36.83 -13.86 52.05
CA LYS B 30 -35.95 -14.31 50.98
C LYS B 30 -34.49 -13.97 51.28
N TYR B 31 -34.24 -12.79 51.84
CA TYR B 31 -32.86 -12.41 52.16
C TYR B 31 -32.26 -13.33 53.22
N ILE B 32 -33.07 -13.79 54.17
CA ILE B 32 -32.60 -14.76 55.15
C ILE B 32 -32.20 -16.05 54.44
N GLU B 33 -33.01 -16.50 53.48
CA GLU B 33 -32.65 -17.68 52.68
C GLU B 33 -31.38 -17.44 51.88
N ARG B 34 -31.21 -16.22 51.35
CA ARG B 34 -30.02 -15.91 50.58
C ARG B 34 -28.76 -16.02 51.44
N ILE B 35 -28.82 -15.53 52.67
CA ILE B 35 -27.68 -15.67 53.59
C ILE B 35 -27.41 -17.14 53.88
N ASN B 36 -28.48 -17.92 54.12
CA ASN B 36 -28.31 -19.35 54.35
C ASN B 36 -27.69 -20.03 53.14
N GLU B 37 -28.14 -19.68 51.94
CA GLU B 37 -27.51 -20.20 50.72
C GLU B 37 -26.08 -19.73 50.61
N LEU B 38 -25.80 -18.48 51.00
CA LEU B 38 -24.45 -17.94 50.92
C LEU B 38 -23.49 -18.72 51.83
N VAL B 39 -23.92 -19.00 53.06
CA VAL B 39 -23.07 -19.72 54.00
C VAL B 39 -22.86 -21.16 53.54
N ALA B 40 -23.92 -21.79 53.03
CA ALA B 40 -23.82 -23.19 52.62
C ALA B 40 -22.85 -23.36 51.45
N TYR B 41 -22.91 -22.47 50.47
CA TYR B 41 -22.12 -22.60 49.26
C TYR B 41 -20.90 -21.69 49.24
N ARG B 42 -20.65 -20.92 50.29
CA ARG B 42 -19.51 -20.00 50.38
C ARG B 42 -19.53 -19.03 49.20
N LYS B 43 -20.69 -18.43 48.96
CA LYS B 43 -20.86 -17.55 47.79
C LYS B 43 -20.06 -16.27 47.93
N LYS B 44 -20.00 -15.71 49.14
CA LYS B 44 -19.19 -14.53 49.47
C LYS B 44 -19.79 -13.27 48.86
N SER B 45 -20.82 -13.41 48.04
CA SER B 45 -21.46 -12.28 47.37
C SER B 45 -22.95 -12.28 47.66
N LEU B 46 -23.48 -11.13 48.04
CA LEU B 46 -24.90 -10.97 48.33
C LEU B 46 -25.50 -10.00 47.33
N ILE B 47 -26.66 -10.37 46.77
CA ILE B 47 -27.38 -9.55 45.81
C ILE B 47 -28.59 -8.95 46.52
N ILE B 48 -28.71 -7.62 46.47
CA ILE B 48 -29.79 -6.90 47.14
C ILE B 48 -30.45 -5.99 46.12
N GLU B 49 -31.76 -6.11 45.97
CA GLU B 49 -32.52 -5.24 45.07
C GLU B 49 -32.75 -3.88 45.72
N PHE B 50 -32.65 -2.83 44.90
CA PHE B 50 -32.83 -1.47 45.43
C PHE B 50 -34.28 -1.20 45.78
N SER B 51 -35.23 -1.82 45.09
CA SER B 51 -36.65 -1.59 45.36
C SER B 51 -37.01 -2.05 46.77
N ASP B 52 -36.46 -3.18 47.20
CA ASP B 52 -36.75 -3.68 48.54
C ASP B 52 -36.25 -2.72 49.61
N VAL B 53 -35.07 -2.14 49.41
CA VAL B 53 -34.53 -1.20 50.39
C VAL B 53 -35.38 0.07 50.44
N LEU B 54 -35.89 0.51 49.29
CA LEU B 54 -36.73 1.71 49.26
C LEU B 54 -38.01 1.49 50.06
N SER B 55 -38.64 0.32 49.91
CA SER B 55 -39.83 0.01 50.69
C SER B 55 -39.51 -0.08 52.18
N PHE B 56 -38.38 -0.69 52.53
CA PHE B 56 -38.03 -0.84 53.93
C PHE B 56 -37.75 0.51 54.58
N ASN B 57 -36.95 1.35 53.94
CA ASN B 57 -36.59 2.66 54.50
C ASN B 57 -36.11 3.56 53.38
N GLU B 58 -36.76 4.72 53.23
CA GLU B 58 -36.33 5.68 52.21
C GLU B 58 -34.93 6.21 52.51
N ASN B 59 -34.64 6.50 53.77
CA ASN B 59 -33.33 7.05 54.13
C ASN B 59 -32.21 6.06 53.83
N LEU B 60 -32.44 4.78 54.12
CA LEU B 60 -31.41 3.77 53.84
C LEU B 60 -31.16 3.64 52.34
N ALA B 61 -32.23 3.63 51.54
CA ALA B 61 -32.07 3.50 50.10
C ALA B 61 -31.34 4.70 49.50
N TYR B 62 -31.68 5.91 49.97
CA TYR B 62 -31.03 7.10 49.43
C TYR B 62 -29.56 7.18 49.86
N GLU B 63 -29.24 6.67 51.06
CA GLU B 63 -27.88 6.80 51.58
C GLU B 63 -26.89 5.97 50.75
N ILE B 64 -27.26 4.73 50.41
CA ILE B 64 -26.35 3.86 49.66
C ILE B 64 -26.15 4.39 48.24
N ILE B 65 -27.21 4.93 47.64
CA ILE B 65 -27.17 5.33 46.23
C ILE B 65 -26.43 6.65 46.07
N ASN B 66 -26.07 7.29 47.17
CA ASN B 66 -25.31 8.54 47.11
C ASN B 66 -23.90 8.38 47.65
N ASN B 67 -23.77 7.86 48.87
CA ASN B 67 -22.48 7.76 49.54
C ASN B 67 -21.90 6.36 49.39
N THR B 68 -22.09 5.75 48.22
CA THR B 68 -21.73 4.37 47.94
C THR B 68 -20.27 4.07 48.28
N LYS B 69 -19.40 5.06 48.08
CA LYS B 69 -17.97 4.87 48.30
C LYS B 69 -17.68 4.51 49.76
N ILE B 70 -18.33 5.20 50.70
CA ILE B 70 -18.00 5.00 52.10
C ILE B 70 -18.99 4.09 52.82
N ILE B 71 -20.27 4.10 52.43
CA ILE B 71 -21.26 3.31 53.15
C ILE B 71 -21.08 1.82 52.88
N LEU B 72 -20.62 1.44 51.69
CA LEU B 72 -20.49 0.02 51.36
C LEU B 72 -19.52 -0.71 52.27
N PRO B 73 -18.29 -0.23 52.52
CA PRO B 73 -17.43 -0.93 53.47
C PRO B 73 -18.03 -1.04 54.86
N ILE B 74 -18.78 -0.03 55.30
CA ILE B 74 -19.46 -0.10 56.59
C ILE B 74 -20.50 -1.20 56.58
N LEU B 75 -21.28 -1.30 55.50
CA LEU B 75 -22.30 -2.34 55.39
C LEU B 75 -21.70 -3.73 55.34
N GLU B 76 -20.46 -3.85 54.85
CA GLU B 76 -19.81 -5.16 54.80
C GLU B 76 -19.56 -5.69 56.20
N GLY B 77 -19.15 -4.83 57.13
CA GLY B 77 -18.85 -5.28 58.48
C GLY B 77 -20.09 -5.79 59.20
N ALA B 78 -21.22 -5.11 59.03
CA ALA B 78 -22.46 -5.57 59.66
C ALA B 78 -22.89 -6.92 59.11
N LEU B 79 -22.80 -7.10 57.80
CA LEU B 79 -23.12 -8.38 57.19
C LEU B 79 -22.14 -9.47 57.62
N TYR B 80 -20.85 -9.15 57.66
CA TYR B 80 -19.84 -10.15 58.02
C TYR B 80 -20.01 -10.60 59.46
N ASP B 81 -20.28 -9.65 60.38
CA ASP B 81 -20.50 -10.02 61.78
C ASP B 81 -21.76 -10.86 61.93
N HIS B 82 -22.82 -10.52 61.20
CA HIS B 82 -24.04 -11.32 61.25
C HIS B 82 -23.80 -12.72 60.73
N ILE B 83 -23.02 -12.86 59.66
CA ILE B 83 -22.67 -14.19 59.15
C ILE B 83 -21.75 -14.91 60.14
N LEU B 84 -20.84 -14.16 60.76
CA LEU B 84 -19.89 -14.77 61.70
C LEU B 84 -20.62 -15.40 62.88
N GLN B 85 -21.59 -14.69 63.44
CA GLN B 85 -22.35 -15.24 64.56
C GLN B 85 -23.29 -16.35 64.11
N LEU B 86 -23.78 -16.28 62.86
CA LEU B 86 -24.62 -17.35 62.33
C LEU B 86 -23.83 -18.65 62.20
N ASP B 87 -22.59 -18.57 61.74
CA ASP B 87 -21.75 -19.75 61.55
C ASP B 87 -20.28 -19.38 61.71
N PRO B 88 -19.66 -19.74 62.83
CA PRO B 88 -18.24 -19.40 63.02
C PRO B 88 -17.31 -20.09 62.04
N THR B 89 -17.75 -21.18 61.40
CA THR B 89 -16.90 -21.89 60.45
C THR B 89 -16.70 -21.15 59.14
N TYR B 90 -17.44 -20.05 58.92
CA TYR B 90 -17.26 -19.26 57.71
C TYR B 90 -15.85 -18.68 57.61
N GLN B 91 -15.16 -18.50 58.72
CA GLN B 91 -13.79 -18.01 58.70
C GLN B 91 -12.85 -19.09 58.19
N ARG B 92 -11.59 -18.70 57.98
CA ARG B 92 -10.49 -19.50 57.46
C ARG B 92 -10.68 -19.87 56.00
N ASP B 93 -11.82 -19.54 55.39
CA ASP B 93 -12.09 -19.79 53.98
C ASP B 93 -12.42 -18.52 53.22
N ILE B 94 -13.12 -17.57 53.84
CA ILE B 94 -13.46 -16.30 53.22
C ILE B 94 -13.07 -15.19 54.18
N GLU B 95 -12.20 -14.29 53.73
CA GLU B 95 -11.76 -13.19 54.58
C GLU B 95 -12.85 -12.13 54.71
N LYS B 96 -13.51 -11.80 53.61
CA LYS B 96 -14.56 -10.79 53.63
C LYS B 96 -15.57 -11.10 52.53
N VAL B 97 -16.78 -10.56 52.71
CA VAL B 97 -17.87 -10.77 51.77
C VAL B 97 -18.09 -9.50 50.95
N HIS B 98 -18.94 -9.61 49.95
CA HIS B 98 -19.30 -8.47 49.10
C HIS B 98 -20.82 -8.34 49.04
N VAL B 99 -21.30 -7.10 49.10
CA VAL B 99 -22.70 -6.79 48.97
C VAL B 99 -22.89 -5.95 47.70
N ARG B 100 -23.82 -6.37 46.84
CA ARG B 100 -24.04 -5.75 45.55
C ARG B 100 -25.48 -5.27 45.46
N ILE B 101 -25.67 -4.05 44.94
CA ILE B 101 -26.98 -3.44 44.79
C ILE B 101 -27.36 -3.44 43.32
N VAL B 102 -28.60 -3.84 43.03
CA VAL B 102 -29.12 -3.89 41.67
C VAL B 102 -30.44 -3.13 41.63
N GLY B 103 -30.83 -2.75 40.42
CA GLY B 103 -32.06 -2.00 40.24
C GLY B 103 -31.94 -0.52 40.54
N ILE B 104 -30.75 0.06 40.39
CA ILE B 104 -30.57 1.48 40.65
C ILE B 104 -31.37 2.29 39.63
N PRO B 105 -32.18 3.26 40.05
CA PRO B 105 -32.95 4.04 39.08
C PRO B 105 -32.12 5.04 38.29
N ARG B 106 -30.84 5.21 38.63
CA ARG B 106 -29.96 6.15 37.91
C ARG B 106 -29.44 5.45 36.65
N VAL B 107 -30.32 5.36 35.65
CA VAL B 107 -29.99 4.74 34.38
C VAL B 107 -29.66 5.84 33.38
N ILE B 108 -28.51 5.71 32.72
CA ILE B 108 -28.04 6.72 31.77
C ILE B 108 -27.57 6.00 30.51
N GLU B 109 -27.89 6.58 29.35
CA GLU B 109 -27.45 6.01 28.09
C GLU B 109 -25.94 6.12 27.94
N LEU B 110 -25.37 5.20 27.16
CA LEU B 110 -23.93 5.17 26.97
C LEU B 110 -23.43 6.44 26.29
N ARG B 111 -24.17 6.94 25.30
CA ARG B 111 -23.75 8.12 24.55
C ARG B 111 -23.95 9.42 25.32
N LYS B 112 -24.76 9.41 26.38
CA LYS B 112 -25.12 10.63 27.09
C LYS B 112 -24.28 10.86 28.34
N ILE B 113 -23.22 10.07 28.54
CA ILE B 113 -22.37 10.24 29.71
C ILE B 113 -21.59 11.54 29.60
N ARG B 114 -21.63 12.34 30.66
CA ARG B 114 -20.91 13.61 30.67
C ARG B 114 -19.99 13.72 31.87
N SER B 115 -19.40 14.90 32.08
CA SER B 115 -18.42 15.07 33.15
C SER B 115 -19.06 15.03 34.54
N THR B 116 -20.38 15.18 34.63
CA THR B 116 -21.04 15.23 35.93
C THR B 116 -21.39 13.86 36.47
N ASP B 117 -21.08 12.79 35.75
CA ASP B 117 -21.44 11.43 36.17
C ASP B 117 -20.28 10.67 36.79
N ILE B 118 -19.05 11.18 36.69
CA ILE B 118 -17.91 10.48 37.26
C ILE B 118 -17.98 10.56 38.78
N GLY B 119 -17.82 9.41 39.44
CA GLY B 119 -17.86 9.33 40.88
C GLY B 119 -19.22 8.99 41.46
N LYS B 120 -20.22 8.73 40.64
CA LYS B 120 -21.56 8.41 41.09
C LYS B 120 -21.94 7.00 40.67
N LEU B 121 -22.86 6.40 41.42
CA LEU B 121 -23.32 5.05 41.14
C LEU B 121 -24.39 5.11 40.05
N ILE B 122 -24.06 4.56 38.88
CA ILE B 122 -24.96 4.56 37.72
C ILE B 122 -25.00 3.16 37.14
N THR B 123 -25.96 2.95 36.24
CA THR B 123 -26.10 1.68 35.55
C THR B 123 -26.23 1.92 34.05
N ILE B 124 -25.68 0.99 33.27
CA ILE B 124 -25.67 1.11 31.81
C ILE B 124 -26.04 -0.25 31.22
N ASP B 125 -26.93 -0.24 30.23
CA ASP B 125 -27.35 -1.45 29.53
C ASP B 125 -26.71 -1.46 28.15
N GLY B 126 -26.06 -2.57 27.81
CA GLY B 126 -25.38 -2.67 26.55
C GLY B 126 -25.13 -4.11 26.15
N ILE B 127 -24.18 -4.27 25.23
CA ILE B 127 -23.82 -5.59 24.69
C ILE B 127 -22.34 -5.84 25.00
N LEU B 128 -22.05 -7.01 25.54
CA LEU B 128 -20.68 -7.40 25.83
C LEU B 128 -20.04 -7.95 24.56
N VAL B 129 -18.91 -7.39 24.16
CA VAL B 129 -18.30 -7.72 22.88
C VAL B 129 -16.92 -8.35 23.06
N LYS B 130 -16.23 -8.01 24.14
CA LYS B 130 -14.86 -8.47 24.34
C LYS B 130 -14.63 -8.83 25.80
N VAL B 131 -13.95 -9.95 26.01
CA VAL B 131 -13.56 -10.41 27.35
C VAL B 131 -12.09 -10.77 27.32
N THR B 132 -11.37 -10.39 28.37
CA THR B 132 -9.95 -10.58 28.65
C THR B 132 -9.76 -11.73 29.62
N PRO B 133 -8.72 -12.56 29.43
CA PRO B 133 -8.47 -13.64 30.39
C PRO B 133 -8.20 -13.10 31.80
N VAL B 134 -8.60 -13.90 32.80
CA VAL B 134 -8.50 -13.46 34.18
C VAL B 134 -7.04 -13.28 34.56
N LYS B 135 -6.73 -12.15 35.20
CA LYS B 135 -5.39 -11.82 35.65
C LYS B 135 -5.41 -11.58 37.16
N GLU B 136 -4.28 -11.16 37.71
CA GLU B 136 -4.13 -10.88 39.13
C GLU B 136 -3.62 -9.47 39.31
N ARG B 137 -4.25 -8.72 40.21
CA ARG B 137 -3.88 -7.34 40.49
C ARG B 137 -3.35 -7.23 41.92
N ILE B 138 -2.31 -6.43 42.10
CA ILE B 138 -1.70 -6.23 43.40
C ILE B 138 -2.38 -5.05 44.08
N TYR B 139 -2.87 -5.27 45.30
CA TYR B 139 -3.42 -4.20 46.12
C TYR B 139 -2.63 -3.95 47.40
N LYS B 140 -1.65 -4.81 47.72
CA LYS B 140 -0.76 -4.57 48.86
C LYS B 140 0.51 -5.35 48.59
N ALA B 141 1.59 -4.64 48.24
CA ALA B 141 2.84 -5.27 47.86
C ALA B 141 3.75 -5.45 49.07
N THR B 142 4.92 -6.01 48.83
CA THR B 142 5.93 -6.20 49.85
C THR B 142 7.30 -6.11 49.20
N TYR B 143 8.16 -5.24 49.74
CA TYR B 143 9.46 -4.98 49.15
C TYR B 143 10.58 -5.25 50.15
N LYS B 144 11.71 -5.71 49.65
CA LYS B 144 12.93 -5.88 50.42
C LYS B 144 13.97 -4.90 49.93
N HIS B 145 14.53 -4.11 50.85
CA HIS B 145 15.51 -3.10 50.48
C HIS B 145 16.83 -3.78 50.13
N ILE B 146 17.23 -3.68 48.87
CA ILE B 146 18.47 -4.30 48.39
C ILE B 146 19.58 -3.29 48.65
N HIS B 147 20.11 -3.32 49.86
CA HIS B 147 21.22 -2.47 50.28
C HIS B 147 21.92 -3.15 51.44
N PRO B 148 23.22 -3.43 51.34
CA PRO B 148 23.89 -4.37 52.27
C PRO B 148 23.70 -4.04 53.74
N ASP B 149 23.11 -2.89 54.05
CA ASP B 149 22.86 -2.51 55.44
C ASP B 149 21.45 -2.85 55.93
N CYS B 150 20.48 -2.97 55.02
CA CYS B 150 19.07 -3.09 55.46
C CYS B 150 18.62 -4.54 55.60
N MET B 151 18.57 -5.28 54.49
CA MET B 151 17.96 -6.61 54.47
C MET B 151 16.67 -6.67 55.26
N GLN B 152 15.77 -5.74 54.97
CA GLN B 152 14.49 -5.64 55.66
C GLN B 152 13.35 -5.70 54.67
N GLU B 153 12.29 -6.42 55.03
CA GLU B 153 11.11 -6.58 54.21
C GLU B 153 9.98 -5.74 54.80
N PHE B 154 9.30 -4.97 53.94
CA PHE B 154 8.21 -4.11 54.38
C PHE B 154 7.16 -4.05 53.29
N GLU B 155 5.89 -3.98 53.71
CA GLU B 155 4.82 -3.72 52.77
C GLU B 155 4.83 -2.24 52.40
N TRP B 156 4.80 -1.94 51.09
CA TRP B 156 5.02 -0.56 50.66
C TRP B 156 3.82 0.33 50.94
N PRO B 157 2.62 0.08 50.40
CA PRO B 157 1.53 1.04 50.63
C PRO B 157 0.99 0.96 52.04
N GLU B 158 1.33 1.92 52.88
CA GLU B 158 0.94 1.92 54.28
C GLU B 158 -0.17 2.95 54.50
N ASP B 159 -1.26 2.50 55.11
CA ASP B 159 -2.47 3.25 55.45
C ASP B 159 -3.39 3.48 54.24
N GLU B 160 -3.06 2.96 53.06
CA GLU B 160 -4.00 3.00 51.95
C GLU B 160 -3.69 1.85 50.99
N GLU B 161 -4.66 1.56 50.14
CA GLU B 161 -4.51 0.50 49.15
C GLU B 161 -3.55 0.92 48.05
N MET B 162 -2.94 -0.08 47.41
CA MET B 162 -2.09 0.18 46.26
C MET B 162 -2.94 0.72 45.11
N PRO B 163 -2.60 1.89 44.55
CA PRO B 163 -3.39 2.44 43.46
C PRO B 163 -3.25 1.61 42.18
N GLU B 164 -4.03 2.00 41.18
CA GLU B 164 -4.02 1.29 39.90
C GLU B 164 -2.67 1.36 39.21
N VAL B 165 -1.83 2.34 39.56
CA VAL B 165 -0.50 2.49 39.00
C VAL B 165 0.50 2.03 40.05
N LEU B 166 1.34 1.06 39.68
CA LEU B 166 2.36 0.58 40.59
C LEU B 166 3.40 1.67 40.84
N GLU B 167 3.70 1.94 42.10
CA GLU B 167 4.63 2.98 42.49
C GLU B 167 5.82 2.37 43.22
N MET B 168 7.02 2.74 42.80
CA MET B 168 8.25 2.20 43.36
C MET B 168 8.71 3.10 44.50
N PRO B 169 8.72 2.62 45.75
CA PRO B 169 9.25 3.45 46.85
C PRO B 169 10.69 3.88 46.60
N THR B 170 10.99 5.10 46.97
CA THR B 170 12.32 5.68 46.75
C THR B 170 13.17 5.70 48.02
N ILE B 171 12.55 5.86 49.19
CA ILE B 171 13.26 5.90 50.47
C ILE B 171 12.77 4.74 51.31
N CYS B 172 13.69 3.95 51.82
CA CYS B 172 13.34 2.79 52.63
C CYS B 172 12.79 3.26 53.97
N PRO B 173 11.53 2.96 54.30
CA PRO B 173 10.97 3.41 55.59
C PRO B 173 11.71 2.83 56.79
N LYS B 174 12.25 1.61 56.66
CA LYS B 174 12.88 0.97 57.81
C LYS B 174 14.25 1.57 58.14
N CYS B 175 14.89 2.23 57.18
CA CYS B 175 16.21 2.81 57.44
C CYS B 175 16.39 4.23 56.91
N GLY B 176 15.49 4.74 56.07
CA GLY B 176 15.65 6.07 55.53
C GLY B 176 16.68 6.20 54.44
N LYS B 177 17.21 5.08 53.93
CA LYS B 177 18.25 5.12 52.92
C LYS B 177 17.69 4.72 51.56
N PRO B 178 17.89 5.54 50.53
CA PRO B 178 17.46 5.14 49.18
C PRO B 178 18.38 4.06 48.62
N GLY B 179 17.90 3.43 47.56
CA GLY B 179 18.66 2.38 46.91
C GLY B 179 17.74 1.55 46.02
N GLN B 180 17.94 0.23 46.09
CA GLN B 180 17.21 -0.72 45.27
C GLN B 180 16.27 -1.56 46.15
N PHE B 181 15.11 -1.88 45.60
CA PHE B 181 14.11 -2.69 46.31
C PHE B 181 13.67 -3.84 45.43
N ARG B 182 13.44 -4.99 46.05
CA ARG B 182 13.02 -6.20 45.35
C ARG B 182 11.64 -6.60 45.84
N LEU B 183 10.73 -6.86 44.90
CA LEU B 183 9.38 -7.28 45.25
C LEU B 183 9.39 -8.71 45.77
N ILE B 184 8.54 -8.98 46.75
CA ILE B 184 8.41 -10.32 47.32
C ILE B 184 7.02 -10.86 46.99
N PRO B 185 6.89 -11.70 45.96
CA PRO B 185 5.56 -12.22 45.61
C PRO B 185 4.93 -13.08 46.68
N GLU B 186 5.72 -13.68 47.58
CA GLU B 186 5.16 -14.56 48.60
C GLU B 186 4.24 -13.80 49.56
N LYS B 187 4.66 -12.62 49.99
CA LYS B 187 3.88 -11.81 50.92
C LYS B 187 3.01 -10.78 50.22
N THR B 188 3.03 -10.73 48.89
CA THR B 188 2.22 -9.77 48.16
C THR B 188 0.76 -10.19 48.17
N LYS B 189 -0.14 -9.21 48.24
CA LYS B 189 -1.58 -9.44 48.25
C LYS B 189 -2.11 -9.26 46.84
N LEU B 190 -2.88 -10.25 46.37
CA LEU B 190 -3.39 -10.26 45.01
C LEU B 190 -4.91 -10.35 45.00
N ILE B 191 -5.50 -9.86 43.91
CA ILE B 191 -6.94 -9.90 43.71
C ILE B 191 -7.20 -10.20 42.24
N ASP B 192 -8.25 -10.96 41.96
CA ASP B 192 -8.59 -11.32 40.59
C ASP B 192 -9.01 -10.07 39.81
N TRP B 193 -8.63 -10.04 38.53
CA TRP B 193 -8.82 -8.87 37.70
C TRP B 193 -9.19 -9.31 36.29
N GLN B 194 -10.17 -8.61 35.70
CA GLN B 194 -10.62 -8.90 34.35
C GLN B 194 -11.09 -7.61 33.69
N LYS B 195 -10.94 -7.55 32.37
CA LYS B 195 -11.33 -6.40 31.57
C LYS B 195 -12.37 -6.82 30.53
N ALA B 196 -13.33 -5.95 30.27
CA ALA B 196 -14.37 -6.23 29.30
C ALA B 196 -14.80 -4.93 28.63
N VAL B 197 -15.43 -5.06 27.47
CA VAL B 197 -15.87 -3.93 26.66
C VAL B 197 -17.37 -4.03 26.45
N ILE B 198 -18.07 -2.93 26.65
CA ILE B 198 -19.52 -2.86 26.51
C ILE B 198 -19.86 -1.96 25.32
N GLN B 199 -20.71 -2.45 24.43
CA GLN B 199 -21.16 -1.70 23.27
C GLN B 199 -22.64 -1.39 23.40
N GLU B 200 -23.03 -0.21 22.95
CA GLU B 200 -24.42 0.20 23.03
C GLU B 200 -25.29 -0.61 22.06
N ARG B 201 -26.56 -0.73 22.40
CA ARG B 201 -27.48 -1.51 21.59
C ARG B 201 -27.72 -0.82 20.24
N PRO B 202 -28.01 -1.59 19.19
CA PRO B 202 -28.25 -0.98 17.87
C PRO B 202 -29.43 -0.02 17.86
N GLU B 203 -30.45 -0.24 18.69
CA GLU B 203 -31.60 0.64 18.71
C GLU B 203 -31.31 2.00 19.33
N GLU B 204 -30.14 2.17 19.96
CA GLU B 204 -29.78 3.43 20.58
C GLU B 204 -28.87 4.29 19.72
N VAL B 205 -28.27 3.72 18.69
CA VAL B 205 -27.32 4.48 17.85
C VAL B 205 -28.08 5.55 17.08
N PRO B 206 -27.63 6.80 17.09
CA PRO B 206 -28.29 7.83 16.27
C PRO B 206 -28.08 7.59 14.79
N SER B 207 -28.93 8.24 14.00
CA SER B 207 -28.89 8.05 12.55
C SER B 207 -27.56 8.54 11.98
N GLY B 208 -26.95 7.71 11.13
CA GLY B 208 -25.72 8.07 10.46
C GLY B 208 -24.47 8.02 11.30
N GLN B 209 -24.53 7.42 12.49
CA GLN B 209 -23.38 7.34 13.38
C GLN B 209 -23.01 5.87 13.62
N LEU B 210 -21.88 5.68 14.29
CA LEU B 210 -21.38 4.37 14.65
C LEU B 210 -21.52 4.14 16.15
N PRO B 211 -21.75 2.90 16.57
CA PRO B 211 -21.92 2.63 18.01
C PRO B 211 -20.64 2.92 18.78
N ARG B 212 -20.81 3.41 20.01
CA ARG B 212 -19.69 3.71 20.89
C ARG B 212 -19.41 2.51 21.79
N GLN B 213 -18.27 2.57 22.47
CA GLN B 213 -17.82 1.49 23.35
C GLN B 213 -17.37 2.07 24.69
N LEU B 214 -17.49 1.25 25.73
CA LEU B 214 -17.06 1.61 27.07
C LEU B 214 -16.34 0.42 27.69
N GLU B 215 -15.24 0.70 28.38
CA GLU B 215 -14.43 -0.33 29.02
C GLU B 215 -14.82 -0.48 30.47
N ILE B 216 -15.02 -1.72 30.91
CA ILE B 216 -15.42 -2.02 32.27
C ILE B 216 -14.41 -2.99 32.88
N ILE B 217 -14.33 -2.98 34.21
CA ILE B 217 -13.37 -3.79 34.95
C ILE B 217 -14.13 -4.68 35.92
N LEU B 218 -13.87 -5.98 35.86
CA LEU B 218 -14.48 -6.96 36.76
C LEU B 218 -13.40 -7.50 37.69
N GLU B 219 -13.73 -7.58 38.98
CA GLU B 219 -12.77 -8.00 39.99
C GLU B 219 -13.43 -8.99 40.94
N ASP B 220 -12.57 -9.80 41.58
CA ASP B 220 -12.97 -10.77 42.61
C ASP B 220 -13.90 -11.79 41.97
N ASP B 221 -15.10 -12.02 42.50
CA ASP B 221 -15.98 -13.07 42.01
C ASP B 221 -16.78 -12.65 40.78
N LEU B 222 -16.66 -11.41 40.33
CA LEU B 222 -17.37 -10.96 39.14
C LEU B 222 -16.71 -11.43 37.85
N VAL B 223 -15.51 -12.01 37.92
CA VAL B 223 -14.83 -12.47 36.73
C VAL B 223 -15.53 -13.70 36.16
N ASP B 224 -15.48 -13.82 34.84
CA ASP B 224 -16.07 -14.96 34.11
C ASP B 224 -17.56 -15.11 34.42
N SER B 225 -18.25 -13.99 34.57
CA SER B 225 -19.68 -13.99 34.84
C SER B 225 -20.52 -13.76 33.59
N ALA B 226 -19.90 -13.64 32.43
CA ALA B 226 -20.62 -13.39 31.19
C ALA B 226 -19.77 -13.83 30.01
N ARG B 227 -20.41 -13.96 28.86
CA ARG B 227 -19.74 -14.36 27.63
C ARG B 227 -20.01 -13.32 26.54
N PRO B 228 -19.12 -13.22 25.56
CA PRO B 228 -19.31 -12.21 24.51
C PRO B 228 -20.61 -12.45 23.74
N GLY B 229 -21.20 -11.34 23.28
CA GLY B 229 -22.47 -11.39 22.60
C GLY B 229 -23.70 -11.36 23.49
N ASP B 230 -23.50 -11.26 24.81
CA ASP B 230 -24.61 -11.24 25.75
C ASP B 230 -25.01 -9.81 26.08
N ARG B 231 -26.32 -9.58 26.19
CA ARG B 231 -26.85 -8.30 26.62
C ARG B 231 -26.90 -8.27 28.14
N VAL B 232 -26.22 -7.31 28.74
CA VAL B 232 -26.07 -7.25 30.20
C VAL B 232 -26.40 -5.85 30.69
N LYS B 233 -26.73 -5.78 31.99
CA LYS B 233 -26.94 -4.52 32.68
C LYS B 233 -25.92 -4.45 33.81
N VAL B 234 -25.09 -3.42 33.80
CA VAL B 234 -23.95 -3.31 34.70
C VAL B 234 -24.06 -2.01 35.49
N THR B 235 -23.84 -2.09 36.80
CA THR B 235 -23.86 -0.93 37.68
C THR B 235 -22.49 -0.77 38.33
N GLY B 236 -22.10 0.47 38.56
CA GLY B 236 -20.81 0.74 39.17
C GLY B 236 -20.49 2.22 39.18
N ILE B 237 -19.20 2.52 39.28
CA ILE B 237 -18.70 3.88 39.41
C ILE B 237 -17.77 4.17 38.23
N LEU B 238 -17.97 5.32 37.59
CA LEU B 238 -17.12 5.73 36.50
C LEU B 238 -15.83 6.35 37.03
N ASP B 239 -14.76 6.22 36.24
CA ASP B 239 -13.47 6.80 36.60
C ASP B 239 -12.66 7.00 35.33
N ILE B 240 -11.62 7.82 35.44
CA ILE B 240 -10.76 8.13 34.30
C ILE B 240 -9.67 7.07 34.21
N LYS B 241 -9.25 6.79 32.98
CA LYS B 241 -8.26 5.75 32.71
C LYS B 241 -6.87 6.36 32.59
N GLN B 242 -5.91 5.77 33.29
CA GLN B 242 -4.52 6.21 33.26
C GLN B 242 -3.68 5.10 32.63
N ASP B 243 -2.90 5.47 31.60
CA ASP B 243 -2.07 4.51 30.89
C ASP B 243 -0.59 4.72 31.16
N SER B 244 -0.08 5.92 30.91
CA SER B 244 1.34 6.25 31.14
C SER B 244 1.43 7.58 31.87
N PRO B 245 1.06 7.61 33.15
CA PRO B 245 1.15 8.88 33.90
C PRO B 245 2.56 9.44 33.98
N VAL B 246 3.57 8.57 34.08
CA VAL B 246 4.96 9.04 34.11
C VAL B 246 5.34 9.69 32.78
N LYS B 247 4.94 9.08 31.67
CA LYS B 247 5.29 9.60 30.36
C LYS B 247 4.51 10.88 30.07
N ARG B 248 5.23 11.99 29.91
CA ARG B 248 4.63 13.26 29.55
C ARG B 248 4.38 13.33 28.05
N GLY B 249 4.11 14.53 27.54
CA GLY B 249 3.77 14.67 26.14
C GLY B 249 2.45 15.39 25.93
N SER B 250 2.08 16.22 26.88
CA SER B 250 0.86 17.05 26.81
C SER B 250 -0.34 16.10 26.81
N ARG B 251 -1.33 16.33 25.93
CA ARG B 251 -2.55 15.54 25.80
C ARG B 251 -3.11 15.14 27.18
N ALA B 252 -3.44 16.16 27.97
CA ALA B 252 -4.05 15.93 29.27
C ALA B 252 -5.53 15.60 29.11
N VAL B 253 -5.83 14.60 28.29
CA VAL B 253 -7.19 14.17 28.00
C VAL B 253 -7.30 12.69 28.32
N PHE B 254 -8.30 12.32 29.10
CA PHE B 254 -8.46 10.95 29.58
C PHE B 254 -9.81 10.40 29.19
N ASP B 255 -9.85 9.12 28.81
CA ASP B 255 -11.09 8.41 28.57
C ASP B 255 -11.56 7.76 29.85
N ILE B 256 -12.86 7.54 29.95
CA ILE B 256 -13.48 7.05 31.17
C ILE B 256 -13.59 5.54 31.11
N TYR B 257 -13.69 4.93 32.29
CA TYR B 257 -13.93 3.50 32.40
C TYR B 257 -14.81 3.26 33.62
N MET B 258 -15.44 2.09 33.67
CA MET B 258 -16.43 1.75 34.68
C MET B 258 -15.89 0.67 35.60
N LYS B 259 -16.03 0.87 36.90
CA LYS B 259 -15.67 -0.12 37.90
C LYS B 259 -16.92 -0.90 38.29
N VAL B 260 -17.00 -2.15 37.85
CA VAL B 260 -18.23 -2.93 37.99
C VAL B 260 -18.43 -3.33 39.44
N SER B 261 -19.64 -3.12 39.94
CA SER B 261 -20.03 -3.61 41.26
C SER B 261 -21.13 -4.66 41.21
N SER B 262 -21.91 -4.73 40.14
CA SER B 262 -22.95 -5.74 39.99
C SER B 262 -23.32 -5.83 38.52
N ILE B 263 -23.46 -7.06 38.02
CA ILE B 263 -23.77 -7.31 36.62
C ILE B 263 -24.84 -8.39 36.54
N GLU B 264 -25.85 -8.16 35.71
CA GLU B 264 -26.92 -9.13 35.48
C GLU B 264 -27.11 -9.32 34.00
N VAL B 265 -27.25 -10.57 33.57
CA VAL B 265 -27.42 -10.89 32.16
C VAL B 265 -28.89 -10.78 31.79
N SER B 266 -29.15 -10.41 30.53
CA SER B 266 -30.50 -10.26 30.00
C SER B 266 -31.31 -9.25 30.82
N SER B 273 -37.17 -14.23 39.01
CA SER B 273 -38.03 -14.76 37.96
C SER B 273 -38.81 -15.98 38.45
N GLU B 274 -39.94 -15.74 39.10
CA GLU B 274 -40.79 -16.80 39.60
C GLU B 274 -42.22 -16.72 39.08
N GLU B 275 -42.77 -15.52 38.93
CA GLU B 275 -44.12 -15.39 38.38
C GLU B 275 -44.15 -15.81 36.91
N ASP B 276 -43.07 -15.54 36.18
CA ASP B 276 -43.00 -16.00 34.79
C ASP B 276 -42.94 -17.52 34.71
N GLU B 277 -42.35 -18.16 35.72
CA GLU B 277 -42.34 -19.63 35.74
C GLU B 277 -43.75 -20.19 35.81
N LYS B 278 -44.61 -19.59 36.64
CA LYS B 278 -46.02 -19.98 36.64
C LYS B 278 -46.72 -19.53 35.36
N LYS B 279 -46.28 -18.41 34.78
CA LYS B 279 -46.91 -17.89 33.57
C LYS B 279 -46.66 -18.78 32.36
N ILE B 280 -45.62 -19.61 32.38
CA ILE B 280 -45.31 -20.46 31.24
C ILE B 280 -45.79 -21.88 31.50
N LYS B 281 -45.76 -22.32 32.76
CA LYS B 281 -46.24 -23.66 33.07
C LYS B 281 -47.74 -23.80 32.84
N ASP B 282 -48.52 -22.78 33.24
CA ASP B 282 -49.95 -22.82 32.98
C ASP B 282 -50.26 -22.64 31.50
N LEU B 283 -49.35 -21.98 30.76
CA LEU B 283 -49.55 -21.83 29.33
C LEU B 283 -49.50 -23.17 28.61
N ALA B 284 -48.62 -24.07 29.06
CA ALA B 284 -48.50 -25.38 28.44
C ALA B 284 -49.68 -26.30 28.72
N LYS B 285 -50.56 -25.93 29.65
CA LYS B 285 -51.71 -26.76 29.95
C LYS B 285 -52.72 -26.81 28.80
N ASP B 286 -52.68 -25.83 27.90
CA ASP B 286 -53.57 -25.83 26.75
C ASP B 286 -53.20 -26.97 25.82
N PRO B 287 -54.12 -27.89 25.50
CA PRO B 287 -53.78 -28.96 24.55
C PRO B 287 -53.45 -28.45 23.16
N TRP B 288 -53.89 -27.25 22.80
CA TRP B 288 -53.58 -26.64 21.51
C TRP B 288 -52.42 -25.66 21.59
N ILE B 289 -51.48 -25.88 22.51
CA ILE B 289 -50.36 -24.96 22.68
C ILE B 289 -49.45 -24.97 21.46
N ARG B 290 -49.26 -26.14 20.84
CA ARG B 290 -48.41 -26.23 19.66
C ARG B 290 -48.97 -25.42 18.50
N ASP B 291 -50.30 -25.47 18.31
CA ASP B 291 -50.93 -24.67 17.28
C ASP B 291 -50.78 -23.18 17.57
N ARG B 292 -50.94 -22.79 18.83
CA ARG B 292 -50.80 -21.38 19.20
C ARG B 292 -49.38 -20.89 19.00
N ILE B 293 -48.39 -21.72 19.33
CA ILE B 293 -46.98 -21.33 19.15
C ILE B 293 -46.67 -21.11 17.68
N ILE B 294 -47.15 -22.01 16.81
CA ILE B 294 -46.89 -21.88 15.38
C ILE B 294 -47.53 -20.62 14.84
N SER B 295 -48.77 -20.33 15.26
CA SER B 295 -49.46 -19.14 14.79
C SER B 295 -48.83 -17.84 15.29
N SER B 296 -47.94 -17.91 16.27
CA SER B 296 -47.28 -16.73 16.80
C SER B 296 -45.93 -16.46 16.13
N ILE B 297 -45.52 -17.28 15.18
CA ILE B 297 -44.25 -17.10 14.47
C ILE B 297 -44.50 -16.20 13.26
N ALA B 298 -43.85 -15.04 13.24
CA ALA B 298 -43.99 -14.05 12.19
C ALA B 298 -45.46 -13.71 11.96
N PRO B 299 -46.12 -13.03 12.90
CA PRO B 299 -47.54 -12.72 12.72
C PRO B 299 -47.81 -11.80 11.54
N SER B 300 -46.81 -11.07 11.06
CA SER B 300 -47.00 -10.12 9.97
C SER B 300 -46.88 -10.77 8.59
N ILE B 301 -46.63 -12.07 8.53
CA ILE B 301 -46.47 -12.79 7.26
C ILE B 301 -47.71 -13.65 7.04
N TYR B 302 -48.29 -13.53 5.86
CA TYR B 302 -49.49 -14.29 5.50
C TYR B 302 -49.11 -15.63 4.90
N GLY B 303 -49.79 -16.69 5.32
CA GLY B 303 -49.53 -18.00 4.76
C GLY B 303 -48.22 -18.59 5.27
N HIS B 304 -47.64 -19.47 4.46
CA HIS B 304 -46.39 -20.16 4.78
C HIS B 304 -46.49 -20.91 6.10
N TRP B 305 -47.62 -21.60 6.28
CA TRP B 305 -47.85 -22.33 7.53
C TRP B 305 -46.85 -23.46 7.71
N GLU B 306 -46.56 -24.20 6.64
CA GLU B 306 -45.59 -25.29 6.74
C GLU B 306 -44.19 -24.78 7.01
N LEU B 307 -43.84 -23.60 6.51
CA LEU B 307 -42.53 -23.02 6.80
C LEU B 307 -42.46 -22.49 8.22
N LYS B 308 -43.54 -21.86 8.70
CA LYS B 308 -43.57 -21.37 10.07
C LYS B 308 -43.47 -22.51 11.07
N GLU B 309 -44.12 -23.64 10.78
CA GLU B 309 -44.04 -24.80 11.65
C GLU B 309 -42.62 -25.34 11.75
N ALA B 310 -41.91 -25.38 10.62
CA ALA B 310 -40.54 -25.87 10.62
C ALA B 310 -39.62 -24.97 11.43
N LEU B 311 -39.81 -23.65 11.35
CA LEU B 311 -38.98 -22.73 12.10
C LEU B 311 -39.16 -22.88 13.60
N ALA B 312 -40.38 -23.22 14.03
CA ALA B 312 -40.61 -23.46 15.46
C ALA B 312 -39.81 -24.65 15.96
N LEU B 313 -39.70 -25.70 15.14
CA LEU B 313 -38.93 -26.87 15.54
C LEU B 313 -37.46 -26.52 15.74
N ALA B 314 -36.89 -25.71 14.83
CA ALA B 314 -35.49 -25.32 14.96
C ALA B 314 -35.26 -24.47 16.19
N LEU B 315 -36.27 -23.71 16.62
CA LEU B 315 -36.13 -22.89 17.83
C LEU B 315 -35.93 -23.76 19.06
N PHE B 316 -36.68 -24.86 19.16
CA PHE B 316 -36.57 -25.76 20.30
C PHE B 316 -35.48 -26.81 20.09
N GLY B 317 -35.54 -27.54 18.99
CA GLY B 317 -34.53 -28.53 18.67
C GLY B 317 -34.74 -29.83 19.44
N GLY B 318 -33.92 -30.82 19.09
CA GLY B 318 -33.93 -32.10 19.75
C GLY B 318 -33.02 -32.13 20.96
N VAL B 319 -32.75 -33.33 21.44
CA VAL B 319 -31.85 -33.56 22.57
C VAL B 319 -30.59 -34.24 22.03
N PRO B 320 -29.40 -33.68 22.27
CA PRO B 320 -28.18 -34.32 21.79
C PRO B 320 -27.92 -35.64 22.51
N LYS B 321 -27.33 -36.58 21.79
CA LYS B 321 -26.98 -37.89 22.33
C LYS B 321 -25.47 -38.02 22.36
N VAL B 322 -24.92 -38.29 23.54
CA VAL B 322 -23.48 -38.44 23.72
C VAL B 322 -23.19 -39.90 24.02
N LEU B 323 -22.36 -40.52 23.18
CA LEU B 323 -21.98 -41.91 23.33
C LEU B 323 -20.53 -41.99 23.83
N GLU B 324 -20.07 -43.23 24.03
CA GLU B 324 -18.71 -43.43 24.50
C GLU B 324 -17.65 -43.08 23.46
N ASP B 325 -18.02 -43.00 22.20
CA ASP B 325 -17.06 -42.68 21.15
C ASP B 325 -17.47 -41.49 20.29
N THR B 326 -18.75 -41.34 19.99
CA THR B 326 -19.23 -40.28 19.11
C THR B 326 -20.40 -39.55 19.77
N ARG B 327 -20.81 -38.45 19.14
CA ARG B 327 -21.94 -37.66 19.59
C ARG B 327 -22.95 -37.52 18.46
N ILE B 328 -24.22 -37.49 18.82
CA ILE B 328 -25.31 -37.30 17.85
C ILE B 328 -25.78 -35.87 17.96
N ARG B 329 -25.76 -35.15 16.84
CA ARG B 329 -26.16 -33.75 16.83
C ARG B 329 -27.63 -33.61 17.22
N GLY B 330 -27.91 -32.68 18.12
CA GLY B 330 -29.25 -32.40 18.57
C GLY B 330 -29.88 -31.15 17.98
N ASP B 331 -29.32 -30.60 16.91
CA ASP B 331 -29.82 -29.38 16.29
C ASP B 331 -30.43 -29.71 14.93
N ILE B 332 -31.32 -28.83 14.49
CA ILE B 332 -32.04 -28.99 13.23
C ILE B 332 -31.62 -27.87 12.29
N HIS B 333 -31.23 -28.24 11.07
CA HIS B 333 -30.79 -27.29 10.05
C HIS B 333 -31.87 -27.16 8.99
N ILE B 334 -32.21 -25.92 8.65
CA ILE B 334 -33.27 -25.63 7.68
C ILE B 334 -32.68 -24.79 6.56
N LEU B 335 -32.96 -25.19 5.32
CA LEU B 335 -32.56 -24.43 4.13
C LEU B 335 -33.81 -24.00 3.40
N ILE B 336 -33.89 -22.72 3.05
CA ILE B 336 -35.04 -22.15 2.37
C ILE B 336 -34.59 -21.56 1.04
N ILE B 337 -35.26 -21.99 -0.02
CA ILE B 337 -35.03 -21.46 -1.37
C ILE B 337 -36.36 -20.97 -1.91
N GLY B 338 -36.40 -19.73 -2.35
CA GLY B 338 -37.65 -19.15 -2.83
C GLY B 338 -37.41 -18.02 -3.79
N ASP B 339 -38.47 -17.67 -4.53
CA ASP B 339 -38.41 -16.57 -5.46
C ASP B 339 -38.24 -15.25 -4.71
N PRO B 340 -37.68 -14.23 -5.36
CA PRO B 340 -37.57 -12.92 -4.71
C PRO B 340 -38.94 -12.37 -4.35
N GLY B 341 -39.02 -11.71 -3.21
CA GLY B 341 -40.27 -11.15 -2.73
C GLY B 341 -41.15 -12.09 -1.95
N THR B 342 -40.65 -13.28 -1.60
CA THR B 342 -41.42 -14.23 -0.81
C THR B 342 -41.19 -14.08 0.69
N ALA B 343 -40.67 -12.93 1.13
CA ALA B 343 -40.50 -12.61 2.55
C ALA B 343 -39.61 -13.62 3.26
N LYS B 344 -38.59 -14.12 2.55
CA LYS B 344 -37.63 -15.01 3.20
C LYS B 344 -36.87 -14.29 4.29
N SER B 345 -36.44 -13.06 4.03
CA SER B 345 -35.64 -12.33 5.00
C SER B 345 -36.45 -11.85 6.19
N GLN B 346 -37.75 -11.61 6.00
CA GLN B 346 -38.58 -11.14 7.09
C GLN B 346 -38.69 -12.16 8.21
N MET B 347 -38.87 -13.44 7.86
CA MET B 347 -38.94 -14.46 8.89
C MET B 347 -37.58 -14.67 9.55
N LEU B 348 -36.50 -14.57 8.77
CA LEU B 348 -35.16 -14.73 9.34
C LEU B 348 -34.86 -13.64 10.35
N GLN B 349 -35.29 -12.40 10.06
CA GLN B 349 -35.14 -11.32 11.02
C GLN B 349 -35.94 -11.60 12.28
N PHE B 350 -37.16 -12.11 12.13
CA PHE B 350 -37.99 -12.43 13.29
C PHE B 350 -37.35 -13.54 14.12
N ILE B 351 -36.78 -14.56 13.46
CA ILE B 351 -36.16 -15.66 14.19
C ILE B 351 -34.99 -15.15 15.02
N SER B 352 -34.16 -14.28 14.45
CA SER B 352 -33.02 -13.74 15.18
C SER B 352 -33.44 -12.87 16.36
N ARG B 353 -34.67 -12.35 16.35
CA ARG B 353 -35.13 -11.50 17.43
C ARG B 353 -35.83 -12.29 18.54
N VAL B 354 -36.55 -13.35 18.20
CA VAL B 354 -37.28 -14.12 19.20
C VAL B 354 -36.42 -15.20 19.85
N ALA B 355 -35.35 -15.63 19.20
CA ALA B 355 -34.48 -16.65 19.78
C ALA B 355 -33.73 -16.09 20.98
N PRO B 356 -33.56 -16.87 22.04
CA PRO B 356 -32.77 -16.38 23.19
C PRO B 356 -31.34 -16.03 22.82
N ARG B 357 -30.73 -16.76 21.89
CA ARG B 357 -29.37 -16.49 21.43
C ARG B 357 -29.31 -16.77 19.95
N ALA B 358 -29.09 -15.73 19.14
CA ALA B 358 -29.04 -15.88 17.69
C ALA B 358 -28.09 -14.86 17.11
N VAL B 359 -27.50 -15.21 15.97
CA VAL B 359 -26.60 -14.34 15.23
C VAL B 359 -27.07 -14.28 13.79
N TYR B 360 -27.19 -13.06 13.26
CA TYR B 360 -27.65 -12.84 11.90
C TYR B 360 -26.49 -12.37 11.04
N THR B 361 -26.18 -13.12 9.99
CA THR B 361 -25.12 -12.80 9.06
C THR B 361 -25.62 -12.93 7.63
N THR B 362 -24.96 -12.23 6.72
CA THR B 362 -25.27 -12.29 5.30
C THR B 362 -24.10 -12.92 4.55
N GLY B 363 -24.38 -13.38 3.33
CA GLY B 363 -23.36 -14.05 2.54
C GLY B 363 -22.25 -13.10 2.12
N LYS B 364 -22.60 -11.88 1.72
CA LYS B 364 -21.60 -10.93 1.23
C LYS B 364 -20.85 -10.23 2.35
N GLY B 365 -21.43 -10.14 3.54
CA GLY B 365 -20.81 -9.44 4.64
C GLY B 365 -20.06 -10.35 5.60
N SER B 366 -19.76 -11.56 5.17
CA SER B 366 -19.10 -12.54 6.02
C SER B 366 -17.83 -13.05 5.35
N THR B 367 -16.84 -13.37 6.18
CA THR B 367 -15.58 -13.95 5.73
C THR B 367 -15.31 -15.22 6.52
N ALA B 368 -14.33 -16.00 6.05
CA ALA B 368 -13.98 -17.23 6.74
C ALA B 368 -13.46 -16.96 8.14
N ALA B 369 -12.60 -15.94 8.28
CA ALA B 369 -12.10 -15.58 9.61
C ALA B 369 -13.22 -15.06 10.50
N GLY B 370 -14.12 -14.24 9.94
CA GLY B 370 -15.20 -13.68 10.73
C GLY B 370 -16.26 -14.68 11.13
N LEU B 371 -16.37 -15.81 10.42
CA LEU B 371 -17.37 -16.81 10.73
C LEU B 371 -16.93 -17.80 11.78
N THR B 372 -15.63 -18.11 11.85
CA THR B 372 -15.13 -19.11 12.80
C THR B 372 -14.23 -18.50 13.87
N ALA B 373 -13.15 -17.84 13.48
CA ALA B 373 -12.21 -17.27 14.43
C ALA B 373 -11.20 -16.42 13.67
N ALA B 374 -10.71 -15.38 14.32
CA ALA B 374 -9.71 -14.48 13.75
C ALA B 374 -8.59 -14.26 14.76
N VAL B 375 -7.36 -14.28 14.28
CA VAL B 375 -6.20 -14.03 15.12
C VAL B 375 -5.90 -12.54 15.15
N VAL B 376 -5.47 -12.04 16.29
CA VAL B 376 -5.15 -10.63 16.48
C VAL B 376 -3.78 -10.53 17.13
N ARG B 377 -2.92 -9.69 16.56
CA ARG B 377 -1.59 -9.47 17.10
C ARG B 377 -1.60 -8.24 18.01
N GLU B 378 -1.28 -8.44 19.28
CA GLU B 378 -1.16 -7.32 20.20
C GLU B 378 0.05 -6.47 19.83
N LYS B 379 -0.14 -5.16 19.74
CA LYS B 379 0.95 -4.27 19.35
C LYS B 379 2.07 -4.28 20.39
N GLY B 380 1.71 -4.28 21.66
CA GLY B 380 2.71 -4.26 22.73
C GLY B 380 3.50 -5.54 22.85
N THR B 381 2.82 -6.63 23.21
CA THR B 381 3.51 -7.89 23.44
C THR B 381 3.93 -8.58 22.15
N GLY B 382 3.33 -8.22 21.02
CA GLY B 382 3.63 -8.92 19.78
C GLY B 382 3.24 -10.39 19.80
N GLU B 383 2.09 -10.70 20.39
CA GLU B 383 1.62 -12.07 20.57
C GLU B 383 0.29 -12.26 19.88
N TYR B 384 0.09 -13.44 19.31
CA TYR B 384 -1.14 -13.78 18.61
C TYR B 384 -2.15 -14.40 19.56
N TYR B 385 -3.40 -13.97 19.46
CA TYR B 385 -4.48 -14.57 20.23
C TYR B 385 -5.75 -14.57 19.38
N LEU B 386 -6.65 -15.49 19.72
CA LEU B 386 -7.83 -15.73 18.91
C LEU B 386 -8.96 -14.76 19.28
N GLU B 387 -9.94 -14.66 18.38
CA GLU B 387 -11.15 -13.90 18.59
C GLU B 387 -12.35 -14.76 18.18
N ALA B 388 -13.46 -14.57 18.88
CA ALA B 388 -14.64 -15.40 18.64
C ALA B 388 -15.30 -15.03 17.31
N GLY B 389 -15.62 -16.04 16.51
CA GLY B 389 -16.30 -15.84 15.25
C GLY B 389 -17.80 -15.88 15.40
N ALA B 390 -18.49 -15.75 14.27
CA ALA B 390 -19.95 -15.77 14.27
C ALA B 390 -20.49 -17.12 14.73
N LEU B 391 -19.90 -18.22 14.25
CA LEU B 391 -20.37 -19.54 14.64
C LEU B 391 -20.05 -19.85 16.09
N VAL B 392 -18.87 -19.42 16.55
CA VAL B 392 -18.49 -19.65 17.95
C VAL B 392 -19.43 -18.90 18.89
N LEU B 393 -19.73 -17.63 18.57
CA LEU B 393 -20.64 -16.85 19.39
C LEU B 393 -22.05 -17.41 19.39
N ALA B 394 -22.41 -18.18 18.38
CA ALA B 394 -23.74 -18.76 18.27
C ALA B 394 -23.86 -20.12 18.94
N ASP B 395 -22.80 -20.60 19.59
CA ASP B 395 -22.83 -21.91 20.24
C ASP B 395 -23.95 -21.94 21.29
N GLY B 396 -24.73 -23.01 21.25
CA GLY B 396 -25.91 -23.11 22.09
C GLY B 396 -27.11 -22.35 21.59
N GLY B 397 -27.03 -21.76 20.39
CA GLY B 397 -28.14 -21.01 19.85
C GLY B 397 -28.38 -21.29 18.37
N ILE B 398 -28.71 -20.25 17.62
CA ILE B 398 -29.04 -20.39 16.20
C ILE B 398 -28.18 -19.41 15.41
N ALA B 399 -27.61 -19.90 14.30
CA ALA B 399 -26.85 -19.07 13.37
C ALA B 399 -27.67 -18.89 12.10
N VAL B 400 -27.94 -17.64 11.75
CA VAL B 400 -28.75 -17.31 10.58
C VAL B 400 -27.83 -16.78 9.49
N ILE B 401 -27.87 -17.40 8.32
CA ILE B 401 -27.04 -17.02 7.19
C ILE B 401 -27.98 -16.68 6.04
N ASP B 402 -28.17 -15.40 5.77
CA ASP B 402 -29.01 -14.96 4.67
C ASP B 402 -28.18 -14.85 3.39
N GLU B 403 -28.82 -15.15 2.26
CA GLU B 403 -28.18 -15.12 0.95
C GLU B 403 -26.93 -16.00 0.93
N ILE B 404 -27.12 -17.26 1.35
CA ILE B 404 -25.99 -18.20 1.41
C ILE B 404 -25.44 -18.50 0.01
N ASP B 405 -26.25 -18.34 -1.03
CA ASP B 405 -25.78 -18.63 -2.39
C ASP B 405 -24.84 -17.56 -2.93
N LYS B 406 -24.71 -16.43 -2.23
CA LYS B 406 -23.85 -15.34 -2.70
C LYS B 406 -22.46 -15.34 -2.08
N MET B 407 -22.27 -16.02 -0.96
CA MET B 407 -20.96 -16.05 -0.32
C MET B 407 -19.97 -16.87 -1.15
N ARG B 408 -18.71 -16.48 -1.06
CA ARG B 408 -17.67 -17.16 -1.82
C ARG B 408 -17.47 -18.58 -1.30
N ASP B 409 -17.07 -19.47 -2.21
CA ASP B 409 -16.91 -20.88 -1.85
C ASP B 409 -15.75 -21.08 -0.87
N GLU B 410 -14.74 -20.20 -0.90
CA GLU B 410 -13.66 -20.31 0.07
C GLU B 410 -14.13 -20.06 1.49
N ASP B 411 -15.25 -19.36 1.66
CA ASP B 411 -15.86 -19.16 2.97
C ASP B 411 -16.96 -20.18 3.26
N ARG B 412 -17.58 -20.74 2.22
CA ARG B 412 -18.65 -21.71 2.43
C ARG B 412 -18.10 -23.01 3.01
N VAL B 413 -16.88 -23.40 2.61
CA VAL B 413 -16.29 -24.63 3.12
C VAL B 413 -16.02 -24.55 4.61
N ALA B 414 -15.86 -23.35 5.16
CA ALA B 414 -15.57 -23.19 6.58
C ALA B 414 -16.74 -23.64 7.45
N ILE B 415 -17.95 -23.74 6.91
CA ILE B 415 -19.11 -24.15 7.69
C ILE B 415 -19.47 -25.62 7.48
N HIS B 416 -18.80 -26.32 6.57
CA HIS B 416 -19.11 -27.73 6.34
C HIS B 416 -18.86 -28.55 7.60
N GLU B 417 -17.76 -28.29 8.29
CA GLU B 417 -17.47 -28.99 9.54
C GLU B 417 -18.48 -28.62 10.63
N ALA B 418 -18.88 -27.36 10.68
CA ALA B 418 -19.79 -26.90 11.73
C ALA B 418 -21.16 -27.57 11.62
N MET B 419 -21.68 -27.72 10.40
CA MET B 419 -22.99 -28.33 10.22
C MET B 419 -22.98 -29.79 10.63
N GLU B 420 -21.92 -30.52 10.29
CA GLU B 420 -21.87 -31.96 10.54
C GLU B 420 -21.20 -32.30 11.87
N GLN B 421 -19.94 -31.88 12.04
CA GLN B 421 -19.18 -32.23 13.22
C GLN B 421 -19.44 -31.32 14.41
N GLN B 422 -20.11 -30.18 14.20
CA GLN B 422 -20.38 -29.21 15.27
C GLN B 422 -19.08 -28.76 15.95
N THR B 423 -18.03 -28.61 15.17
CA THR B 423 -16.74 -28.18 15.68
C THR B 423 -16.05 -27.28 14.66
N VAL B 424 -15.11 -26.49 15.14
CA VAL B 424 -14.31 -25.60 14.30
C VAL B 424 -12.85 -25.87 14.60
N SER B 425 -12.08 -26.17 13.54
CA SER B 425 -10.66 -26.45 13.67
C SER B 425 -9.86 -25.24 13.22
N ILE B 426 -8.97 -24.76 14.08
CA ILE B 426 -8.15 -23.59 13.81
C ILE B 426 -6.68 -24.02 13.86
N ALA B 427 -5.97 -23.85 12.75
CA ALA B 427 -4.54 -24.15 12.67
C ALA B 427 -3.90 -23.03 11.85
N LYS B 428 -3.46 -21.98 12.53
CA LYS B 428 -2.84 -20.85 11.86
C LYS B 428 -2.08 -20.02 12.89
N ALA B 429 -1.01 -19.38 12.42
CA ALA B 429 -0.20 -18.48 13.24
C ALA B 429 0.32 -19.19 14.50
N GLY B 430 0.65 -20.47 14.34
CA GLY B 430 1.15 -21.24 15.47
C GLY B 430 0.13 -21.53 16.54
N ILE B 431 -1.16 -21.42 16.23
CA ILE B 431 -2.23 -21.67 17.19
C ILE B 431 -3.05 -22.85 16.70
N VAL B 432 -3.19 -23.87 17.53
CA VAL B 432 -3.96 -25.06 17.21
C VAL B 432 -5.03 -25.25 18.27
N ALA B 433 -6.28 -25.34 17.84
CA ALA B 433 -7.39 -25.51 18.76
C ALA B 433 -8.58 -26.09 18.00
N LYS B 434 -9.53 -26.63 18.77
CA LYS B 434 -10.77 -27.17 18.23
C LYS B 434 -11.92 -26.62 19.06
N LEU B 435 -12.70 -25.72 18.48
CA LEU B 435 -13.75 -25.01 19.19
C LEU B 435 -15.10 -25.65 18.93
N ASN B 436 -15.98 -25.58 19.92
CA ASN B 436 -17.33 -26.10 19.78
C ASN B 436 -18.22 -25.10 19.07
N ALA B 437 -19.01 -25.60 18.12
CA ALA B 437 -19.91 -24.78 17.32
C ALA B 437 -21.28 -25.45 17.23
N ARG B 438 -21.80 -25.88 18.38
CA ARG B 438 -23.09 -26.57 18.43
C ARG B 438 -24.20 -25.53 18.28
N ALA B 439 -24.45 -25.14 17.03
CA ALA B 439 -25.45 -24.14 16.71
C ALA B 439 -26.28 -24.60 15.53
N ALA B 440 -27.59 -24.36 15.61
CA ALA B 440 -28.46 -24.65 14.47
C ALA B 440 -28.27 -23.59 13.40
N VAL B 441 -28.27 -24.03 12.15
CA VAL B 441 -28.02 -23.16 11.00
C VAL B 441 -29.31 -23.01 10.21
N ILE B 442 -29.76 -21.78 10.03
CA ILE B 442 -30.90 -21.45 9.19
C ILE B 442 -30.38 -20.61 8.04
N ALA B 443 -30.56 -21.10 6.82
CA ALA B 443 -30.00 -20.48 5.63
C ALA B 443 -31.10 -20.21 4.61
N ALA B 444 -30.93 -19.13 3.85
CA ALA B 444 -31.86 -18.77 2.80
C ALA B 444 -31.08 -18.38 1.55
N GLY B 445 -31.73 -18.52 0.40
CA GLY B 445 -31.10 -18.19 -0.86
C GLY B 445 -32.10 -18.21 -1.99
N ASN B 446 -31.67 -17.69 -3.12
CA ASN B 446 -32.48 -17.59 -4.32
C ASN B 446 -32.09 -18.68 -5.31
N PRO B 447 -33.02 -19.07 -6.19
CA PRO B 447 -32.69 -20.06 -7.22
C PRO B 447 -31.61 -19.55 -8.16
N LYS B 448 -31.13 -20.46 -9.02
CA LYS B 448 -30.04 -20.14 -9.92
C LYS B 448 -30.43 -19.03 -10.89
N PHE B 449 -31.66 -19.08 -11.41
CA PHE B 449 -32.13 -18.12 -12.41
C PHE B 449 -33.13 -17.13 -11.82
N GLY B 450 -33.01 -16.83 -10.53
CA GLY B 450 -33.91 -15.90 -9.89
C GLY B 450 -35.27 -16.49 -9.61
N ARG B 451 -36.02 -16.80 -10.67
CA ARG B 451 -37.33 -17.42 -10.54
C ARG B 451 -37.18 -18.93 -10.65
N TYR B 452 -37.81 -19.65 -9.73
CA TYR B 452 -37.70 -21.10 -9.70
C TYR B 452 -38.38 -21.71 -10.93
N ILE B 453 -37.78 -22.77 -11.47
CA ILE B 453 -38.31 -23.49 -12.61
C ILE B 453 -38.68 -24.89 -12.16
N SER B 454 -39.96 -25.24 -12.30
CA SER B 454 -40.45 -26.51 -11.78
C SER B 454 -40.00 -27.69 -12.65
N GLU B 455 -40.02 -27.52 -13.97
CA GLU B 455 -39.70 -28.63 -14.86
C GLU B 455 -38.27 -29.11 -14.68
N ARG B 456 -37.33 -28.18 -14.52
CA ARG B 456 -35.95 -28.57 -14.28
C ARG B 456 -35.80 -29.14 -12.86
N PRO B 457 -34.82 -30.01 -12.64
CA PRO B 457 -34.66 -30.62 -11.31
C PRO B 457 -34.21 -29.63 -10.26
N VAL B 458 -33.97 -30.13 -9.05
CA VAL B 458 -33.50 -29.25 -7.98
C VAL B 458 -32.00 -29.00 -8.08
N SER B 459 -31.26 -29.91 -8.73
CA SER B 459 -29.81 -29.80 -8.77
C SER B 459 -29.35 -28.55 -9.51
N ASP B 460 -29.99 -28.23 -10.64
CA ASP B 460 -29.61 -27.06 -11.42
C ASP B 460 -30.31 -25.78 -10.97
N ASN B 461 -31.15 -25.85 -9.94
CA ASN B 461 -31.81 -24.68 -9.39
C ASN B 461 -31.20 -24.20 -8.08
N ILE B 462 -30.60 -25.10 -7.30
CA ILE B 462 -30.03 -24.73 -6.02
C ILE B 462 -28.80 -23.84 -6.20
N ASN B 463 -28.00 -24.11 -7.25
CA ASN B 463 -26.72 -23.44 -7.45
C ASN B 463 -25.81 -23.62 -6.25
N LEU B 464 -25.85 -24.81 -5.66
CA LEU B 464 -25.03 -25.17 -4.51
C LEU B 464 -24.47 -26.57 -4.71
N PRO B 465 -23.29 -26.85 -4.17
CA PRO B 465 -22.73 -28.20 -4.27
C PRO B 465 -23.60 -29.20 -3.54
N PRO B 466 -23.71 -30.43 -4.05
CA PRO B 466 -24.56 -31.44 -3.38
C PRO B 466 -24.10 -31.81 -1.98
N THR B 467 -22.84 -31.55 -1.65
CA THR B 467 -22.34 -31.95 -0.32
C THR B 467 -23.04 -31.19 0.79
N ILE B 468 -23.24 -29.87 0.61
CA ILE B 468 -23.84 -29.07 1.67
C ILE B 468 -25.31 -29.41 1.86
N LEU B 469 -26.00 -29.77 0.78
CA LEU B 469 -27.42 -30.10 0.89
C LEU B 469 -27.67 -31.39 1.65
N SER B 470 -26.68 -32.29 1.71
CA SER B 470 -26.83 -33.53 2.46
C SER B 470 -26.85 -33.28 3.96
N ARG B 471 -26.36 -32.13 4.42
CA ARG B 471 -26.29 -31.82 5.85
C ARG B 471 -27.51 -31.06 6.36
N PHE B 472 -28.47 -30.75 5.50
CA PHE B 472 -29.66 -30.01 5.89
C PHE B 472 -30.79 -30.99 6.20
N ASP B 473 -31.35 -30.87 7.40
CA ASP B 473 -32.43 -31.77 7.80
C ASP B 473 -33.68 -31.56 6.94
N LEU B 474 -34.04 -30.31 6.68
CA LEU B 474 -35.23 -30.00 5.90
C LEU B 474 -34.90 -28.91 4.89
N ILE B 475 -35.47 -29.04 3.69
CA ILE B 475 -35.33 -28.05 2.63
C ILE B 475 -36.72 -27.70 2.13
N PHE B 476 -37.01 -26.40 2.04
CA PHE B 476 -38.30 -25.92 1.60
C PHE B 476 -38.15 -25.04 0.37
N ILE B 477 -39.13 -25.12 -0.53
CA ILE B 477 -39.13 -24.37 -1.77
C ILE B 477 -40.34 -23.44 -1.74
N LEU B 478 -40.10 -22.14 -1.89
CA LEU B 478 -41.15 -21.14 -1.92
C LEU B 478 -41.38 -20.70 -3.35
N LYS B 479 -42.64 -20.72 -3.78
CA LYS B 479 -43.01 -20.41 -5.15
C LYS B 479 -43.94 -19.19 -5.15
N ASP B 480 -43.59 -18.19 -5.96
CA ASP B 480 -44.40 -16.99 -6.09
C ASP B 480 -45.21 -17.09 -7.37
N GLN B 481 -46.32 -17.84 -7.29
CA GLN B 481 -47.20 -18.03 -8.43
C GLN B 481 -48.44 -17.18 -8.25
N PRO B 482 -48.66 -16.17 -9.09
CA PRO B 482 -49.87 -15.33 -8.94
C PRO B 482 -51.12 -16.12 -9.25
N GLY B 483 -51.96 -16.30 -8.23
CA GLY B 483 -53.20 -17.04 -8.39
C GLY B 483 -54.38 -16.37 -7.73
N GLU B 484 -55.34 -17.17 -7.26
CA GLU B 484 -56.53 -16.65 -6.60
C GLU B 484 -56.27 -16.13 -5.20
N GLN B 485 -55.10 -16.41 -4.63
CA GLN B 485 -54.76 -15.96 -3.29
C GLN B 485 -54.24 -14.53 -3.24
N ASP B 486 -54.12 -13.86 -4.40
CA ASP B 486 -53.58 -12.51 -4.43
C ASP B 486 -54.45 -11.54 -3.65
N ARG B 487 -55.77 -11.66 -3.77
CA ARG B 487 -56.67 -10.75 -3.05
C ARG B 487 -56.53 -10.92 -1.54
N GLU B 488 -56.46 -12.17 -1.08
CA GLU B 488 -56.32 -12.42 0.35
C GLU B 488 -54.99 -11.88 0.87
N LEU B 489 -53.91 -12.10 0.12
CA LEU B 489 -52.61 -11.58 0.52
C LEU B 489 -52.60 -10.06 0.53
N ALA B 490 -53.23 -9.44 -0.47
CA ALA B 490 -53.26 -7.98 -0.52
C ALA B 490 -54.04 -7.40 0.66
N ASN B 491 -55.16 -8.02 1.02
CA ASN B 491 -55.93 -7.55 2.16
C ASN B 491 -55.14 -7.69 3.46
N TYR B 492 -54.42 -8.79 3.62
CA TYR B 492 -53.65 -9.00 4.84
C TYR B 492 -52.53 -7.97 4.97
N ILE B 493 -51.83 -7.68 3.87
CA ILE B 493 -50.72 -6.74 3.92
C ILE B 493 -51.22 -5.33 4.26
N LEU B 494 -52.30 -4.90 3.62
CA LEU B 494 -52.83 -3.57 3.89
C LEU B 494 -53.33 -3.44 5.32
N ASP B 495 -53.83 -4.53 5.90
CA ASP B 495 -54.23 -4.49 7.30
C ASP B 495 -53.03 -4.25 8.21
N VAL B 496 -51.89 -4.85 7.89
CA VAL B 496 -50.68 -4.63 8.68
C VAL B 496 -50.24 -3.18 8.58
N HIS B 497 -50.26 -2.61 7.37
CA HIS B 497 -49.85 -1.23 7.19
C HIS B 497 -50.83 -0.24 7.83
N SER B 498 -52.06 -0.66 8.10
CA SER B 498 -53.06 0.20 8.71
C SER B 498 -53.08 0.11 10.23
N GLY B 499 -52.16 -0.64 10.83
CA GLY B 499 -52.10 -0.78 12.27
C GLY B 499 -52.89 -1.94 12.83
N LYS B 500 -53.66 -2.65 12.01
CA LYS B 500 -54.40 -3.80 12.49
C LYS B 500 -53.45 -4.92 12.90
N SER B 501 -53.79 -5.63 13.97
CA SER B 501 -52.95 -6.68 14.51
C SER B 501 -53.78 -7.93 14.72
N THR B 502 -53.08 -9.08 14.74
CA THR B 502 -53.72 -10.36 14.99
C THR B 502 -53.70 -10.65 16.48
N LYS B 503 -54.87 -10.99 17.02
CA LYS B 503 -55.01 -11.25 18.45
C LYS B 503 -54.84 -12.73 18.74
N ASN B 504 -54.92 -13.08 20.03
CA ASN B 504 -54.78 -14.46 20.49
C ASN B 504 -53.45 -15.07 20.04
N ILE B 505 -52.37 -14.30 20.19
CA ILE B 505 -51.03 -14.74 19.86
C ILE B 505 -50.12 -14.46 21.05
N ILE B 506 -49.05 -15.24 21.14
CA ILE B 506 -48.09 -15.11 22.24
C ILE B 506 -47.11 -13.99 21.91
N ASP B 507 -46.91 -13.09 22.85
CA ASP B 507 -45.99 -11.98 22.65
C ASP B 507 -44.55 -12.50 22.55
N ILE B 508 -43.70 -11.68 21.92
CA ILE B 508 -42.31 -12.09 21.69
C ILE B 508 -41.57 -12.26 23.02
N ASP B 509 -41.79 -11.34 23.96
CA ASP B 509 -41.05 -11.39 25.22
C ASP B 509 -41.35 -12.67 25.99
N THR B 510 -42.63 -13.05 26.09
CA THR B 510 -42.97 -14.28 26.79
C THR B 510 -42.62 -15.50 25.96
N LEU B 511 -42.68 -15.40 24.62
CA LEU B 511 -42.28 -16.52 23.78
C LEU B 511 -40.80 -16.82 23.94
N ARG B 512 -39.96 -15.78 24.05
CA ARG B 512 -38.54 -16.00 24.27
C ARG B 512 -38.29 -16.70 25.60
N LYS B 513 -39.03 -16.31 26.64
CA LYS B 513 -38.91 -17.00 27.93
C LYS B 513 -39.37 -18.45 27.83
N TYR B 514 -40.44 -18.70 27.07
CA TYR B 514 -40.95 -20.05 26.91
C TYR B 514 -39.93 -20.95 26.24
N ILE B 515 -39.26 -20.45 25.20
CA ILE B 515 -38.25 -21.25 24.50
C ILE B 515 -37.08 -21.55 25.42
N ALA B 516 -36.63 -20.56 26.19
CA ALA B 516 -35.49 -20.75 27.06
C ALA B 516 -35.78 -21.80 28.13
N TYR B 517 -36.98 -21.79 28.71
CA TYR B 517 -37.34 -22.78 29.71
C TYR B 517 -37.34 -24.18 29.13
N ALA B 518 -37.90 -24.35 27.92
CA ALA B 518 -38.01 -25.67 27.33
C ALA B 518 -36.64 -26.26 27.03
N ARG B 519 -35.72 -25.45 26.50
CA ARG B 519 -34.40 -25.93 26.15
C ARG B 519 -33.54 -26.27 27.36
N LYS B 520 -33.98 -25.88 28.57
CA LYS B 520 -33.20 -26.07 29.78
C LYS B 520 -33.73 -27.17 30.69
N TYR B 521 -35.05 -27.29 30.83
CA TYR B 521 -35.64 -28.18 31.82
C TYR B 521 -36.43 -29.33 31.21
N VAL B 522 -36.44 -29.49 29.90
CA VAL B 522 -37.21 -30.53 29.23
C VAL B 522 -36.25 -31.41 28.45
N THR B 523 -36.26 -32.70 28.74
CA THR B 523 -35.47 -33.70 28.03
C THR B 523 -36.37 -34.90 27.71
N PRO B 524 -37.12 -34.83 26.62
CA PRO B 524 -38.05 -35.91 26.29
C PRO B 524 -37.32 -37.22 25.98
N LYS B 525 -38.00 -38.32 26.26
CA LYS B 525 -37.49 -39.66 25.99
C LYS B 525 -38.42 -40.37 25.02
N ILE B 526 -37.84 -41.08 24.07
CA ILE B 526 -38.60 -41.75 23.02
C ILE B 526 -39.09 -43.10 23.55
N THR B 527 -40.38 -43.38 23.34
CA THR B 527 -40.96 -44.65 23.72
C THR B 527 -40.64 -45.72 22.68
N SER B 528 -40.79 -46.98 23.10
CA SER B 528 -40.53 -48.10 22.20
C SER B 528 -41.52 -48.10 21.04
N GLU B 529 -42.80 -47.82 21.30
CA GLU B 529 -43.79 -47.81 20.25
C GLU B 529 -43.54 -46.71 19.24
N ALA B 530 -43.02 -45.56 19.69
CA ALA B 530 -42.69 -44.49 18.76
C ALA B 530 -41.57 -44.90 17.81
N LYS B 531 -40.56 -45.61 18.32
CA LYS B 531 -39.48 -46.08 17.49
C LYS B 531 -39.97 -46.99 16.36
N ASN B 532 -41.09 -47.69 16.58
CA ASN B 532 -41.62 -48.56 15.55
C ASN B 532 -42.08 -47.77 14.33
N LEU B 533 -42.74 -46.64 14.54
CA LEU B 533 -43.24 -45.85 13.42
C LEU B 533 -42.10 -45.28 12.59
N ILE B 534 -41.08 -44.73 13.24
CA ILE B 534 -39.95 -44.14 12.52
C ILE B 534 -39.19 -45.22 11.75
N THR B 535 -38.92 -46.36 12.41
CA THR B 535 -38.21 -47.44 11.74
C THR B 535 -39.01 -47.97 10.56
N ASP B 536 -40.32 -48.14 10.73
CA ASP B 536 -41.16 -48.57 9.62
C ASP B 536 -41.18 -47.51 8.52
N PHE B 537 -41.28 -46.24 8.89
CA PHE B 537 -41.34 -45.18 7.89
C PHE B 537 -40.03 -45.08 7.13
N PHE B 538 -38.89 -45.10 7.83
CA PHE B 538 -37.59 -44.94 7.18
C PHE B 538 -37.32 -46.08 6.21
N VAL B 539 -37.78 -47.29 6.52
CA VAL B 539 -37.61 -48.41 5.60
C VAL B 539 -38.35 -48.14 4.30
N GLU B 540 -39.54 -47.53 4.39
CA GLU B 540 -40.33 -47.25 3.20
C GLU B 540 -39.56 -46.30 2.26
N MET B 541 -39.00 -45.22 2.82
CA MET B 541 -38.20 -44.30 2.01
C MET B 541 -37.04 -45.01 1.33
N ARG B 542 -36.45 -46.01 2.00
CA ARG B 542 -35.37 -46.76 1.40
C ARG B 542 -35.82 -47.50 0.15
N LYS B 543 -37.03 -48.07 0.19
CA LYS B 543 -37.58 -48.73 -1.00
C LYS B 543 -37.80 -47.73 -2.14
N LYS B 544 -38.36 -46.56 -1.82
CA LYS B 544 -38.54 -45.53 -2.83
C LYS B 544 -37.21 -44.95 -3.30
N SER B 545 -36.20 -44.98 -2.44
CA SER B 545 -34.87 -44.51 -2.85
C SER B 545 -34.32 -45.39 -3.97
N SER B 546 -34.47 -46.70 -3.86
CA SER B 546 -34.06 -47.59 -4.94
C SER B 546 -34.99 -47.50 -6.14
N GLU B 547 -36.28 -47.30 -5.90
CA GLU B 547 -37.23 -47.17 -7.00
C GLU B 547 -36.93 -45.93 -7.85
N THR B 548 -36.58 -44.82 -7.20
CA THR B 548 -36.27 -43.56 -7.89
C THR B 548 -34.91 -43.07 -7.39
N PRO B 549 -33.82 -43.67 -7.89
CA PRO B 549 -32.48 -43.23 -7.47
C PRO B 549 -31.97 -42.00 -8.22
N ASP B 550 -32.76 -41.45 -9.15
CA ASP B 550 -32.33 -40.29 -9.92
C ASP B 550 -32.51 -38.98 -9.16
N SER B 551 -33.26 -38.98 -8.05
CA SER B 551 -33.48 -37.76 -7.30
C SER B 551 -32.18 -37.30 -6.65
N PRO B 552 -31.92 -35.99 -6.59
CA PRO B 552 -30.72 -35.51 -5.89
C PRO B 552 -30.75 -35.77 -4.40
N ILE B 553 -31.92 -36.00 -3.81
CA ILE B 553 -32.05 -36.31 -2.39
C ILE B 553 -31.87 -37.80 -2.20
N LEU B 554 -31.00 -38.18 -1.28
CA LEU B 554 -30.67 -39.57 -1.02
C LEU B 554 -31.18 -39.97 0.37
N ILE B 555 -31.78 -41.15 0.46
CA ILE B 555 -32.31 -41.67 1.72
C ILE B 555 -31.14 -42.35 2.42
N THR B 556 -30.41 -41.57 3.20
CA THR B 556 -29.27 -42.02 3.98
C THR B 556 -29.68 -42.24 5.43
N PRO B 557 -28.83 -42.89 6.23
CA PRO B 557 -29.13 -42.99 7.67
C PRO B 557 -29.22 -41.64 8.36
N ARG B 558 -28.68 -40.58 7.77
CA ARG B 558 -28.83 -39.25 8.34
C ARG B 558 -30.29 -38.83 8.40
N GLN B 559 -31.06 -39.15 7.34
CA GLN B 559 -32.49 -38.86 7.36
C GLN B 559 -33.20 -39.58 8.48
N LEU B 560 -32.75 -40.78 8.83
CA LEU B 560 -33.32 -41.49 9.98
C LEU B 560 -33.07 -40.72 11.27
N GLU B 561 -31.86 -40.19 11.44
CA GLU B 561 -31.55 -39.39 12.63
C GLU B 561 -32.36 -38.11 12.67
N ALA B 562 -32.56 -37.47 11.52
CA ALA B 562 -33.31 -36.22 11.48
C ALA B 562 -34.76 -36.43 11.90
N LEU B 563 -35.34 -37.58 11.56
CA LEU B 563 -36.72 -37.86 11.95
C LEU B 563 -36.87 -37.95 13.46
N ILE B 564 -35.85 -38.49 14.15
CA ILE B 564 -35.91 -38.58 15.60
C ILE B 564 -35.85 -37.18 16.22
N ARG B 565 -34.99 -36.32 15.69
CA ARG B 565 -34.85 -34.97 16.23
C ARG B 565 -36.15 -34.18 16.12
N ILE B 566 -36.83 -34.30 14.98
CA ILE B 566 -38.08 -33.56 14.77
C ILE B 566 -39.13 -34.03 15.78
N SER B 567 -39.22 -35.34 15.99
CA SER B 567 -40.18 -35.86 16.97
C SER B 567 -39.84 -35.38 18.38
N GLU B 568 -38.56 -35.35 18.72
CA GLU B 568 -38.16 -34.88 20.04
C GLU B 568 -38.50 -33.40 20.23
N ALA B 569 -38.32 -32.59 19.18
CA ALA B 569 -38.62 -31.17 19.28
C ALA B 569 -40.12 -30.94 19.51
N TYR B 570 -40.97 -31.78 18.89
CA TYR B 570 -42.40 -31.63 19.06
C TYR B 570 -42.81 -31.84 20.52
N ALA B 571 -42.23 -32.85 21.18
CA ALA B 571 -42.52 -33.07 22.59
C ALA B 571 -42.03 -31.90 23.44
N LYS B 572 -40.84 -31.38 23.12
CA LYS B 572 -40.31 -30.24 23.86
C LYS B 572 -41.18 -29.01 23.71
N MET B 573 -41.86 -28.87 22.57
CA MET B 573 -42.75 -27.73 22.37
C MET B 573 -43.91 -27.76 23.36
N ALA B 574 -44.44 -28.95 23.64
CA ALA B 574 -45.57 -29.11 24.55
C ALA B 574 -45.13 -29.33 25.99
N LEU B 575 -43.84 -29.17 26.29
CA LEU B 575 -43.30 -29.36 27.64
C LEU B 575 -43.60 -30.75 28.18
N LYS B 576 -43.51 -31.75 27.30
CA LYS B 576 -43.76 -33.13 27.66
C LYS B 576 -42.44 -33.88 27.79
N ALA B 577 -42.29 -34.63 28.88
CA ALA B 577 -41.09 -35.41 29.13
C ALA B 577 -41.07 -36.74 28.38
N GLU B 578 -42.15 -37.09 27.69
CA GLU B 578 -42.26 -38.35 26.97
C GLU B 578 -42.68 -38.09 25.54
N VAL B 579 -42.15 -38.89 24.62
CA VAL B 579 -42.44 -38.78 23.20
C VAL B 579 -43.54 -39.79 22.88
N THR B 580 -44.78 -39.30 22.76
CA THR B 580 -45.90 -40.16 22.46
C THR B 580 -45.96 -40.48 20.97
N ARG B 581 -46.98 -41.23 20.57
CA ARG B 581 -47.12 -41.60 19.16
C ARG B 581 -47.62 -40.45 18.31
N GLU B 582 -48.35 -39.49 18.90
CA GLU B 582 -48.87 -38.38 18.12
C GLU B 582 -47.75 -37.47 17.63
N ASP B 583 -46.63 -37.42 18.35
CA ASP B 583 -45.47 -36.66 17.87
C ASP B 583 -44.73 -37.38 16.77
N ALA B 584 -44.68 -38.72 16.82
CA ALA B 584 -43.99 -39.48 15.78
C ALA B 584 -44.67 -39.31 14.43
N GLU B 585 -46.01 -39.36 14.40
CA GLU B 585 -46.72 -39.17 13.14
C GLU B 585 -46.64 -37.73 12.67
N ARG B 586 -46.60 -36.77 13.60
CA ARG B 586 -46.42 -35.37 13.21
C ARG B 586 -45.06 -35.17 12.55
N ALA B 587 -44.01 -35.80 13.09
CA ALA B 587 -42.70 -35.73 12.46
C ALA B 587 -42.71 -36.42 11.10
N ILE B 588 -43.49 -37.48 10.94
CA ILE B 588 -43.62 -38.13 9.65
C ILE B 588 -44.28 -37.20 8.64
N ASN B 589 -45.32 -36.49 9.06
CA ASN B 589 -46.05 -35.62 8.14
C ASN B 589 -45.16 -34.49 7.62
N ILE B 590 -44.41 -33.85 8.50
CA ILE B 590 -43.54 -32.76 8.07
C ILE B 590 -42.41 -33.28 7.19
N MET B 591 -41.94 -34.50 7.44
CA MET B 591 -40.94 -35.10 6.57
C MET B 591 -41.51 -35.38 5.19
N ARG B 592 -42.77 -35.84 5.13
CA ARG B 592 -43.40 -36.12 3.84
C ARG B 592 -43.53 -34.86 3.00
N LEU B 593 -43.97 -33.76 3.61
CA LEU B 593 -44.11 -32.51 2.89
C LEU B 593 -42.76 -31.99 2.39
N PHE B 594 -41.68 -32.24 3.15
CA PHE B 594 -40.36 -31.88 2.68
C PHE B 594 -39.99 -32.65 1.42
N LEU B 595 -40.30 -33.94 1.37
CA LEU B 595 -40.04 -34.72 0.18
C LEU B 595 -40.96 -34.31 -0.96
N GLU B 596 -42.21 -33.97 -0.66
CA GLU B 596 -43.13 -33.53 -1.70
C GLU B 596 -42.68 -32.22 -2.33
N SER B 597 -42.21 -31.27 -1.51
CA SER B 597 -41.78 -29.99 -2.04
C SER B 597 -40.51 -30.11 -2.88
N VAL B 598 -39.62 -31.02 -2.49
CA VAL B 598 -38.33 -31.18 -3.17
C VAL B 598 -38.53 -31.93 -4.48
N GLY B 599 -39.77 -32.36 -4.75
CA GLY B 599 -40.08 -33.02 -5.99
C GLY B 599 -40.25 -34.53 -5.89
N VAL B 600 -39.92 -35.13 -4.75
CA VAL B 600 -40.10 -36.56 -4.56
C VAL B 600 -41.54 -36.82 -4.15
N ASP B 601 -42.41 -37.02 -5.15
CA ASP B 601 -43.82 -37.26 -4.87
C ASP B 601 -44.03 -38.64 -4.29
N MET B 602 -45.04 -38.77 -3.43
CA MET B 602 -45.29 -40.04 -2.75
C MET B 602 -46.78 -40.34 -2.64
N GLN C 8 -12.77 53.24 30.24
CA GLN C 8 -13.30 51.94 30.60
C GLN C 8 -14.64 52.06 31.30
N ILE C 9 -15.70 51.55 30.66
CA ILE C 9 -17.05 51.60 31.19
C ILE C 9 -17.56 50.18 31.34
N ASP C 10 -18.25 49.91 32.45
CA ASP C 10 -18.78 48.57 32.70
C ASP C 10 -19.83 48.21 31.66
N TYR C 11 -19.74 46.99 31.14
CA TYR C 11 -20.70 46.49 30.16
C TYR C 11 -21.71 45.53 30.76
N ARG C 12 -21.63 45.24 32.06
CA ARG C 12 -22.60 44.35 32.68
C ARG C 12 -24.00 44.94 32.62
N ASP C 13 -24.14 46.23 32.95
CA ASP C 13 -25.45 46.86 32.90
C ASP C 13 -25.98 46.92 31.47
N VAL C 14 -25.12 47.25 30.50
CA VAL C 14 -25.55 47.33 29.11
C VAL C 14 -25.96 45.95 28.61
N PHE C 15 -25.18 44.92 28.95
CA PHE C 15 -25.52 43.57 28.52
C PHE C 15 -26.85 43.11 29.12
N ILE C 16 -27.05 43.37 30.40
CA ILE C 16 -28.33 43.02 31.03
C ILE C 16 -29.46 43.84 30.44
N GLU C 17 -29.22 45.13 30.21
CA GLU C 17 -30.23 45.97 29.59
C GLU C 17 -30.57 45.48 28.19
N PHE C 18 -29.55 45.09 27.41
CA PHE C 18 -29.79 44.60 26.06
C PHE C 18 -30.64 43.34 26.08
N LEU C 19 -30.38 42.42 27.00
CA LEU C 19 -31.13 41.18 27.06
C LEU C 19 -32.59 41.42 27.38
N THR C 20 -32.87 42.34 28.31
CA THR C 20 -34.22 42.56 28.82
C THR C 20 -35.01 43.61 28.05
N THR C 21 -34.37 44.35 27.13
CA THR C 21 -35.05 45.42 26.42
C THR C 21 -35.02 45.28 24.90
N PHE C 22 -34.30 44.31 24.36
CA PHE C 22 -34.25 44.16 22.91
C PHE C 22 -35.61 43.73 22.37
N LYS C 23 -36.00 44.35 21.26
CA LYS C 23 -37.26 44.04 20.59
C LYS C 23 -36.95 43.41 19.23
N GLY C 24 -37.50 42.22 18.99
CA GLY C 24 -37.30 41.53 17.73
C GLY C 24 -38.21 42.05 16.63
N ASN C 25 -38.53 41.17 15.69
CA ASN C 25 -39.45 41.55 14.61
C ASN C 25 -40.83 41.89 15.16
N ASN C 26 -41.31 41.10 16.12
CA ASN C 26 -42.60 41.32 16.75
C ASN C 26 -42.50 42.04 18.09
N ASN C 27 -41.33 42.56 18.44
CA ASN C 27 -41.09 43.23 19.72
C ASN C 27 -41.48 42.33 20.89
N GLN C 28 -41.11 41.05 20.80
CA GLN C 28 -41.49 40.04 21.78
C GLN C 28 -40.42 39.79 22.83
N ASN C 29 -39.33 40.55 22.82
CA ASN C 29 -38.19 40.33 23.72
C ASN C 29 -37.67 38.90 23.59
N LYS C 30 -37.14 38.61 22.40
CA LYS C 30 -36.75 37.25 22.05
C LYS C 30 -35.74 36.68 23.05
N TYR C 31 -34.74 37.47 23.44
CA TYR C 31 -33.73 36.96 24.36
C TYR C 31 -34.30 36.70 25.75
N ILE C 32 -35.36 37.41 26.14
CA ILE C 32 -36.03 37.09 27.39
C ILE C 32 -36.64 35.70 27.34
N GLU C 33 -37.27 35.35 26.20
CA GLU C 33 -37.84 34.03 26.05
C GLU C 33 -36.75 32.95 26.08
N ARG C 34 -35.60 33.24 25.47
CA ARG C 34 -34.51 32.26 25.48
C ARG C 34 -34.02 31.99 26.89
N ILE C 35 -33.93 33.03 27.71
CA ILE C 35 -33.53 32.84 29.11
C ILE C 35 -34.56 31.98 29.84
N ASN C 36 -35.84 32.23 29.62
CA ASN C 36 -36.88 31.42 30.25
C ASN C 36 -36.79 29.97 29.80
N GLU C 37 -36.55 29.74 28.51
CA GLU C 37 -36.32 28.38 28.02
C GLU C 37 -35.07 27.79 28.63
N LEU C 38 -34.02 28.60 28.80
CA LEU C 38 -32.79 28.13 29.41
C LEU C 38 -33.02 27.71 30.86
N VAL C 39 -33.80 28.49 31.60
CA VAL C 39 -34.04 28.17 33.00
C VAL C 39 -34.84 26.88 33.12
N ALA C 40 -35.89 26.73 32.32
CA ALA C 40 -36.76 25.56 32.43
C ALA C 40 -36.02 24.27 32.09
N TYR C 41 -35.22 24.29 31.03
CA TYR C 41 -34.53 23.10 30.54
C TYR C 41 -33.11 22.96 31.07
N ARG C 42 -32.62 23.94 31.82
CA ARG C 42 -31.24 23.93 32.34
C ARG C 42 -30.24 23.75 31.20
N LYS C 43 -30.40 24.57 30.16
CA LYS C 43 -29.60 24.43 28.94
C LYS C 43 -28.17 24.93 29.11
N LYS C 44 -27.91 25.77 30.12
CA LYS C 44 -26.57 26.26 30.47
C LYS C 44 -25.85 26.92 29.29
N SER C 45 -26.57 27.26 28.22
CA SER C 45 -25.95 27.88 27.05
C SER C 45 -26.93 28.86 26.43
N LEU C 46 -26.42 30.03 26.05
CA LEU C 46 -27.21 31.07 25.42
C LEU C 46 -26.60 31.46 24.08
N ILE C 47 -27.47 31.62 23.08
CA ILE C 47 -27.06 31.98 21.73
C ILE C 47 -27.52 33.41 21.47
N ILE C 48 -26.58 34.28 21.08
CA ILE C 48 -26.84 35.69 20.84
C ILE C 48 -26.44 36.01 19.41
N GLU C 49 -27.35 36.60 18.65
CA GLU C 49 -27.06 37.03 17.29
C GLU C 49 -26.26 38.32 17.30
N PHE C 50 -25.18 38.35 16.53
CA PHE C 50 -24.28 39.50 16.56
C PHE C 50 -24.96 40.76 16.02
N SER C 51 -25.74 40.64 14.95
CA SER C 51 -26.37 41.81 14.37
C SER C 51 -27.33 42.48 15.34
N ASP C 52 -27.98 41.70 16.20
CA ASP C 52 -28.84 42.27 17.23
C ASP C 52 -28.03 43.12 18.20
N VAL C 53 -26.86 42.64 18.61
CA VAL C 53 -26.00 43.40 19.52
C VAL C 53 -25.51 44.68 18.84
N LEU C 54 -25.11 44.59 17.58
CA LEU C 54 -24.63 45.76 16.86
C LEU C 54 -25.73 46.81 16.73
N SER C 55 -26.95 46.39 16.43
CA SER C 55 -28.07 47.32 16.34
C SER C 55 -28.33 48.00 17.68
N PHE C 56 -28.26 47.25 18.78
CA PHE C 56 -28.49 47.82 20.09
C PHE C 56 -27.38 48.77 20.49
N ASN C 57 -26.15 48.26 20.58
CA ASN C 57 -25.00 49.05 21.00
C ASN C 57 -23.81 48.64 20.15
N GLU C 58 -23.33 49.57 19.30
CA GLU C 58 -22.21 49.27 18.43
C GLU C 58 -20.91 49.13 19.20
N ASN C 59 -20.75 49.90 20.28
CA ASN C 59 -19.53 49.81 21.08
C ASN C 59 -19.38 48.44 21.72
N LEU C 60 -20.49 47.89 22.23
CA LEU C 60 -20.43 46.55 22.84
C LEU C 60 -20.08 45.49 21.80
N ALA C 61 -20.62 45.62 20.59
CA ALA C 61 -20.32 44.64 19.55
C ALA C 61 -18.84 44.65 19.19
N TYR C 62 -18.23 45.84 19.11
CA TYR C 62 -16.81 45.94 18.80
C TYR C 62 -15.97 45.27 19.89
N GLU C 63 -16.34 45.46 21.15
CA GLU C 63 -15.57 44.88 22.24
C GLU C 63 -15.59 43.35 22.19
N ILE C 64 -16.74 42.77 21.86
CA ILE C 64 -16.84 41.31 21.78
C ILE C 64 -15.95 40.78 20.67
N ILE C 65 -15.93 41.46 19.52
CA ILE C 65 -15.14 41.01 18.39
C ILE C 65 -13.64 41.02 18.72
N ASN C 66 -13.17 42.09 19.34
CA ASN C 66 -11.74 42.29 19.57
C ASN C 66 -11.30 41.79 20.94
N ASN C 67 -11.91 42.29 22.01
CA ASN C 67 -11.54 41.90 23.37
C ASN C 67 -12.33 40.68 23.84
N THR C 68 -12.31 39.62 23.03
CA THR C 68 -13.11 38.44 23.33
C THR C 68 -12.55 37.66 24.51
N LYS C 69 -11.23 37.69 24.71
CA LYS C 69 -10.61 36.86 25.73
C LYS C 69 -10.98 37.31 27.14
N ILE C 70 -11.17 38.61 27.36
CA ILE C 70 -11.35 39.15 28.70
C ILE C 70 -12.76 39.67 28.96
N ILE C 71 -13.62 39.72 27.93
CA ILE C 71 -14.97 40.22 28.11
C ILE C 71 -16.02 39.11 28.14
N LEU C 72 -15.75 37.94 27.55
CA LEU C 72 -16.71 36.85 27.61
C LEU C 72 -16.97 36.37 29.04
N PRO C 73 -15.96 36.11 29.88
CA PRO C 73 -16.27 35.75 31.27
C PRO C 73 -17.02 36.84 32.03
N ILE C 74 -16.77 38.11 31.71
CA ILE C 74 -17.47 39.19 32.39
C ILE C 74 -18.97 39.13 32.07
N LEU C 75 -19.31 38.98 30.79
CA LEU C 75 -20.72 38.88 30.41
C LEU C 75 -21.34 37.60 30.96
N GLU C 76 -20.58 36.50 30.97
CA GLU C 76 -21.10 35.24 31.50
C GLU C 76 -21.44 35.36 32.98
N GLY C 77 -20.58 36.04 33.74
CA GLY C 77 -20.86 36.23 35.16
C GLY C 77 -22.10 37.06 35.41
N ALA C 78 -22.26 38.14 34.65
CA ALA C 78 -23.44 38.98 34.80
C ALA C 78 -24.71 38.23 34.44
N LEU C 79 -24.67 37.42 33.38
CA LEU C 79 -25.84 36.64 32.99
C LEU C 79 -26.19 35.61 34.05
N TYR C 80 -25.17 34.99 34.66
CA TYR C 80 -25.43 33.99 35.70
C TYR C 80 -26.16 34.59 36.88
N ASP C 81 -25.76 35.79 37.31
CA ASP C 81 -26.44 36.46 38.41
C ASP C 81 -27.89 36.77 38.06
N HIS C 82 -28.13 37.23 36.83
CA HIS C 82 -29.49 37.53 36.40
C HIS C 82 -30.36 36.28 36.41
N ILE C 83 -29.83 35.15 35.91
CA ILE C 83 -30.59 33.91 35.94
C ILE C 83 -30.77 33.42 37.38
N LEU C 84 -29.71 33.51 38.19
CA LEU C 84 -29.81 33.08 39.58
C LEU C 84 -30.83 33.91 40.34
N GLN C 85 -30.86 35.22 40.11
CA GLN C 85 -31.87 36.07 40.72
C GLN C 85 -33.26 35.69 40.23
N LEU C 86 -33.40 35.40 38.94
CA LEU C 86 -34.70 35.01 38.39
C LEU C 86 -35.20 33.71 39.02
N ASP C 87 -34.30 32.74 39.22
CA ASP C 87 -34.67 31.45 39.79
C ASP C 87 -33.47 30.91 40.55
N PRO C 88 -33.46 31.01 41.89
CA PRO C 88 -32.36 30.43 42.66
C PRO C 88 -32.24 28.93 42.54
N THR C 89 -33.33 28.24 42.16
CA THR C 89 -33.28 26.80 41.97
C THR C 89 -32.36 26.42 40.82
N TYR C 90 -32.10 27.34 39.89
CA TYR C 90 -31.17 27.06 38.80
C TYR C 90 -29.77 26.75 39.31
N GLN C 91 -29.37 27.36 40.43
CA GLN C 91 -28.11 27.04 41.06
C GLN C 91 -28.16 25.62 41.64
N ARG C 92 -26.97 25.06 41.88
CA ARG C 92 -26.76 23.71 42.40
C ARG C 92 -27.06 22.67 41.32
N ASP C 93 -27.59 23.12 40.19
CA ASP C 93 -27.79 22.29 39.01
C ASP C 93 -26.88 22.67 37.86
N ILE C 94 -26.61 23.96 37.68
CA ILE C 94 -25.70 24.46 36.66
C ILE C 94 -24.67 25.35 37.35
N GLU C 95 -23.39 24.95 37.26
CA GLU C 95 -22.35 25.73 37.92
C GLU C 95 -22.11 27.06 37.23
N LYS C 96 -22.10 27.07 35.90
CA LYS C 96 -21.85 28.29 35.14
C LYS C 96 -22.50 28.15 33.77
N VAL C 97 -22.74 29.30 33.14
CA VAL C 97 -23.39 29.35 31.84
C VAL C 97 -22.38 29.83 30.80
N HIS C 98 -22.73 29.66 29.53
CA HIS C 98 -21.90 30.04 28.41
C HIS C 98 -22.65 31.00 27.50
N VAL C 99 -21.94 32.03 27.02
CA VAL C 99 -22.49 32.99 26.07
C VAL C 99 -21.80 32.74 24.74
N ARG C 100 -22.59 32.37 23.74
CA ARG C 100 -22.09 32.06 22.40
C ARG C 100 -22.58 33.11 21.42
N ILE C 101 -21.64 33.71 20.69
CA ILE C 101 -21.94 34.78 19.75
C ILE C 101 -22.00 34.20 18.34
N VAL C 102 -23.03 34.56 17.59
CA VAL C 102 -23.28 34.03 16.25
C VAL C 102 -23.47 35.19 15.29
N GLY C 103 -22.80 35.14 14.15
CA GLY C 103 -22.94 36.17 13.14
C GLY C 103 -21.75 37.10 13.04
N ILE C 104 -20.56 36.54 13.21
CA ILE C 104 -19.34 37.36 13.16
C ILE C 104 -19.11 37.84 11.74
N PRO C 105 -18.92 39.14 11.51
CA PRO C 105 -18.64 39.62 10.15
C PRO C 105 -17.31 39.15 9.59
N ARG C 106 -16.38 38.69 10.44
CA ARG C 106 -15.06 38.26 10.00
C ARG C 106 -15.14 36.80 9.58
N VAL C 107 -15.16 36.55 8.28
CA VAL C 107 -15.19 35.21 7.73
C VAL C 107 -13.95 35.03 6.84
N ILE C 108 -13.21 33.97 7.08
CA ILE C 108 -11.96 33.70 6.38
C ILE C 108 -12.01 32.28 5.83
N GLU C 109 -11.58 32.12 4.58
CA GLU C 109 -11.52 30.80 3.98
C GLU C 109 -10.48 29.93 4.67
N LEU C 110 -10.69 28.62 4.61
CA LEU C 110 -9.78 27.69 5.28
C LEU C 110 -8.37 27.77 4.71
N ARG C 111 -8.25 27.92 3.39
CA ARG C 111 -6.95 27.92 2.74
C ARG C 111 -6.20 29.24 2.88
N LYS C 112 -6.87 30.31 3.30
CA LYS C 112 -6.27 31.64 3.38
C LYS C 112 -6.04 32.09 4.82
N ILE C 113 -5.78 31.14 5.73
CA ILE C 113 -5.49 31.46 7.12
C ILE C 113 -4.00 31.70 7.26
N ARG C 114 -3.64 32.84 7.85
CA ARG C 114 -2.25 33.24 8.00
C ARG C 114 -1.94 33.51 9.48
N SER C 115 -0.71 33.95 9.75
CA SER C 115 -0.27 34.18 11.11
C SER C 115 -1.03 35.33 11.78
N THR C 116 -1.45 36.32 10.99
CA THR C 116 -2.14 37.48 11.56
C THR C 116 -3.53 37.15 12.08
N ASP C 117 -4.07 35.98 11.76
CA ASP C 117 -5.40 35.58 12.20
C ASP C 117 -5.39 34.79 13.49
N ILE C 118 -4.21 34.50 14.04
CA ILE C 118 -4.12 33.71 15.27
C ILE C 118 -4.38 34.63 16.46
N GLY C 119 -5.29 34.21 17.33
CA GLY C 119 -5.66 35.00 18.49
C GLY C 119 -6.84 35.91 18.30
N LYS C 120 -7.60 35.75 17.22
CA LYS C 120 -8.76 36.59 16.94
C LYS C 120 -9.98 35.71 16.70
N LEU C 121 -11.16 36.27 16.98
CA LEU C 121 -12.41 35.56 16.78
C LEU C 121 -12.77 35.60 15.30
N ILE C 122 -12.77 34.44 14.65
CA ILE C 122 -13.03 34.33 13.22
C ILE C 122 -14.04 33.20 13.00
N THR C 123 -14.60 33.19 11.79
CA THR C 123 -15.62 32.22 11.40
C THR C 123 -15.19 31.50 10.14
N ILE C 124 -15.27 30.18 10.17
CA ILE C 124 -14.94 29.33 9.03
C ILE C 124 -16.12 28.42 8.74
N ASP C 125 -16.51 28.34 7.46
CA ASP C 125 -17.61 27.49 7.04
C ASP C 125 -17.04 26.35 6.21
N GLY C 126 -17.34 25.12 6.59
CA GLY C 126 -16.80 23.96 5.92
C GLY C 126 -17.69 22.75 6.07
N ILE C 127 -17.09 21.58 5.87
CA ILE C 127 -17.79 20.30 5.91
C ILE C 127 -17.15 19.44 6.99
N LEU C 128 -17.97 18.90 7.88
CA LEU C 128 -17.47 18.00 8.91
C LEU C 128 -17.10 16.65 8.31
N VAL C 129 -16.02 16.07 8.81
CA VAL C 129 -15.51 14.81 8.27
C VAL C 129 -15.46 13.74 9.34
N LYS C 130 -14.68 13.99 10.41
CA LYS C 130 -14.44 12.99 11.44
C LYS C 130 -14.83 13.54 12.81
N VAL C 131 -15.43 12.68 13.63
CA VAL C 131 -15.80 13.03 15.00
C VAL C 131 -15.26 11.92 15.92
N THR C 132 -14.52 12.32 16.93
CA THR C 132 -13.98 11.39 17.92
C THR C 132 -14.98 11.19 19.06
N PRO C 133 -14.89 10.07 19.77
CA PRO C 133 -15.75 9.89 20.94
C PRO C 133 -15.45 10.93 22.02
N VAL C 134 -16.49 11.25 22.79
CA VAL C 134 -16.35 12.28 23.82
C VAL C 134 -15.42 11.79 24.91
N LYS C 135 -14.46 12.63 25.31
CA LYS C 135 -13.50 12.33 26.34
C LYS C 135 -13.53 13.43 27.39
N GLU C 136 -12.64 13.32 28.37
CA GLU C 136 -12.58 14.26 29.48
C GLU C 136 -11.21 14.92 29.54
N ARG C 137 -11.20 16.22 29.86
CA ARG C 137 -9.98 17.00 29.97
C ARG C 137 -9.87 17.58 31.36
N ILE C 138 -8.68 17.50 31.94
CA ILE C 138 -8.42 18.05 33.27
C ILE C 138 -8.11 19.54 33.13
N TYR C 139 -8.88 20.37 33.82
CA TYR C 139 -8.60 21.80 33.88
C TYR C 139 -8.21 22.29 35.26
N LYS C 140 -8.31 21.43 36.29
CA LYS C 140 -7.82 21.77 37.62
C LYS C 140 -7.52 20.45 38.33
N ALA C 141 -6.24 20.10 38.38
CA ALA C 141 -5.83 18.84 38.97
C ALA C 141 -5.74 18.94 40.48
N THR C 142 -5.57 17.79 41.13
CA THR C 142 -5.41 17.73 42.58
C THR C 142 -4.40 16.61 42.86
N TYR C 143 -3.16 17.00 43.17
CA TYR C 143 -2.08 16.06 43.41
C TYR C 143 -1.95 15.78 44.91
N LYS C 144 -0.99 14.92 45.25
CA LYS C 144 -0.70 14.60 46.65
C LYS C 144 0.77 14.26 46.75
N HIS C 145 1.53 15.09 47.45
CA HIS C 145 2.94 14.84 47.66
C HIS C 145 3.15 13.74 48.68
N ILE C 146 3.20 12.48 48.23
CA ILE C 146 3.46 11.37 49.14
C ILE C 146 4.95 11.30 49.43
N HIS C 147 5.28 11.29 50.72
CA HIS C 147 6.63 11.31 51.27
C HIS C 147 6.48 11.16 52.78
N PRO C 148 7.35 10.37 53.42
CA PRO C 148 7.12 10.01 54.83
C PRO C 148 6.73 11.15 55.77
N ASP C 149 6.92 12.40 55.34
CA ASP C 149 6.64 13.56 56.18
C ASP C 149 5.50 14.44 55.70
N CYS C 150 5.04 14.31 54.45
CA CYS C 150 4.15 15.32 53.87
C CYS C 150 2.67 14.99 54.07
N MET C 151 2.19 13.91 53.44
CA MET C 151 0.75 13.60 53.40
C MET C 151 -0.09 14.84 53.17
N GLN C 152 0.23 15.58 52.11
CA GLN C 152 -0.46 16.81 51.77
C GLN C 152 -0.99 16.74 50.34
N GLU C 153 -2.22 17.19 50.15
CA GLU C 153 -2.84 17.30 48.84
C GLU C 153 -3.10 18.76 48.52
N PHE C 154 -3.13 19.07 47.23
CA PHE C 154 -3.28 20.46 46.80
C PHE C 154 -3.73 20.49 45.35
N GLU C 155 -4.38 21.59 44.98
CA GLU C 155 -4.68 21.88 43.59
C GLU C 155 -3.44 22.48 42.94
N TRP C 156 -2.85 21.77 41.98
CA TRP C 156 -1.54 22.18 41.48
C TRP C 156 -1.59 23.53 40.77
N PRO C 157 -2.40 23.73 39.71
CA PRO C 157 -2.38 25.05 39.06
C PRO C 157 -3.05 26.10 39.92
N GLU C 158 -2.24 26.97 40.53
CA GLU C 158 -2.75 27.97 41.47
C GLU C 158 -3.13 29.24 40.70
N ASP C 159 -4.38 29.68 40.89
CA ASP C 159 -4.88 30.91 40.30
C ASP C 159 -4.74 30.91 38.78
N GLU C 160 -4.86 29.74 38.16
CA GLU C 160 -4.70 29.62 36.72
C GLU C 160 -5.30 28.29 36.27
N GLU C 161 -5.95 28.31 35.11
CA GLU C 161 -6.47 27.08 34.53
C GLU C 161 -5.32 26.17 34.10
N MET C 162 -5.55 24.87 34.18
CA MET C 162 -4.52 23.92 33.81
C MET C 162 -4.24 24.00 32.32
N PRO C 163 -2.98 24.10 31.90
CA PRO C 163 -2.68 24.25 30.48
C PRO C 163 -2.98 22.98 29.70
N GLU C 164 -2.92 23.10 28.37
CA GLU C 164 -3.16 21.97 27.50
C GLU C 164 -2.11 20.87 27.70
N VAL C 165 -0.92 21.25 28.15
CA VAL C 165 0.15 20.30 28.40
C VAL C 165 0.06 19.82 29.84
N LEU C 166 0.02 18.50 30.02
CA LEU C 166 -0.05 17.92 31.36
C LEU C 166 1.29 18.16 32.08
N GLU C 167 1.29 19.10 33.02
CA GLU C 167 2.48 19.44 33.77
C GLU C 167 2.30 19.03 35.23
N MET C 168 3.40 18.58 35.84
CA MET C 168 3.38 18.06 37.20
C MET C 168 4.22 18.96 38.11
N PRO C 169 3.77 19.21 39.33
CA PRO C 169 4.57 20.04 40.25
C PRO C 169 5.91 19.40 40.55
N THR C 170 6.90 20.26 40.78
CA THR C 170 8.24 19.84 41.16
C THR C 170 8.50 20.02 42.66
N ILE C 171 8.07 21.15 43.22
CA ILE C 171 8.26 21.46 44.64
C ILE C 171 6.89 21.49 45.29
N CYS C 172 6.73 20.74 46.37
CA CYS C 172 5.46 20.70 47.08
C CYS C 172 5.19 22.05 47.74
N PRO C 173 4.08 22.72 47.41
CA PRO C 173 3.80 24.02 48.05
C PRO C 173 3.63 23.92 49.56
N LYS C 174 3.12 22.80 50.07
CA LYS C 174 2.84 22.68 51.49
C LYS C 174 4.09 22.48 52.33
N CYS C 175 5.19 21.99 51.74
CA CYS C 175 6.41 21.75 52.48
C CYS C 175 7.66 22.29 51.81
N GLY C 176 7.55 22.80 50.58
CA GLY C 176 8.72 23.33 49.90
C GLY C 176 9.81 22.32 49.65
N LYS C 177 9.44 21.09 49.30
CA LYS C 177 10.41 20.02 49.12
C LYS C 177 10.11 19.28 47.82
N PRO C 178 11.13 18.72 47.19
CA PRO C 178 10.92 17.93 45.96
C PRO C 178 10.39 16.55 46.29
N GLY C 179 10.23 15.74 45.25
CA GLY C 179 9.74 14.38 45.37
C GLY C 179 8.84 14.03 44.22
N GLN C 180 8.05 12.98 44.41
CA GLN C 180 7.09 12.52 43.41
C GLN C 180 5.68 12.64 43.95
N PHE C 181 4.74 12.96 43.06
CA PHE C 181 3.38 13.30 43.42
C PHE C 181 2.40 12.33 42.78
N ARG C 182 1.26 12.14 43.43
CA ARG C 182 0.23 11.23 42.96
C ARG C 182 -1.05 12.01 42.70
N LEU C 183 -1.63 11.82 41.52
CA LEU C 183 -2.88 12.49 41.17
C LEU C 183 -4.06 11.87 41.93
N ILE C 184 -5.02 12.72 42.25
CA ILE C 184 -6.24 12.27 42.94
C ILE C 184 -7.43 12.46 42.01
N PRO C 185 -7.89 11.41 41.33
CA PRO C 185 -9.02 11.58 40.39
C PRO C 185 -10.30 12.04 41.06
N GLU C 186 -10.53 11.66 42.32
CA GLU C 186 -11.79 11.99 42.98
C GLU C 186 -11.96 13.51 43.13
N LYS C 187 -10.90 14.21 43.49
CA LYS C 187 -10.96 15.65 43.68
C LYS C 187 -10.60 16.44 42.43
N THR C 188 -10.28 15.76 41.34
CA THR C 188 -9.92 16.44 40.10
C THR C 188 -11.19 16.93 39.38
N LYS C 189 -11.10 18.13 38.81
CA LYS C 189 -12.19 18.72 38.05
C LYS C 189 -11.97 18.45 36.56
N LEU C 190 -13.03 18.03 35.88
CA LEU C 190 -12.95 17.62 34.49
C LEU C 190 -13.96 18.38 33.66
N ILE C 191 -13.70 18.44 32.35
CA ILE C 191 -14.58 19.08 31.39
C ILE C 191 -14.66 18.20 30.15
N ASP C 192 -15.83 18.17 29.52
CA ASP C 192 -16.02 17.36 28.32
C ASP C 192 -15.14 17.86 27.19
N TRP C 193 -14.65 16.92 26.39
CA TRP C 193 -13.68 17.23 25.35
C TRP C 193 -13.93 16.34 24.14
N GLN C 194 -13.95 16.94 22.96
CA GLN C 194 -14.15 16.20 21.72
C GLN C 194 -13.32 16.84 20.60
N LYS C 195 -12.82 16.01 19.71
CA LYS C 195 -11.99 16.45 18.59
C LYS C 195 -12.72 16.15 17.28
N ALA C 196 -12.76 17.15 16.40
CA ALA C 196 -13.42 17.00 15.11
C ALA C 196 -12.53 17.59 14.01
N VAL C 197 -12.74 17.13 12.80
CA VAL C 197 -11.98 17.56 11.63
C VAL C 197 -12.94 18.18 10.63
N ILE C 198 -12.62 19.38 10.17
CA ILE C 198 -13.45 20.10 9.21
C ILE C 198 -12.68 20.21 7.90
N GLN C 199 -13.43 20.26 6.79
CA GLN C 199 -12.86 20.31 5.46
C GLN C 199 -13.48 21.44 4.67
N GLU C 200 -12.69 22.05 3.79
CA GLU C 200 -13.19 23.13 2.95
C GLU C 200 -14.17 22.61 1.91
N ARG C 201 -15.13 23.45 1.54
CA ARG C 201 -16.16 23.06 0.60
C ARG C 201 -15.55 22.83 -0.79
N PRO C 202 -16.13 21.90 -1.56
CA PRO C 202 -15.59 21.64 -2.90
C PRO C 202 -15.68 22.82 -3.85
N GLU C 203 -16.55 23.79 -3.58
CA GLU C 203 -16.73 24.93 -4.46
C GLU C 203 -15.69 26.03 -4.24
N GLU C 204 -14.80 25.87 -3.25
CA GLU C 204 -13.75 26.85 -3.00
C GLU C 204 -12.36 26.26 -3.11
N VAL C 205 -12.22 24.99 -3.49
CA VAL C 205 -10.91 24.39 -3.67
C VAL C 205 -10.30 24.90 -4.97
N PRO C 206 -9.05 25.35 -4.96
CA PRO C 206 -8.42 25.80 -6.21
C PRO C 206 -8.24 24.65 -7.19
N SER C 207 -8.17 25.02 -8.47
CA SER C 207 -8.09 24.03 -9.53
C SER C 207 -6.84 23.18 -9.41
N GLY C 208 -7.00 21.88 -9.58
CA GLY C 208 -5.88 20.97 -9.58
C GLY C 208 -5.26 20.71 -8.22
N GLN C 209 -5.99 20.95 -7.13
CA GLN C 209 -5.47 20.78 -5.79
C GLN C 209 -6.47 19.99 -4.95
N LEU C 210 -5.94 19.22 -4.00
CA LEU C 210 -6.79 18.49 -3.07
C LEU C 210 -7.27 19.41 -1.95
N PRO C 211 -8.44 19.13 -1.38
CA PRO C 211 -8.95 19.99 -0.30
C PRO C 211 -8.10 19.89 0.95
N ARG C 212 -8.06 20.99 1.70
CA ARG C 212 -7.33 21.06 2.96
C ARG C 212 -8.24 20.72 4.12
N GLN C 213 -7.62 20.48 5.27
CA GLN C 213 -8.35 20.10 6.48
C GLN C 213 -7.88 20.95 7.65
N LEU C 214 -8.78 21.16 8.60
CA LEU C 214 -8.48 21.91 9.82
C LEU C 214 -9.04 21.15 11.02
N GLU C 215 -8.31 21.19 12.13
CA GLU C 215 -8.70 20.51 13.35
C GLU C 215 -9.41 21.47 14.28
N ILE C 216 -10.54 21.05 14.81
CA ILE C 216 -11.34 21.85 15.73
C ILE C 216 -11.59 21.05 17.00
N ILE C 217 -11.79 21.77 18.10
CA ILE C 217 -12.00 21.16 19.41
C ILE C 217 -13.32 21.66 19.98
N LEU C 218 -14.17 20.73 20.39
CA LEU C 218 -15.45 21.04 21.00
C LEU C 218 -15.43 20.62 22.46
N GLU C 219 -15.92 21.48 23.34
CA GLU C 219 -15.88 21.25 24.77
C GLU C 219 -17.23 21.59 25.39
N ASP C 220 -17.48 20.98 26.55
CA ASP C 220 -18.69 21.22 27.36
C ASP C 220 -19.91 20.81 26.53
N ASP C 221 -20.96 21.63 26.46
CA ASP C 221 -22.19 21.24 25.78
C ASP C 221 -22.04 21.21 24.27
N LEU C 222 -20.92 21.71 23.72
CA LEU C 222 -20.73 21.71 22.27
C LEU C 222 -20.45 20.33 21.72
N VAL C 223 -20.23 19.32 22.56
CA VAL C 223 -19.91 17.98 22.08
C VAL C 223 -21.15 17.37 21.43
N ASP C 224 -20.90 16.54 20.40
CA ASP C 224 -21.96 15.82 19.68
C ASP C 224 -23.03 16.77 19.14
N SER C 225 -22.59 17.91 18.61
CA SER C 225 -23.51 18.88 18.03
C SER C 225 -23.74 18.65 16.54
N ALA C 226 -22.99 17.75 15.91
CA ALA C 226 -23.15 17.50 14.49
C ALA C 226 -22.63 16.11 14.16
N ARG C 227 -23.03 15.61 13.00
CA ARG C 227 -22.61 14.32 12.49
C ARG C 227 -21.75 14.50 11.24
N PRO C 228 -20.92 13.51 10.92
CA PRO C 228 -20.06 13.63 9.74
C PRO C 228 -20.86 13.83 8.46
N GLY C 229 -20.31 14.64 7.57
CA GLY C 229 -20.98 15.00 6.33
C GLY C 229 -21.83 16.25 6.40
N ASP C 230 -21.95 16.87 7.58
CA ASP C 230 -22.76 18.07 7.72
C ASP C 230 -21.99 19.31 7.32
N ARG C 231 -22.70 20.28 6.77
CA ARG C 231 -22.15 21.60 6.48
C ARG C 231 -22.32 22.48 7.72
N VAL C 232 -21.21 23.00 8.24
CA VAL C 232 -21.21 23.70 9.52
C VAL C 232 -20.52 25.04 9.38
N LYS C 233 -20.84 25.93 10.32
CA LYS C 233 -20.20 27.23 10.45
C LYS C 233 -19.73 27.37 11.88
N VAL C 234 -18.41 27.44 12.08
CA VAL C 234 -17.81 27.43 13.41
C VAL C 234 -17.13 28.77 13.66
N THR C 235 -17.29 29.28 14.88
CA THR C 235 -16.66 30.53 15.31
C THR C 235 -15.82 30.25 16.54
N GLY C 236 -14.60 30.76 16.55
CA GLY C 236 -13.73 30.55 17.69
C GLY C 236 -12.38 31.21 17.50
N ILE C 237 -11.42 30.77 18.31
CA ILE C 237 -10.08 31.36 18.34
C ILE C 237 -9.09 30.31 17.85
N LEU C 238 -8.23 30.69 16.91
CA LEU C 238 -7.19 29.80 16.41
C LEU C 238 -6.01 29.75 17.37
N ASP C 239 -5.32 28.62 17.38
CA ASP C 239 -4.17 28.44 18.25
C ASP C 239 -3.28 27.36 17.66
N ILE C 240 -2.02 27.35 18.10
CA ILE C 240 -1.05 26.36 17.63
C ILE C 240 -1.20 25.08 18.44
N LYS C 241 -0.83 23.96 17.84
CA LYS C 241 -1.01 22.64 18.41
C LYS C 241 0.33 22.09 18.88
N GLN C 242 0.36 21.60 20.11
CA GLN C 242 1.55 20.98 20.69
C GLN C 242 1.26 19.50 20.94
N ASP C 243 2.12 18.63 20.42
CA ASP C 243 1.91 17.19 20.52
C ASP C 243 2.99 16.52 21.38
N SER C 244 4.26 16.68 21.05
CA SER C 244 5.36 16.04 21.76
C SER C 244 6.44 17.07 22.04
N PRO C 245 6.23 17.96 23.01
CA PRO C 245 7.24 18.98 23.34
C PRO C 245 8.30 18.52 24.33
N VAL C 246 8.20 17.30 24.87
CA VAL C 246 9.16 16.85 25.86
C VAL C 246 10.53 16.62 25.22
N LYS C 247 10.56 15.96 24.05
CA LYS C 247 11.79 15.62 23.38
C LYS C 247 12.13 16.66 22.32
N ARG C 248 13.40 17.04 22.26
CA ARG C 248 13.88 18.01 21.28
C ARG C 248 14.07 17.32 19.93
N GLY C 249 14.77 17.99 19.01
CA GLY C 249 14.83 17.52 17.65
C GLY C 249 14.26 18.51 16.67
N SER C 250 14.43 19.79 16.97
CA SER C 250 13.95 20.90 16.14
C SER C 250 12.43 20.96 16.13
N ARG C 251 11.83 20.55 15.01
CA ARG C 251 10.38 20.52 14.80
C ARG C 251 9.71 21.80 15.32
N ALA C 252 10.39 22.94 15.16
CA ALA C 252 9.86 24.23 15.61
C ALA C 252 8.68 24.71 14.79
N VAL C 253 8.19 23.89 13.87
CA VAL C 253 7.03 24.21 13.05
C VAL C 253 5.81 23.53 13.66
N PHE C 254 4.74 24.28 13.86
CA PHE C 254 3.54 23.80 14.53
C PHE C 254 2.33 23.94 13.63
N ASP C 255 1.41 22.99 13.76
CA ASP C 255 0.11 23.10 13.11
C ASP C 255 -0.81 23.99 13.93
N ILE C 256 -1.98 24.30 13.37
CA ILE C 256 -2.96 25.18 13.99
C ILE C 256 -4.26 24.43 14.17
N TYR C 257 -4.92 24.66 15.30
CA TYR C 257 -6.23 24.12 15.58
C TYR C 257 -7.15 25.24 16.03
N MET C 258 -8.44 24.93 16.17
CA MET C 258 -9.46 25.92 16.48
C MET C 258 -10.19 25.54 17.75
N LYS C 259 -10.39 26.51 18.62
CA LYS C 259 -11.20 26.34 19.84
C LYS C 259 -12.59 26.87 19.52
N VAL C 260 -13.55 25.96 19.31
CA VAL C 260 -14.88 26.35 18.87
C VAL C 260 -15.62 27.03 20.00
N SER C 261 -16.21 28.19 19.70
CA SER C 261 -17.07 28.90 20.63
C SER C 261 -18.55 28.78 20.30
N SER C 262 -18.90 28.70 19.02
CA SER C 262 -20.27 28.52 18.59
C SER C 262 -20.27 27.80 17.24
N ILE C 263 -21.27 26.96 17.04
CA ILE C 263 -21.36 26.14 15.83
C ILE C 263 -22.79 26.15 15.32
N GLU C 264 -22.94 26.28 14.01
CA GLU C 264 -24.24 26.21 13.35
C GLU C 264 -24.24 25.08 12.33
N VAL C 265 -25.41 24.55 12.06
CA VAL C 265 -25.60 23.46 11.10
C VAL C 265 -26.44 23.97 9.95
N SER C 266 -25.98 23.71 8.73
CA SER C 266 -26.66 24.14 7.51
C SER C 266 -26.84 25.65 7.48
N SER C 273 -36.98 28.10 11.23
CA SER C 273 -37.43 29.31 11.93
C SER C 273 -38.93 29.51 11.76
N GLU C 274 -39.49 30.43 12.55
CA GLU C 274 -40.92 30.69 12.48
C GLU C 274 -41.32 31.28 11.12
N GLU C 275 -40.51 32.20 10.59
CA GLU C 275 -40.83 32.82 9.31
C GLU C 275 -40.81 31.80 8.18
N ASP C 276 -39.84 30.87 8.20
CA ASP C 276 -39.78 29.85 7.16
C ASP C 276 -41.00 28.93 7.20
N GLU C 277 -41.44 28.55 8.40
CA GLU C 277 -42.62 27.70 8.51
C GLU C 277 -43.86 28.41 7.98
N LYS C 278 -43.97 29.72 8.22
CA LYS C 278 -45.08 30.48 7.66
C LYS C 278 -45.05 30.48 6.14
N LYS C 279 -43.85 30.63 5.55
CA LYS C 279 -43.72 30.59 4.10
C LYS C 279 -44.11 29.23 3.55
N ILE C 280 -43.70 28.16 4.23
CA ILE C 280 -44.03 26.80 3.78
C ILE C 280 -45.54 26.57 3.86
N LYS C 281 -46.17 27.05 4.94
CA LYS C 281 -47.59 26.78 5.16
C LYS C 281 -48.46 27.35 4.04
N ASP C 282 -48.17 28.58 3.61
CA ASP C 282 -48.99 29.19 2.56
C ASP C 282 -48.76 28.54 1.21
N LEU C 283 -47.57 27.95 1.00
CA LEU C 283 -47.30 27.30 -0.28
C LEU C 283 -48.24 26.11 -0.51
N ALA C 284 -48.49 25.32 0.53
CA ALA C 284 -49.35 24.16 0.40
C ALA C 284 -50.82 24.53 0.26
N LYS C 285 -51.18 25.79 0.49
CA LYS C 285 -52.57 26.20 0.35
C LYS C 285 -53.04 26.17 -1.10
N ASP C 286 -52.12 26.33 -2.04
CA ASP C 286 -52.49 26.31 -3.45
C ASP C 286 -52.89 24.90 -3.86
N PRO C 287 -54.06 24.72 -4.48
CA PRO C 287 -54.47 23.36 -4.89
C PRO C 287 -53.55 22.73 -5.91
N TRP C 288 -52.81 23.52 -6.69
CA TRP C 288 -51.89 23.01 -7.69
C TRP C 288 -50.45 22.98 -7.17
N ILE C 289 -50.26 22.75 -5.87
CA ILE C 289 -48.92 22.71 -5.30
C ILE C 289 -48.14 21.54 -5.86
N ARG C 290 -48.81 20.41 -6.12
CA ARG C 290 -48.12 19.25 -6.66
C ARG C 290 -47.52 19.54 -8.02
N ASP C 291 -48.27 20.23 -8.89
CA ASP C 291 -47.75 20.56 -10.21
C ASP C 291 -46.59 21.55 -10.12
N ARG C 292 -46.68 22.51 -9.19
CA ARG C 292 -45.61 23.49 -9.02
C ARG C 292 -44.30 22.81 -8.60
N ILE C 293 -44.39 21.86 -7.67
CA ILE C 293 -43.20 21.15 -7.22
C ILE C 293 -42.59 20.34 -8.35
N ILE C 294 -43.43 19.63 -9.12
CA ILE C 294 -42.92 18.81 -10.22
C ILE C 294 -42.25 19.67 -11.27
N SER C 295 -42.87 20.80 -11.62
CA SER C 295 -42.28 21.69 -12.62
C SER C 295 -40.99 22.35 -12.14
N SER C 296 -40.74 22.35 -10.84
CA SER C 296 -39.54 22.96 -10.28
C SER C 296 -38.37 21.99 -10.17
N ILE C 297 -38.54 20.74 -10.60
CA ILE C 297 -37.48 19.75 -10.54
C ILE C 297 -36.69 19.82 -11.84
N ALA C 298 -35.40 20.12 -11.73
CA ALA C 298 -34.49 20.27 -12.87
C ALA C 298 -35.08 21.22 -13.90
N PRO C 299 -35.14 22.52 -13.61
CA PRO C 299 -35.73 23.46 -14.59
C PRO C 299 -34.95 23.56 -15.88
N SER C 300 -33.69 23.15 -15.90
CA SER C 300 -32.86 23.27 -17.09
C SER C 300 -33.02 22.08 -18.05
N ILE C 301 -33.87 21.12 -17.71
CA ILE C 301 -34.10 19.94 -18.54
C ILE C 301 -35.46 20.06 -19.19
N TYR C 302 -35.51 19.86 -20.51
CA TYR C 302 -36.75 19.95 -21.26
C TYR C 302 -37.43 18.60 -21.31
N GLY C 303 -38.74 18.58 -21.07
CA GLY C 303 -39.49 17.34 -21.13
C GLY C 303 -39.22 16.45 -19.93
N HIS C 304 -39.39 15.14 -20.14
CA HIS C 304 -39.20 14.12 -19.11
C HIS C 304 -40.08 14.40 -17.90
N TRP C 305 -41.35 14.69 -18.16
CA TRP C 305 -42.28 15.01 -17.09
C TRP C 305 -42.51 13.81 -16.17
N GLU C 306 -42.61 12.61 -16.75
CA GLU C 306 -42.83 11.42 -15.93
C GLU C 306 -41.64 11.14 -15.02
N LEU C 307 -40.42 11.36 -15.52
CA LEU C 307 -39.23 11.21 -14.68
C LEU C 307 -39.18 12.28 -13.60
N LYS C 308 -39.57 13.51 -13.94
CA LYS C 308 -39.58 14.58 -12.96
C LYS C 308 -40.55 14.28 -11.82
N GLU C 309 -41.72 13.74 -12.16
CA GLU C 309 -42.69 13.37 -11.13
C GLU C 309 -42.16 12.24 -10.25
N ALA C 310 -41.51 11.26 -10.86
CA ALA C 310 -40.96 10.13 -10.10
C ALA C 310 -39.86 10.59 -9.15
N LEU C 311 -38.99 11.49 -9.63
CA LEU C 311 -37.91 11.99 -8.77
C LEU C 311 -38.45 12.78 -7.60
N ALA C 312 -39.53 13.52 -7.79
CA ALA C 312 -40.12 14.28 -6.69
C ALA C 312 -40.65 13.35 -5.60
N LEU C 313 -41.24 12.22 -6.00
CA LEU C 313 -41.78 11.27 -5.02
C LEU C 313 -40.67 10.70 -4.14
N ALA C 314 -39.53 10.36 -4.74
CA ALA C 314 -38.42 9.81 -3.96
C ALA C 314 -37.85 10.82 -2.97
N LEU C 315 -37.97 12.11 -3.28
CA LEU C 315 -37.50 13.13 -2.36
C LEU C 315 -38.30 13.12 -1.06
N PHE C 316 -39.61 12.93 -1.16
CA PHE C 316 -40.49 12.92 0.00
C PHE C 316 -40.56 11.54 0.64
N GLY C 317 -40.80 10.51 -0.15
CA GLY C 317 -40.84 9.15 0.35
C GLY C 317 -42.14 8.82 1.04
N GLY C 318 -42.23 7.58 1.51
CA GLY C 318 -43.38 7.09 2.23
C GLY C 318 -43.22 7.22 3.73
N VAL C 319 -44.08 6.49 4.44
CA VAL C 319 -44.09 6.47 5.90
C VAL C 319 -43.54 5.13 6.37
N PRO C 320 -42.36 5.09 6.97
CA PRO C 320 -41.87 3.82 7.52
C PRO C 320 -42.74 3.35 8.67
N LYS C 321 -42.92 2.03 8.75
CA LYS C 321 -43.74 1.40 9.78
C LYS C 321 -42.85 0.56 10.67
N VAL C 322 -42.92 0.82 11.98
CA VAL C 322 -42.17 0.06 12.97
C VAL C 322 -43.17 -0.65 13.87
N LEU C 323 -43.14 -1.98 13.83
CA LEU C 323 -44.04 -2.80 14.63
C LEU C 323 -43.26 -3.51 15.73
N GLU C 324 -44.01 -4.23 16.57
CA GLU C 324 -43.40 -4.91 17.70
C GLU C 324 -42.52 -6.09 17.28
N ASP C 325 -42.72 -6.62 16.07
CA ASP C 325 -41.97 -7.78 15.61
C ASP C 325 -41.12 -7.53 14.38
N THR C 326 -41.43 -6.51 13.58
CA THR C 326 -40.68 -6.23 12.36
C THR C 326 -40.95 -4.79 11.95
N ARG C 327 -40.13 -4.31 11.02
CA ARG C 327 -40.29 -2.97 10.47
C ARG C 327 -40.37 -3.04 8.96
N ILE C 328 -41.10 -2.10 8.37
CA ILE C 328 -41.29 -2.02 6.94
C ILE C 328 -40.71 -0.69 6.45
N ARG C 329 -39.90 -0.75 5.41
CA ARG C 329 -39.24 0.45 4.89
C ARG C 329 -40.26 1.39 4.27
N GLY C 330 -39.93 2.68 4.30
CA GLY C 330 -40.79 3.70 3.73
C GLY C 330 -40.07 4.57 2.72
N ASP C 331 -39.04 4.02 2.09
CA ASP C 331 -38.25 4.73 1.10
C ASP C 331 -38.57 4.20 -0.30
N ILE C 332 -38.48 5.09 -1.29
CA ILE C 332 -38.81 4.78 -2.67
C ILE C 332 -37.52 4.72 -3.47
N HIS C 333 -37.34 3.63 -4.22
CA HIS C 333 -36.17 3.43 -5.05
C HIS C 333 -36.54 3.60 -6.52
N ILE C 334 -35.71 4.34 -7.26
CA ILE C 334 -35.96 4.65 -8.65
C ILE C 334 -34.78 4.19 -9.49
N LEU C 335 -35.07 3.56 -10.62
CA LEU C 335 -34.06 3.11 -11.57
C LEU C 335 -34.38 3.69 -12.94
N ILE C 336 -33.40 4.29 -13.58
CA ILE C 336 -33.56 4.89 -14.90
C ILE C 336 -32.56 4.25 -15.85
N ILE C 337 -33.06 3.73 -16.97
CA ILE C 337 -32.23 3.18 -18.03
C ILE C 337 -32.51 3.96 -19.29
N GLY C 338 -31.45 4.43 -19.95
CA GLY C 338 -31.67 5.25 -21.14
C GLY C 338 -30.45 5.29 -22.03
N ASP C 339 -30.69 5.75 -23.26
CA ASP C 339 -29.63 5.94 -24.23
C ASP C 339 -28.71 7.07 -23.78
N PRO C 340 -27.46 7.06 -24.23
CA PRO C 340 -26.54 8.16 -23.88
C PRO C 340 -27.06 9.51 -24.39
N GLY C 341 -26.82 10.55 -23.61
CA GLY C 341 -27.24 11.89 -23.98
C GLY C 341 -28.66 12.24 -23.62
N THR C 342 -29.37 11.39 -22.87
CA THR C 342 -30.73 11.68 -22.45
C THR C 342 -30.78 12.45 -21.13
N ALA C 343 -29.67 13.06 -20.72
CA ALA C 343 -29.61 13.92 -19.54
C ALA C 343 -29.99 13.19 -18.26
N LYS C 344 -29.66 11.90 -18.17
CA LYS C 344 -29.92 11.17 -16.93
C LYS C 344 -29.08 11.72 -15.79
N SER C 345 -27.81 12.03 -16.06
CA SER C 345 -26.92 12.47 -14.99
C SER C 345 -27.26 13.87 -14.51
N GLN C 346 -27.79 14.72 -15.39
CA GLN C 346 -28.11 16.10 -15.00
C GLN C 346 -29.21 16.13 -13.94
N MET C 347 -30.24 15.30 -14.09
CA MET C 347 -31.28 15.24 -13.07
C MET C 347 -30.72 14.71 -11.75
N LEU C 348 -29.85 13.70 -11.82
CA LEU C 348 -29.26 13.16 -10.59
C LEU C 348 -28.42 14.19 -9.88
N GLN C 349 -27.69 15.02 -10.62
CA GLN C 349 -26.91 16.08 -9.99
C GLN C 349 -27.82 17.10 -9.30
N PHE C 350 -28.95 17.41 -9.91
CA PHE C 350 -29.90 18.33 -9.28
C PHE C 350 -30.48 17.74 -8.00
N ILE C 351 -30.77 16.44 -8.00
CA ILE C 351 -31.34 15.80 -6.82
C ILE C 351 -30.36 15.87 -5.65
N SER C 352 -29.08 15.62 -5.93
CA SER C 352 -28.06 15.67 -4.88
C SER C 352 -27.86 17.08 -4.32
N ARG C 353 -28.35 18.11 -5.01
CA ARG C 353 -28.21 19.48 -4.55
C ARG C 353 -29.44 20.00 -3.83
N VAL C 354 -30.63 19.51 -4.17
CA VAL C 354 -31.85 20.00 -3.54
C VAL C 354 -32.25 19.19 -2.32
N ALA C 355 -31.78 17.95 -2.20
CA ALA C 355 -32.15 17.12 -1.06
C ALA C 355 -31.50 17.67 0.21
N PRO C 356 -32.18 17.62 1.35
CA PRO C 356 -31.56 18.05 2.61
C PRO C 356 -30.30 17.26 2.95
N ARG C 357 -30.25 15.98 2.61
CA ARG C 357 -29.08 15.15 2.86
C ARG C 357 -28.96 14.15 1.73
N ALA C 358 -27.88 14.24 0.95
CA ALA C 358 -27.68 13.36 -0.19
C ALA C 358 -26.21 13.02 -0.34
N VAL C 359 -25.94 11.84 -0.89
CA VAL C 359 -24.59 11.37 -1.18
C VAL C 359 -24.55 10.93 -2.64
N TYR C 360 -23.56 11.41 -3.38
CA TYR C 360 -23.43 11.14 -4.80
C TYR C 360 -22.25 10.19 -5.02
N THR C 361 -22.53 9.05 -5.65
CA THR C 361 -21.52 8.05 -5.97
C THR C 361 -21.68 7.60 -7.41
N THR C 362 -20.66 6.92 -7.93
CA THR C 362 -20.69 6.37 -9.26
C THR C 362 -20.37 4.88 -9.20
N GLY C 363 -20.82 4.16 -10.23
CA GLY C 363 -20.64 2.72 -10.24
C GLY C 363 -19.19 2.30 -10.33
N LYS C 364 -18.41 2.99 -11.17
CA LYS C 364 -17.01 2.63 -11.35
C LYS C 364 -16.13 3.06 -10.18
N GLY C 365 -16.46 4.19 -9.55
CA GLY C 365 -15.63 4.72 -8.49
C GLY C 365 -16.04 4.28 -7.10
N SER C 366 -16.81 3.21 -6.99
CA SER C 366 -17.31 2.72 -5.72
C SER C 366 -16.97 1.24 -5.57
N THR C 367 -16.80 0.82 -4.32
CA THR C 367 -16.54 -0.56 -3.96
C THR C 367 -17.57 -1.01 -2.93
N ALA C 368 -17.63 -2.34 -2.74
CA ALA C 368 -18.57 -2.90 -1.77
C ALA C 368 -18.28 -2.40 -0.36
N ALA C 369 -16.99 -2.37 0.01
CA ALA C 369 -16.62 -1.86 1.33
C ALA C 369 -16.93 -0.39 1.47
N GLY C 370 -16.71 0.40 0.42
CA GLY C 370 -16.94 1.83 0.48
C GLY C 370 -18.40 2.22 0.49
N LEU C 371 -19.27 1.34 0.02
CA LEU C 371 -20.71 1.65 -0.05
C LEU C 371 -21.45 1.34 1.23
N THR C 372 -21.04 0.30 1.97
CA THR C 372 -21.75 -0.13 3.16
C THR C 372 -20.94 0.08 4.43
N ALA C 373 -19.75 -0.52 4.52
CA ALA C 373 -18.93 -0.43 5.72
C ALA C 373 -17.56 -1.01 5.41
N ALA C 374 -16.52 -0.41 5.98
CA ALA C 374 -15.15 -0.85 5.80
C ALA C 374 -14.53 -1.18 7.14
N VAL C 375 -13.84 -2.31 7.22
CA VAL C 375 -13.12 -2.71 8.41
C VAL C 375 -11.66 -2.33 8.22
N VAL C 376 -11.16 -1.43 9.08
CA VAL C 376 -9.81 -0.89 8.96
C VAL C 376 -9.08 -1.13 10.28
N ARG C 377 -7.80 -1.45 10.19
CA ARG C 377 -6.97 -1.71 11.35
C ARG C 377 -6.33 -0.40 11.81
N GLU C 378 -6.60 -0.01 13.05
CA GLU C 378 -5.99 1.19 13.62
C GLU C 378 -4.53 0.90 13.92
N LYS C 379 -3.62 1.54 13.17
CA LYS C 379 -2.19 1.27 13.34
C LYS C 379 -1.69 1.71 14.71
N GLY C 380 -2.34 2.67 15.35
CA GLY C 380 -1.92 3.08 16.68
C GLY C 380 -2.08 1.99 17.72
N THR C 381 -3.18 1.26 17.66
CA THR C 381 -3.48 0.21 18.63
C THR C 381 -3.45 -1.19 18.06
N GLY C 382 -3.56 -1.35 16.74
CA GLY C 382 -3.51 -2.66 16.14
C GLY C 382 -4.81 -3.44 16.14
N GLU C 383 -5.92 -2.81 16.49
CA GLU C 383 -7.22 -3.47 16.52
C GLU C 383 -8.12 -2.93 15.42
N TYR C 384 -8.96 -3.81 14.88
CA TYR C 384 -9.87 -3.43 13.80
C TYR C 384 -11.03 -2.61 14.35
N TYR C 385 -11.58 -1.75 13.49
CA TYR C 385 -12.77 -0.98 13.82
C TYR C 385 -13.50 -0.63 12.53
N LEU C 386 -14.75 -0.23 12.68
CA LEU C 386 -15.64 -0.02 11.54
C LEU C 386 -15.60 1.42 11.07
N GLU C 387 -15.74 1.59 9.75
CA GLU C 387 -15.86 2.90 9.12
C GLU C 387 -17.16 2.95 8.33
N ALA C 388 -17.90 4.04 8.48
CA ALA C 388 -19.20 4.17 7.83
C ALA C 388 -19.04 4.27 6.32
N GLY C 389 -19.89 3.55 5.60
CA GLY C 389 -19.92 3.59 4.16
C GLY C 389 -20.82 4.70 3.64
N ALA C 390 -20.97 4.73 2.30
CA ALA C 390 -21.81 5.75 1.68
C ALA C 390 -23.27 5.61 2.11
N LEU C 391 -23.77 4.37 2.15
CA LEU C 391 -25.17 4.16 2.53
C LEU C 391 -25.40 4.52 4.00
N VAL C 392 -24.45 4.18 4.88
CA VAL C 392 -24.60 4.51 6.28
C VAL C 392 -24.60 6.03 6.50
N LEU C 393 -23.69 6.73 5.82
CA LEU C 393 -23.65 8.18 5.93
C LEU C 393 -24.89 8.84 5.35
N ALA C 394 -25.63 8.15 4.49
CA ALA C 394 -26.83 8.69 3.87
C ALA C 394 -28.10 8.28 4.61
N ASP C 395 -27.97 7.71 5.80
CA ASP C 395 -29.15 7.29 6.56
C ASP C 395 -30.08 8.46 6.80
N GLY C 396 -31.36 8.26 6.51
CA GLY C 396 -32.32 9.33 6.59
C GLY C 396 -32.29 10.30 5.43
N GLY C 397 -31.50 10.02 4.40
CA GLY C 397 -31.36 10.90 3.25
C GLY C 397 -31.58 10.13 1.96
N ILE C 398 -30.79 10.49 0.95
CA ILE C 398 -30.89 9.91 -0.39
C ILE C 398 -29.50 9.53 -0.87
N ALA C 399 -29.37 8.32 -1.40
CA ALA C 399 -28.13 7.85 -2.00
C ALA C 399 -28.29 7.78 -3.50
N VAL C 400 -27.35 8.38 -4.24
CA VAL C 400 -27.38 8.45 -5.68
C VAL C 400 -26.23 7.60 -6.23
N ILE C 401 -26.56 6.65 -7.09
CA ILE C 401 -25.58 5.74 -7.68
C ILE C 401 -25.66 5.88 -9.19
N ASP C 402 -24.81 6.73 -9.77
CA ASP C 402 -24.75 6.87 -11.21
C ASP C 402 -23.98 5.71 -11.83
N GLU C 403 -24.35 5.37 -13.06
CA GLU C 403 -23.73 4.28 -13.81
C GLU C 403 -23.78 2.97 -13.02
N ILE C 404 -25.01 2.57 -12.67
CA ILE C 404 -25.21 1.37 -11.88
C ILE C 404 -24.79 0.11 -12.63
N ASP C 405 -24.82 0.14 -13.96
CA ASP C 405 -24.47 -1.04 -14.75
C ASP C 405 -22.97 -1.21 -14.94
N LYS C 406 -22.16 -0.23 -14.57
CA LYS C 406 -20.72 -0.28 -14.80
C LYS C 406 -19.95 -0.92 -13.65
N MET C 407 -20.60 -1.22 -12.53
CA MET C 407 -19.93 -1.86 -11.41
C MET C 407 -20.02 -3.37 -11.53
N ARG C 408 -19.03 -4.06 -10.98
CA ARG C 408 -19.01 -5.52 -11.02
C ARG C 408 -20.20 -6.09 -10.26
N ASP C 409 -20.74 -7.19 -10.79
CA ASP C 409 -21.91 -7.81 -10.17
C ASP C 409 -21.60 -8.33 -8.78
N GLU C 410 -20.35 -8.73 -8.53
CA GLU C 410 -19.96 -9.16 -7.19
C GLU C 410 -20.05 -8.02 -6.18
N ASP C 411 -19.81 -6.79 -6.61
CA ASP C 411 -19.91 -5.63 -5.74
C ASP C 411 -21.32 -5.06 -5.68
N ARG C 412 -22.06 -5.11 -6.80
CA ARG C 412 -23.42 -4.60 -6.81
C ARG C 412 -24.34 -5.42 -5.92
N VAL C 413 -24.08 -6.72 -5.78
CA VAL C 413 -24.93 -7.58 -4.97
C VAL C 413 -24.81 -7.30 -3.48
N ALA C 414 -23.79 -6.53 -3.07
CA ALA C 414 -23.59 -6.26 -1.65
C ALA C 414 -24.62 -5.29 -1.07
N ILE C 415 -25.42 -4.64 -1.90
CA ILE C 415 -26.39 -3.66 -1.44
C ILE C 415 -27.82 -4.22 -1.45
N HIS C 416 -27.98 -5.53 -1.66
CA HIS C 416 -29.31 -6.12 -1.65
C HIS C 416 -29.97 -5.99 -0.29
N GLU C 417 -29.22 -6.25 0.78
CA GLU C 417 -29.78 -6.16 2.12
C GLU C 417 -30.09 -4.71 2.50
N ALA C 418 -29.19 -3.79 2.17
CA ALA C 418 -29.39 -2.39 2.55
C ALA C 418 -30.56 -1.77 1.78
N MET C 419 -30.83 -2.24 0.56
CA MET C 419 -31.90 -1.64 -0.23
C MET C 419 -33.28 -2.09 0.21
N GLU C 420 -33.40 -3.22 0.91
CA GLU C 420 -34.69 -3.73 1.37
C GLU C 420 -34.81 -3.72 2.88
N GLN C 421 -33.88 -4.38 3.59
CA GLN C 421 -33.91 -4.40 5.04
C GLN C 421 -33.36 -3.14 5.68
N GLN C 422 -32.69 -2.29 4.89
CA GLN C 422 -32.14 -1.02 5.37
C GLN C 422 -31.17 -1.24 6.54
N THR C 423 -30.42 -2.32 6.49
CA THR C 423 -29.41 -2.62 7.49
C THR C 423 -28.18 -3.22 6.80
N VAL C 424 -27.04 -3.08 7.46
CA VAL C 424 -25.79 -3.63 6.96
C VAL C 424 -25.23 -4.55 8.04
N SER C 425 -25.03 -5.82 7.69
CA SER C 425 -24.51 -6.82 8.61
C SER C 425 -23.06 -7.13 8.24
N ILE C 426 -22.18 -7.06 9.23
CA ILE C 426 -20.76 -7.28 9.04
C ILE C 426 -20.30 -8.37 9.99
N ALA C 427 -19.66 -9.41 9.45
CA ALA C 427 -19.02 -10.46 10.24
C ALA C 427 -17.61 -10.63 9.70
N LYS C 428 -16.69 -9.80 10.21
CA LYS C 428 -15.33 -9.75 9.68
C LYS C 428 -14.36 -9.43 10.81
N ALA C 429 -13.24 -10.15 10.83
CA ALA C 429 -12.15 -9.90 11.77
C ALA C 429 -12.64 -9.89 13.22
N GLY C 430 -13.53 -10.84 13.54
CA GLY C 430 -14.06 -10.92 14.87
C GLY C 430 -14.98 -9.80 15.27
N ILE C 431 -15.57 -9.09 14.30
CA ILE C 431 -16.48 -8.00 14.56
C ILE C 431 -17.85 -8.36 13.99
N VAL C 432 -18.86 -8.33 14.85
CA VAL C 432 -20.25 -8.55 14.44
C VAL C 432 -21.04 -7.31 14.76
N ALA C 433 -21.65 -6.71 13.75
CA ALA C 433 -22.37 -5.46 13.93
C ALA C 433 -23.52 -5.38 12.94
N LYS C 434 -24.45 -4.46 13.23
CA LYS C 434 -25.61 -4.25 12.38
C LYS C 434 -25.90 -2.75 12.38
N LEU C 435 -25.68 -2.10 11.24
CA LEU C 435 -25.79 -0.66 11.12
C LEU C 435 -27.02 -0.27 10.29
N ASN C 436 -27.74 0.75 10.73
CA ASN C 436 -28.90 1.22 10.00
C ASN C 436 -28.49 1.94 8.73
N ALA C 437 -29.17 1.64 7.63
CA ALA C 437 -28.90 2.23 6.33
C ALA C 437 -30.20 2.66 5.66
N ARG C 438 -31.06 3.36 6.43
CA ARG C 438 -32.36 3.79 5.93
C ARG C 438 -32.15 4.97 4.98
N ALA C 439 -31.84 4.64 3.73
CA ALA C 439 -31.61 5.63 2.70
C ALA C 439 -32.33 5.21 1.42
N ALA C 440 -32.80 6.21 0.67
CA ALA C 440 -33.42 5.97 -0.62
C ALA C 440 -32.36 5.95 -1.70
N VAL C 441 -32.44 4.97 -2.60
CA VAL C 441 -31.43 4.76 -3.63
C VAL C 441 -31.98 5.22 -4.97
N ILE C 442 -31.24 6.10 -5.63
CA ILE C 442 -31.56 6.57 -6.98
C ILE C 442 -30.43 6.13 -7.89
N ALA C 443 -30.76 5.34 -8.90
CA ALA C 443 -29.76 4.75 -9.78
C ALA C 443 -30.09 5.05 -11.23
N ALA C 444 -29.03 5.15 -12.04
CA ALA C 444 -29.16 5.36 -13.48
C ALA C 444 -28.13 4.51 -14.20
N GLY C 445 -28.44 4.14 -15.44
CA GLY C 445 -27.53 3.31 -16.20
C GLY C 445 -27.94 3.26 -17.66
N ASN C 446 -27.14 2.54 -18.43
CA ASN C 446 -27.34 2.37 -19.86
C ASN C 446 -27.75 0.94 -20.18
N PRO C 447 -28.41 0.71 -21.32
CA PRO C 447 -28.74 -0.66 -21.72
C PRO C 447 -27.49 -1.49 -21.99
N LYS C 448 -27.69 -2.77 -22.31
CA LYS C 448 -26.56 -3.68 -22.49
C LYS C 448 -25.66 -3.24 -23.65
N PHE C 449 -26.26 -2.81 -24.76
CA PHE C 449 -25.51 -2.42 -25.94
C PHE C 449 -25.39 -0.91 -26.09
N GLY C 450 -25.27 -0.19 -24.98
CA GLY C 450 -25.14 1.25 -25.02
C GLY C 450 -26.45 1.95 -25.30
N ARG C 451 -27.05 1.65 -26.45
CA ARG C 451 -28.34 2.19 -26.82
C ARG C 451 -29.37 1.07 -26.87
N TYR C 452 -30.63 1.42 -26.63
CA TYR C 452 -31.70 0.43 -26.60
C TYR C 452 -31.94 -0.12 -28.00
N ILE C 453 -32.02 -1.44 -28.10
CA ILE C 453 -32.31 -2.13 -29.36
C ILE C 453 -33.77 -2.54 -29.33
N SER C 454 -34.57 -1.97 -30.24
CA SER C 454 -36.00 -2.22 -30.21
C SER C 454 -36.34 -3.65 -30.64
N GLU C 455 -35.58 -4.20 -31.60
CA GLU C 455 -35.90 -5.54 -32.09
C GLU C 455 -35.66 -6.61 -31.03
N ARG C 456 -34.63 -6.44 -30.21
CA ARG C 456 -34.34 -7.40 -29.16
C ARG C 456 -35.33 -7.25 -28.01
N PRO C 457 -35.57 -8.34 -27.26
CA PRO C 457 -36.51 -8.25 -26.13
C PRO C 457 -35.98 -7.42 -24.98
N VAL C 458 -36.76 -7.34 -23.90
CA VAL C 458 -36.35 -6.54 -22.76
C VAL C 458 -35.36 -7.29 -21.87
N SER C 459 -35.39 -8.62 -21.89
CA SER C 459 -34.56 -9.40 -20.97
C SER C 459 -33.08 -9.18 -21.22
N ASP C 460 -32.66 -9.19 -22.48
CA ASP C 460 -31.25 -9.00 -22.80
C ASP C 460 -30.84 -7.53 -22.84
N ASN C 461 -31.80 -6.61 -22.94
CA ASN C 461 -31.47 -5.20 -22.97
C ASN C 461 -31.10 -4.67 -21.60
N ILE C 462 -31.84 -5.08 -20.56
CA ILE C 462 -31.59 -4.57 -19.22
C ILE C 462 -30.26 -5.08 -18.69
N ASN C 463 -30.01 -6.39 -18.83
CA ASN C 463 -28.78 -7.03 -18.38
C ASN C 463 -28.56 -6.82 -16.88
N LEU C 464 -29.62 -7.06 -16.10
CA LEU C 464 -29.56 -7.00 -14.66
C LEU C 464 -30.31 -8.19 -14.08
N PRO C 465 -29.87 -8.71 -12.93
CA PRO C 465 -30.58 -9.85 -12.34
C PRO C 465 -31.97 -9.44 -11.88
N PRO C 466 -32.94 -10.36 -11.93
CA PRO C 466 -34.30 -10.02 -11.47
C PRO C 466 -34.39 -9.70 -9.99
N THR C 467 -33.43 -10.13 -9.19
CA THR C 467 -33.49 -9.88 -7.75
C THR C 467 -33.39 -8.40 -7.44
N ILE C 468 -32.40 -7.72 -8.03
CA ILE C 468 -32.25 -6.28 -7.78
C ILE C 468 -33.37 -5.49 -8.46
N LEU C 469 -33.89 -5.99 -9.59
CA LEU C 469 -34.96 -5.28 -10.27
C LEU C 469 -36.22 -5.21 -9.44
N SER C 470 -36.54 -6.28 -8.71
CA SER C 470 -37.74 -6.31 -7.88
C SER C 470 -37.65 -5.35 -6.71
N ARG C 471 -36.45 -4.92 -6.33
CA ARG C 471 -36.28 -4.01 -5.20
C ARG C 471 -36.51 -2.55 -5.57
N PHE C 472 -36.73 -2.24 -6.84
CA PHE C 472 -36.95 -0.88 -7.28
C PHE C 472 -38.45 -0.61 -7.41
N ASP C 473 -38.91 0.47 -6.79
CA ASP C 473 -40.33 0.81 -6.84
C ASP C 473 -40.76 1.15 -8.26
N LEU C 474 -39.95 1.92 -8.99
CA LEU C 474 -40.26 2.33 -10.34
C LEU C 474 -39.04 2.17 -11.23
N ILE C 475 -39.25 1.70 -12.45
CA ILE C 475 -38.19 1.54 -13.45
C ILE C 475 -38.66 2.22 -14.72
N PHE C 476 -37.84 3.14 -15.24
CA PHE C 476 -38.17 3.88 -16.45
C PHE C 476 -37.11 3.63 -17.50
N ILE C 477 -37.55 3.34 -18.73
CA ILE C 477 -36.66 3.11 -19.86
C ILE C 477 -36.75 4.32 -20.77
N LEU C 478 -35.63 4.97 -21.01
CA LEU C 478 -35.56 6.18 -21.83
C LEU C 478 -35.01 5.83 -23.21
N LYS C 479 -35.69 6.32 -24.24
CA LYS C 479 -35.27 6.09 -25.62
C LYS C 479 -35.13 7.43 -26.32
N ASP C 480 -33.99 7.64 -26.98
CA ASP C 480 -33.70 8.88 -27.69
C ASP C 480 -34.11 8.71 -29.15
N GLN C 481 -35.35 9.04 -29.46
CA GLN C 481 -35.87 8.92 -30.81
C GLN C 481 -36.02 10.30 -31.42
N PRO C 482 -35.20 10.67 -32.41
CA PRO C 482 -35.38 11.96 -33.08
C PRO C 482 -36.74 12.05 -33.75
N GLY C 483 -37.34 13.24 -33.70
CA GLY C 483 -38.65 13.43 -34.28
C GLY C 483 -39.03 14.90 -34.41
N GLU C 484 -40.33 15.19 -34.25
CA GLU C 484 -40.84 16.54 -34.40
C GLU C 484 -40.54 17.42 -33.20
N GLN C 485 -40.08 16.86 -32.10
CA GLN C 485 -39.78 17.62 -30.89
C GLN C 485 -38.35 18.15 -30.86
N ASP C 486 -37.58 17.94 -31.93
CA ASP C 486 -36.20 18.40 -31.95
C ASP C 486 -36.11 19.92 -31.92
N ARG C 487 -36.97 20.60 -32.67
CA ARG C 487 -36.89 22.06 -32.76
C ARG C 487 -37.15 22.72 -31.41
N GLU C 488 -38.20 22.27 -30.70
CA GLU C 488 -38.48 22.84 -29.39
C GLU C 488 -37.40 22.49 -28.38
N LEU C 489 -36.84 21.29 -28.48
CA LEU C 489 -35.73 20.91 -27.61
C LEU C 489 -34.51 21.78 -27.88
N ALA C 490 -34.21 22.04 -29.15
CA ALA C 490 -33.06 22.87 -29.49
C ALA C 490 -33.22 24.30 -28.99
N ASN C 491 -34.44 24.86 -29.13
CA ASN C 491 -34.68 26.22 -28.66
C ASN C 491 -34.52 26.33 -27.16
N TYR C 492 -35.01 25.32 -26.41
CA TYR C 492 -34.91 25.36 -24.96
C TYR C 492 -33.45 25.34 -24.51
N ILE C 493 -32.63 24.50 -25.14
CA ILE C 493 -31.23 24.39 -24.74
C ILE C 493 -30.50 25.71 -25.00
N LEU C 494 -30.73 26.32 -26.15
CA LEU C 494 -30.05 27.57 -26.48
C LEU C 494 -30.47 28.70 -25.55
N ASP C 495 -31.73 28.70 -25.10
CA ASP C 495 -32.18 29.72 -24.15
C ASP C 495 -31.44 29.57 -22.83
N VAL C 496 -31.18 28.34 -22.40
CA VAL C 496 -30.42 28.12 -21.17
C VAL C 496 -29.01 28.67 -21.32
N HIS C 497 -28.37 28.41 -22.46
CA HIS C 497 -27.03 28.93 -22.71
C HIS C 497 -27.02 30.44 -22.86
N SER C 498 -28.14 31.04 -23.22
CA SER C 498 -28.24 32.49 -23.40
C SER C 498 -28.58 33.21 -22.10
N GLY C 499 -28.74 32.49 -21.00
CA GLY C 499 -29.02 33.09 -19.71
C GLY C 499 -30.50 33.23 -19.38
N LYS C 500 -31.40 32.93 -20.31
CA LYS C 500 -32.82 33.01 -20.01
C LYS C 500 -33.22 31.90 -19.04
N SER C 501 -34.08 32.24 -18.09
CA SER C 501 -34.49 31.32 -17.04
C SER C 501 -36.01 31.23 -17.01
N THR C 502 -36.51 30.04 -16.67
CA THR C 502 -37.95 29.82 -16.56
C THR C 502 -38.46 30.42 -15.25
N LYS C 503 -39.54 31.18 -15.33
CA LYS C 503 -40.12 31.81 -14.16
C LYS C 503 -41.17 30.90 -13.53
N ASN C 504 -41.82 31.40 -12.47
CA ASN C 504 -42.82 30.64 -11.73
C ASN C 504 -42.26 29.32 -11.24
N ILE C 505 -41.02 29.34 -10.74
CA ILE C 505 -40.32 28.16 -10.27
C ILE C 505 -39.87 28.41 -8.84
N ILE C 506 -40.16 27.45 -7.95
CA ILE C 506 -39.70 27.54 -6.57
C ILE C 506 -38.19 27.34 -6.55
N ASP C 507 -37.49 28.24 -5.88
CA ASP C 507 -36.04 28.17 -5.82
C ASP C 507 -35.59 26.97 -4.99
N ILE C 508 -34.32 26.61 -5.16
CA ILE C 508 -33.78 25.42 -4.50
C ILE C 508 -33.81 25.58 -2.99
N ASP C 509 -33.43 26.76 -2.49
CA ASP C 509 -33.39 26.97 -1.04
C ASP C 509 -34.78 26.84 -0.43
N THR C 510 -35.80 27.42 -1.06
CA THR C 510 -37.15 27.26 -0.56
C THR C 510 -37.63 25.82 -0.70
N LEU C 511 -37.31 25.18 -1.83
CA LEU C 511 -37.74 23.80 -2.04
C LEU C 511 -37.11 22.86 -1.04
N ARG C 512 -35.83 23.06 -0.72
CA ARG C 512 -35.16 22.22 0.27
C ARG C 512 -35.81 22.36 1.64
N LYS C 513 -36.18 23.59 2.01
CA LYS C 513 -36.87 23.81 3.28
C LYS C 513 -38.24 23.13 3.28
N TYR C 514 -38.95 23.19 2.15
CA TYR C 514 -40.26 22.57 2.07
C TYR C 514 -40.19 21.06 2.24
N ILE C 515 -39.19 20.43 1.61
CA ILE C 515 -39.05 18.98 1.70
C ILE C 515 -38.73 18.56 3.13
N ALA C 516 -37.82 19.29 3.78
CA ALA C 516 -37.43 18.94 5.15
C ALA C 516 -38.60 19.03 6.11
N TYR C 517 -39.42 20.07 5.98
CA TYR C 517 -40.59 20.22 6.85
C TYR C 517 -41.58 19.09 6.63
N ALA C 518 -41.82 18.71 5.38
CA ALA C 518 -42.79 17.66 5.09
C ALA C 518 -42.34 16.32 5.65
N ARG C 519 -41.05 16.00 5.52
CA ARG C 519 -40.53 14.74 5.99
C ARG C 519 -40.49 14.63 7.51
N LYS C 520 -40.72 15.74 8.23
CA LYS C 520 -40.61 15.75 9.68
C LYS C 520 -41.94 15.84 10.41
N TYR C 521 -42.93 16.54 9.85
CA TYR C 521 -44.18 16.80 10.55
C TYR C 521 -45.41 16.22 9.87
N VAL C 522 -45.26 15.49 8.77
CA VAL C 522 -46.38 14.97 8.01
C VAL C 522 -46.31 13.44 8.02
N THR C 523 -47.42 12.81 8.38
CA THR C 523 -47.51 11.34 8.40
C THR C 523 -48.92 10.95 7.94
N PRO C 524 -49.10 10.78 6.64
CA PRO C 524 -50.44 10.45 6.13
C PRO C 524 -50.90 9.07 6.55
N LYS C 525 -52.23 8.90 6.60
CA LYS C 525 -52.86 7.64 6.93
C LYS C 525 -53.68 7.16 5.74
N ILE C 526 -53.78 5.83 5.61
CA ILE C 526 -54.50 5.21 4.50
C ILE C 526 -55.96 5.06 4.89
N THR C 527 -56.86 5.54 4.02
CA THR C 527 -58.28 5.44 4.25
C THR C 527 -58.85 4.19 3.59
N SER C 528 -60.16 3.99 3.73
CA SER C 528 -60.80 2.82 3.15
C SER C 528 -60.95 2.92 1.64
N GLU C 529 -61.24 4.12 1.13
CA GLU C 529 -61.42 4.30 -0.30
C GLU C 529 -60.12 3.99 -1.06
N ALA C 530 -58.99 4.47 -0.55
CA ALA C 530 -57.72 4.19 -1.19
C ALA C 530 -57.35 2.71 -1.06
N LYS C 531 -57.79 2.06 0.01
CA LYS C 531 -57.48 0.65 0.22
C LYS C 531 -58.08 -0.22 -0.88
N ASN C 532 -59.34 0.03 -1.24
CA ASN C 532 -60.00 -0.78 -2.27
C ASN C 532 -59.37 -0.59 -3.63
N LEU C 533 -59.01 0.66 -3.97
CA LEU C 533 -58.41 0.92 -5.28
C LEU C 533 -57.07 0.22 -5.44
N ILE C 534 -56.25 0.25 -4.39
CA ILE C 534 -54.93 -0.40 -4.46
C ILE C 534 -55.08 -1.91 -4.60
N THR C 535 -56.00 -2.50 -3.84
CA THR C 535 -56.17 -3.95 -3.89
C THR C 535 -56.61 -4.42 -5.27
N ASP C 536 -57.57 -3.71 -5.88
CA ASP C 536 -58.06 -4.12 -7.19
C ASP C 536 -56.97 -4.03 -8.25
N PHE C 537 -56.17 -2.97 -8.22
CA PHE C 537 -55.11 -2.81 -9.22
C PHE C 537 -54.02 -3.87 -9.06
N PHE C 538 -53.66 -4.18 -7.82
CA PHE C 538 -52.61 -5.17 -7.58
C PHE C 538 -53.03 -6.55 -8.08
N VAL C 539 -54.27 -6.94 -7.83
CA VAL C 539 -54.76 -8.23 -8.30
C VAL C 539 -54.77 -8.26 -9.83
N GLU C 540 -55.26 -7.19 -10.45
CA GLU C 540 -55.29 -7.13 -11.91
C GLU C 540 -53.88 -7.11 -12.49
N MET C 541 -52.96 -6.40 -11.85
CA MET C 541 -51.58 -6.34 -12.34
C MET C 541 -50.92 -7.72 -12.27
N ARG C 542 -51.16 -8.46 -11.18
CA ARG C 542 -50.57 -9.78 -11.06
C ARG C 542 -51.11 -10.74 -12.12
N LYS C 543 -52.39 -10.64 -12.42
CA LYS C 543 -53.00 -11.54 -13.40
C LYS C 543 -52.37 -11.37 -14.78
N LYS C 544 -52.14 -10.12 -15.19
CA LYS C 544 -51.53 -9.88 -16.49
C LYS C 544 -50.07 -10.33 -16.53
N SER C 545 -49.39 -10.29 -15.38
CA SER C 545 -48.00 -10.72 -15.34
C SER C 545 -47.85 -12.20 -15.68
N SER C 546 -48.77 -13.02 -15.18
CA SER C 546 -48.71 -14.46 -15.46
C SER C 546 -48.93 -14.78 -16.93
N GLU C 547 -49.54 -13.86 -17.69
CA GLU C 547 -49.78 -14.10 -19.10
C GLU C 547 -48.47 -14.19 -19.87
N THR C 548 -47.51 -13.32 -19.56
CA THR C 548 -46.21 -13.28 -20.24
C THR C 548 -45.11 -13.44 -19.19
N PRO C 549 -44.68 -14.67 -18.91
CA PRO C 549 -43.63 -14.89 -17.90
C PRO C 549 -42.22 -14.66 -18.40
N ASP C 550 -42.04 -14.21 -19.65
CA ASP C 550 -40.71 -13.99 -20.20
C ASP C 550 -40.11 -12.65 -19.80
N SER C 551 -40.92 -11.74 -19.28
CA SER C 551 -40.41 -10.41 -18.92
C SER C 551 -39.43 -10.52 -17.76
N PRO C 552 -38.31 -9.80 -17.81
CA PRO C 552 -37.34 -9.87 -16.71
C PRO C 552 -37.89 -9.34 -15.39
N ILE C 553 -38.90 -8.51 -15.41
CA ILE C 553 -39.49 -7.95 -14.19
C ILE C 553 -40.57 -8.89 -13.69
N LEU C 554 -40.67 -9.00 -12.37
CA LEU C 554 -41.64 -9.86 -11.72
C LEU C 554 -42.52 -9.03 -10.79
N ILE C 555 -43.80 -9.36 -10.73
CA ILE C 555 -44.74 -8.66 -9.86
C ILE C 555 -44.73 -9.40 -8.52
N THR C 556 -43.77 -9.02 -7.68
CA THR C 556 -43.68 -9.55 -6.33
C THR C 556 -44.57 -8.74 -5.40
N PRO C 557 -44.85 -9.25 -4.20
CA PRO C 557 -45.61 -8.45 -3.23
C PRO C 557 -44.95 -7.13 -2.87
N ARG C 558 -43.69 -6.91 -3.26
CA ARG C 558 -43.06 -5.61 -3.05
C ARG C 558 -43.80 -4.51 -3.83
N GLN C 559 -44.26 -4.83 -5.04
CA GLN C 559 -44.97 -3.84 -5.84
C GLN C 559 -46.24 -3.36 -5.14
N LEU C 560 -46.89 -4.24 -4.38
CA LEU C 560 -48.03 -3.81 -3.57
C LEU C 560 -47.60 -2.79 -2.53
N GLU C 561 -46.45 -3.04 -1.87
CA GLU C 561 -45.93 -2.07 -0.91
C GLU C 561 -45.49 -0.79 -1.59
N ALA C 562 -45.02 -0.88 -2.83
CA ALA C 562 -44.62 0.32 -3.57
C ALA C 562 -45.81 1.25 -3.78
N LEU C 563 -46.98 0.68 -4.08
CA LEU C 563 -48.18 1.50 -4.27
C LEU C 563 -48.53 2.26 -3.00
N ILE C 564 -48.41 1.60 -1.85
CA ILE C 564 -48.70 2.27 -0.58
C ILE C 564 -47.71 3.40 -0.33
N ARG C 565 -46.42 3.15 -0.60
CA ARG C 565 -45.42 4.18 -0.38
C ARG C 565 -45.64 5.37 -1.30
N ILE C 566 -45.95 5.12 -2.58
CA ILE C 566 -46.18 6.21 -3.53
C ILE C 566 -47.41 7.01 -3.14
N SER C 567 -48.47 6.32 -2.70
CA SER C 567 -49.68 7.03 -2.28
C SER C 567 -49.41 7.95 -1.10
N GLU C 568 -48.63 7.48 -0.12
CA GLU C 568 -48.27 8.32 1.02
C GLU C 568 -47.42 9.50 0.58
N ALA C 569 -46.51 9.28 -0.37
CA ALA C 569 -45.65 10.37 -0.83
C ALA C 569 -46.45 11.48 -1.50
N TYR C 570 -47.48 11.11 -2.27
CA TYR C 570 -48.32 12.12 -2.90
C TYR C 570 -49.05 12.96 -1.87
N ALA C 571 -49.59 12.31 -0.83
CA ALA C 571 -50.26 13.05 0.24
C ALA C 571 -49.27 13.92 1.01
N LYS C 572 -48.07 13.39 1.28
CA LYS C 572 -47.06 14.16 1.98
C LYS C 572 -46.61 15.37 1.18
N MET C 573 -46.74 15.33 -0.15
CA MET C 573 -46.30 16.44 -0.98
C MET C 573 -47.19 17.67 -0.78
N ALA C 574 -48.46 17.46 -0.46
CA ALA C 574 -49.40 18.54 -0.21
C ALA C 574 -49.63 18.78 1.27
N LEU C 575 -48.82 18.17 2.14
CA LEU C 575 -48.95 18.30 3.59
C LEU C 575 -50.33 17.86 4.07
N LYS C 576 -50.87 16.82 3.46
CA LYS C 576 -52.14 16.27 3.88
C LYS C 576 -51.96 15.27 5.02
N ALA C 577 -53.05 15.00 5.73
CA ALA C 577 -53.03 14.09 6.86
C ALA C 577 -53.54 12.70 6.53
N GLU C 578 -54.30 12.54 5.45
CA GLU C 578 -54.83 11.26 5.05
C GLU C 578 -54.61 11.04 3.56
N VAL C 579 -54.53 9.78 3.16
CA VAL C 579 -54.39 9.41 1.75
C VAL C 579 -55.81 9.27 1.19
N THR C 580 -56.26 10.31 0.49
CA THR C 580 -57.62 10.34 -0.04
C THR C 580 -57.70 9.51 -1.32
N ARG C 581 -58.88 9.54 -1.94
CA ARG C 581 -59.08 8.79 -3.18
C ARG C 581 -58.22 9.35 -4.31
N GLU C 582 -58.06 10.68 -4.35
CA GLU C 582 -57.30 11.30 -5.43
C GLU C 582 -55.84 10.85 -5.43
N ASP C 583 -55.24 10.74 -4.25
CA ASP C 583 -53.84 10.31 -4.18
C ASP C 583 -53.66 8.87 -4.67
N ALA C 584 -54.66 8.01 -4.43
CA ALA C 584 -54.58 6.64 -4.92
C ALA C 584 -54.57 6.59 -6.44
N GLU C 585 -55.37 7.44 -7.08
CA GLU C 585 -55.42 7.47 -8.54
C GLU C 585 -54.07 7.87 -9.13
N ARG C 586 -53.43 8.88 -8.53
CA ARG C 586 -52.12 9.32 -9.02
C ARG C 586 -51.08 8.21 -8.89
N ALA C 587 -51.13 7.47 -7.78
CA ALA C 587 -50.19 6.36 -7.59
C ALA C 587 -50.39 5.28 -8.65
N ILE C 588 -51.64 4.97 -8.99
CA ILE C 588 -51.91 3.98 -10.03
C ILE C 588 -51.46 4.50 -11.38
N ASN C 589 -51.71 5.78 -11.67
CA ASN C 589 -51.38 6.34 -12.97
C ASN C 589 -49.88 6.29 -13.22
N ILE C 590 -49.07 6.67 -12.23
CA ILE C 590 -47.63 6.64 -12.40
C ILE C 590 -47.12 5.21 -12.47
N MET C 591 -47.79 4.28 -11.80
CA MET C 591 -47.41 2.87 -11.89
C MET C 591 -47.70 2.31 -13.27
N ARG C 592 -48.79 2.77 -13.90
CA ARG C 592 -49.12 2.31 -15.25
C ARG C 592 -48.03 2.72 -16.25
N LEU C 593 -47.51 3.95 -16.11
CA LEU C 593 -46.46 4.40 -17.00
C LEU C 593 -45.20 3.56 -16.83
N PHE C 594 -44.86 3.20 -15.60
CA PHE C 594 -43.71 2.34 -15.35
C PHE C 594 -43.90 0.99 -16.02
N LEU C 595 -45.08 0.38 -15.86
CA LEU C 595 -45.35 -0.91 -16.49
C LEU C 595 -45.38 -0.78 -18.02
N GLU C 596 -45.98 0.29 -18.54
CA GLU C 596 -46.04 0.47 -19.98
C GLU C 596 -44.65 0.68 -20.57
N SER C 597 -43.81 1.46 -19.89
CA SER C 597 -42.46 1.72 -20.40
C SER C 597 -41.63 0.44 -20.46
N VAL C 598 -41.74 -0.41 -19.44
CA VAL C 598 -40.94 -1.62 -19.40
C VAL C 598 -41.44 -2.69 -20.35
N GLY C 599 -42.60 -2.50 -20.97
CA GLY C 599 -43.13 -3.43 -21.93
C GLY C 599 -44.33 -4.25 -21.48
N VAL C 600 -44.96 -3.89 -20.38
CA VAL C 600 -46.12 -4.60 -19.87
C VAL C 600 -47.35 -3.71 -20.08
N ASP C 601 -48.25 -4.16 -20.94
CA ASP C 601 -49.47 -3.41 -21.20
C ASP C 601 -50.44 -3.57 -20.04
N MET C 602 -51.34 -2.60 -19.90
CA MET C 602 -52.34 -2.62 -18.84
C MET C 602 -53.70 -2.23 -19.38
N GLN D 8 31.57 52.39 5.16
CA GLN D 8 32.20 53.56 4.53
C GLN D 8 31.30 54.16 3.46
N ILE D 9 30.55 53.29 2.77
CA ILE D 9 29.62 53.71 1.72
C ILE D 9 28.24 53.18 2.10
N ASP D 10 27.23 54.05 2.01
CA ASP D 10 25.86 53.70 2.33
C ASP D 10 25.05 53.64 1.04
N TYR D 11 24.39 52.51 0.82
CA TYR D 11 23.54 52.33 -0.34
C TYR D 11 22.07 52.66 -0.06
N ARG D 12 21.76 53.11 1.15
CA ARG D 12 20.37 53.46 1.48
C ARG D 12 19.86 54.59 0.61
N ASP D 13 20.65 55.64 0.44
CA ASP D 13 20.25 56.73 -0.45
C ASP D 13 20.25 56.28 -1.90
N VAL D 14 21.22 55.45 -2.29
CA VAL D 14 21.28 54.95 -3.67
C VAL D 14 20.06 54.10 -3.97
N PHE D 15 19.68 53.22 -3.04
CA PHE D 15 18.50 52.39 -3.25
C PHE D 15 17.23 53.24 -3.37
N ILE D 16 17.10 54.25 -2.51
CA ILE D 16 15.94 55.14 -2.60
C ILE D 16 15.97 55.92 -3.91
N GLU D 17 17.14 56.41 -4.31
CA GLU D 17 17.26 57.15 -5.56
C GLU D 17 16.92 56.26 -6.76
N PHE D 18 17.38 55.01 -6.73
CA PHE D 18 17.08 54.10 -7.83
C PHE D 18 15.59 53.83 -7.96
N LEU D 19 14.90 53.66 -6.83
CA LEU D 19 13.47 53.37 -6.87
C LEU D 19 12.67 54.51 -7.46
N THR D 20 12.99 55.75 -7.07
CA THR D 20 12.21 56.90 -7.50
C THR D 20 12.74 57.55 -8.77
N THR D 21 14.00 57.31 -9.13
CA THR D 21 14.58 57.84 -10.37
C THR D 21 15.09 56.66 -11.19
N PHE D 22 14.21 56.08 -12.00
CA PHE D 22 14.59 55.01 -12.93
C PHE D 22 13.61 55.04 -14.09
N LYS D 23 14.05 55.61 -15.20
CA LYS D 23 13.22 55.68 -16.40
C LYS D 23 13.12 54.28 -17.01
N GLY D 24 11.91 53.72 -17.01
CA GLY D 24 11.72 52.38 -17.51
C GLY D 24 11.77 52.27 -19.02
N ASN D 25 11.14 51.22 -19.57
CA ASN D 25 11.11 51.05 -21.02
C ASN D 25 10.39 52.22 -21.68
N ASN D 26 9.27 52.64 -21.11
CA ASN D 26 8.50 53.77 -21.63
C ASN D 26 8.78 55.07 -20.89
N ASN D 27 9.81 55.08 -20.03
CA ASN D 27 10.17 56.26 -19.25
C ASN D 27 9.01 56.74 -18.40
N GLN D 28 8.60 55.87 -17.46
CA GLN D 28 7.44 56.14 -16.63
C GLN D 28 7.69 55.90 -15.14
N ASN D 29 8.94 55.58 -14.76
CA ASN D 29 9.29 55.26 -13.37
C ASN D 29 8.41 54.12 -12.85
N LYS D 30 8.62 52.96 -13.47
CA LYS D 30 7.79 51.79 -13.18
C LYS D 30 7.82 51.42 -11.70
N TYR D 31 8.99 51.57 -11.06
CA TYR D 31 9.11 51.16 -9.66
C TYR D 31 8.31 52.07 -8.74
N ILE D 32 8.12 53.33 -9.12
CA ILE D 32 7.23 54.21 -8.36
C ILE D 32 5.80 53.68 -8.42
N GLU D 33 5.35 53.27 -9.60
CA GLU D 33 4.01 52.71 -9.74
C GLU D 33 3.89 51.40 -8.98
N ARG D 34 4.94 50.58 -9.00
CA ARG D 34 4.92 49.32 -8.25
C ARG D 34 4.78 49.57 -6.75
N ILE D 35 5.48 50.59 -6.23
CA ILE D 35 5.37 50.93 -4.82
C ILE D 35 3.95 51.38 -4.50
N ASN D 36 3.37 52.22 -5.35
CA ASN D 36 2.01 52.69 -5.11
C ASN D 36 1.02 51.53 -5.18
N GLU D 37 1.24 50.60 -6.11
CA GLU D 37 0.38 49.42 -6.17
C GLU D 37 0.50 48.59 -4.90
N LEU D 38 1.71 48.51 -4.32
CA LEU D 38 1.90 47.77 -3.08
C LEU D 38 1.10 48.39 -1.94
N VAL D 39 1.11 49.73 -1.84
CA VAL D 39 0.40 50.39 -0.74
C VAL D 39 -1.10 50.18 -0.86
N ALA D 40 -1.63 50.14 -2.08
CA ALA D 40 -3.08 50.06 -2.27
C ALA D 40 -3.65 48.79 -1.66
N TYR D 41 -2.99 47.65 -1.86
CA TYR D 41 -3.50 46.37 -1.39
C TYR D 41 -2.63 45.74 -0.31
N ARG D 42 -1.65 46.47 0.22
CA ARG D 42 -0.76 45.98 1.27
C ARG D 42 -0.09 44.67 0.86
N LYS D 43 0.66 44.74 -0.25
CA LYS D 43 1.28 43.55 -0.81
C LYS D 43 2.47 43.06 0.00
N LYS D 44 3.20 43.97 0.66
CA LYS D 44 4.27 43.66 1.60
C LYS D 44 5.50 43.10 0.89
N SER D 45 5.41 42.86 -0.42
CA SER D 45 6.51 42.30 -1.18
C SER D 45 6.75 43.13 -2.43
N LEU D 46 8.01 43.49 -2.67
CA LEU D 46 8.42 44.25 -3.84
C LEU D 46 9.41 43.44 -4.65
N ILE D 47 9.21 43.39 -5.96
CA ILE D 47 10.05 42.62 -6.87
C ILE D 47 10.94 43.59 -7.63
N ILE D 48 12.24 43.32 -7.62
CA ILE D 48 13.24 44.17 -8.26
C ILE D 48 14.00 43.34 -9.28
N GLU D 49 14.13 43.88 -10.50
CA GLU D 49 14.89 43.21 -11.54
C GLU D 49 16.39 43.43 -11.32
N PHE D 50 17.16 42.35 -11.42
CA PHE D 50 18.61 42.47 -11.25
C PHE D 50 19.24 43.32 -12.35
N SER D 51 18.75 43.18 -13.57
CA SER D 51 19.30 43.97 -14.69
C SER D 51 19.09 45.45 -14.46
N ASP D 52 17.94 45.83 -13.91
CA ASP D 52 17.67 47.24 -13.62
C ASP D 52 18.66 47.80 -12.62
N VAL D 53 18.98 47.02 -11.58
CA VAL D 53 19.99 47.45 -10.61
C VAL D 53 21.34 47.60 -11.27
N LEU D 54 21.71 46.63 -12.11
CA LEU D 54 22.98 46.71 -12.83
C LEU D 54 23.01 47.91 -13.77
N SER D 55 21.90 48.17 -14.46
CA SER D 55 21.85 49.30 -15.37
C SER D 55 21.98 50.63 -14.63
N PHE D 56 21.33 50.75 -13.46
CA PHE D 56 21.35 52.01 -12.73
C PHE D 56 22.71 52.25 -12.09
N ASN D 57 23.12 51.37 -11.18
CA ASN D 57 24.42 51.49 -10.52
C ASN D 57 24.98 50.08 -10.35
N GLU D 58 26.10 49.82 -11.04
CA GLU D 58 26.67 48.47 -11.02
C GLU D 58 27.20 48.09 -9.64
N ASN D 59 27.75 49.05 -8.90
CA ASN D 59 28.39 48.74 -7.63
C ASN D 59 27.40 48.11 -6.65
N LEU D 60 26.17 48.63 -6.59
CA LEU D 60 25.17 48.05 -5.72
C LEU D 60 24.79 46.63 -6.16
N ALA D 61 24.89 46.35 -7.46
CA ALA D 61 24.47 45.04 -7.97
C ALA D 61 25.32 43.91 -7.38
N TYR D 62 26.64 44.09 -7.35
CA TYR D 62 27.48 43.04 -6.76
C TYR D 62 27.28 42.94 -5.26
N GLU D 63 26.95 44.06 -4.60
CA GLU D 63 26.72 44.02 -3.16
C GLU D 63 25.53 43.13 -2.82
N ILE D 64 24.46 43.20 -3.60
CA ILE D 64 23.28 42.38 -3.34
C ILE D 64 23.59 40.92 -3.60
N ILE D 65 24.25 40.61 -4.72
CA ILE D 65 24.47 39.22 -5.11
C ILE D 65 25.54 38.54 -4.26
N ASN D 66 26.46 39.31 -3.68
CA ASN D 66 27.54 38.74 -2.88
C ASN D 66 27.36 38.92 -1.37
N ASN D 67 26.67 39.98 -0.94
CA ASN D 67 26.48 40.23 0.48
C ASN D 67 24.99 40.26 0.81
N THR D 68 24.24 39.29 0.30
CA THR D 68 22.79 39.30 0.45
C THR D 68 22.38 39.21 1.91
N LYS D 69 23.07 38.39 2.70
CA LYS D 69 22.66 38.14 4.08
C LYS D 69 22.78 39.37 4.97
N ILE D 70 23.46 40.42 4.54
CA ILE D 70 23.66 41.63 5.33
C ILE D 70 22.94 42.83 4.71
N ILE D 71 23.11 43.03 3.39
CA ILE D 71 22.59 44.24 2.78
C ILE D 71 21.08 44.18 2.59
N LEU D 72 20.50 42.98 2.46
CA LEU D 72 19.06 42.88 2.23
C LEU D 72 18.23 43.42 3.39
N PRO D 73 18.49 43.07 4.65
CA PRO D 73 17.71 43.70 5.73
C PRO D 73 17.88 45.22 5.79
N ILE D 74 19.04 45.73 5.41
CA ILE D 74 19.25 47.18 5.42
C ILE D 74 18.34 47.84 4.39
N LEU D 75 18.26 47.28 3.18
CA LEU D 75 17.41 47.84 2.15
C LEU D 75 15.94 47.77 2.52
N GLU D 76 15.53 46.67 3.16
CA GLU D 76 14.13 46.52 3.55
C GLU D 76 13.72 47.59 4.56
N GLY D 77 14.61 47.90 5.51
CA GLY D 77 14.31 48.97 6.46
C GLY D 77 14.19 50.32 5.79
N ALA D 78 15.06 50.60 4.81
CA ALA D 78 14.98 51.85 4.08
C ALA D 78 13.67 51.95 3.29
N LEU D 79 13.25 50.85 2.67
CA LEU D 79 12.02 50.85 1.90
C LEU D 79 10.81 51.09 2.80
N TYR D 80 10.82 50.52 4.01
CA TYR D 80 9.69 50.69 4.92
C TYR D 80 9.50 52.16 5.30
N ASP D 81 10.60 52.86 5.55
CA ASP D 81 10.50 54.28 5.90
C ASP D 81 9.92 55.10 4.76
N HIS D 82 10.36 54.82 3.53
CA HIS D 82 9.85 55.56 2.38
C HIS D 82 8.35 55.31 2.18
N ILE D 83 7.92 54.05 2.33
CA ILE D 83 6.51 53.74 2.22
C ILE D 83 5.73 54.37 3.37
N LEU D 84 6.32 54.38 4.57
CA LEU D 84 5.64 54.96 5.73
C LEU D 84 5.38 56.45 5.52
N GLN D 85 6.34 57.17 4.94
CA GLN D 85 6.13 58.58 4.65
C GLN D 85 5.01 58.78 3.64
N LEU D 86 4.96 57.93 2.62
CA LEU D 86 3.91 58.05 1.61
C LEU D 86 2.53 57.78 2.21
N ASP D 87 2.42 56.79 3.09
CA ASP D 87 1.15 56.42 3.71
C ASP D 87 1.38 56.07 5.17
N PRO D 88 1.15 57.02 6.09
CA PRO D 88 1.26 56.69 7.51
C PRO D 88 0.32 55.58 7.95
N THR D 89 -0.81 55.39 7.26
CA THR D 89 -1.76 54.34 7.61
C THR D 89 -1.24 52.95 7.32
N TYR D 90 -0.10 52.83 6.62
CA TYR D 90 0.47 51.51 6.33
C TYR D 90 0.84 50.76 7.61
N GLN D 91 1.00 51.46 8.73
CA GLN D 91 1.27 50.81 10.00
C GLN D 91 0.04 50.05 10.49
N ARG D 92 0.24 49.27 11.55
CA ARG D 92 -0.77 48.49 12.26
C ARG D 92 -1.50 47.49 11.37
N ASP D 93 -1.07 47.33 10.12
CA ASP D 93 -1.52 46.25 9.26
C ASP D 93 -0.35 45.49 8.64
N ILE D 94 0.73 46.19 8.30
CA ILE D 94 1.95 45.57 7.82
C ILE D 94 3.11 46.14 8.63
N GLU D 95 3.86 45.28 9.29
CA GLU D 95 4.94 45.74 10.16
C GLU D 95 6.30 45.77 9.46
N LYS D 96 6.47 45.00 8.39
CA LYS D 96 7.73 44.98 7.66
C LYS D 96 7.46 44.56 6.23
N VAL D 97 8.36 44.94 5.34
CA VAL D 97 8.24 44.64 3.91
C VAL D 97 9.32 43.65 3.52
N HIS D 98 9.24 43.17 2.29
CA HIS D 98 10.20 42.22 1.73
C HIS D 98 10.65 42.68 0.36
N VAL D 99 11.96 42.63 0.13
CA VAL D 99 12.55 42.94 -1.17
C VAL D 99 13.04 41.65 -1.79
N ARG D 100 12.48 41.30 -2.95
CA ARG D 100 12.81 40.06 -3.64
C ARG D 100 13.52 40.40 -4.95
N ILE D 101 14.61 39.69 -5.23
CA ILE D 101 15.45 39.94 -6.40
C ILE D 101 15.30 38.78 -7.36
N VAL D 102 15.05 39.09 -8.63
CA VAL D 102 14.91 38.09 -9.68
C VAL D 102 15.87 38.46 -10.81
N GLY D 103 16.17 37.46 -11.64
CA GLY D 103 17.10 37.64 -12.73
C GLY D 103 18.56 37.46 -12.38
N ILE D 104 18.87 36.73 -11.31
CA ILE D 104 20.26 36.51 -10.92
C ILE D 104 20.97 35.71 -12.00
N PRO D 105 22.14 36.13 -12.48
CA PRO D 105 22.86 35.36 -13.51
C PRO D 105 23.49 34.09 -12.97
N ARG D 106 23.51 33.89 -11.66
CA ARG D 106 24.13 32.70 -11.06
C ARG D 106 23.12 31.56 -11.08
N VAL D 107 23.05 30.90 -12.24
CA VAL D 107 22.15 29.77 -12.46
C VAL D 107 22.97 28.48 -12.41
N ILE D 108 22.57 27.56 -11.55
CA ILE D 108 23.26 26.29 -11.37
C ILE D 108 22.26 25.16 -11.55
N GLU D 109 22.67 24.12 -12.27
CA GLU D 109 21.84 22.95 -12.44
C GLU D 109 21.66 22.22 -11.11
N LEU D 110 20.54 21.50 -11.00
CA LEU D 110 20.24 20.80 -9.76
C LEU D 110 21.27 19.72 -9.45
N ARG D 111 21.86 19.13 -10.48
CA ARG D 111 22.84 18.06 -10.30
C ARG D 111 24.26 18.56 -10.13
N LYS D 112 24.50 19.86 -10.34
CA LYS D 112 25.84 20.42 -10.26
C LYS D 112 26.11 21.16 -8.96
N ILE D 113 25.24 21.01 -7.96
CA ILE D 113 25.42 21.70 -6.70
C ILE D 113 26.52 21.02 -5.90
N ARG D 114 27.49 21.81 -5.44
CA ARG D 114 28.61 21.31 -4.65
C ARG D 114 28.75 22.14 -3.38
N SER D 115 29.75 21.80 -2.57
CA SER D 115 29.95 22.49 -1.30
C SER D 115 30.28 23.96 -1.49
N THR D 116 30.95 24.30 -2.58
CA THR D 116 31.34 25.68 -2.83
C THR D 116 30.16 26.59 -3.17
N ASP D 117 28.99 26.02 -3.47
CA ASP D 117 27.81 26.79 -3.81
C ASP D 117 26.94 27.12 -2.61
N ILE D 118 27.34 26.71 -1.41
CA ILE D 118 26.54 26.90 -0.21
C ILE D 118 26.87 28.27 0.40
N GLY D 119 25.84 29.05 0.68
CA GLY D 119 26.01 30.34 1.31
C GLY D 119 25.93 31.54 0.39
N LYS D 120 25.65 31.34 -0.89
CA LYS D 120 25.54 32.44 -1.84
C LYS D 120 24.21 32.34 -2.57
N LEU D 121 23.74 33.48 -3.06
CA LEU D 121 22.46 33.56 -3.75
C LEU D 121 22.58 32.92 -5.14
N ILE D 122 21.79 31.88 -5.37
CA ILE D 122 21.80 31.15 -6.64
C ILE D 122 20.37 30.94 -7.11
N THR D 123 20.24 30.63 -8.39
CA THR D 123 18.95 30.40 -9.02
C THR D 123 18.91 29.00 -9.62
N ILE D 124 17.78 28.32 -9.44
CA ILE D 124 17.59 26.95 -9.91
C ILE D 124 16.26 26.87 -10.65
N ASP D 125 16.27 26.25 -11.82
CA ASP D 125 15.08 26.02 -12.63
C ASP D 125 14.67 24.56 -12.50
N GLY D 126 13.39 24.32 -12.22
CA GLY D 126 12.92 22.97 -12.04
C GLY D 126 11.41 22.89 -12.09
N ILE D 127 10.89 21.73 -11.70
CA ILE D 127 9.47 21.43 -11.72
C ILE D 127 9.01 21.11 -10.31
N LEU D 128 7.96 21.77 -9.86
CA LEU D 128 7.39 21.49 -8.54
C LEU D 128 6.60 20.18 -8.59
N VAL D 129 6.81 19.34 -7.57
CA VAL D 129 6.16 18.04 -7.52
C VAL D 129 5.35 17.82 -6.24
N LYS D 130 5.69 18.49 -5.13
CA LYS D 130 4.99 18.27 -3.87
C LYS D 130 4.95 19.57 -3.08
N VAL D 131 3.79 19.86 -2.50
CA VAL D 131 3.60 21.03 -1.65
C VAL D 131 2.89 20.58 -0.38
N THR D 132 3.44 20.97 0.77
CA THR D 132 2.86 20.66 2.07
C THR D 132 1.87 21.75 2.48
N PRO D 133 0.94 21.44 3.38
CA PRO D 133 0.03 22.48 3.86
C PRO D 133 0.76 23.56 4.63
N VAL D 134 0.19 24.76 4.61
CA VAL D 134 0.82 25.91 5.27
C VAL D 134 0.80 25.71 6.77
N LYS D 135 1.96 25.93 7.41
CA LYS D 135 2.08 25.82 8.85
C LYS D 135 2.69 27.08 9.44
N GLU D 136 2.99 27.05 10.74
CA GLU D 136 3.55 28.20 11.44
C GLU D 136 4.85 27.82 12.11
N ARG D 137 5.83 28.73 12.05
CA ARG D 137 7.13 28.53 12.65
C ARG D 137 7.39 29.62 13.68
N ILE D 138 7.92 29.24 14.84
CA ILE D 138 8.22 30.20 15.90
C ILE D 138 9.59 30.81 15.63
N TYR D 139 9.65 32.14 15.60
CA TYR D 139 10.90 32.86 15.50
C TYR D 139 11.19 33.75 16.70
N LYS D 140 10.23 33.92 17.61
CA LYS D 140 10.49 34.65 18.85
C LYS D 140 9.46 34.15 19.88
N ALA D 141 9.91 33.27 20.77
CA ALA D 141 9.02 32.64 21.73
C ALA D 141 9.00 33.41 23.05
N THR D 142 7.99 33.12 23.86
CA THR D 142 7.84 33.70 25.19
C THR D 142 7.68 32.57 26.19
N TYR D 143 8.49 32.60 27.25
CA TYR D 143 8.49 31.55 28.25
C TYR D 143 8.18 32.11 29.63
N LYS D 144 7.62 31.26 30.48
CA LYS D 144 7.36 31.58 31.88
C LYS D 144 8.04 30.54 32.75
N HIS D 145 8.79 31.00 33.74
CA HIS D 145 9.52 30.10 34.62
C HIS D 145 8.57 29.52 35.65
N ILE D 146 8.41 28.18 35.64
CA ILE D 146 7.51 27.50 36.57
C ILE D 146 8.34 27.22 37.82
N HIS D 147 8.40 28.21 38.70
CA HIS D 147 9.11 28.10 39.97
C HIS D 147 8.44 29.01 40.99
N PRO D 148 8.05 28.48 42.16
CA PRO D 148 7.19 29.25 43.08
C PRO D 148 7.73 30.63 43.43
N ASP D 149 8.99 30.89 43.12
CA ASP D 149 9.58 32.19 43.36
C ASP D 149 9.51 33.12 42.16
N CYS D 150 9.61 32.58 40.94
CA CYS D 150 9.81 33.44 39.77
C CYS D 150 8.51 34.04 39.25
N MET D 151 7.62 33.20 38.71
CA MET D 151 6.42 33.68 38.01
C MET D 151 6.72 34.86 37.10
N GLN D 152 7.76 34.68 36.27
CA GLN D 152 8.25 35.74 35.41
C GLN D 152 8.10 35.33 33.95
N GLU D 153 7.85 36.32 33.10
CA GLU D 153 7.67 36.12 31.66
C GLU D 153 8.83 36.76 30.91
N PHE D 154 9.41 36.03 29.97
CA PHE D 154 10.54 36.53 29.21
C PHE D 154 10.55 35.88 27.83
N GLU D 155 11.25 36.54 26.90
CA GLU D 155 11.48 36.01 25.57
C GLU D 155 12.86 35.35 25.55
N TRP D 156 12.90 34.05 25.25
CA TRP D 156 14.16 33.32 25.36
C TRP D 156 15.18 33.75 24.33
N PRO D 157 14.91 33.67 23.00
CA PRO D 157 15.94 34.06 22.04
C PRO D 157 16.16 35.56 22.04
N GLU D 158 16.82 36.07 23.08
CA GLU D 158 17.04 37.50 23.23
C GLU D 158 18.13 37.97 22.27
N ASP D 159 17.86 39.08 21.58
CA ASP D 159 18.80 39.70 20.65
C ASP D 159 19.25 38.73 19.56
N GLU D 160 18.36 37.83 19.14
CA GLU D 160 18.67 36.84 18.13
C GLU D 160 17.39 36.19 17.65
N GLU D 161 17.27 36.02 16.34
CA GLU D 161 16.14 35.27 15.79
C GLU D 161 16.24 33.82 16.22
N MET D 162 15.10 33.24 16.59
CA MET D 162 15.08 31.88 17.10
C MET D 162 15.51 30.90 16.01
N PRO D 163 16.46 30.01 16.28
CA PRO D 163 16.92 29.09 15.25
C PRO D 163 15.84 28.09 14.87
N GLU D 164 16.07 27.41 13.74
CA GLU D 164 15.14 26.40 13.25
C GLU D 164 15.04 25.20 14.17
N VAL D 165 15.96 25.03 15.11
CA VAL D 165 15.90 23.96 16.10
C VAL D 165 15.39 24.55 17.40
N LEU D 166 14.29 23.99 17.91
CA LEU D 166 13.70 24.49 19.14
C LEU D 166 14.62 24.23 20.32
N GLU D 167 14.76 25.24 21.18
CA GLU D 167 15.62 25.13 22.35
C GLU D 167 15.01 25.92 23.50
N MET D 168 14.94 25.30 24.67
CA MET D 168 14.42 25.97 25.86
C MET D 168 15.56 26.50 26.72
N PRO D 169 15.34 27.59 27.44
CA PRO D 169 16.39 28.11 28.32
C PRO D 169 16.70 27.14 29.45
N THR D 170 17.97 27.15 29.88
CA THR D 170 18.40 26.34 31.01
C THR D 170 18.52 27.14 32.30
N ILE D 171 18.75 28.45 32.21
CA ILE D 171 18.83 29.33 33.37
C ILE D 171 17.88 30.49 33.14
N CYS D 172 17.02 30.75 34.13
CA CYS D 172 16.04 31.82 33.99
C CYS D 172 16.74 33.17 33.97
N PRO D 173 16.56 33.97 32.92
CA PRO D 173 17.26 35.27 32.85
C PRO D 173 16.90 36.21 33.99
N LYS D 174 15.67 36.18 34.46
CA LYS D 174 15.22 37.13 35.48
C LYS D 174 15.48 36.66 36.91
N CYS D 175 15.91 35.42 37.09
CA CYS D 175 16.24 34.92 38.43
C CYS D 175 17.53 34.14 38.52
N GLY D 176 18.16 33.79 37.39
CA GLY D 176 19.41 33.06 37.43
C GLY D 176 19.31 31.68 38.04
N LYS D 177 18.19 30.99 37.84
CA LYS D 177 17.98 29.67 38.40
C LYS D 177 17.45 28.73 37.32
N PRO D 178 17.77 27.44 37.43
CA PRO D 178 17.21 26.45 36.51
C PRO D 178 15.80 26.08 36.94
N GLY D 179 15.22 25.11 36.22
CA GLY D 179 13.88 24.66 36.54
C GLY D 179 13.04 24.30 35.34
N GLN D 180 11.74 24.53 35.44
CA GLN D 180 10.79 24.18 34.39
C GLN D 180 10.23 25.46 33.78
N PHE D 181 10.18 25.51 32.45
CA PHE D 181 9.69 26.67 31.71
C PHE D 181 8.50 26.28 30.85
N ARG D 182 7.50 27.16 30.81
CA ARG D 182 6.27 26.92 30.05
C ARG D 182 6.17 27.93 28.92
N LEU D 183 5.81 27.45 27.74
CA LEU D 183 5.66 28.30 26.56
C LEU D 183 4.27 28.91 26.52
N ILE D 184 4.20 30.19 26.17
CA ILE D 184 2.93 30.91 26.06
C ILE D 184 2.65 31.20 24.60
N PRO D 185 1.70 30.49 23.98
CA PRO D 185 1.37 30.78 22.57
C PRO D 185 0.82 32.17 22.34
N GLU D 186 0.18 32.77 23.34
CA GLU D 186 -0.45 34.07 23.15
C GLU D 186 0.57 35.16 22.85
N LYS D 187 1.72 35.13 23.53
CA LYS D 187 2.76 36.13 23.34
C LYS D 187 3.87 35.66 22.41
N THR D 188 3.67 34.55 21.71
CA THR D 188 4.68 34.01 20.80
C THR D 188 4.46 34.57 19.40
N LYS D 189 5.56 34.92 18.74
CA LYS D 189 5.53 35.46 17.39
C LYS D 189 5.74 34.33 16.40
N LEU D 190 4.89 34.26 15.37
CA LEU D 190 4.90 33.18 14.41
C LEU D 190 5.05 33.72 13.00
N ILE D 191 5.53 32.86 12.10
CA ILE D 191 5.69 33.18 10.69
C ILE D 191 5.24 31.97 9.88
N ASP D 192 4.60 32.23 8.74
CA ASP D 192 4.10 31.16 7.90
C ASP D 192 5.27 30.33 7.35
N TRP D 193 5.03 29.03 7.20
CA TRP D 193 6.06 28.09 6.81
C TRP D 193 5.46 27.03 5.91
N GLN D 194 6.08 26.80 4.76
CA GLN D 194 5.61 25.79 3.81
C GLN D 194 6.82 25.10 3.18
N LYS D 195 6.71 23.78 3.02
CA LYS D 195 7.77 22.97 2.44
C LYS D 195 7.34 22.50 1.06
N ALA D 196 8.24 22.62 0.08
CA ALA D 196 7.98 22.19 -1.28
C ALA D 196 9.19 21.42 -1.81
N VAL D 197 8.94 20.54 -2.78
CA VAL D 197 9.97 19.72 -3.39
C VAL D 197 10.03 20.05 -4.87
N ILE D 198 11.22 20.34 -5.37
CA ILE D 198 11.43 20.69 -6.76
C ILE D 198 12.21 19.57 -7.44
N GLN D 199 11.95 19.40 -8.74
CA GLN D 199 12.57 18.33 -9.52
C GLN D 199 13.14 18.92 -10.81
N GLU D 200 14.26 18.35 -11.24
CA GLU D 200 14.92 18.83 -12.45
C GLU D 200 14.12 18.48 -13.70
N ARG D 201 14.29 19.30 -14.72
CA ARG D 201 13.58 19.09 -15.97
C ARG D 201 14.07 17.81 -16.66
N PRO D 202 13.22 17.14 -17.42
CA PRO D 202 13.68 15.97 -18.18
C PRO D 202 14.77 16.30 -19.19
N GLU D 203 14.80 17.53 -19.70
CA GLU D 203 15.83 17.93 -20.64
C GLU D 203 17.21 18.02 -20.00
N GLU D 204 17.27 18.10 -18.67
CA GLU D 204 18.54 18.18 -17.96
C GLU D 204 19.00 16.86 -17.37
N VAL D 205 18.11 15.88 -17.29
CA VAL D 205 18.48 14.57 -16.73
C VAL D 205 19.45 13.88 -17.68
N PRO D 206 20.58 13.38 -17.19
CA PRO D 206 21.50 12.64 -18.05
C PRO D 206 20.97 11.26 -18.38
N SER D 207 21.59 10.64 -19.38
CA SER D 207 21.12 9.36 -19.89
C SER D 207 21.22 8.27 -18.82
N GLY D 208 20.15 7.50 -18.68
CA GLY D 208 20.12 6.33 -17.81
C GLY D 208 19.58 6.53 -16.41
N GLN D 209 19.97 7.61 -15.75
CA GLN D 209 19.60 7.81 -14.36
C GLN D 209 18.26 8.53 -14.24
N LEU D 210 17.65 8.38 -13.06
CA LEU D 210 16.40 9.03 -12.73
C LEU D 210 16.64 10.48 -12.30
N PRO D 211 15.64 11.36 -12.46
CA PRO D 211 15.82 12.74 -12.01
C PRO D 211 15.93 12.83 -10.50
N ARG D 212 16.67 13.84 -10.04
CA ARG D 212 16.88 14.08 -8.63
C ARG D 212 15.98 15.20 -8.14
N GLN D 213 15.86 15.31 -6.82
CA GLN D 213 14.94 16.24 -6.19
C GLN D 213 15.68 17.11 -5.17
N LEU D 214 15.15 18.31 -4.96
CA LEU D 214 15.69 19.25 -3.98
C LEU D 214 14.54 19.80 -3.14
N GLU D 215 14.82 20.03 -1.85
CA GLU D 215 13.82 20.53 -0.93
C GLU D 215 13.98 22.05 -0.80
N ILE D 216 12.87 22.77 -0.87
CA ILE D 216 12.86 24.22 -0.73
C ILE D 216 11.86 24.60 0.33
N ILE D 217 12.06 25.77 0.94
CA ILE D 217 11.23 26.27 2.03
C ILE D 217 10.68 27.63 1.64
N LEU D 218 9.37 27.78 1.74
CA LEU D 218 8.70 29.05 1.47
C LEU D 218 8.14 29.61 2.77
N GLU D 219 8.34 30.90 3.01
CA GLU D 219 7.94 31.54 4.24
C GLU D 219 7.25 32.86 3.94
N ASP D 220 6.47 33.32 4.92
CA ASP D 220 5.75 34.60 4.87
C ASP D 220 4.75 34.53 3.72
N ASP D 221 4.72 35.52 2.82
CA ASP D 221 3.74 35.55 1.74
C ASP D 221 4.13 34.69 0.55
N LEU D 222 5.30 34.08 0.56
CA LEU D 222 5.71 33.20 -0.53
C LEU D 222 4.96 31.87 -0.51
N VAL D 223 4.20 31.58 0.55
CA VAL D 223 3.47 30.33 0.62
C VAL D 223 2.33 30.32 -0.38
N ASP D 224 2.03 29.12 -0.90
CA ASP D 224 0.93 28.93 -1.87
C ASP D 224 1.11 29.81 -3.10
N SER D 225 2.36 30.02 -3.50
CA SER D 225 2.66 30.82 -4.69
C SER D 225 2.66 30.00 -5.97
N ALA D 226 2.57 28.67 -5.88
CA ALA D 226 2.57 27.83 -7.06
C ALA D 226 1.91 26.50 -6.70
N ARG D 227 1.55 25.75 -7.74
CA ARG D 227 0.89 24.47 -7.61
C ARG D 227 1.77 23.36 -8.21
N PRO D 228 1.57 22.11 -7.79
CA PRO D 228 2.40 21.03 -8.33
C PRO D 228 2.24 20.91 -9.84
N GLY D 229 3.33 20.53 -10.50
CA GLY D 229 3.37 20.43 -11.94
C GLY D 229 3.82 21.69 -12.66
N ASP D 230 3.99 22.80 -11.94
CA ASP D 230 4.42 24.04 -12.56
C ASP D 230 5.93 24.08 -12.72
N ARG D 231 6.38 24.94 -13.63
CA ARG D 231 7.81 25.18 -13.85
C ARG D 231 8.16 26.52 -13.24
N VAL D 232 9.14 26.52 -12.33
CA VAL D 232 9.45 27.69 -11.53
C VAL D 232 10.93 28.00 -11.64
N LYS D 233 11.30 29.18 -11.14
CA LYS D 233 12.70 29.64 -11.08
C LYS D 233 12.91 30.19 -9.67
N VAL D 234 13.36 29.34 -8.76
CA VAL D 234 13.52 29.71 -7.36
C VAL D 234 14.89 30.32 -7.13
N THR D 235 14.93 31.36 -6.30
CA THR D 235 16.17 32.04 -5.94
C THR D 235 16.27 32.10 -4.42
N GLY D 236 17.43 31.75 -3.90
CA GLY D 236 17.60 31.74 -2.46
C GLY D 236 19.01 31.35 -2.07
N ILE D 237 19.16 30.97 -0.80
CA ILE D 237 20.45 30.57 -0.24
C ILE D 237 20.35 29.10 0.16
N LEU D 238 21.31 28.30 -0.29
CA LEU D 238 21.37 26.90 0.10
C LEU D 238 21.90 26.75 1.52
N ASP D 239 21.48 25.67 2.17
CA ASP D 239 21.90 25.40 3.53
C ASP D 239 21.73 23.91 3.82
N ILE D 240 22.40 23.44 4.85
CA ILE D 240 22.32 22.05 5.26
C ILE D 240 21.10 21.84 6.15
N LYS D 241 20.59 20.62 6.16
CA LYS D 241 19.37 20.29 6.89
C LYS D 241 19.69 19.30 8.00
N GLN D 242 19.18 19.57 9.19
CA GLN D 242 19.35 18.70 10.34
C GLN D 242 18.00 18.41 10.98
N ASP D 243 17.88 17.22 11.57
CA ASP D 243 16.65 16.80 12.22
C ASP D 243 16.83 16.64 13.73
N SER D 244 17.79 15.84 14.16
CA SER D 244 18.05 15.60 15.58
C SER D 244 19.53 15.81 15.85
N PRO D 245 19.99 17.07 15.91
CA PRO D 245 21.41 17.31 16.21
C PRO D 245 21.84 16.80 17.56
N VAL D 246 20.95 16.78 18.55
CA VAL D 246 21.29 16.27 19.87
C VAL D 246 21.59 14.77 19.80
N LYS D 247 20.85 14.05 18.96
CA LYS D 247 21.03 12.60 18.83
C LYS D 247 22.35 12.32 18.11
N ARG D 248 23.39 12.05 18.89
CA ARG D 248 24.70 11.74 18.34
C ARG D 248 24.73 10.27 17.92
N GLY D 249 25.92 9.75 17.64
CA GLY D 249 26.03 8.41 17.08
C GLY D 249 26.37 8.44 15.61
N SER D 250 27.36 9.27 15.25
CA SER D 250 27.84 9.43 13.89
C SER D 250 26.77 10.08 13.01
N ARG D 251 26.71 9.67 11.73
CA ARG D 251 25.80 10.27 10.75
C ARG D 251 26.03 11.78 10.65
N ALA D 252 27.28 12.16 10.41
CA ALA D 252 27.66 13.55 10.24
C ALA D 252 27.45 14.04 8.81
N VAL D 253 26.61 13.36 8.04
CA VAL D 253 26.32 13.71 6.67
C VAL D 253 24.94 14.33 6.61
N PHE D 254 24.83 15.48 5.95
CA PHE D 254 23.60 16.26 5.93
C PHE D 254 23.13 16.48 4.50
N ASP D 255 21.83 16.71 4.36
CA ASP D 255 21.22 16.98 3.07
C ASP D 255 21.36 18.47 2.74
N ILE D 256 20.71 18.89 1.66
CA ILE D 256 20.76 20.27 1.21
C ILE D 256 19.33 20.76 0.97
N TYR D 257 19.00 21.92 1.53
CA TYR D 257 17.71 22.56 1.31
C TYR D 257 17.93 24.03 0.99
N MET D 258 16.98 24.61 0.27
CA MET D 258 17.09 25.98 -0.24
C MET D 258 16.09 26.87 0.48
N LYS D 259 16.57 28.00 1.00
CA LYS D 259 15.71 29.00 1.64
C LYS D 259 15.31 30.01 0.56
N VAL D 260 14.11 29.84 0.02
CA VAL D 260 13.68 30.64 -1.13
C VAL D 260 13.47 32.09 -0.74
N SER D 261 14.00 33.00 -1.55
CA SER D 261 13.77 34.43 -1.38
C SER D 261 12.87 35.02 -2.44
N SER D 262 12.77 34.40 -3.61
CA SER D 262 11.89 34.87 -4.67
C SER D 262 11.60 33.70 -5.61
N ILE D 263 10.38 33.64 -6.10
CA ILE D 263 9.94 32.56 -6.99
C ILE D 263 9.10 33.16 -8.10
N GLU D 264 9.34 32.71 -9.33
CA GLU D 264 8.55 33.12 -10.49
C GLU D 264 8.14 31.89 -11.26
N VAL D 265 6.94 31.92 -11.82
CA VAL D 265 6.35 30.79 -12.52
C VAL D 265 6.42 31.03 -14.02
N SER D 266 6.85 30.01 -14.76
CA SER D 266 6.97 30.07 -16.21
C SER D 266 7.89 31.21 -16.64
N SER D 273 3.47 40.30 -18.81
CA SER D 273 3.93 41.69 -18.80
C SER D 273 3.03 42.56 -19.69
N GLU D 274 3.14 43.87 -19.50
CA GLU D 274 2.33 44.80 -20.30
C GLU D 274 2.71 44.75 -21.77
N GLU D 275 4.01 44.63 -22.06
CA GLU D 275 4.47 44.60 -23.45
C GLU D 275 3.91 43.39 -24.20
N ASP D 276 3.58 42.32 -23.49
CA ASP D 276 2.97 41.17 -24.14
C ASP D 276 1.56 41.48 -24.60
N GLU D 277 0.83 42.30 -23.84
CA GLU D 277 -0.56 42.60 -24.16
C GLU D 277 -0.68 43.33 -25.50
N LYS D 278 0.13 44.37 -25.70
CA LYS D 278 0.08 45.10 -26.97
C LYS D 278 0.50 44.21 -28.13
N LYS D 279 1.50 43.35 -27.91
CA LYS D 279 1.89 42.40 -28.94
C LYS D 279 0.75 41.43 -29.26
N ILE D 280 0.06 40.95 -28.23
CA ILE D 280 -1.08 40.06 -28.45
C ILE D 280 -2.21 40.81 -29.13
N LYS D 281 -2.50 42.04 -28.68
CA LYS D 281 -3.59 42.81 -29.27
C LYS D 281 -3.32 43.11 -30.74
N ASP D 282 -2.06 43.39 -31.08
CA ASP D 282 -1.72 43.67 -32.47
C ASP D 282 -1.98 42.46 -33.37
N LEU D 283 -1.71 41.25 -32.85
CA LEU D 283 -1.96 40.04 -33.63
C LEU D 283 -3.44 39.87 -33.94
N ALA D 284 -4.31 40.15 -32.96
CA ALA D 284 -5.74 39.95 -33.15
C ALA D 284 -6.33 40.93 -34.16
N LYS D 285 -5.65 42.02 -34.46
CA LYS D 285 -6.18 43.00 -35.41
C LYS D 285 -6.13 42.49 -36.84
N ASP D 286 -5.35 41.45 -37.12
CA ASP D 286 -5.27 40.91 -38.47
C ASP D 286 -6.58 40.19 -38.82
N PRO D 287 -7.22 40.54 -39.94
CA PRO D 287 -8.45 39.82 -40.33
C PRO D 287 -8.24 38.33 -40.54
N TRP D 288 -7.06 37.91 -40.97
CA TRP D 288 -6.76 36.51 -41.20
C TRP D 288 -6.02 35.88 -40.02
N ILE D 289 -6.32 36.32 -38.80
CA ILE D 289 -5.64 35.78 -37.62
C ILE D 289 -5.97 34.31 -37.43
N ARG D 290 -7.21 33.92 -37.75
CA ARG D 290 -7.59 32.52 -37.59
C ARG D 290 -6.78 31.61 -38.49
N ASP D 291 -6.57 32.02 -39.75
CA ASP D 291 -5.78 31.22 -40.67
C ASP D 291 -4.32 31.13 -40.22
N ARG D 292 -3.77 32.23 -39.71
CA ARG D 292 -2.40 32.23 -39.22
C ARG D 292 -2.24 31.29 -38.04
N ILE D 293 -3.21 31.30 -37.12
CA ILE D 293 -3.14 30.40 -35.96
C ILE D 293 -3.23 28.95 -36.40
N ILE D 294 -4.15 28.64 -37.32
CA ILE D 294 -4.30 27.27 -37.78
C ILE D 294 -3.03 26.80 -38.49
N SER D 295 -2.46 27.65 -39.34
CA SER D 295 -1.23 27.29 -40.05
C SER D 295 -0.02 27.20 -39.12
N SER D 296 -0.13 27.69 -37.89
CA SER D 296 0.97 27.65 -36.93
C SER D 296 0.92 26.41 -36.04
N ILE D 297 -0.02 25.51 -36.25
CA ILE D 297 -0.15 24.30 -35.44
C ILE D 297 0.63 23.18 -36.13
N ALA D 298 1.65 22.67 -35.45
CA ALA D 298 2.53 21.62 -35.96
C ALA D 298 3.08 22.00 -37.34
N PRO D 299 3.97 22.99 -37.41
CA PRO D 299 4.50 23.40 -38.73
C PRO D 299 5.30 22.30 -39.43
N SER D 300 5.78 21.31 -38.70
CA SER D 300 6.60 20.25 -39.27
C SER D 300 5.76 19.13 -39.89
N ILE D 301 4.45 19.21 -39.82
CA ILE D 301 3.55 18.18 -40.35
C ILE D 301 2.90 18.72 -41.63
N TYR D 302 3.01 17.95 -42.70
CA TYR D 302 2.45 18.34 -43.99
C TYR D 302 1.00 17.88 -44.08
N GLY D 303 0.13 18.76 -44.57
CA GLY D 303 -1.26 18.41 -44.75
C GLY D 303 -2.04 18.40 -43.44
N HIS D 304 -3.12 17.63 -43.44
CA HIS D 304 -4.00 17.48 -42.29
C HIS D 304 -4.53 18.84 -41.81
N TRP D 305 -5.02 19.62 -42.77
CA TRP D 305 -5.52 20.96 -42.44
C TRP D 305 -6.75 20.89 -41.55
N GLU D 306 -7.68 19.96 -41.82
CA GLU D 306 -8.86 19.84 -40.99
C GLU D 306 -8.50 19.38 -39.58
N LEU D 307 -7.52 18.49 -39.45
CA LEU D 307 -7.06 18.07 -38.13
C LEU D 307 -6.40 19.22 -37.38
N LYS D 308 -5.60 20.03 -38.07
CA LYS D 308 -4.96 21.16 -37.43
C LYS D 308 -5.99 22.18 -36.94
N GLU D 309 -7.03 22.42 -37.74
CA GLU D 309 -8.07 23.35 -37.34
C GLU D 309 -8.82 22.85 -36.10
N ALA D 310 -9.12 21.55 -36.06
CA ALA D 310 -9.83 20.99 -34.91
C ALA D 310 -8.99 21.09 -33.64
N LEU D 311 -7.69 20.83 -33.72
CA LEU D 311 -6.84 20.89 -32.54
C LEU D 311 -6.73 22.31 -32.01
N ALA D 312 -6.80 23.32 -32.88
CA ALA D 312 -6.78 24.71 -32.42
C ALA D 312 -8.01 25.02 -31.58
N LEU D 313 -9.17 24.49 -31.97
CA LEU D 313 -10.39 24.75 -31.21
C LEU D 313 -10.31 24.19 -29.80
N ALA D 314 -9.72 22.99 -29.66
CA ALA D 314 -9.60 22.39 -28.33
C ALA D 314 -8.68 23.20 -27.42
N LEU D 315 -7.67 23.87 -28.00
CA LEU D 315 -6.78 24.70 -27.19
C LEU D 315 -7.52 25.88 -26.58
N PHE D 316 -8.42 26.51 -27.34
CA PHE D 316 -9.15 27.66 -26.84
C PHE D 316 -10.35 27.22 -26.00
N GLY D 317 -11.18 26.35 -26.55
CA GLY D 317 -12.33 25.84 -25.82
C GLY D 317 -13.51 26.80 -25.84
N GLY D 318 -14.61 26.33 -25.26
CA GLY D 318 -15.82 27.12 -25.17
C GLY D 318 -15.92 27.85 -23.85
N VAL D 319 -17.12 28.36 -23.58
CA VAL D 319 -17.42 29.12 -22.37
C VAL D 319 -18.23 28.23 -21.44
N PRO D 320 -17.68 27.79 -20.32
CA PRO D 320 -18.49 27.03 -19.35
C PRO D 320 -19.57 27.90 -18.74
N LYS D 321 -20.72 27.29 -18.48
CA LYS D 321 -21.86 27.99 -17.88
C LYS D 321 -22.11 27.41 -16.49
N VAL D 322 -22.10 28.28 -15.49
CA VAL D 322 -22.39 27.91 -14.10
C VAL D 322 -23.71 28.55 -13.73
N LEU D 323 -24.72 27.73 -13.47
CA LEU D 323 -26.06 28.19 -13.13
C LEU D 323 -26.35 27.90 -11.68
N GLU D 324 -27.50 28.41 -11.21
CA GLU D 324 -27.90 28.22 -9.82
C GLU D 324 -28.31 26.78 -9.51
N ASP D 325 -28.58 25.97 -10.53
CA ASP D 325 -29.02 24.60 -10.33
C ASP D 325 -28.08 23.58 -10.95
N THR D 326 -27.52 23.85 -12.12
CA THR D 326 -26.60 22.94 -12.80
C THR D 326 -25.43 23.73 -13.34
N ARG D 327 -24.50 23.02 -13.97
CA ARG D 327 -23.40 23.65 -14.69
C ARG D 327 -23.19 22.91 -16.00
N ILE D 328 -22.68 23.64 -17.00
CA ILE D 328 -22.54 23.12 -18.35
C ILE D 328 -21.06 23.08 -18.70
N ARG D 329 -20.61 21.94 -19.23
CA ARG D 329 -19.21 21.78 -19.62
C ARG D 329 -18.90 22.71 -20.80
N GLY D 330 -17.71 23.31 -20.76
CA GLY D 330 -17.29 24.20 -21.83
C GLY D 330 -16.08 23.68 -22.59
N ASP D 331 -15.61 22.49 -22.23
CA ASP D 331 -14.44 21.91 -22.87
C ASP D 331 -14.82 21.15 -24.13
N ILE D 332 -13.85 21.01 -25.02
CA ILE D 332 -14.04 20.34 -26.31
C ILE D 332 -13.14 19.11 -26.34
N HIS D 333 -13.72 17.96 -26.68
CA HIS D 333 -13.00 16.71 -26.75
C HIS D 333 -12.86 16.28 -28.20
N ILE D 334 -11.66 15.81 -28.55
CA ILE D 334 -11.33 15.42 -29.92
C ILE D 334 -10.82 13.99 -29.92
N LEU D 335 -11.31 13.20 -30.87
CA LEU D 335 -10.88 11.82 -31.08
C LEU D 335 -10.35 11.65 -32.49
N ILE D 336 -9.20 11.00 -32.62
CA ILE D 336 -8.57 10.76 -33.91
C ILE D 336 -8.30 9.28 -34.07
N ILE D 337 -8.74 8.72 -35.20
CA ILE D 337 -8.48 7.34 -35.56
C ILE D 337 -7.75 7.33 -36.90
N GLY D 338 -6.61 6.66 -36.96
CA GLY D 338 -5.83 6.68 -38.17
C GLY D 338 -4.91 5.49 -38.30
N ASP D 339 -4.44 5.27 -39.52
CA ASP D 339 -3.50 4.20 -39.79
C ASP D 339 -2.13 4.53 -39.20
N PRO D 340 -1.32 3.51 -38.94
CA PRO D 340 0.04 3.78 -38.45
C PRO D 340 0.83 4.60 -39.46
N GLY D 341 1.68 5.48 -38.93
CA GLY D 341 2.48 6.35 -39.78
C GLY D 341 1.79 7.62 -40.23
N THR D 342 0.58 7.88 -39.76
CA THR D 342 -0.14 9.10 -40.10
C THR D 342 0.19 10.25 -39.15
N ALA D 343 1.28 10.14 -38.39
CA ALA D 343 1.85 11.19 -37.56
C ALA D 343 0.97 11.57 -36.38
N LYS D 344 -0.06 10.78 -36.06
CA LYS D 344 -1.03 11.18 -35.03
C LYS D 344 -0.36 11.57 -33.73
N SER D 345 0.72 10.87 -33.36
CA SER D 345 1.43 11.19 -32.13
C SER D 345 2.28 12.45 -32.24
N GLN D 346 2.38 13.05 -33.43
CA GLN D 346 3.24 14.22 -33.59
C GLN D 346 2.55 15.49 -33.15
N MET D 347 1.32 15.75 -33.61
CA MET D 347 0.62 16.94 -33.12
C MET D 347 0.26 16.78 -31.65
N LEU D 348 0.06 15.55 -31.17
CA LEU D 348 -0.22 15.36 -29.76
C LEU D 348 0.95 15.82 -28.90
N GLN D 349 2.18 15.52 -29.33
CA GLN D 349 3.35 16.04 -28.64
C GLN D 349 3.41 17.56 -28.74
N PHE D 350 3.08 18.10 -29.91
CA PHE D 350 3.09 19.55 -30.08
C PHE D 350 2.04 20.23 -29.21
N ILE D 351 0.86 19.63 -29.10
CA ILE D 351 -0.20 20.20 -28.27
C ILE D 351 0.25 20.29 -26.82
N SER D 352 0.89 19.23 -26.31
CA SER D 352 1.39 19.24 -24.94
C SER D 352 2.51 20.26 -24.75
N ARG D 353 3.11 20.77 -25.82
CA ARG D 353 4.18 21.75 -25.71
C ARG D 353 3.65 23.18 -25.75
N VAL D 354 2.63 23.45 -26.56
CA VAL D 354 2.13 24.81 -26.71
C VAL D 354 1.03 25.14 -25.71
N ALA D 355 0.37 24.13 -25.15
CA ALA D 355 -0.69 24.40 -24.18
C ALA D 355 -0.10 24.97 -22.90
N PRO D 356 -0.76 25.97 -22.29
CA PRO D 356 -0.24 26.51 -21.02
C PRO D 356 -0.15 25.46 -19.92
N ARG D 357 -1.09 24.51 -19.89
CA ARG D 357 -1.06 23.43 -18.92
C ARG D 357 -1.58 22.17 -19.61
N ALA D 358 -0.77 21.12 -19.63
CA ALA D 358 -1.14 19.90 -20.31
C ALA D 358 -0.52 18.70 -19.60
N VAL D 359 -1.17 17.56 -19.73
CA VAL D 359 -0.70 16.29 -19.18
C VAL D 359 -0.75 15.24 -20.28
N TYR D 360 0.37 14.56 -20.51
CA TYR D 360 0.48 13.56 -21.56
C TYR D 360 0.49 12.18 -20.93
N THR D 361 -0.44 11.32 -21.36
CA THR D 361 -0.55 9.96 -20.89
C THR D 361 -0.70 9.03 -22.10
N THR D 362 -0.61 7.73 -21.83
CA THR D 362 -0.80 6.71 -22.84
C THR D 362 -1.81 5.68 -22.33
N GLY D 363 -2.48 5.02 -23.27
CA GLY D 363 -3.49 4.04 -22.91
C GLY D 363 -2.91 2.85 -22.16
N LYS D 364 -1.75 2.36 -22.61
CA LYS D 364 -1.15 1.20 -21.97
C LYS D 364 -0.48 1.56 -20.65
N GLY D 365 0.12 2.74 -20.56
CA GLY D 365 0.87 3.13 -19.38
C GLY D 365 0.05 3.83 -18.32
N SER D 366 -1.27 3.72 -18.39
CA SER D 366 -2.16 4.37 -17.43
C SER D 366 -3.24 3.38 -16.99
N THR D 367 -3.74 3.60 -15.77
CA THR D 367 -4.79 2.77 -15.19
C THR D 367 -5.95 3.67 -14.77
N ALA D 368 -7.05 3.02 -14.39
CA ALA D 368 -8.23 3.77 -13.97
C ALA D 368 -7.95 4.59 -12.71
N ALA D 369 -7.24 3.99 -11.74
CA ALA D 369 -6.91 4.72 -10.52
C ALA D 369 -5.99 5.90 -10.81
N GLY D 370 -5.00 5.70 -11.67
CA GLY D 370 -4.08 6.79 -11.99
C GLY D 370 -4.68 7.87 -12.86
N LEU D 371 -5.74 7.55 -13.61
CA LEU D 371 -6.35 8.54 -14.49
C LEU D 371 -7.22 9.53 -13.72
N THR D 372 -7.92 9.07 -12.68
CA THR D 372 -8.86 9.92 -11.96
C THR D 372 -8.42 10.20 -10.53
N ALA D 373 -8.22 9.16 -9.72
CA ALA D 373 -7.87 9.34 -8.32
C ALA D 373 -7.53 7.98 -7.73
N ALA D 374 -6.61 7.97 -6.76
CA ALA D 374 -6.17 6.75 -6.11
C ALA D 374 -6.28 6.89 -4.60
N VAL D 375 -6.78 5.85 -3.96
CA VAL D 375 -6.87 5.78 -2.51
C VAL D 375 -5.73 4.90 -2.02
N VAL D 376 -4.81 5.49 -1.26
CA VAL D 376 -3.60 4.80 -0.82
C VAL D 376 -3.47 4.91 0.68
N ARG D 377 -2.77 3.95 1.27
CA ARG D 377 -2.56 3.88 2.71
C ARG D 377 -1.12 4.30 3.01
N GLU D 378 -0.96 5.43 3.69
CA GLU D 378 0.37 5.85 4.11
C GLU D 378 0.86 4.98 5.25
N LYS D 379 2.10 4.48 5.14
CA LYS D 379 2.64 3.60 6.16
C LYS D 379 2.94 4.33 7.46
N GLY D 380 2.98 5.67 7.43
CA GLY D 380 3.21 6.41 8.65
C GLY D 380 2.11 6.24 9.68
N THR D 381 0.85 6.23 9.21
CA THR D 381 -0.29 6.08 10.10
C THR D 381 -1.25 4.97 9.70
N GLY D 382 -1.11 4.39 8.52
CA GLY D 382 -2.03 3.36 8.08
C GLY D 382 -3.42 3.86 7.75
N GLU D 383 -3.57 5.16 7.50
CA GLU D 383 -4.86 5.78 7.23
C GLU D 383 -4.97 6.10 5.75
N TYR D 384 -6.09 5.71 5.13
CA TYR D 384 -6.30 5.96 3.72
C TYR D 384 -6.46 7.46 3.46
N TYR D 385 -5.99 7.90 2.30
CA TYR D 385 -6.14 9.28 1.88
C TYR D 385 -6.12 9.34 0.36
N LEU D 386 -6.61 10.44 -0.18
CA LEU D 386 -6.77 10.60 -1.62
C LEU D 386 -5.48 11.06 -2.28
N GLU D 387 -5.28 10.59 -3.51
CA GLU D 387 -4.15 10.99 -4.34
C GLU D 387 -4.69 11.46 -5.68
N ALA D 388 -4.22 12.62 -6.13
CA ALA D 388 -4.71 13.22 -7.36
C ALA D 388 -4.34 12.37 -8.56
N GLY D 389 -5.28 12.25 -9.50
CA GLY D 389 -5.06 11.51 -10.73
C GLY D 389 -4.65 12.41 -11.88
N ALA D 390 -4.50 11.79 -13.05
CA ALA D 390 -4.08 12.52 -14.24
C ALA D 390 -5.11 13.58 -14.63
N LEU D 391 -6.40 13.24 -14.58
CA LEU D 391 -7.42 14.20 -14.96
C LEU D 391 -7.57 15.30 -13.92
N VAL D 392 -7.38 14.98 -12.64
CA VAL D 392 -7.49 16.00 -11.60
C VAL D 392 -6.35 17.01 -11.72
N LEU D 393 -5.13 16.52 -11.91
CA LEU D 393 -3.99 17.42 -12.08
C LEU D 393 -4.10 18.26 -13.35
N ALA D 394 -4.87 17.80 -14.33
CA ALA D 394 -5.05 18.51 -15.58
C ALA D 394 -6.22 19.49 -15.54
N ASP D 395 -6.83 19.69 -14.37
CA ASP D 395 -7.97 20.58 -14.25
C ASP D 395 -7.60 21.98 -14.72
N GLY D 396 -8.44 22.54 -15.59
CA GLY D 396 -8.16 23.83 -16.19
C GLY D 396 -7.19 23.78 -17.36
N GLY D 397 -6.74 22.60 -17.75
CA GLY D 397 -5.78 22.45 -18.84
C GLY D 397 -6.30 21.47 -19.87
N ILE D 398 -5.38 20.65 -20.37
CA ILE D 398 -5.67 19.68 -21.43
C ILE D 398 -5.06 18.34 -21.05
N ALA D 399 -5.84 17.27 -21.18
CA ALA D 399 -5.37 15.92 -20.94
C ALA D 399 -5.26 15.18 -22.26
N VAL D 400 -4.08 14.63 -22.54
CA VAL D 400 -3.81 13.93 -23.79
C VAL D 400 -3.68 12.44 -23.49
N ILE D 401 -4.48 11.63 -24.19
CA ILE D 401 -4.50 10.19 -24.01
C ILE D 401 -4.13 9.56 -25.34
N ASP D 402 -2.89 9.12 -25.48
CA ASP D 402 -2.43 8.47 -26.70
C ASP D 402 -2.71 6.98 -26.64
N GLU D 403 -2.97 6.40 -27.82
CA GLU D 403 -3.25 4.97 -27.94
C GLU D 403 -4.43 4.54 -27.06
N ILE D 404 -5.56 5.26 -27.24
CA ILE D 404 -6.73 4.97 -26.42
C ILE D 404 -7.31 3.61 -26.74
N ASP D 405 -7.15 3.14 -27.99
CA ASP D 405 -7.71 1.83 -28.35
C ASP D 405 -7.01 0.70 -27.62
N LYS D 406 -5.76 0.90 -27.21
CA LYS D 406 -5.04 -0.14 -26.48
C LYS D 406 -5.43 -0.21 -25.00
N MET D 407 -6.11 0.80 -24.48
CA MET D 407 -6.52 0.80 -23.09
C MET D 407 -7.61 -0.23 -22.85
N ARG D 408 -7.53 -0.92 -21.71
CA ARG D 408 -8.54 -1.91 -21.36
C ARG D 408 -9.91 -1.25 -21.23
N ASP D 409 -10.93 -1.95 -21.72
CA ASP D 409 -12.28 -1.38 -21.71
C ASP D 409 -12.79 -1.18 -20.30
N GLU D 410 -12.48 -2.12 -19.39
CA GLU D 410 -12.91 -1.97 -18.00
C GLU D 410 -12.25 -0.77 -17.34
N ASP D 411 -11.09 -0.35 -17.82
CA ASP D 411 -10.42 0.84 -17.30
C ASP D 411 -10.83 2.11 -18.04
N ARG D 412 -11.25 1.99 -19.30
CA ARG D 412 -11.61 3.18 -20.07
C ARG D 412 -12.92 3.80 -19.58
N VAL D 413 -13.84 2.97 -19.07
CA VAL D 413 -15.13 3.49 -18.62
C VAL D 413 -15.03 4.38 -17.40
N ALA D 414 -13.88 4.40 -16.72
CA ALA D 414 -13.70 5.20 -15.53
C ALA D 414 -13.66 6.70 -15.82
N ILE D 415 -13.49 7.10 -17.07
CA ILE D 415 -13.40 8.51 -17.43
C ILE D 415 -14.70 9.03 -18.04
N HIS D 416 -15.76 8.21 -18.05
CA HIS D 416 -17.02 8.66 -18.62
C HIS D 416 -17.61 9.82 -17.83
N GLU D 417 -17.53 9.76 -16.50
CA GLU D 417 -18.08 10.83 -15.68
C GLU D 417 -17.28 12.11 -15.83
N ALA D 418 -15.94 12.01 -15.83
CA ALA D 418 -15.10 13.18 -15.93
C ALA D 418 -15.16 13.84 -17.31
N MET D 419 -15.54 13.09 -18.34
CA MET D 419 -15.60 13.66 -19.69
C MET D 419 -16.81 14.57 -19.86
N GLU D 420 -17.88 14.32 -19.11
CA GLU D 420 -19.11 15.10 -19.24
C GLU D 420 -19.42 15.94 -18.01
N GLN D 421 -19.50 15.31 -16.84
CA GLN D 421 -19.79 16.04 -15.61
C GLN D 421 -18.58 16.74 -15.03
N GLN D 422 -17.38 16.44 -15.53
CA GLN D 422 -16.15 17.10 -15.11
C GLN D 422 -15.92 16.97 -13.60
N THR D 423 -16.29 15.81 -13.05
CA THR D 423 -16.07 15.53 -11.64
C THR D 423 -15.65 14.09 -11.48
N VAL D 424 -14.96 13.81 -10.37
CA VAL D 424 -14.52 12.46 -10.03
C VAL D 424 -15.08 12.15 -8.65
N SER D 425 -15.83 11.05 -8.55
CA SER D 425 -16.46 10.62 -7.31
C SER D 425 -15.82 9.33 -6.84
N ILE D 426 -15.39 9.30 -5.58
CA ILE D 426 -14.72 8.15 -4.98
C ILE D 426 -15.48 7.74 -3.74
N ALA D 427 -15.81 6.46 -3.63
CA ALA D 427 -16.42 5.88 -2.43
C ALA D 427 -15.68 4.58 -2.13
N LYS D 428 -14.58 4.68 -1.38
CA LYS D 428 -13.71 3.54 -1.12
C LYS D 428 -13.12 3.66 0.28
N ALA D 429 -13.19 2.57 1.05
CA ALA D 429 -12.57 2.49 2.36
C ALA D 429 -12.97 3.64 3.27
N GLY D 430 -14.26 3.97 3.27
CA GLY D 430 -14.76 5.00 4.14
C GLY D 430 -14.40 6.41 3.73
N ILE D 431 -14.02 6.62 2.47
CA ILE D 431 -13.71 7.95 1.96
C ILE D 431 -14.70 8.28 0.87
N VAL D 432 -15.45 9.38 1.07
CA VAL D 432 -16.40 9.87 0.08
C VAL D 432 -16.01 11.31 -0.24
N ALA D 433 -15.66 11.57 -1.49
CA ALA D 433 -15.23 12.89 -1.90
C ALA D 433 -15.53 13.10 -3.38
N LYS D 434 -15.56 14.37 -3.78
CA LYS D 434 -15.75 14.76 -5.17
C LYS D 434 -14.67 15.76 -5.56
N LEU D 435 -14.05 15.54 -6.71
CA LEU D 435 -12.94 16.37 -7.17
C LEU D 435 -13.24 16.90 -8.57
N ASN D 436 -12.91 18.17 -8.79
CA ASN D 436 -13.13 18.78 -10.09
C ASN D 436 -12.09 18.30 -11.09
N ALA D 437 -12.55 17.95 -12.29
CA ALA D 437 -11.68 17.47 -13.36
C ALA D 437 -12.03 18.16 -14.67
N ARG D 438 -12.17 19.49 -14.63
CA ARG D 438 -12.54 20.27 -15.81
C ARG D 438 -11.33 20.37 -16.72
N ALA D 439 -11.15 19.33 -17.53
CA ALA D 439 -10.03 19.26 -18.46
C ALA D 439 -10.51 18.78 -19.82
N ALA D 440 -9.87 19.28 -20.87
CA ALA D 440 -10.16 18.82 -22.23
C ALA D 440 -9.39 17.54 -22.51
N VAL D 441 -10.05 16.61 -23.21
CA VAL D 441 -9.49 15.30 -23.49
C VAL D 441 -9.26 15.19 -24.99
N ILE D 442 -8.02 14.94 -25.39
CA ILE D 442 -7.66 14.71 -26.78
C ILE D 442 -7.07 13.30 -26.86
N ALA D 443 -7.65 12.47 -27.72
CA ALA D 443 -7.28 11.06 -27.79
C ALA D 443 -7.01 10.66 -29.23
N ALA D 444 -6.12 9.69 -29.39
CA ALA D 444 -5.77 9.15 -30.70
C ALA D 444 -5.61 7.63 -30.58
N GLY D 445 -5.81 6.95 -31.70
CA GLY D 445 -5.70 5.50 -31.69
C GLY D 445 -5.80 4.96 -33.10
N ASN D 446 -5.59 3.65 -33.20
CA ASN D 446 -5.62 2.91 -34.45
C ASN D 446 -6.95 2.19 -34.61
N PRO D 447 -7.34 1.85 -35.85
CA PRO D 447 -8.55 1.06 -36.05
C PRO D 447 -8.43 -0.35 -35.49
N LYS D 448 -9.50 -1.15 -35.66
CA LYS D 448 -9.52 -2.48 -35.07
C LYS D 448 -8.41 -3.36 -35.62
N PHE D 449 -8.17 -3.32 -36.93
CA PHE D 449 -7.22 -4.19 -37.59
C PHE D 449 -5.95 -3.44 -37.97
N GLY D 450 -5.51 -2.51 -37.13
CA GLY D 450 -4.30 -1.76 -37.40
C GLY D 450 -4.49 -0.69 -38.45
N ARG D 451 -4.81 -1.11 -39.67
CA ARG D 451 -5.12 -0.20 -40.76
C ARG D 451 -6.62 -0.19 -41.02
N TYR D 452 -7.09 0.90 -41.61
CA TYR D 452 -8.50 1.00 -41.96
C TYR D 452 -8.82 0.11 -43.16
N ILE D 453 -9.93 -0.59 -43.07
CA ILE D 453 -10.38 -1.49 -44.14
C ILE D 453 -11.69 -0.93 -44.69
N SER D 454 -11.71 -0.64 -45.99
CA SER D 454 -12.90 -0.04 -46.60
C SER D 454 -14.02 -1.04 -46.78
N GLU D 455 -13.70 -2.32 -46.99
CA GLU D 455 -14.73 -3.32 -47.19
C GLU D 455 -15.61 -3.48 -45.96
N ARG D 456 -15.01 -3.51 -44.78
CA ARG D 456 -15.78 -3.63 -43.56
C ARG D 456 -16.49 -2.32 -43.25
N PRO D 457 -17.63 -2.38 -42.55
CA PRO D 457 -18.34 -1.15 -42.20
C PRO D 457 -17.57 -0.34 -41.17
N VAL D 458 -17.96 0.94 -41.05
CA VAL D 458 -17.32 1.84 -40.10
C VAL D 458 -17.54 1.38 -38.67
N SER D 459 -18.61 0.62 -38.42
CA SER D 459 -18.96 0.23 -37.06
C SER D 459 -17.86 -0.61 -36.42
N ASP D 460 -17.40 -1.66 -37.11
CA ASP D 460 -16.40 -2.55 -36.54
C ASP D 460 -14.98 -2.03 -36.70
N ASN D 461 -14.76 -1.03 -37.55
CA ASN D 461 -13.41 -0.48 -37.70
C ASN D 461 -13.02 0.34 -36.49
N ILE D 462 -13.92 1.20 -36.00
CA ILE D 462 -13.62 2.03 -34.84
C ILE D 462 -13.49 1.17 -33.59
N ASN D 463 -14.45 0.27 -33.38
CA ASN D 463 -14.45 -0.66 -32.25
C ASN D 463 -14.42 0.08 -30.92
N LEU D 464 -15.43 0.92 -30.71
CA LEU D 464 -15.60 1.65 -29.47
C LEU D 464 -17.08 1.68 -29.11
N PRO D 465 -17.41 1.67 -27.82
CA PRO D 465 -18.82 1.71 -27.43
C PRO D 465 -19.45 3.04 -27.82
N PRO D 466 -20.75 3.04 -28.15
CA PRO D 466 -21.41 4.31 -28.50
C PRO D 466 -21.46 5.31 -27.36
N THR D 467 -21.36 4.86 -26.11
CA THR D 467 -21.43 5.78 -24.99
C THR D 467 -20.24 6.74 -24.98
N ILE D 468 -19.04 6.23 -25.24
CA ILE D 468 -17.86 7.09 -25.23
C ILE D 468 -17.76 7.90 -26.52
N LEU D 469 -18.32 7.40 -27.62
CA LEU D 469 -18.26 8.13 -28.89
C LEU D 469 -19.08 9.41 -28.82
N SER D 470 -20.23 9.38 -28.14
CA SER D 470 -21.07 10.56 -28.04
C SER D 470 -20.43 11.67 -27.22
N ARG D 471 -19.47 11.34 -26.35
CA ARG D 471 -18.83 12.34 -25.52
C ARG D 471 -17.76 13.13 -26.26
N PHE D 472 -17.40 12.73 -27.47
CA PHE D 472 -16.38 13.43 -28.24
C PHE D 472 -17.06 14.40 -29.20
N ASP D 473 -16.64 15.67 -29.15
CA ASP D 473 -17.24 16.69 -30.01
C ASP D 473 -16.95 16.43 -31.48
N LEU D 474 -15.72 16.03 -31.79
CA LEU D 474 -15.31 15.78 -33.17
C LEU D 474 -14.53 14.47 -33.24
N ILE D 475 -14.78 13.70 -34.31
CA ILE D 475 -14.10 12.44 -34.57
C ILE D 475 -13.61 12.47 -36.01
N PHE D 476 -12.30 12.27 -36.19
CA PHE D 476 -11.70 12.30 -37.52
C PHE D 476 -11.04 10.95 -37.79
N ILE D 477 -11.26 10.43 -38.99
CA ILE D 477 -10.68 9.15 -39.42
C ILE D 477 -9.61 9.45 -40.45
N LEU D 478 -8.39 9.00 -40.18
CA LEU D 478 -7.24 9.26 -41.04
C LEU D 478 -6.90 8.00 -41.82
N LYS D 479 -6.80 8.14 -43.14
CA LYS D 479 -6.49 7.03 -44.03
C LYS D 479 -5.24 7.37 -44.83
N ASP D 480 -4.27 6.46 -44.82
CA ASP D 480 -3.01 6.63 -45.54
C ASP D 480 -3.14 5.98 -46.91
N GLN D 481 -3.50 6.77 -47.91
CA GLN D 481 -3.66 6.27 -49.27
C GLN D 481 -2.50 6.75 -50.13
N PRO D 482 -1.62 5.87 -50.59
CA PRO D 482 -0.51 6.31 -51.45
C PRO D 482 -1.00 6.80 -52.80
N GLY D 483 -0.87 8.10 -53.06
CA GLY D 483 -1.35 8.68 -54.30
C GLY D 483 -0.40 9.68 -54.91
N GLU D 484 -0.95 10.76 -55.45
CA GLU D 484 -0.12 11.77 -56.12
C GLU D 484 0.66 12.61 -55.13
N GLN D 485 0.11 12.85 -53.94
CA GLN D 485 0.74 13.72 -52.97
C GLN D 485 1.98 13.12 -52.32
N ASP D 486 2.42 11.92 -52.74
CA ASP D 486 3.62 11.33 -52.17
C ASP D 486 4.85 12.18 -52.47
N ARG D 487 4.95 12.70 -53.70
CA ARG D 487 6.09 13.55 -54.04
C ARG D 487 6.09 14.83 -53.22
N GLU D 488 4.92 15.45 -53.04
CA GLU D 488 4.84 16.66 -52.24
C GLU D 488 5.20 16.39 -50.79
N LEU D 489 4.69 15.29 -50.24
CA LEU D 489 5.01 14.93 -48.85
C LEU D 489 6.48 14.62 -48.69
N ALA D 490 7.07 13.89 -49.64
CA ALA D 490 8.48 13.52 -49.53
C ALA D 490 9.38 14.74 -49.54
N ASN D 491 9.10 15.71 -50.41
CA ASN D 491 9.91 16.92 -50.46
C ASN D 491 9.78 17.72 -49.17
N TYR D 492 8.57 17.79 -48.61
CA TYR D 492 8.36 18.53 -47.37
C TYR D 492 9.14 17.92 -46.22
N ILE D 493 9.14 16.59 -46.11
CA ILE D 493 9.85 15.92 -45.02
C ILE D 493 11.35 16.14 -45.16
N LEU D 494 11.89 15.99 -46.38
CA LEU D 494 13.32 16.17 -46.59
C LEU D 494 13.75 17.60 -46.29
N ASP D 495 12.90 18.58 -46.61
CA ASP D 495 13.21 19.96 -46.28
C ASP D 495 13.30 20.17 -44.79
N VAL D 496 12.42 19.52 -44.02
CA VAL D 496 12.48 19.63 -42.57
C VAL D 496 13.79 19.04 -42.05
N HIS D 497 14.16 17.86 -42.56
CA HIS D 497 15.41 17.24 -42.15
C HIS D 497 16.64 18.02 -42.60
N SER D 498 16.50 18.85 -43.63
CA SER D 498 17.60 19.66 -44.14
C SER D 498 17.74 20.99 -43.43
N GLY D 499 16.91 21.25 -42.42
CA GLY D 499 16.95 22.51 -41.70
C GLY D 499 16.08 23.60 -42.25
N LYS D 500 15.47 23.40 -43.43
CA LYS D 500 14.56 24.39 -43.98
C LYS D 500 13.30 24.50 -43.12
N SER D 501 12.86 25.73 -42.89
CA SER D 501 11.71 25.99 -42.05
C SER D 501 10.73 26.91 -42.79
N THR D 502 9.51 26.97 -42.27
CA THR D 502 8.47 27.81 -42.83
C THR D 502 8.42 29.14 -42.10
N LYS D 503 8.37 30.23 -42.86
CA LYS D 503 8.32 31.57 -42.30
C LYS D 503 6.87 31.97 -42.06
N ASN D 504 6.69 33.18 -41.51
CA ASN D 504 5.38 33.76 -41.18
C ASN D 504 4.50 32.77 -40.40
N ILE D 505 5.13 31.98 -39.54
CA ILE D 505 4.43 31.15 -38.56
C ILE D 505 4.69 31.74 -37.18
N ILE D 506 3.61 31.92 -36.41
CA ILE D 506 3.75 32.43 -35.04
C ILE D 506 4.51 31.43 -34.20
N ASP D 507 5.50 31.91 -33.45
CA ASP D 507 6.32 31.04 -32.64
C ASP D 507 5.52 30.47 -31.47
N ILE D 508 6.05 29.40 -30.89
CA ILE D 508 5.35 28.70 -29.81
C ILE D 508 5.17 29.62 -28.60
N ASP D 509 6.23 30.34 -28.22
CA ASP D 509 6.17 31.18 -27.04
C ASP D 509 5.11 32.28 -27.19
N THR D 510 5.06 32.92 -28.36
CA THR D 510 4.00 33.90 -28.60
C THR D 510 2.64 33.25 -28.66
N LEU D 511 2.53 32.08 -29.28
CA LEU D 511 1.25 31.39 -29.38
C LEU D 511 0.73 30.97 -28.01
N ARG D 512 1.63 30.48 -27.14
CA ARG D 512 1.22 30.08 -25.80
C ARG D 512 0.70 31.27 -25.00
N LYS D 513 1.36 32.42 -25.13
CA LYS D 513 0.88 33.63 -24.47
C LYS D 513 -0.47 34.06 -25.03
N TYR D 514 -0.66 33.93 -26.34
CA TYR D 514 -1.92 34.31 -26.97
C TYR D 514 -3.07 33.46 -26.46
N ILE D 515 -2.85 32.14 -26.35
CA ILE D 515 -3.92 31.25 -25.89
C ILE D 515 -4.29 31.55 -24.45
N ALA D 516 -3.30 31.78 -23.59
CA ALA D 516 -3.58 32.03 -22.17
C ALA D 516 -4.39 33.31 -21.99
N TYR D 517 -4.04 34.35 -22.75
CA TYR D 517 -4.81 35.60 -22.65
C TYR D 517 -6.24 35.42 -23.12
N ALA D 518 -6.44 34.66 -24.19
CA ALA D 518 -7.78 34.46 -24.73
C ALA D 518 -8.67 33.70 -23.74
N ARG D 519 -8.11 32.69 -23.08
CA ARG D 519 -8.88 31.87 -22.15
C ARG D 519 -9.25 32.60 -20.87
N LYS D 520 -8.68 33.78 -20.63
CA LYS D 520 -8.87 34.48 -19.37
C LYS D 520 -9.73 35.73 -19.48
N TYR D 521 -9.67 36.46 -20.60
CA TYR D 521 -10.32 37.76 -20.71
C TYR D 521 -11.38 37.80 -21.82
N VAL D 522 -11.68 36.68 -22.46
CA VAL D 522 -12.63 36.64 -23.57
C VAL D 522 -13.76 35.70 -23.21
N THR D 523 -15.00 36.17 -23.38
CA THR D 523 -16.19 35.37 -23.10
C THR D 523 -17.25 35.73 -24.14
N PRO D 524 -17.24 35.06 -25.29
CA PRO D 524 -18.21 35.39 -26.34
C PRO D 524 -19.64 35.03 -25.94
N LYS D 525 -20.59 35.74 -26.54
CA LYS D 525 -22.01 35.52 -26.31
C LYS D 525 -22.70 35.17 -27.61
N ILE D 526 -23.72 34.31 -27.52
CA ILE D 526 -24.44 33.84 -28.69
C ILE D 526 -25.46 34.90 -29.10
N THR D 527 -25.48 35.23 -30.38
CA THR D 527 -26.43 36.19 -30.93
C THR D 527 -27.62 35.46 -31.54
N SER D 528 -28.65 36.24 -31.88
CA SER D 528 -29.87 35.65 -32.45
C SER D 528 -29.59 35.03 -33.80
N GLU D 529 -28.76 35.67 -34.63
CA GLU D 529 -28.46 35.14 -35.95
C GLU D 529 -27.77 33.79 -35.87
N ALA D 530 -26.83 33.64 -34.93
CA ALA D 530 -26.15 32.36 -34.77
C ALA D 530 -27.09 31.29 -34.25
N LYS D 531 -28.09 31.68 -33.45
CA LYS D 531 -29.04 30.70 -32.91
C LYS D 531 -29.81 30.00 -34.02
N ASN D 532 -30.29 30.77 -35.00
CA ASN D 532 -31.10 30.18 -36.06
C ASN D 532 -30.30 29.20 -36.90
N LEU D 533 -29.06 29.55 -37.25
CA LEU D 533 -28.23 28.66 -38.05
C LEU D 533 -27.92 27.38 -37.31
N ILE D 534 -27.60 27.48 -36.02
CA ILE D 534 -27.29 26.28 -35.23
C ILE D 534 -28.53 25.42 -35.09
N THR D 535 -29.69 26.03 -34.82
CA THR D 535 -30.92 25.26 -34.64
C THR D 535 -31.30 24.51 -35.91
N ASP D 536 -31.20 25.18 -37.06
CA ASP D 536 -31.58 24.54 -38.32
C ASP D 536 -30.68 23.36 -38.64
N PHE D 537 -29.37 23.51 -38.38
CA PHE D 537 -28.43 22.44 -38.73
C PHE D 537 -28.58 21.24 -37.81
N PHE D 538 -28.88 21.48 -36.53
CA PHE D 538 -29.10 20.37 -35.60
C PHE D 538 -30.30 19.53 -36.00
N VAL D 539 -31.39 20.18 -36.42
CA VAL D 539 -32.57 19.46 -36.88
C VAL D 539 -32.23 18.62 -38.10
N GLU D 540 -31.37 19.15 -38.98
CA GLU D 540 -30.97 18.40 -40.17
C GLU D 540 -30.17 17.16 -39.80
N MET D 541 -29.37 17.24 -38.74
CA MET D 541 -28.65 16.05 -38.28
C MET D 541 -29.61 14.94 -37.87
N ARG D 542 -30.61 15.28 -37.04
CA ARG D 542 -31.50 14.27 -36.49
C ARG D 542 -32.31 13.59 -37.59
N LYS D 543 -32.79 14.37 -38.55
CA LYS D 543 -33.54 13.78 -39.66
C LYS D 543 -32.67 12.83 -40.48
N LYS D 544 -31.44 13.22 -40.76
CA LYS D 544 -30.54 12.35 -41.51
C LYS D 544 -30.17 11.11 -40.71
N SER D 545 -29.90 11.28 -39.42
CA SER D 545 -29.52 10.13 -38.59
C SER D 545 -30.67 9.14 -38.47
N SER D 546 -31.89 9.64 -38.27
CA SER D 546 -33.05 8.75 -38.16
C SER D 546 -33.32 8.02 -39.47
N GLU D 547 -32.97 8.62 -40.60
CA GLU D 547 -33.17 7.96 -41.89
C GLU D 547 -32.33 6.70 -42.01
N THR D 548 -31.08 6.74 -41.53
CA THR D 548 -30.16 5.61 -41.61
C THR D 548 -29.71 5.24 -40.21
N PRO D 549 -30.40 4.29 -39.55
CA PRO D 549 -30.02 3.84 -38.21
C PRO D 549 -28.93 2.77 -38.22
N ASP D 550 -27.87 3.02 -39.00
CA ASP D 550 -26.77 2.07 -39.14
C ASP D 550 -25.42 2.63 -38.76
N SER D 551 -25.25 3.95 -38.76
CA SER D 551 -23.97 4.55 -38.40
C SER D 551 -23.65 4.27 -36.93
N PRO D 552 -22.38 4.04 -36.60
CA PRO D 552 -22.02 3.78 -35.20
C PRO D 552 -22.07 5.01 -34.31
N ILE D 553 -22.20 6.20 -34.88
CA ILE D 553 -22.30 7.42 -34.11
C ILE D 553 -23.77 7.77 -33.91
N LEU D 554 -24.06 8.48 -32.83
CA LEU D 554 -25.41 8.87 -32.48
C LEU D 554 -25.50 10.39 -32.39
N ILE D 555 -26.58 10.96 -32.91
CA ILE D 555 -26.81 12.39 -32.86
C ILE D 555 -27.67 12.64 -31.63
N THR D 556 -27.01 12.85 -30.50
CA THR D 556 -27.63 13.15 -29.22
C THR D 556 -27.66 14.65 -29.00
N PRO D 557 -28.36 15.12 -27.96
CA PRO D 557 -28.31 16.54 -27.63
C PRO D 557 -26.91 17.04 -27.30
N ARG D 558 -25.97 16.15 -27.00
CA ARG D 558 -24.58 16.57 -26.83
C ARG D 558 -24.04 17.21 -28.09
N GLN D 559 -24.45 16.72 -29.26
CA GLN D 559 -23.99 17.28 -30.52
C GLN D 559 -24.45 18.72 -30.70
N LEU D 560 -25.66 19.05 -30.23
CA LEU D 560 -26.13 20.43 -30.31
C LEU D 560 -25.24 21.36 -29.49
N GLU D 561 -24.87 20.93 -28.28
CA GLU D 561 -23.98 21.75 -27.46
C GLU D 561 -22.56 21.79 -28.01
N ALA D 562 -22.17 20.78 -28.78
CA ALA D 562 -20.87 20.84 -29.47
C ALA D 562 -20.84 21.99 -30.47
N LEU D 563 -21.97 22.23 -31.15
CA LEU D 563 -22.05 23.37 -32.06
C LEU D 563 -21.85 24.68 -31.32
N ILE D 564 -22.45 24.80 -30.13
CA ILE D 564 -22.32 26.04 -29.35
C ILE D 564 -20.88 26.24 -28.90
N ARG D 565 -20.25 25.18 -28.40
CA ARG D 565 -18.88 25.30 -27.91
C ARG D 565 -17.91 25.64 -29.03
N ILE D 566 -18.07 24.99 -30.19
CA ILE D 566 -17.18 25.27 -31.31
C ILE D 566 -17.36 26.70 -31.81
N SER D 567 -18.61 27.18 -31.84
CA SER D 567 -18.85 28.55 -32.28
C SER D 567 -18.19 29.56 -31.35
N GLU D 568 -18.25 29.31 -30.04
CA GLU D 568 -17.58 30.19 -29.09
C GLU D 568 -16.07 30.14 -29.24
N ALA D 569 -15.52 28.96 -29.52
CA ALA D 569 -14.08 28.84 -29.70
C ALA D 569 -13.60 29.64 -30.91
N TYR D 570 -14.36 29.60 -32.00
CA TYR D 570 -13.99 30.38 -33.18
C TYR D 570 -13.99 31.87 -32.89
N ALA D 571 -15.01 32.35 -32.17
CA ALA D 571 -15.04 33.76 -31.79
C ALA D 571 -13.92 34.09 -30.82
N LYS D 572 -13.63 33.19 -29.89
CA LYS D 572 -12.55 33.42 -28.92
C LYS D 572 -11.19 33.43 -29.60
N MET D 573 -11.05 32.74 -30.73
CA MET D 573 -9.78 32.71 -31.45
C MET D 573 -9.40 34.09 -31.96
N ALA D 574 -10.38 34.93 -32.27
CA ALA D 574 -10.14 36.29 -32.74
C ALA D 574 -10.35 37.33 -31.66
N LEU D 575 -10.46 36.91 -30.39
CA LEU D 575 -10.69 37.81 -29.26
C LEU D 575 -11.95 38.64 -29.46
N LYS D 576 -12.99 38.01 -30.00
CA LYS D 576 -14.27 38.67 -30.20
C LYS D 576 -15.17 38.46 -28.98
N ALA D 577 -16.07 39.42 -28.75
CA ALA D 577 -16.97 39.38 -27.61
C ALA D 577 -18.33 38.80 -27.93
N GLU D 578 -18.68 38.63 -29.20
CA GLU D 578 -19.96 38.07 -29.60
C GLU D 578 -19.74 37.02 -30.68
N VAL D 579 -20.62 36.01 -30.68
CA VAL D 579 -20.59 34.96 -31.68
C VAL D 579 -21.47 35.42 -32.83
N THR D 580 -20.83 35.84 -33.93
CA THR D 580 -21.54 36.33 -35.09
C THR D 580 -21.95 35.18 -36.01
N ARG D 581 -22.56 35.52 -37.14
CA ARG D 581 -22.95 34.50 -38.11
C ARG D 581 -21.74 33.80 -38.72
N GLU D 582 -20.64 34.54 -38.91
CA GLU D 582 -19.46 33.95 -39.54
C GLU D 582 -18.89 32.81 -38.70
N ASP D 583 -18.86 32.99 -37.38
CA ASP D 583 -18.38 31.91 -36.51
C ASP D 583 -19.31 30.71 -36.55
N ALA D 584 -20.62 30.96 -36.61
CA ALA D 584 -21.58 29.86 -36.69
C ALA D 584 -21.40 29.06 -37.98
N GLU D 585 -21.15 29.74 -39.10
CA GLU D 585 -20.95 29.04 -40.36
C GLU D 585 -19.70 28.15 -40.30
N ARG D 586 -18.63 28.65 -39.70
CA ARG D 586 -17.43 27.84 -39.56
C ARG D 586 -17.67 26.64 -38.66
N ALA D 587 -18.43 26.81 -37.58
CA ALA D 587 -18.75 25.70 -36.70
C ALA D 587 -19.58 24.65 -37.43
N ILE D 588 -20.53 25.08 -38.25
CA ILE D 588 -21.32 24.14 -39.04
C ILE D 588 -20.43 23.45 -40.07
N ASN D 589 -19.54 24.21 -40.71
CA ASN D 589 -18.71 23.66 -41.77
C ASN D 589 -17.75 22.61 -41.24
N ILE D 590 -17.14 22.84 -40.08
CA ILE D 590 -16.13 21.91 -39.57
C ILE D 590 -16.78 20.57 -39.18
N MET D 591 -18.00 20.62 -38.63
CA MET D 591 -18.68 19.38 -38.27
C MET D 591 -19.21 18.65 -39.50
N ARG D 592 -19.44 19.36 -40.61
CA ARG D 592 -19.78 18.67 -41.85
C ARG D 592 -18.66 17.75 -42.29
N LEU D 593 -17.41 18.20 -42.17
CA LEU D 593 -16.27 17.35 -42.47
C LEU D 593 -16.19 16.18 -41.49
N PHE D 594 -16.47 16.44 -40.21
CA PHE D 594 -16.45 15.37 -39.22
C PHE D 594 -17.49 14.30 -39.54
N LEU D 595 -18.70 14.72 -39.92
CA LEU D 595 -19.72 13.76 -40.28
C LEU D 595 -19.39 13.03 -41.57
N GLU D 596 -18.71 13.72 -42.51
CA GLU D 596 -18.31 13.06 -43.75
C GLU D 596 -17.26 11.99 -43.49
N SER D 597 -16.37 12.20 -42.52
CA SER D 597 -15.31 11.25 -42.24
C SER D 597 -15.86 9.92 -41.75
N VAL D 598 -16.89 9.96 -40.92
CA VAL D 598 -17.44 8.75 -40.32
C VAL D 598 -18.46 8.11 -41.26
N GLY D 599 -18.55 8.63 -42.48
CA GLY D 599 -19.41 8.05 -43.49
C GLY D 599 -20.83 8.53 -43.50
N VAL D 600 -21.12 9.67 -42.86
CA VAL D 600 -22.45 10.26 -42.87
C VAL D 600 -22.46 11.38 -43.89
N ASP D 601 -23.26 11.22 -44.95
CA ASP D 601 -23.33 12.19 -46.03
C ASP D 601 -24.46 13.17 -45.73
N MET D 602 -24.10 14.38 -45.33
CA MET D 602 -25.09 15.39 -44.99
C MET D 602 -25.39 16.29 -46.18
N GLN E 8 65.83 10.84 7.88
CA GLN E 8 64.74 10.92 6.92
C GLN E 8 65.17 11.65 5.66
N ILE E 9 64.49 11.37 4.55
CA ILE E 9 64.78 12.00 3.26
C ILE E 9 63.47 12.52 2.67
N ASP E 10 63.55 13.70 2.08
CA ASP E 10 62.39 14.33 1.47
C ASP E 10 62.18 13.82 0.04
N TYR E 11 60.99 14.08 -0.49
CA TYR E 11 60.64 13.66 -1.84
C TYR E 11 59.99 14.77 -2.65
N ARG E 12 59.99 16.01 -2.15
CA ARG E 12 59.46 17.12 -2.93
C ARG E 12 60.30 17.36 -4.18
N ASP E 13 61.63 17.29 -4.04
CA ASP E 13 62.51 17.55 -5.18
C ASP E 13 62.34 16.51 -6.27
N VAL E 14 62.24 15.23 -5.89
CA VAL E 14 62.06 14.19 -6.89
C VAL E 14 60.66 14.26 -7.51
N PHE E 15 59.67 14.71 -6.74
CA PHE E 15 58.31 14.83 -7.28
C PHE E 15 58.27 15.92 -8.34
N ILE E 16 58.79 17.11 -8.03
CA ILE E 16 58.76 18.20 -9.00
C ILE E 16 59.65 17.87 -10.19
N GLU E 17 60.77 17.18 -9.95
CA GLU E 17 61.62 16.75 -11.07
C GLU E 17 60.89 15.73 -11.94
N PHE E 18 60.20 14.77 -11.32
CA PHE E 18 59.51 13.74 -12.09
C PHE E 18 58.43 14.34 -12.98
N LEU E 19 57.70 15.33 -12.47
CA LEU E 19 56.69 16.00 -13.28
C LEU E 19 57.32 16.70 -14.47
N THR E 20 58.46 17.36 -14.26
CA THR E 20 59.07 18.19 -15.30
C THR E 20 60.08 17.45 -16.16
N THR E 21 60.42 16.20 -15.83
CA THR E 21 61.45 15.48 -16.57
C THR E 21 61.02 14.10 -17.07
N PHE E 22 59.81 13.65 -16.74
CA PHE E 22 59.37 12.34 -17.22
C PHE E 22 59.19 12.36 -18.73
N LYS E 23 59.54 11.25 -19.37
CA LYS E 23 59.47 11.12 -20.82
C LYS E 23 58.27 10.26 -21.18
N GLY E 24 57.41 10.78 -22.05
CA GLY E 24 56.21 10.08 -22.46
C GLY E 24 56.50 9.09 -23.56
N ASN E 25 55.42 8.66 -24.24
CA ASN E 25 55.57 7.73 -25.35
C ASN E 25 56.40 8.32 -26.48
N ASN E 26 56.17 9.61 -26.78
CA ASN E 26 56.89 10.29 -27.86
C ASN E 26 57.89 11.31 -27.32
N ASN E 27 58.27 11.19 -26.04
CA ASN E 27 59.23 12.10 -25.41
C ASN E 27 58.74 13.55 -25.49
N GLN E 28 57.59 13.79 -24.86
CA GLN E 28 56.95 15.11 -24.90
C GLN E 28 56.67 15.68 -23.52
N ASN E 29 57.15 15.02 -22.45
CA ASN E 29 56.88 15.44 -21.07
C ASN E 29 55.37 15.54 -20.83
N LYS E 30 54.74 14.36 -20.89
CA LYS E 30 53.28 14.30 -20.89
C LYS E 30 52.67 15.00 -19.68
N TYR E 31 53.34 14.94 -18.53
CA TYR E 31 52.81 15.56 -17.32
C TYR E 31 52.84 17.09 -17.38
N ILE E 32 53.58 17.68 -18.30
CA ILE E 32 53.53 19.13 -18.47
C ILE E 32 52.15 19.56 -18.96
N GLU E 33 51.60 18.83 -19.94
CA GLU E 33 50.27 19.15 -20.44
C GLU E 33 49.19 18.86 -19.40
N ARG E 34 49.40 17.85 -18.56
CA ARG E 34 48.41 17.53 -17.53
C ARG E 34 48.26 18.69 -16.54
N ILE E 35 49.38 19.30 -16.16
CA ILE E 35 49.30 20.45 -15.27
C ILE E 35 48.71 21.66 -15.98
N ASN E 36 49.08 21.87 -17.24
CA ASN E 36 48.61 23.05 -17.97
C ASN E 36 47.10 23.05 -18.13
N GLU E 37 46.52 21.88 -18.45
CA GLU E 37 45.06 21.81 -18.54
C GLU E 37 44.42 21.88 -17.16
N LEU E 38 45.14 21.47 -16.13
CA LEU E 38 44.58 21.50 -14.77
C LEU E 38 44.36 22.94 -14.30
N VAL E 39 45.37 23.79 -14.45
CA VAL E 39 45.25 25.16 -13.99
C VAL E 39 44.25 25.94 -14.83
N ALA E 40 44.29 25.74 -16.15
CA ALA E 40 43.40 26.47 -17.05
C ALA E 40 41.93 26.09 -16.81
N TYR E 41 41.66 24.80 -16.62
CA TYR E 41 40.29 24.32 -16.45
C TYR E 41 39.90 24.13 -15.00
N ARG E 42 40.78 24.45 -14.05
CA ARG E 42 40.50 24.33 -12.62
C ARG E 42 40.03 22.92 -12.26
N LYS E 43 40.79 21.93 -12.70
CA LYS E 43 40.42 20.54 -12.46
C LYS E 43 40.52 20.18 -10.98
N LYS E 44 41.53 20.71 -10.29
CA LYS E 44 41.81 20.52 -8.87
C LYS E 44 42.26 19.09 -8.54
N SER E 45 42.26 18.17 -9.50
CA SER E 45 42.69 16.80 -9.28
C SER E 45 43.65 16.38 -10.39
N LEU E 46 44.69 15.65 -10.01
CA LEU E 46 45.71 15.20 -10.95
C LEU E 46 45.85 13.69 -10.86
N ILE E 47 46.15 13.07 -12.00
CA ILE E 47 46.25 11.62 -12.12
C ILE E 47 47.71 11.26 -12.31
N ILE E 48 48.21 10.33 -11.51
CA ILE E 48 49.59 9.86 -11.58
C ILE E 48 49.56 8.35 -11.82
N GLU E 49 50.30 7.91 -12.83
CA GLU E 49 50.38 6.50 -13.18
C GLU E 49 51.50 5.82 -12.38
N PHE E 50 51.19 4.65 -11.84
CA PHE E 50 52.18 3.93 -11.03
C PHE E 50 53.34 3.43 -11.89
N SER E 51 53.08 3.09 -13.16
CA SER E 51 54.16 2.66 -14.03
C SER E 51 55.17 3.77 -14.27
N ASP E 52 54.68 4.99 -14.44
CA ASP E 52 55.58 6.12 -14.73
C ASP E 52 56.50 6.40 -13.54
N VAL E 53 55.96 6.43 -12.32
CA VAL E 53 56.80 6.71 -11.17
C VAL E 53 57.75 5.56 -10.88
N LEU E 54 57.28 4.32 -11.07
CA LEU E 54 58.15 3.16 -10.88
C LEU E 54 59.31 3.17 -11.87
N SER E 55 59.03 3.51 -13.13
CA SER E 55 60.09 3.62 -14.13
C SER E 55 61.04 4.76 -13.80
N PHE E 56 60.51 5.87 -13.31
CA PHE E 56 61.35 7.03 -13.01
C PHE E 56 62.16 6.82 -11.74
N ASN E 57 61.48 6.60 -10.61
CA ASN E 57 62.15 6.44 -9.32
C ASN E 57 61.39 5.39 -8.52
N GLU E 58 62.01 4.21 -8.34
CA GLU E 58 61.37 3.15 -7.58
C GLU E 58 61.23 3.52 -6.11
N ASN E 59 62.16 4.32 -5.58
CA ASN E 59 62.09 4.71 -4.18
C ASN E 59 60.83 5.53 -3.90
N LEU E 60 60.48 6.43 -4.82
CA LEU E 60 59.26 7.22 -4.65
C LEU E 60 58.01 6.35 -4.81
N ALA E 61 58.07 5.36 -5.70
CA ALA E 61 56.88 4.59 -6.03
C ALA E 61 56.49 3.63 -4.91
N TYR E 62 57.46 2.93 -4.33
CA TYR E 62 57.12 1.85 -3.40
C TYR E 62 56.63 2.40 -2.06
N GLU E 63 57.12 3.57 -1.64
CA GLU E 63 56.64 4.14 -0.40
C GLU E 63 55.19 4.61 -0.51
N ILE E 64 54.75 4.97 -1.71
CA ILE E 64 53.36 5.33 -1.92
C ILE E 64 52.45 4.14 -1.66
N ILE E 65 52.85 2.96 -2.13
CA ILE E 65 52.04 1.75 -1.92
C ILE E 65 51.95 1.43 -0.43
N ASN E 66 53.09 1.48 0.27
CA ASN E 66 53.11 1.09 1.68
C ASN E 66 52.66 2.21 2.59
N ASN E 67 53.38 3.33 2.58
CA ASN E 67 53.09 4.45 3.48
C ASN E 67 52.27 5.52 2.76
N THR E 68 51.04 5.13 2.38
CA THR E 68 50.17 6.05 1.65
C THR E 68 49.54 7.09 2.57
N LYS E 69 49.24 6.71 3.81
CA LYS E 69 48.50 7.60 4.70
C LYS E 69 49.30 8.86 5.05
N ILE E 70 50.60 8.71 5.30
CA ILE E 70 51.39 9.82 5.80
C ILE E 70 52.11 10.60 4.69
N ILE E 71 52.34 9.98 3.54
CA ILE E 71 53.07 10.65 2.47
C ILE E 71 52.15 11.34 1.45
N LEU E 72 50.89 10.92 1.34
CA LEU E 72 49.98 11.55 0.39
C LEU E 72 49.73 13.03 0.70
N PRO E 73 49.37 13.42 1.92
CA PRO E 73 49.19 14.87 2.18
C PRO E 73 50.47 15.67 1.95
N ILE E 74 51.62 15.11 2.26
CA ILE E 74 52.89 15.79 2.01
C ILE E 74 53.10 15.95 0.51
N LEU E 75 52.82 14.91 -0.27
CA LEU E 75 52.99 14.98 -1.72
C LEU E 75 52.01 15.96 -2.33
N GLU E 76 50.77 15.99 -1.83
CA GLU E 76 49.77 16.92 -2.36
C GLU E 76 50.19 18.36 -2.13
N GLY E 77 50.72 18.67 -0.94
CA GLY E 77 51.18 20.02 -0.67
C GLY E 77 52.32 20.45 -1.57
N ALA E 78 53.21 19.51 -1.90
CA ALA E 78 54.31 19.82 -2.81
C ALA E 78 53.79 20.20 -4.20
N LEU E 79 52.80 19.46 -4.70
CA LEU E 79 52.22 19.79 -6.00
C LEU E 79 51.55 21.16 -5.96
N TYR E 80 50.80 21.45 -4.90
CA TYR E 80 50.14 22.74 -4.79
C TYR E 80 51.16 23.88 -4.72
N ASP E 81 52.35 23.61 -4.20
CA ASP E 81 53.42 24.61 -4.19
C ASP E 81 53.92 24.93 -5.59
N HIS E 82 53.63 24.07 -6.57
CA HIS E 82 54.06 24.28 -7.94
C HIS E 82 53.03 25.04 -8.77
N ILE E 83 51.85 25.31 -8.22
CA ILE E 83 50.76 25.93 -8.97
C ILE E 83 50.73 27.44 -8.80
N LEU E 84 50.84 27.93 -7.56
CA LEU E 84 50.73 29.37 -7.33
C LEU E 84 51.88 30.11 -8.03
N GLN E 85 53.09 29.55 -7.99
CA GLN E 85 54.19 30.17 -8.71
C GLN E 85 53.99 30.11 -10.21
N LEU E 86 53.25 29.10 -10.70
CA LEU E 86 52.92 29.05 -12.11
C LEU E 86 51.83 30.07 -12.45
N ASP E 87 50.83 30.20 -11.58
CA ASP E 87 49.72 31.14 -11.81
C ASP E 87 49.19 31.58 -10.45
N PRO E 88 49.51 32.80 -10.02
CA PRO E 88 48.99 33.27 -8.73
C PRO E 88 47.48 33.29 -8.65
N THR E 89 46.78 33.47 -9.77
CA THR E 89 45.33 33.55 -9.78
C THR E 89 44.66 32.23 -9.46
N TYR E 90 45.40 31.13 -9.40
CA TYR E 90 44.80 29.84 -9.06
C TYR E 90 44.23 29.84 -7.65
N GLN E 91 44.69 30.72 -6.78
CA GLN E 91 44.12 30.84 -5.44
C GLN E 91 42.71 31.42 -5.53
N ARG E 92 42.01 31.40 -4.40
CA ARG E 92 40.63 31.83 -4.23
C ARG E 92 39.65 30.95 -4.99
N ASP E 93 40.12 29.91 -5.69
CA ASP E 93 39.27 28.96 -6.38
C ASP E 93 39.43 27.55 -5.84
N ILE E 94 40.67 27.06 -5.75
CA ILE E 94 40.98 25.75 -5.20
C ILE E 94 42.02 25.93 -4.11
N GLU E 95 41.73 25.41 -2.92
CA GLU E 95 42.63 25.54 -1.78
C GLU E 95 43.50 24.32 -1.56
N LYS E 96 43.04 23.13 -1.93
CA LYS E 96 43.81 21.90 -1.79
C LYS E 96 43.71 21.08 -3.06
N VAL E 97 44.82 20.45 -3.44
CA VAL E 97 44.87 19.64 -4.65
C VAL E 97 44.94 18.17 -4.25
N HIS E 98 44.61 17.30 -5.20
CA HIS E 98 44.61 15.86 -4.98
C HIS E 98 45.39 15.17 -6.08
N VAL E 99 46.08 14.10 -5.70
CA VAL E 99 46.80 13.24 -6.64
C VAL E 99 46.24 11.84 -6.51
N ARG E 100 45.87 11.24 -7.64
CA ARG E 100 45.26 9.91 -7.67
C ARG E 100 46.20 8.95 -8.37
N ILE E 101 46.44 7.81 -7.73
CA ILE E 101 47.35 6.78 -8.25
C ILE E 101 46.52 5.64 -8.83
N VAL E 102 46.88 5.21 -10.03
CA VAL E 102 46.18 4.14 -10.72
C VAL E 102 47.19 3.05 -11.10
N GLY E 103 46.66 1.91 -11.52
CA GLY E 103 47.52 0.79 -11.88
C GLY E 103 48.26 0.19 -10.71
N ILE E 104 47.61 0.05 -9.56
CA ILE E 104 48.27 -0.53 -8.39
C ILE E 104 48.48 -2.03 -8.61
N PRO E 105 49.69 -2.55 -8.43
CA PRO E 105 49.91 -4.00 -8.59
C PRO E 105 49.14 -4.84 -7.59
N ARG E 106 48.76 -4.28 -6.44
CA ARG E 106 48.05 -5.01 -5.41
C ARG E 106 46.56 -5.01 -5.74
N VAL E 107 46.07 -6.11 -6.30
CA VAL E 107 44.65 -6.27 -6.63
C VAL E 107 44.12 -7.44 -5.84
N ILE E 108 43.01 -7.23 -5.13
CA ILE E 108 42.42 -8.22 -4.25
C ILE E 108 40.99 -8.47 -4.68
N GLU E 109 40.61 -9.74 -4.81
CA GLU E 109 39.25 -10.10 -5.15
C GLU E 109 38.31 -9.72 -4.00
N LEU E 110 37.05 -9.48 -4.34
CA LEU E 110 36.08 -9.04 -3.35
C LEU E 110 35.86 -10.13 -2.29
N ARG E 111 35.75 -11.38 -2.71
CA ARG E 111 35.52 -12.48 -1.79
C ARG E 111 36.76 -12.88 -0.99
N LYS E 112 37.93 -12.38 -1.37
CA LYS E 112 39.19 -12.78 -0.74
C LYS E 112 39.72 -11.74 0.24
N ILE E 113 38.92 -10.74 0.59
CA ILE E 113 39.37 -9.69 1.50
C ILE E 113 39.42 -10.23 2.92
N ARG E 114 40.55 -10.02 3.59
CA ARG E 114 40.75 -10.47 4.96
C ARG E 114 41.23 -9.31 5.82
N SER E 115 41.46 -9.59 7.11
CA SER E 115 41.83 -8.54 8.05
C SER E 115 43.20 -7.95 7.74
N THR E 116 44.08 -8.73 7.10
CA THR E 116 45.41 -8.24 6.79
C THR E 116 45.40 -7.11 5.77
N ASP E 117 44.30 -6.95 5.02
CA ASP E 117 44.19 -5.91 4.02
C ASP E 117 43.71 -4.59 4.58
N ILE E 118 43.39 -4.52 5.87
CA ILE E 118 42.90 -3.29 6.48
C ILE E 118 44.04 -2.28 6.55
N GLY E 119 43.78 -1.06 6.10
CA GLY E 119 44.78 -0.02 6.12
C GLY E 119 45.80 -0.08 5.01
N LYS E 120 45.55 -0.88 3.97
CA LYS E 120 46.48 -1.03 2.86
C LYS E 120 45.84 -0.51 1.58
N LEU E 121 46.65 0.14 0.74
CA LEU E 121 46.18 0.66 -0.53
C LEU E 121 46.02 -0.50 -1.52
N ILE E 122 44.78 -0.88 -1.80
CA ILE E 122 44.47 -1.98 -2.68
C ILE E 122 43.55 -1.49 -3.79
N THR E 123 43.34 -2.35 -4.78
CA THR E 123 42.49 -2.05 -5.93
C THR E 123 41.51 -3.20 -6.14
N ILE E 124 40.25 -2.86 -6.39
CA ILE E 124 39.18 -3.83 -6.59
C ILE E 124 38.47 -3.52 -7.89
N ASP E 125 38.26 -4.53 -8.71
CA ASP E 125 37.51 -4.42 -9.95
C ASP E 125 36.13 -5.03 -9.76
N GLY E 126 35.09 -4.31 -10.18
CA GLY E 126 33.75 -4.80 -9.99
C GLY E 126 32.76 -4.00 -10.81
N ILE E 127 31.48 -4.19 -10.47
CA ILE E 127 30.36 -3.56 -11.17
C ILE E 127 29.55 -2.75 -10.18
N LEU E 128 29.14 -1.56 -10.58
CA LEU E 128 28.32 -0.70 -9.73
C LEU E 128 26.85 -1.12 -9.83
N VAL E 129 26.14 -1.05 -8.71
CA VAL E 129 24.74 -1.45 -8.68
C VAL E 129 23.86 -0.26 -8.33
N LYS E 130 24.38 0.68 -7.56
CA LYS E 130 23.59 1.83 -7.13
C LYS E 130 24.50 2.90 -6.57
N VAL E 131 24.05 4.15 -6.65
CA VAL E 131 24.77 5.30 -6.10
C VAL E 131 23.76 6.20 -5.39
N THR E 132 24.15 6.70 -4.23
CA THR E 132 23.31 7.61 -3.47
C THR E 132 23.46 9.04 -4.00
N PRO E 133 22.46 9.90 -3.76
CA PRO E 133 22.59 11.30 -4.17
C PRO E 133 23.70 12.00 -3.40
N VAL E 134 24.25 13.04 -4.02
CA VAL E 134 25.37 13.77 -3.43
C VAL E 134 24.91 14.48 -2.16
N LYS E 135 25.68 14.34 -1.09
CA LYS E 135 25.38 14.99 0.18
C LYS E 135 26.58 15.79 0.66
N GLU E 136 26.51 16.31 1.88
CA GLU E 136 27.58 17.11 2.46
C GLU E 136 28.01 16.52 3.79
N ARG E 137 29.33 16.50 4.02
CA ARG E 137 29.90 15.96 5.24
C ARG E 137 30.71 17.05 5.94
N ILE E 138 30.55 17.13 7.27
CA ILE E 138 31.26 18.12 8.08
C ILE E 138 32.63 17.56 8.45
N TYR E 139 33.68 18.32 8.14
CA TYR E 139 35.02 17.97 8.57
C TYR E 139 35.66 19.01 9.49
N LYS E 140 35.04 20.18 9.65
CA LYS E 140 35.51 21.19 10.60
C LYS E 140 34.29 22.02 11.01
N ALA E 141 33.74 21.72 12.18
CA ALA E 141 32.52 22.37 12.62
C ALA E 141 32.82 23.62 13.43
N THR E 142 31.79 24.45 13.60
CA THR E 142 31.86 25.66 14.41
C THR E 142 30.71 25.64 15.40
N TYR E 143 31.02 25.90 16.67
CA TYR E 143 30.05 25.81 17.74
C TYR E 143 29.99 27.12 18.52
N LYS E 144 28.83 27.36 19.13
CA LYS E 144 28.62 28.52 19.99
C LYS E 144 28.08 28.04 21.33
N HIS E 145 28.70 28.52 22.41
CA HIS E 145 28.33 28.08 23.75
C HIS E 145 27.08 28.83 24.20
N ILE E 146 25.99 28.11 24.40
CA ILE E 146 24.73 28.71 24.85
C ILE E 146 24.74 28.64 26.37
N HIS E 147 25.37 29.64 26.98
CA HIS E 147 25.43 29.79 28.43
C HIS E 147 25.58 31.27 28.74
N PRO E 148 24.59 31.90 29.39
CA PRO E 148 24.41 33.36 29.31
C PRO E 148 25.67 34.21 29.42
N ASP E 149 26.73 33.68 30.01
CA ASP E 149 27.97 34.43 30.16
C ASP E 149 28.90 34.31 28.96
N CYS E 150 28.81 33.23 28.18
CA CYS E 150 29.86 32.95 27.21
C CYS E 150 29.69 33.73 25.91
N MET E 151 28.63 33.44 25.15
CA MET E 151 28.45 33.96 23.80
C MET E 151 29.75 33.98 23.01
N GLN E 152 30.36 32.81 22.89
CA GLN E 152 31.63 32.65 22.20
C GLN E 152 31.50 31.59 21.11
N GLU E 153 32.15 31.84 19.98
CA GLU E 153 32.15 30.93 18.84
C GLU E 153 33.54 30.36 18.65
N PHE E 154 33.61 29.06 18.38
CA PHE E 154 34.89 28.38 18.22
C PHE E 154 34.71 27.18 17.30
N GLU E 155 35.83 26.74 16.73
CA GLU E 155 35.87 25.51 15.95
C GLU E 155 36.22 24.36 16.87
N TRP E 156 35.29 23.42 17.04
CA TRP E 156 35.46 22.38 18.04
C TRP E 156 36.68 21.50 17.79
N PRO E 157 36.82 20.83 16.64
CA PRO E 157 37.99 19.95 16.47
C PRO E 157 39.26 20.77 16.26
N GLU E 158 40.09 20.84 17.31
CA GLU E 158 41.31 21.64 17.25
C GLU E 158 42.42 20.84 16.58
N ASP E 159 43.08 21.47 15.61
CA ASP E 159 44.18 20.90 14.83
C ASP E 159 43.92 19.45 14.44
N GLU E 160 42.67 19.14 14.12
CA GLU E 160 42.29 17.78 13.77
C GLU E 160 40.97 17.81 13.01
N GLU E 161 40.85 16.93 12.02
CA GLU E 161 39.61 16.82 11.25
C GLU E 161 38.55 16.09 12.07
N MET E 162 37.30 16.49 11.86
CA MET E 162 36.18 15.82 12.52
C MET E 162 36.14 14.35 12.09
N PRO E 163 36.04 13.42 13.02
CA PRO E 163 35.98 12.00 12.65
C PRO E 163 34.66 11.66 11.97
N GLU E 164 34.57 10.41 11.52
CA GLU E 164 33.34 9.95 10.88
C GLU E 164 32.16 9.93 11.85
N VAL E 165 32.42 9.92 13.15
CA VAL E 165 31.39 10.01 14.18
C VAL E 165 31.35 11.43 14.69
N LEU E 166 30.18 12.07 14.58
CA LEU E 166 30.04 13.45 15.05
C LEU E 166 30.17 13.51 16.56
N GLU E 167 31.00 14.44 17.03
CA GLU E 167 31.25 14.60 18.46
C GLU E 167 31.04 16.06 18.85
N MET E 168 30.42 16.27 20.00
CA MET E 168 30.10 17.60 20.51
C MET E 168 30.91 17.88 21.78
N PRO E 169 31.49 19.07 21.88
CA PRO E 169 32.28 19.40 23.07
C PRO E 169 31.44 19.37 24.34
N THR E 170 32.07 18.97 25.45
CA THR E 170 31.43 18.98 26.75
C THR E 170 31.85 20.15 27.62
N ILE E 171 33.01 20.74 27.34
CA ILE E 171 33.50 21.91 28.08
C ILE E 171 33.90 22.97 27.06
N CYS E 172 33.41 24.18 27.25
CA CYS E 172 33.71 25.27 26.33
C CYS E 172 35.17 25.67 26.46
N PRO E 173 35.97 25.56 25.40
CA PRO E 173 37.39 25.96 25.53
C PRO E 173 37.57 27.43 25.82
N LYS E 174 36.63 28.29 25.44
CA LYS E 174 36.78 29.72 25.64
C LYS E 174 36.59 30.12 27.10
N CYS E 175 35.78 29.38 27.86
CA CYS E 175 35.50 29.71 29.24
C CYS E 175 35.70 28.56 30.22
N GLY E 176 35.99 27.36 29.73
CA GLY E 176 36.21 26.23 30.61
C GLY E 176 35.00 25.83 31.44
N LYS E 177 33.81 25.90 30.85
CA LYS E 177 32.59 25.58 31.55
C LYS E 177 31.74 24.65 30.70
N PRO E 178 30.95 23.77 31.33
CA PRO E 178 30.06 22.89 30.57
C PRO E 178 28.79 23.60 30.12
N GLY E 179 27.88 22.87 29.51
CA GLY E 179 26.63 23.44 29.05
C GLY E 179 26.14 22.87 27.74
N GLN E 180 25.38 23.66 26.99
CA GLN E 180 24.88 23.25 25.70
C GLN E 180 25.46 24.15 24.61
N PHE E 181 25.66 23.57 23.43
CA PHE E 181 26.31 24.26 22.32
C PHE E 181 25.43 24.19 21.09
N ARG E 182 25.41 25.26 20.31
CA ARG E 182 24.62 25.37 19.10
C ARG E 182 25.54 25.44 17.89
N LEU E 183 25.31 24.56 16.92
CA LEU E 183 26.13 24.54 15.72
C LEU E 183 25.84 25.76 14.84
N ILE E 184 26.89 26.26 14.18
CA ILE E 184 26.75 27.40 13.29
C ILE E 184 27.00 26.93 11.86
N PRO E 185 25.94 26.68 11.07
CA PRO E 185 26.15 26.17 9.70
C PRO E 185 26.91 27.12 8.80
N GLU E 186 26.81 28.43 9.03
CA GLU E 186 27.43 29.39 8.13
C GLU E 186 28.95 29.31 8.15
N LYS E 187 29.54 29.05 9.32
CA LYS E 187 30.99 28.99 9.47
C LYS E 187 31.53 27.56 9.45
N THR E 188 30.67 26.58 9.16
CA THR E 188 31.08 25.19 9.13
C THR E 188 31.64 24.83 7.77
N LYS E 189 32.77 24.12 7.76
CA LYS E 189 33.40 23.66 6.53
C LYS E 189 32.82 22.30 6.13
N LEU E 190 32.51 22.15 4.84
CA LEU E 190 31.84 20.97 4.34
C LEU E 190 32.62 20.39 3.17
N ILE E 191 32.40 19.10 2.94
CA ILE E 191 33.00 18.38 1.82
C ILE E 191 31.93 17.49 1.19
N ASP E 192 31.94 17.41 -0.13
CA ASP E 192 30.95 16.61 -0.84
C ASP E 192 31.11 15.13 -0.47
N TRP E 193 29.98 14.44 -0.33
CA TRP E 193 29.96 13.06 0.13
C TRP E 193 28.97 12.26 -0.69
N GLN E 194 29.38 11.07 -1.10
CA GLN E 194 28.53 10.17 -1.87
C GLN E 194 28.86 8.73 -1.51
N LYS E 195 27.83 7.89 -1.47
CA LYS E 195 27.98 6.48 -1.16
C LYS E 195 27.57 5.64 -2.36
N ALA E 196 28.38 4.63 -2.67
CA ALA E 196 28.09 3.71 -3.76
C ALA E 196 28.38 2.28 -3.31
N VAL E 197 27.71 1.33 -3.96
CA VAL E 197 27.85 -0.08 -3.66
C VAL E 197 28.43 -0.78 -4.89
N ILE E 198 29.49 -1.56 -4.69
CA ILE E 198 30.15 -2.26 -5.76
C ILE E 198 29.85 -3.75 -5.64
N GLN E 199 29.84 -4.43 -6.78
CA GLN E 199 29.54 -5.85 -6.83
C GLN E 199 30.57 -6.55 -7.71
N GLU E 200 30.89 -7.80 -7.35
CA GLU E 200 31.87 -8.56 -8.11
C GLU E 200 31.29 -9.00 -9.45
N ARG E 201 32.15 -9.03 -10.46
CA ARG E 201 31.72 -9.43 -11.79
C ARG E 201 31.32 -10.90 -11.81
N PRO E 202 30.37 -11.30 -12.66
CA PRO E 202 29.96 -12.71 -12.71
C PRO E 202 31.09 -13.65 -13.08
N GLU E 203 32.11 -13.16 -13.79
CA GLU E 203 33.28 -13.99 -14.08
C GLU E 203 33.98 -14.39 -12.79
N GLU E 204 34.12 -13.45 -11.85
CA GLU E 204 34.78 -13.76 -10.58
C GLU E 204 33.91 -14.64 -9.70
N VAL E 205 32.59 -14.48 -9.77
CA VAL E 205 31.67 -15.21 -8.90
C VAL E 205 31.76 -16.71 -9.19
N PRO E 206 32.06 -17.53 -8.18
CA PRO E 206 32.07 -18.98 -8.41
C PRO E 206 30.66 -19.50 -8.64
N SER E 207 30.57 -20.61 -9.35
CA SER E 207 29.28 -21.21 -9.67
C SER E 207 28.66 -21.82 -8.41
N GLY E 208 27.41 -21.48 -8.14
CA GLY E 208 26.66 -22.04 -7.03
C GLY E 208 26.36 -21.08 -5.90
N GLN E 209 26.95 -19.89 -5.89
CA GLN E 209 26.70 -18.91 -4.84
C GLN E 209 26.45 -17.54 -5.44
N LEU E 210 25.67 -16.75 -4.72
CA LEU E 210 25.33 -15.41 -5.17
C LEU E 210 26.54 -14.48 -5.04
N PRO E 211 26.61 -13.43 -5.86
CA PRO E 211 27.72 -12.48 -5.75
C PRO E 211 27.65 -11.69 -4.45
N ARG E 212 28.83 -11.26 -4.00
CA ARG E 212 28.94 -10.45 -2.79
C ARG E 212 28.91 -8.97 -3.15
N GLN E 213 28.78 -8.13 -2.12
CA GLN E 213 28.66 -6.69 -2.30
C GLN E 213 29.57 -5.96 -1.33
N LEU E 214 29.97 -4.75 -1.71
CA LEU E 214 30.83 -3.92 -0.88
C LEU E 214 30.43 -2.46 -1.06
N GLU E 215 30.51 -1.69 0.01
CA GLU E 215 30.16 -0.28 -0.01
C GLU E 215 31.41 0.58 -0.16
N ILE E 216 31.34 1.58 -1.03
CA ILE E 216 32.45 2.49 -1.27
C ILE E 216 31.95 3.91 -1.05
N ILE E 217 32.90 4.81 -0.75
CA ILE E 217 32.61 6.20 -0.43
C ILE E 217 33.36 7.08 -1.41
N LEU E 218 32.62 7.97 -2.08
CA LEU E 218 33.19 8.97 -2.97
C LEU E 218 33.07 10.34 -2.31
N GLU E 219 34.17 11.10 -2.32
CA GLU E 219 34.19 12.40 -1.67
C GLU E 219 34.83 13.44 -2.59
N ASP E 220 34.39 14.68 -2.41
CA ASP E 220 34.94 15.85 -3.11
C ASP E 220 34.71 15.65 -4.62
N ASP E 221 35.74 15.77 -5.46
CA ASP E 221 35.56 15.72 -6.91
C ASP E 221 35.23 14.32 -7.42
N LEU E 222 35.36 13.29 -6.58
CA LEU E 222 35.08 11.93 -7.02
C LEU E 222 33.59 11.62 -7.12
N VAL E 223 32.73 12.53 -6.65
CA VAL E 223 31.29 12.27 -6.72
C VAL E 223 30.81 12.37 -8.15
N ASP E 224 29.81 11.55 -8.48
CA ASP E 224 29.19 11.51 -9.80
C ASP E 224 30.21 11.22 -10.90
N SER E 225 31.25 10.45 -10.57
CA SER E 225 32.28 10.09 -11.54
C SER E 225 31.96 8.82 -12.30
N ALA E 226 30.88 8.13 -11.96
CA ALA E 226 30.52 6.89 -12.64
C ALA E 226 29.01 6.69 -12.53
N ARG E 227 28.48 5.84 -13.40
CA ARG E 227 27.07 5.52 -13.44
C ARG E 227 26.84 4.08 -12.99
N PRO E 228 25.65 3.77 -12.47
CA PRO E 228 25.35 2.39 -12.10
C PRO E 228 25.44 1.45 -13.29
N GLY E 229 25.92 0.23 -13.05
CA GLY E 229 26.10 -0.72 -14.11
C GLY E 229 27.34 -0.49 -14.96
N ASP E 230 28.38 0.12 -14.40
CA ASP E 230 29.62 0.38 -15.10
C ASP E 230 30.76 -0.37 -14.43
N ARG E 231 31.55 -1.09 -15.22
CA ARG E 231 32.70 -1.81 -14.70
C ARG E 231 33.82 -0.83 -14.41
N VAL E 232 34.28 -0.80 -13.17
CA VAL E 232 35.26 0.18 -12.71
C VAL E 232 36.31 -0.49 -11.86
N LYS E 233 37.45 0.20 -11.73
CA LYS E 233 38.51 -0.19 -10.80
C LYS E 233 38.70 0.93 -9.79
N VAL E 234 38.64 0.59 -8.52
CA VAL E 234 38.69 1.57 -7.43
C VAL E 234 39.88 1.25 -6.55
N THR E 235 40.68 2.27 -6.25
CA THR E 235 41.83 2.16 -5.37
C THR E 235 41.61 3.04 -4.14
N GLY E 236 42.05 2.54 -2.98
CA GLY E 236 41.86 3.29 -1.75
C GLY E 236 42.24 2.43 -0.55
N ILE E 237 41.67 2.79 0.59
CA ILE E 237 41.99 2.17 1.87
C ILE E 237 40.72 1.56 2.45
N LEU E 238 40.81 0.29 2.85
CA LEU E 238 39.71 -0.37 3.54
C LEU E 238 39.65 0.09 5.00
N ASP E 239 38.44 0.12 5.54
CA ASP E 239 38.23 0.52 6.93
C ASP E 239 36.92 -0.04 7.42
N ILE E 240 36.75 -0.04 8.74
CA ILE E 240 35.56 -0.58 9.38
C ILE E 240 34.53 0.53 9.54
N LYS E 241 33.28 0.21 9.23
CA LYS E 241 32.19 1.16 9.36
C LYS E 241 31.80 1.32 10.83
N GLN E 242 31.24 2.49 11.14
CA GLN E 242 30.76 2.78 12.48
C GLN E 242 29.36 3.37 12.40
N ASP E 243 28.41 2.79 13.13
CA ASP E 243 27.04 3.27 13.15
C ASP E 243 26.64 3.81 14.52
N SER E 244 26.75 3.00 15.57
CA SER E 244 26.41 3.41 16.93
C SER E 244 27.51 2.95 17.88
N PRO E 245 28.67 3.59 17.84
CA PRO E 245 29.77 3.17 18.75
C PRO E 245 29.43 3.35 20.21
N VAL E 246 28.65 4.37 20.56
CA VAL E 246 28.28 4.58 21.96
C VAL E 246 27.35 3.48 22.45
N LYS E 247 26.44 3.03 21.59
CA LYS E 247 25.47 2.02 21.98
C LYS E 247 26.17 0.70 22.32
N ARG E 248 25.84 0.15 23.49
CA ARG E 248 26.41 -1.10 23.95
C ARG E 248 25.52 -2.26 23.53
N GLY E 249 25.76 -3.45 24.08
CA GLY E 249 25.00 -4.62 23.72
C GLY E 249 25.80 -5.59 22.86
N SER E 250 27.07 -5.75 23.19
CA SER E 250 28.01 -6.63 22.46
C SER E 250 28.08 -6.11 21.03
N ARG E 251 27.93 -6.96 20.02
CA ARG E 251 28.02 -6.55 18.61
C ARG E 251 29.35 -5.84 18.33
N ALA E 252 30.43 -6.39 18.88
CA ALA E 252 31.76 -5.85 18.63
C ALA E 252 32.21 -6.02 17.19
N VAL E 253 31.50 -6.84 16.40
CA VAL E 253 31.84 -7.01 14.99
C VAL E 253 31.44 -5.77 14.21
N PHE E 254 32.11 -5.58 13.06
CA PHE E 254 31.84 -4.45 12.20
C PHE E 254 31.95 -4.89 10.75
N ASP E 255 31.29 -4.13 9.88
CA ASP E 255 31.37 -4.36 8.44
C ASP E 255 32.60 -3.64 7.89
N ILE E 256 32.82 -3.78 6.59
CA ILE E 256 33.96 -3.19 5.91
C ILE E 256 33.45 -2.25 4.82
N TYR E 257 33.89 -1.01 4.87
CA TYR E 257 33.62 -0.04 3.81
C TYR E 257 34.94 0.34 3.14
N MET E 258 34.82 1.03 2.01
CA MET E 258 35.94 1.24 1.11
C MET E 258 36.04 2.74 0.81
N LYS E 259 37.11 3.36 1.32
CA LYS E 259 37.35 4.79 1.08
C LYS E 259 38.14 4.92 -0.23
N VAL E 260 37.45 5.38 -1.28
CA VAL E 260 38.03 5.41 -2.62
C VAL E 260 39.00 6.58 -2.71
N SER E 261 40.20 6.30 -3.23
CA SER E 261 41.19 7.33 -3.53
C SER E 261 41.29 7.64 -5.03
N SER E 262 40.98 6.67 -5.88
CA SER E 262 41.00 6.88 -7.33
C SER E 262 40.08 5.86 -7.97
N ILE E 263 39.39 6.28 -9.03
CA ILE E 263 38.46 5.42 -9.74
C ILE E 263 38.65 5.61 -11.24
N GLU E 264 38.69 4.49 -11.97
CA GLU E 264 38.76 4.51 -13.43
C GLU E 264 37.64 3.67 -13.99
N VAL E 265 37.07 4.10 -15.10
CA VAL E 265 35.95 3.42 -15.73
C VAL E 265 36.47 2.48 -16.80
N SER E 266 35.64 1.49 -17.15
CA SER E 266 35.98 0.49 -18.18
C SER E 266 37.28 -0.24 -17.84
N SER E 273 42.49 8.17 -25.96
CA SER E 273 43.65 9.03 -25.90
C SER E 273 43.94 9.66 -27.26
N GLU E 274 45.04 10.42 -27.32
CA GLU E 274 45.42 11.05 -28.59
C GLU E 274 45.78 10.02 -29.65
N GLU E 275 46.50 8.97 -29.25
CA GLU E 275 46.89 7.93 -30.20
C GLU E 275 45.67 7.20 -30.75
N ASP E 276 44.58 7.11 -29.97
CA ASP E 276 43.37 6.48 -30.48
C ASP E 276 42.79 7.27 -31.65
N GLU E 277 42.81 8.60 -31.56
CA GLU E 277 42.35 9.42 -32.68
C GLU E 277 43.21 9.18 -33.92
N LYS E 278 44.52 9.10 -33.74
CA LYS E 278 45.40 8.80 -34.87
C LYS E 278 45.14 7.39 -35.40
N LYS E 279 44.89 6.43 -34.50
CA LYS E 279 44.55 5.08 -34.89
C LYS E 279 43.23 4.98 -35.61
N ILE E 280 42.41 6.02 -35.56
CA ILE E 280 41.11 6.04 -36.23
C ILE E 280 41.16 6.81 -37.54
N LYS E 281 41.85 7.96 -37.55
CA LYS E 281 41.91 8.78 -38.75
C LYS E 281 42.58 8.04 -39.90
N ASP E 282 43.64 7.28 -39.61
CA ASP E 282 44.31 6.52 -40.65
C ASP E 282 43.38 5.46 -41.25
N LEU E 283 42.56 4.84 -40.41
CA LEU E 283 41.59 3.86 -40.90
C LEU E 283 40.57 4.51 -41.83
N ALA E 284 40.15 5.73 -41.51
CA ALA E 284 39.14 6.40 -42.33
C ALA E 284 39.63 6.67 -43.74
N LYS E 285 40.94 6.82 -43.94
CA LYS E 285 41.48 7.10 -45.25
C LYS E 285 41.40 5.89 -46.18
N ASP E 286 41.06 4.71 -45.67
CA ASP E 286 40.94 3.54 -46.52
C ASP E 286 39.79 3.74 -47.51
N PRO E 287 40.03 3.56 -48.81
CA PRO E 287 38.92 3.69 -49.77
C PRO E 287 37.80 2.70 -49.55
N TRP E 288 38.11 1.52 -49.03
CA TRP E 288 37.11 0.49 -48.74
C TRP E 288 37.04 0.22 -47.24
N ILE E 289 37.05 1.29 -46.44
CA ILE E 289 36.91 1.15 -44.99
C ILE E 289 35.56 0.54 -44.65
N ARG E 290 34.52 0.89 -45.41
CA ARG E 290 33.19 0.36 -45.15
C ARG E 290 33.17 -1.16 -45.28
N ASP E 291 33.82 -1.69 -46.31
CA ASP E 291 33.89 -3.14 -46.48
C ASP E 291 34.62 -3.81 -45.33
N ARG E 292 35.72 -3.21 -44.88
CA ARG E 292 36.46 -3.77 -43.75
C ARG E 292 35.62 -3.76 -42.47
N ILE E 293 34.86 -2.69 -42.26
CA ILE E 293 34.01 -2.61 -41.08
C ILE E 293 32.94 -3.70 -41.11
N ILE E 294 32.31 -3.88 -42.28
CA ILE E 294 31.28 -4.90 -42.42
C ILE E 294 31.88 -6.28 -42.23
N SER E 295 33.05 -6.53 -42.83
CA SER E 295 33.69 -7.84 -42.72
C SER E 295 34.10 -8.14 -41.28
N SER E 296 34.32 -7.10 -40.47
CA SER E 296 34.75 -7.29 -39.09
C SER E 296 33.60 -7.60 -38.13
N ILE E 297 32.36 -7.55 -38.60
CA ILE E 297 31.21 -7.80 -37.74
C ILE E 297 30.99 -9.31 -37.65
N ALA E 298 31.14 -9.86 -36.44
CA ALA E 298 30.93 -11.27 -36.14
C ALA E 298 31.69 -12.17 -37.11
N PRO E 299 33.03 -12.22 -37.01
CA PRO E 299 33.79 -13.10 -37.91
C PRO E 299 33.50 -14.57 -37.72
N SER E 300 32.95 -14.97 -36.57
CA SER E 300 32.69 -16.38 -36.30
C SER E 300 31.51 -16.92 -37.11
N ILE E 301 30.76 -16.08 -37.79
CA ILE E 301 29.59 -16.50 -38.56
C ILE E 301 29.91 -16.40 -40.03
N TYR E 302 29.63 -17.47 -40.77
CA TYR E 302 29.89 -17.52 -42.20
C TYR E 302 28.69 -16.99 -42.97
N GLY E 303 28.98 -16.18 -43.99
CA GLY E 303 27.92 -15.62 -44.81
C GLY E 303 27.17 -14.52 -44.09
N HIS E 304 25.88 -14.39 -44.41
CA HIS E 304 25.00 -13.37 -43.84
C HIS E 304 25.58 -11.97 -44.04
N TRP E 305 26.02 -11.70 -45.27
CA TRP E 305 26.58 -10.38 -45.57
C TRP E 305 25.53 -9.29 -45.43
N GLU E 306 24.30 -9.55 -45.89
CA GLU E 306 23.24 -8.57 -45.75
C GLU E 306 22.92 -8.31 -44.30
N LEU E 307 22.83 -9.37 -43.50
CA LEU E 307 22.54 -9.20 -42.07
C LEU E 307 23.68 -8.49 -41.36
N LYS E 308 24.93 -8.82 -41.70
CA LYS E 308 26.07 -8.14 -41.09
C LYS E 308 26.08 -6.66 -41.45
N GLU E 309 25.75 -6.34 -42.71
CA GLU E 309 25.75 -4.94 -43.14
C GLU E 309 24.71 -4.13 -42.39
N ALA E 310 23.52 -4.73 -42.16
CA ALA E 310 22.47 -4.03 -41.43
C ALA E 310 22.88 -3.75 -39.98
N LEU E 311 23.52 -4.73 -39.34
CA LEU E 311 23.94 -4.55 -37.95
C LEU E 311 24.96 -3.43 -37.81
N ALA E 312 25.84 -3.28 -38.79
CA ALA E 312 26.81 -2.19 -38.76
C ALA E 312 26.10 -0.84 -38.83
N LEU E 313 25.04 -0.74 -39.64
CA LEU E 313 24.28 0.50 -39.72
C LEU E 313 23.62 0.83 -38.40
N ALA E 314 23.08 -0.17 -37.71
CA ALA E 314 22.40 0.07 -36.44
C ALA E 314 23.37 0.56 -35.37
N LEU E 315 24.60 0.01 -35.37
CA LEU E 315 25.58 0.43 -34.37
C LEU E 315 25.94 1.90 -34.51
N PHE E 316 26.09 2.38 -35.74
CA PHE E 316 26.37 3.79 -35.97
C PHE E 316 25.12 4.64 -35.77
N GLY E 317 24.10 4.39 -36.57
CA GLY E 317 22.83 5.09 -36.46
C GLY E 317 22.87 6.46 -37.11
N GLY E 318 21.68 6.98 -37.39
CA GLY E 318 21.54 8.31 -37.96
C GLY E 318 21.63 9.39 -36.89
N VAL E 319 21.46 10.63 -37.34
CA VAL E 319 21.52 11.77 -36.43
C VAL E 319 20.11 12.16 -36.04
N PRO E 320 19.85 12.44 -34.76
CA PRO E 320 18.51 12.90 -34.36
C PRO E 320 18.35 14.39 -34.59
N LYS E 321 17.17 14.77 -35.08
CA LYS E 321 16.84 16.17 -35.34
C LYS E 321 16.00 16.70 -34.18
N VAL E 322 16.52 17.71 -33.49
CA VAL E 322 15.82 18.36 -32.39
C VAL E 322 15.49 19.77 -32.87
N LEU E 323 14.20 20.05 -33.02
CA LEU E 323 13.73 21.34 -33.49
C LEU E 323 13.00 22.07 -32.37
N GLU E 324 12.60 23.31 -32.66
CA GLU E 324 11.89 24.11 -31.66
C GLU E 324 10.54 23.50 -31.31
N ASP E 325 9.82 22.99 -32.30
CA ASP E 325 8.47 22.50 -32.10
C ASP E 325 8.38 21.00 -31.89
N THR E 326 9.35 20.23 -32.38
CA THR E 326 9.29 18.78 -32.27
C THR E 326 10.69 18.21 -32.37
N ARG E 327 10.80 16.90 -32.13
CA ARG E 327 12.06 16.17 -32.26
C ARG E 327 11.82 14.90 -33.06
N ILE E 328 12.84 14.49 -33.79
CA ILE E 328 12.77 13.34 -34.70
C ILE E 328 13.83 12.34 -34.30
N ARG E 329 13.43 11.08 -34.16
CA ARG E 329 14.36 10.04 -33.73
C ARG E 329 15.39 9.77 -34.81
N GLY E 330 16.58 9.35 -34.39
CA GLY E 330 17.66 9.07 -35.30
C GLY E 330 18.20 7.66 -35.19
N ASP E 331 17.59 6.86 -34.31
CA ASP E 331 18.03 5.49 -34.12
C ASP E 331 17.43 4.58 -35.19
N ILE E 332 18.10 3.45 -35.41
CA ILE E 332 17.70 2.49 -36.43
C ILE E 332 17.33 1.18 -35.73
N HIS E 333 16.15 0.65 -36.06
CA HIS E 333 15.64 -0.58 -35.47
C HIS E 333 15.72 -1.70 -36.49
N ILE E 334 16.17 -2.86 -36.04
CA ILE E 334 16.38 -4.02 -36.91
C ILE E 334 15.61 -5.21 -36.33
N LEU E 335 14.89 -5.91 -37.21
CA LEU E 335 14.14 -7.10 -36.83
C LEU E 335 14.62 -8.28 -37.68
N ILE E 336 14.90 -9.40 -37.03
CA ILE E 336 15.39 -10.60 -37.70
C ILE E 336 14.41 -11.74 -37.41
N ILE E 337 13.91 -12.37 -38.47
CA ILE E 337 13.06 -13.55 -38.36
C ILE E 337 13.73 -14.67 -39.15
N GLY E 338 13.94 -15.81 -38.49
CA GLY E 338 14.64 -16.89 -39.15
C GLY E 338 14.34 -18.24 -38.53
N ASP E 339 14.74 -19.27 -39.25
CA ASP E 339 14.56 -20.64 -38.78
C ASP E 339 15.44 -20.89 -37.56
N PRO E 340 15.07 -21.86 -36.72
CA PRO E 340 15.91 -22.18 -35.57
C PRO E 340 17.30 -22.64 -36.00
N GLY E 341 18.28 -22.29 -35.19
CA GLY E 341 19.67 -22.63 -35.48
C GLY E 341 20.25 -21.93 -36.69
N THR E 342 19.89 -20.66 -36.90
CA THR E 342 20.51 -19.84 -37.94
C THR E 342 21.48 -18.82 -37.37
N ALA E 343 21.93 -19.02 -36.14
CA ALA E 343 22.94 -18.19 -35.48
C ALA E 343 22.48 -16.75 -35.29
N LYS E 344 21.18 -16.49 -35.25
CA LYS E 344 20.70 -15.14 -35.01
C LYS E 344 21.03 -14.68 -33.59
N SER E 345 21.03 -15.61 -32.63
CA SER E 345 21.36 -15.25 -31.26
C SER E 345 22.87 -15.02 -31.09
N GLN E 346 23.69 -15.70 -31.90
CA GLN E 346 25.13 -15.52 -31.80
C GLN E 346 25.55 -14.11 -32.20
N MET E 347 24.99 -13.58 -33.29
CA MET E 347 25.29 -12.21 -33.68
C MET E 347 24.74 -11.22 -32.67
N LEU E 348 23.60 -11.53 -32.07
CA LEU E 348 23.03 -10.65 -31.05
C LEU E 348 23.95 -10.53 -29.84
N GLN E 349 24.54 -11.65 -29.42
CA GLN E 349 25.47 -11.61 -28.29
C GLN E 349 26.74 -10.85 -28.64
N PHE E 350 27.18 -10.91 -29.89
CA PHE E 350 28.35 -10.15 -30.31
C PHE E 350 28.08 -8.65 -30.26
N ILE E 351 26.83 -8.24 -30.47
CA ILE E 351 26.49 -6.82 -30.42
C ILE E 351 26.76 -6.25 -29.03
N SER E 352 26.38 -7.00 -27.99
CA SER E 352 26.61 -6.54 -26.62
C SER E 352 28.09 -6.37 -26.33
N ARG E 353 28.91 -7.30 -26.83
CA ARG E 353 30.35 -7.24 -26.57
C ARG E 353 31.04 -6.11 -27.32
N VAL E 354 30.42 -5.57 -28.36
CA VAL E 354 31.03 -4.50 -29.14
C VAL E 354 30.35 -3.15 -28.93
N ALA E 355 29.10 -3.11 -28.48
CA ALA E 355 28.45 -1.84 -28.24
C ALA E 355 28.96 -1.22 -26.94
N PRO E 356 29.21 0.09 -26.92
CA PRO E 356 29.62 0.74 -25.67
C PRO E 356 28.60 0.58 -24.55
N ARG E 357 27.31 0.61 -24.88
CA ARG E 357 26.25 0.37 -23.92
C ARG E 357 25.22 -0.56 -24.54
N ALA E 358 24.83 -1.59 -23.81
CA ALA E 358 23.87 -2.56 -24.33
C ALA E 358 23.16 -3.25 -23.17
N VAL E 359 21.88 -3.54 -23.36
CA VAL E 359 21.06 -4.26 -22.39
C VAL E 359 20.41 -5.43 -23.11
N TYR E 360 20.52 -6.63 -22.52
CA TYR E 360 20.01 -7.85 -23.11
C TYR E 360 18.77 -8.32 -22.37
N THR E 361 17.73 -8.67 -23.13
CA THR E 361 16.50 -9.21 -22.57
C THR E 361 15.85 -10.13 -23.59
N THR E 362 14.99 -11.01 -23.10
CA THR E 362 14.32 -11.99 -23.94
C THR E 362 12.82 -11.72 -24.00
N GLY E 363 12.14 -12.49 -24.85
CA GLY E 363 10.71 -12.37 -25.05
C GLY E 363 9.83 -13.07 -24.04
N LYS E 364 10.43 -13.77 -23.07
CA LYS E 364 9.67 -14.41 -22.01
C LYS E 364 10.06 -13.93 -20.62
N GLY E 365 11.27 -13.44 -20.43
CA GLY E 365 11.69 -12.87 -19.16
C GLY E 365 11.38 -11.40 -19.00
N SER E 366 10.66 -10.80 -19.95
CA SER E 366 10.37 -9.38 -19.92
C SER E 366 8.87 -9.16 -20.12
N THR E 367 8.31 -8.22 -19.35
CA THR E 367 6.92 -7.81 -19.46
C THR E 367 6.86 -6.31 -19.73
N ALA E 368 5.64 -5.77 -19.72
CA ALA E 368 5.46 -4.34 -19.97
C ALA E 368 6.14 -3.50 -18.89
N ALA E 369 6.01 -3.91 -17.63
CA ALA E 369 6.65 -3.17 -16.54
C ALA E 369 8.16 -3.23 -16.63
N GLY E 370 8.72 -4.42 -16.90
CA GLY E 370 10.16 -4.55 -16.97
C GLY E 370 10.77 -3.85 -18.17
N LEU E 371 10.07 -3.88 -19.31
CA LEU E 371 10.64 -3.32 -20.52
C LEU E 371 10.78 -1.80 -20.45
N THR E 372 9.79 -1.11 -19.90
CA THR E 372 9.77 0.35 -19.92
C THR E 372 9.93 0.96 -18.54
N ALA E 373 9.04 0.64 -17.60
CA ALA E 373 9.07 1.22 -16.26
C ALA E 373 8.03 0.52 -15.41
N ALA E 374 8.27 0.52 -14.09
CA ALA E 374 7.36 -0.10 -13.15
C ALA E 374 7.27 0.75 -11.89
N VAL E 375 6.12 0.69 -11.24
CA VAL E 375 5.90 1.33 -9.95
C VAL E 375 5.66 0.24 -8.92
N VAL E 376 6.34 0.35 -7.78
CA VAL E 376 6.21 -0.60 -6.68
C VAL E 376 6.12 0.16 -5.37
N ARG E 377 5.62 -0.51 -4.35
CA ARG E 377 5.51 0.08 -3.02
C ARG E 377 6.88 0.03 -2.34
N GLU E 378 7.45 1.20 -2.08
CA GLU E 378 8.73 1.28 -1.37
C GLU E 378 8.50 0.84 0.07
N LYS E 379 8.99 -0.36 0.41
CA LYS E 379 8.72 -0.92 1.73
C LYS E 379 9.38 -0.12 2.84
N GLY E 380 10.36 0.72 2.52
CA GLY E 380 10.92 1.60 3.53
C GLY E 380 9.91 2.62 4.04
N THR E 381 9.05 3.12 3.16
CA THR E 381 8.04 4.11 3.53
C THR E 381 6.63 3.73 3.15
N GLY E 382 6.42 2.64 2.41
CA GLY E 382 5.08 2.19 2.08
C GLY E 382 4.42 2.94 0.94
N GLU E 383 5.10 3.87 0.30
CA GLU E 383 4.53 4.67 -0.77
C GLU E 383 5.09 4.26 -2.12
N TYR E 384 4.27 4.43 -3.15
CA TYR E 384 4.66 4.05 -4.51
C TYR E 384 5.76 4.98 -5.02
N TYR E 385 6.66 4.42 -5.83
CA TYR E 385 7.71 5.21 -6.46
C TYR E 385 8.11 4.54 -7.77
N LEU E 386 8.80 5.32 -8.60
CA LEU E 386 9.12 4.88 -9.96
C LEU E 386 10.40 4.02 -9.98
N GLU E 387 10.39 3.01 -10.85
CA GLU E 387 11.54 2.16 -11.08
C GLU E 387 11.85 2.11 -12.56
N ALA E 388 13.14 2.20 -12.89
CA ALA E 388 13.56 2.21 -14.29
C ALA E 388 13.37 0.85 -14.94
N GLY E 389 13.18 0.86 -16.26
CA GLY E 389 13.01 -0.34 -17.03
C GLY E 389 14.18 -0.60 -17.97
N ALA E 390 14.03 -1.68 -18.75
CA ALA E 390 15.10 -2.09 -19.65
C ALA E 390 15.36 -1.04 -20.72
N LEU E 391 14.30 -0.50 -21.32
CA LEU E 391 14.46 0.50 -22.37
C LEU E 391 15.04 1.80 -21.81
N VAL E 392 14.58 2.21 -20.63
CA VAL E 392 15.09 3.43 -20.02
C VAL E 392 16.56 3.29 -19.67
N LEU E 393 16.94 2.14 -19.10
CA LEU E 393 18.34 1.92 -18.74
C LEU E 393 19.24 1.87 -19.96
N ALA E 394 18.68 1.53 -21.12
CA ALA E 394 19.44 1.45 -22.36
C ALA E 394 19.51 2.78 -23.11
N ASP E 395 19.03 3.86 -22.49
CA ASP E 395 19.02 5.16 -23.15
C ASP E 395 20.43 5.56 -23.57
N GLY E 396 20.57 6.01 -24.82
CA GLY E 396 21.85 6.34 -25.36
C GLY E 396 22.65 5.17 -25.89
N GLY E 397 22.13 3.95 -25.79
CA GLY E 397 22.83 2.77 -26.25
C GLY E 397 21.99 1.90 -27.16
N ILE E 398 22.01 0.59 -26.90
CA ILE E 398 21.29 -0.38 -27.73
C ILE E 398 20.54 -1.33 -26.81
N ALA E 399 19.27 -1.59 -27.14
CA ALA E 399 18.46 -2.57 -26.44
C ALA E 399 18.25 -3.77 -27.33
N VAL E 400 18.53 -4.96 -26.81
CA VAL E 400 18.44 -6.21 -27.56
C VAL E 400 17.30 -7.03 -26.98
N ILE E 401 16.36 -7.40 -27.84
CA ILE E 401 15.20 -8.21 -27.44
C ILE E 401 15.27 -9.52 -28.22
N ASP E 402 15.27 -10.64 -27.49
CA ASP E 402 15.34 -11.96 -28.09
C ASP E 402 13.98 -12.64 -27.99
N GLU E 403 13.65 -13.43 -29.01
CA GLU E 403 12.38 -14.15 -29.08
C GLU E 403 11.20 -13.18 -28.97
N ILE E 404 11.23 -12.14 -29.81
CA ILE E 404 10.18 -11.13 -29.79
C ILE E 404 8.85 -11.73 -30.22
N ASP E 405 8.88 -12.67 -31.17
CA ASP E 405 7.65 -13.27 -31.67
C ASP E 405 6.91 -14.06 -30.59
N LYS E 406 7.61 -14.49 -29.54
CA LYS E 406 7.01 -15.27 -28.47
C LYS E 406 6.54 -14.42 -27.29
N MET E 407 6.73 -13.10 -27.37
CA MET E 407 6.20 -12.23 -26.33
C MET E 407 4.68 -12.15 -26.39
N ARG E 408 4.06 -11.89 -25.25
CA ARG E 408 2.62 -11.71 -25.20
C ARG E 408 2.23 -10.44 -25.96
N ASP E 409 1.08 -10.50 -26.63
CA ASP E 409 0.66 -9.37 -27.46
C ASP E 409 0.42 -8.12 -26.62
N GLU E 410 -0.21 -8.28 -25.46
CA GLU E 410 -0.44 -7.13 -24.58
C GLU E 410 0.88 -6.55 -24.08
N ASP E 411 1.82 -7.41 -23.70
CA ASP E 411 3.13 -6.92 -23.25
C ASP E 411 3.91 -6.29 -24.39
N ARG E 412 3.82 -6.87 -25.59
CA ARG E 412 4.59 -6.37 -26.72
C ARG E 412 4.15 -4.95 -27.11
N VAL E 413 2.85 -4.67 -27.07
CA VAL E 413 2.33 -3.39 -27.52
C VAL E 413 2.73 -2.23 -26.63
N ALA E 414 3.33 -2.51 -25.46
CA ALA E 414 3.70 -1.46 -24.52
C ALA E 414 4.91 -0.66 -24.97
N ILE E 415 5.61 -1.09 -26.02
CA ILE E 415 6.83 -0.43 -26.48
C ILE E 415 6.61 0.37 -27.75
N HIS E 416 5.35 0.56 -28.17
CA HIS E 416 5.08 1.33 -29.37
C HIS E 416 5.54 2.78 -29.21
N GLU E 417 5.25 3.38 -28.06
CA GLU E 417 5.64 4.77 -27.84
C GLU E 417 7.16 4.89 -27.67
N ALA E 418 7.77 3.95 -26.95
CA ALA E 418 9.19 4.03 -26.68
C ALA E 418 10.05 3.81 -27.92
N MET E 419 9.49 3.24 -28.99
CA MET E 419 10.26 2.97 -30.19
C MET E 419 10.15 4.06 -31.24
N GLU E 420 9.16 4.95 -31.13
CA GLU E 420 9.00 6.04 -32.08
C GLU E 420 9.21 7.40 -31.42
N GLN E 421 8.47 7.71 -30.36
CA GLN E 421 8.69 8.94 -29.62
C GLN E 421 9.85 8.85 -28.65
N GLN E 422 10.35 7.63 -28.40
CA GLN E 422 11.53 7.41 -27.55
C GLN E 422 11.33 7.98 -26.16
N THR E 423 10.12 7.82 -25.62
CA THR E 423 9.79 8.28 -24.28
C THR E 423 8.87 7.27 -23.62
N VAL E 424 8.85 7.30 -22.29
CA VAL E 424 7.99 6.44 -21.49
C VAL E 424 7.21 7.32 -20.53
N SER E 425 5.88 7.20 -20.57
CA SER E 425 5.00 7.97 -19.71
C SER E 425 4.16 7.02 -18.87
N ILE E 426 4.13 7.26 -17.56
CA ILE E 426 3.43 6.41 -16.61
C ILE E 426 2.45 7.27 -15.81
N ALA E 427 1.20 6.84 -15.75
CA ALA E 427 0.17 7.48 -14.94
C ALA E 427 -0.52 6.39 -14.12
N LYS E 428 0.05 6.05 -12.97
CA LYS E 428 -0.47 4.98 -12.14
C LYS E 428 -0.29 5.33 -10.67
N ALA E 429 -1.31 5.02 -9.87
CA ALA E 429 -1.26 5.16 -8.42
C ALA E 429 -0.87 6.58 -8.00
N GLY E 430 -1.42 7.57 -8.70
CA GLY E 430 -1.13 8.95 -8.37
C GLY E 430 0.26 9.41 -8.71
N ILE E 431 0.94 8.72 -9.61
CA ILE E 431 2.29 9.09 -10.05
C ILE E 431 2.24 9.35 -11.55
N VAL E 432 2.64 10.56 -11.95
CA VAL E 432 2.70 10.95 -13.34
C VAL E 432 4.13 11.39 -13.64
N ALA E 433 4.76 10.73 -14.61
CA ALA E 433 6.15 11.03 -14.94
C ALA E 433 6.42 10.67 -16.39
N LYS E 434 7.47 11.27 -16.94
CA LYS E 434 7.92 11.00 -18.29
C LYS E 434 9.42 10.77 -18.27
N LEU E 435 9.87 9.72 -18.96
CA LEU E 435 11.27 9.33 -18.95
C LEU E 435 11.78 9.18 -20.37
N ASN E 436 13.05 9.50 -20.56
CA ASN E 436 13.69 9.38 -21.86
C ASN E 436 14.09 7.92 -22.12
N ALA E 437 13.88 7.48 -23.36
CA ALA E 437 14.19 6.11 -23.76
C ALA E 437 14.89 6.11 -25.11
N ARG E 438 15.86 7.01 -25.27
CA ARG E 438 16.57 7.12 -26.54
C ARG E 438 17.52 5.95 -26.74
N ALA E 439 17.01 4.86 -27.32
CA ALA E 439 17.80 3.66 -27.53
C ALA E 439 17.43 3.03 -28.87
N ALA E 440 18.32 2.18 -29.37
CA ALA E 440 18.09 1.44 -30.61
C ALA E 440 17.71 0.01 -30.26
N VAL E 441 16.65 -0.50 -30.89
CA VAL E 441 16.09 -1.81 -30.57
C VAL E 441 16.44 -2.76 -31.70
N ILE E 442 17.10 -3.86 -31.35
CA ILE E 442 17.41 -4.95 -32.28
C ILE E 442 16.70 -6.18 -31.77
N ALA E 443 15.83 -6.75 -32.59
CA ALA E 443 14.96 -7.85 -32.18
C ALA E 443 15.12 -9.04 -33.10
N ALA E 444 15.00 -10.23 -32.52
CA ALA E 444 15.07 -11.48 -33.25
C ALA E 444 13.95 -12.40 -32.80
N GLY E 445 13.45 -13.21 -33.73
CA GLY E 445 12.35 -14.10 -33.43
C GLY E 445 12.21 -15.18 -34.49
N ASN E 446 11.32 -16.11 -34.21
CA ASN E 446 11.03 -17.26 -35.06
C ASN E 446 9.72 -17.05 -35.80
N PRO E 447 9.52 -17.74 -36.93
CA PRO E 447 8.24 -17.65 -37.64
C PRO E 447 7.07 -18.18 -36.83
N LYS E 448 5.86 -18.07 -37.38
CA LYS E 448 4.67 -18.45 -36.65
C LYS E 448 4.66 -19.94 -36.32
N PHE E 449 5.06 -20.77 -37.27
CA PHE E 449 5.00 -22.23 -37.13
C PHE E 449 6.37 -22.83 -36.84
N GLY E 450 7.21 -22.14 -36.09
CA GLY E 450 8.53 -22.64 -35.76
C GLY E 450 9.52 -22.50 -36.91
N ARG E 451 9.12 -22.95 -38.10
CA ARG E 451 9.93 -22.86 -39.29
C ARG E 451 9.14 -22.20 -40.40
N TYR E 452 9.84 -21.48 -41.28
CA TYR E 452 9.20 -20.80 -42.38
C TYR E 452 8.59 -21.82 -43.35
N ILE E 453 7.39 -21.51 -43.83
CA ILE E 453 6.67 -22.35 -44.78
C ILE E 453 6.47 -21.54 -46.05
N SER E 454 6.95 -22.07 -47.17
CA SER E 454 6.85 -21.33 -48.43
C SER E 454 5.43 -21.33 -48.99
N GLU E 455 4.67 -22.39 -48.75
CA GLU E 455 3.30 -22.45 -49.27
C GLU E 455 2.43 -21.36 -48.64
N ARG E 456 2.55 -21.16 -47.34
CA ARG E 456 1.80 -20.10 -46.68
C ARG E 456 2.35 -18.74 -47.09
N PRO E 457 1.51 -17.71 -47.06
CA PRO E 457 1.98 -16.37 -47.44
C PRO E 457 2.99 -15.82 -46.44
N VAL E 458 3.63 -14.72 -46.84
CA VAL E 458 4.62 -14.08 -45.98
C VAL E 458 3.95 -13.45 -44.76
N SER E 459 2.74 -12.91 -44.94
CA SER E 459 2.11 -12.11 -43.89
C SER E 459 1.88 -12.92 -42.62
N ASP E 460 1.24 -14.08 -42.74
CA ASP E 460 0.96 -14.89 -41.56
C ASP E 460 2.18 -15.65 -41.07
N ASN E 461 3.22 -15.78 -41.89
CA ASN E 461 4.45 -16.40 -41.43
C ASN E 461 5.10 -15.57 -40.33
N ILE E 462 5.13 -14.25 -40.49
CA ILE E 462 5.73 -13.38 -39.49
C ILE E 462 4.88 -13.37 -38.22
N ASN E 463 3.56 -13.26 -38.38
CA ASN E 463 2.61 -13.25 -37.27
C ASN E 463 2.90 -12.09 -36.31
N LEU E 464 2.85 -10.88 -36.85
CA LEU E 464 3.01 -9.66 -36.07
C LEU E 464 2.06 -8.60 -36.61
N PRO E 465 1.55 -7.73 -35.73
CA PRO E 465 0.64 -6.69 -36.21
C PRO E 465 1.36 -5.70 -37.09
N PRO E 466 0.67 -5.11 -38.07
CA PRO E 466 1.33 -4.12 -38.93
C PRO E 466 1.78 -2.87 -38.20
N THR E 467 1.20 -2.57 -37.03
CA THR E 467 1.58 -1.36 -36.31
C THR E 467 3.04 -1.42 -35.86
N ILE E 468 3.48 -2.58 -35.36
CA ILE E 468 4.86 -2.68 -34.88
C ILE E 468 5.83 -2.95 -36.03
N LEU E 469 5.34 -3.53 -37.14
CA LEU E 469 6.21 -3.80 -38.27
C LEU E 469 6.68 -2.51 -38.94
N SER E 470 5.85 -1.47 -38.95
CA SER E 470 6.22 -0.21 -39.57
C SER E 470 7.30 0.52 -38.79
N ARG E 471 7.50 0.18 -37.51
CA ARG E 471 8.49 0.85 -36.69
C ARG E 471 9.90 0.31 -36.88
N PHE E 472 10.06 -0.78 -37.63
CA PHE E 472 11.37 -1.37 -37.88
C PHE E 472 11.90 -0.89 -39.23
N ASP E 473 13.10 -0.33 -39.22
CA ASP E 473 13.69 0.18 -40.47
C ASP E 473 13.97 -0.95 -41.45
N LEU E 474 14.52 -2.07 -40.97
CA LEU E 474 14.87 -3.19 -41.83
C LEU E 474 14.42 -4.49 -41.19
N ILE E 475 13.86 -5.38 -42.01
CA ILE E 475 13.44 -6.71 -41.57
C ILE E 475 14.04 -7.74 -42.52
N PHE E 476 14.68 -8.76 -41.97
CA PHE E 476 15.33 -9.80 -42.76
C PHE E 476 14.77 -11.16 -42.37
N ILE E 477 14.39 -11.95 -43.37
CA ILE E 477 13.91 -13.31 -43.17
C ILE E 477 15.03 -14.27 -43.53
N LEU E 478 15.38 -15.14 -42.59
CA LEU E 478 16.48 -16.08 -42.74
C LEU E 478 15.94 -17.46 -43.07
N LYS E 479 16.44 -18.06 -44.14
CA LYS E 479 15.98 -19.36 -44.62
C LYS E 479 17.08 -20.40 -44.40
N ASP E 480 16.71 -21.51 -43.76
CA ASP E 480 17.64 -22.61 -43.53
C ASP E 480 17.36 -23.70 -44.58
N GLN E 481 17.91 -23.47 -45.78
CA GLN E 481 17.70 -24.38 -46.91
C GLN E 481 18.97 -25.16 -47.19
N PRO E 482 18.99 -26.47 -46.95
CA PRO E 482 20.18 -27.26 -47.28
C PRO E 482 20.48 -27.24 -48.77
N GLY E 483 21.76 -27.25 -49.11
CA GLY E 483 22.16 -27.22 -50.51
C GLY E 483 23.66 -27.33 -50.71
N GLU E 484 24.17 -26.66 -51.75
CA GLU E 484 25.59 -26.73 -52.06
C GLU E 484 26.45 -25.96 -51.05
N GLN E 485 25.84 -25.09 -50.25
CA GLN E 485 26.60 -24.31 -49.27
C GLN E 485 26.87 -25.07 -47.99
N ASP E 486 26.34 -26.29 -47.85
CA ASP E 486 26.54 -27.06 -46.62
C ASP E 486 28.02 -27.38 -46.40
N ARG E 487 28.73 -27.76 -47.48
CA ARG E 487 30.15 -28.03 -47.36
C ARG E 487 30.93 -26.80 -46.93
N GLU E 488 30.62 -25.65 -47.54
CA GLU E 488 31.29 -24.41 -47.15
C GLU E 488 30.95 -24.05 -45.71
N LEU E 489 29.69 -24.21 -45.31
CA LEU E 489 29.31 -23.94 -43.94
C LEU E 489 30.01 -24.88 -42.96
N ALA E 490 30.10 -26.16 -43.31
CA ALA E 490 30.77 -27.12 -42.45
C ALA E 490 32.26 -26.80 -42.32
N ASN E 491 32.89 -26.42 -43.43
CA ASN E 491 34.32 -26.10 -43.40
C ASN E 491 34.59 -24.89 -42.50
N TYR E 492 33.76 -23.86 -42.60
CA TYR E 492 33.97 -22.65 -41.79
C TYR E 492 33.75 -22.94 -40.31
N ILE E 493 32.74 -23.75 -39.98
CA ILE E 493 32.45 -24.05 -38.57
C ILE E 493 33.61 -24.82 -37.95
N LEU E 494 34.10 -25.85 -38.66
CA LEU E 494 35.19 -26.65 -38.13
C LEU E 494 36.48 -25.84 -38.03
N ASP E 495 36.70 -24.90 -38.95
CA ASP E 495 37.86 -24.03 -38.84
C ASP E 495 37.80 -23.18 -37.58
N VAL E 496 36.62 -22.68 -37.24
CA VAL E 496 36.46 -21.92 -36.00
C VAL E 496 36.74 -22.81 -34.80
N HIS E 497 36.21 -24.03 -34.80
CA HIS E 497 36.49 -24.97 -33.73
C HIS E 497 37.95 -25.38 -33.68
N SER E 498 38.68 -25.23 -34.78
CA SER E 498 40.10 -25.57 -34.84
C SER E 498 40.99 -24.40 -34.44
N GLY E 499 40.42 -23.27 -34.05
CA GLY E 499 41.20 -22.10 -33.66
C GLY E 499 41.61 -21.20 -34.81
N LYS E 500 41.17 -21.47 -36.04
CA LYS E 500 41.52 -20.62 -37.16
C LYS E 500 40.87 -19.25 -37.02
N SER E 501 41.63 -18.21 -37.32
CA SER E 501 41.17 -16.84 -37.21
C SER E 501 41.33 -16.13 -38.55
N THR E 502 40.31 -15.37 -38.93
CA THR E 502 40.36 -14.62 -40.18
C THR E 502 41.29 -13.42 -40.05
N LYS E 503 42.02 -13.14 -41.12
CA LYS E 503 42.94 -12.02 -41.15
C LYS E 503 42.23 -10.78 -41.71
N ASN E 504 42.93 -9.64 -41.66
CA ASN E 504 42.41 -8.37 -42.17
C ASN E 504 41.06 -8.02 -41.51
N ILE E 505 40.96 -8.29 -40.21
CA ILE E 505 39.74 -8.07 -39.45
C ILE E 505 40.04 -7.10 -38.32
N ILE E 506 39.25 -6.03 -38.23
CA ILE E 506 39.39 -5.07 -37.16
C ILE E 506 38.89 -5.70 -35.86
N ASP E 507 39.75 -5.73 -34.85
CA ASP E 507 39.40 -6.39 -33.60
C ASP E 507 38.40 -5.54 -32.81
N ILE E 508 37.81 -6.16 -31.79
CA ILE E 508 36.71 -5.54 -31.06
C ILE E 508 37.17 -4.27 -30.35
N ASP E 509 38.35 -4.32 -29.72
CA ASP E 509 38.78 -3.20 -28.88
C ASP E 509 38.91 -1.91 -29.67
N THR E 510 39.57 -1.97 -30.83
CA THR E 510 39.68 -0.78 -31.67
C THR E 510 38.39 -0.46 -32.40
N LEU E 511 37.59 -1.49 -32.74
CA LEU E 511 36.32 -1.25 -33.39
C LEU E 511 35.36 -0.49 -32.48
N ARG E 512 35.32 -0.85 -31.19
CA ARG E 512 34.45 -0.15 -30.25
C ARG E 512 34.86 1.30 -30.12
N LYS E 513 36.17 1.57 -30.07
CA LYS E 513 36.65 2.95 -30.03
C LYS E 513 36.28 3.68 -31.32
N TYR E 514 36.37 3.00 -32.47
CA TYR E 514 36.04 3.63 -33.74
C TYR E 514 34.57 4.03 -33.78
N ILE E 515 33.68 3.15 -33.33
CA ILE E 515 32.25 3.46 -33.36
C ILE E 515 31.94 4.59 -32.39
N ALA E 516 32.52 4.56 -31.19
CA ALA E 516 32.24 5.60 -30.20
C ALA E 516 32.69 6.96 -30.69
N TYR E 517 33.84 7.04 -31.35
CA TYR E 517 34.32 8.31 -31.89
C TYR E 517 33.38 8.85 -32.96
N ALA E 518 32.92 7.98 -33.86
CA ALA E 518 32.07 8.41 -34.96
C ALA E 518 30.73 8.94 -34.46
N ARG E 519 30.14 8.26 -33.47
CA ARG E 519 28.84 8.68 -32.98
C ARG E 519 28.90 10.03 -32.29
N LYS E 520 30.03 10.35 -31.65
CA LYS E 520 30.16 11.56 -30.86
C LYS E 520 30.75 12.74 -31.61
N TYR E 521 31.21 12.53 -32.85
CA TYR E 521 31.92 13.61 -33.54
C TYR E 521 31.54 13.81 -34.99
N VAL E 522 30.71 12.96 -35.59
CA VAL E 522 30.34 13.06 -37.00
C VAL E 522 28.85 13.31 -37.11
N THR E 523 28.46 14.36 -37.82
CA THR E 523 27.07 14.72 -38.06
C THR E 523 26.90 14.97 -39.56
N PRO E 524 26.64 13.93 -40.34
CA PRO E 524 26.50 14.10 -41.79
C PRO E 524 25.28 14.94 -42.15
N LYS E 525 25.36 15.56 -43.32
CA LYS E 525 24.30 16.39 -43.84
C LYS E 525 23.86 15.89 -45.21
N ILE E 526 22.58 16.09 -45.51
CA ILE E 526 21.99 15.63 -46.76
C ILE E 526 22.21 16.68 -47.84
N THR E 527 22.73 16.24 -48.98
CA THR E 527 22.93 17.10 -50.13
C THR E 527 21.79 16.93 -51.13
N SER E 528 21.72 17.87 -52.08
CA SER E 528 20.62 17.85 -53.05
C SER E 528 20.67 16.61 -53.93
N GLU E 529 21.87 16.11 -54.23
CA GLU E 529 21.98 14.91 -55.05
C GLU E 529 21.35 13.71 -54.37
N ALA E 530 21.60 13.54 -53.06
CA ALA E 530 20.98 12.46 -52.33
C ALA E 530 19.49 12.68 -52.15
N LYS E 531 19.06 13.94 -52.04
CA LYS E 531 17.64 14.23 -51.86
C LYS E 531 16.82 13.77 -53.06
N ASN E 532 17.31 14.01 -54.27
CA ASN E 532 16.59 13.59 -55.47
C ASN E 532 16.49 12.07 -55.56
N LEU E 533 17.57 11.37 -55.23
CA LEU E 533 17.56 9.91 -55.31
C LEU E 533 16.58 9.31 -54.30
N ILE E 534 16.57 9.84 -53.08
CA ILE E 534 15.68 9.31 -52.05
C ILE E 534 14.22 9.56 -52.41
N THR E 535 13.91 10.75 -52.91
CA THR E 535 12.53 11.07 -53.28
C THR E 535 12.03 10.15 -54.39
N ASP E 536 12.88 9.89 -55.39
CA ASP E 536 12.46 9.04 -56.50
C ASP E 536 12.16 7.62 -56.04
N PHE E 537 12.99 7.08 -55.14
CA PHE E 537 12.78 5.70 -54.69
C PHE E 537 11.53 5.59 -53.84
N PHE E 538 11.27 6.58 -52.98
CA PHE E 538 10.11 6.52 -52.10
C PHE E 538 8.81 6.53 -52.90
N VAL E 539 8.74 7.36 -53.95
CA VAL E 539 7.55 7.41 -54.79
C VAL E 539 7.30 6.06 -55.45
N GLU E 540 8.37 5.44 -55.98
CA GLU E 540 8.22 4.11 -56.57
C GLU E 540 7.81 3.08 -55.54
N MET E 541 8.34 3.18 -54.31
CA MET E 541 7.96 2.25 -53.26
C MET E 541 6.49 2.38 -52.92
N ARG E 542 5.99 3.62 -52.82
CA ARG E 542 4.57 3.82 -52.50
C ARG E 542 3.68 3.30 -53.63
N LYS E 543 4.05 3.59 -54.88
CA LYS E 543 3.24 3.13 -56.01
C LYS E 543 3.22 1.61 -56.09
N LYS E 544 4.37 0.97 -55.85
CA LYS E 544 4.42 -0.49 -55.88
C LYS E 544 3.54 -1.09 -54.78
N SER E 545 3.55 -0.48 -53.59
CA SER E 545 2.73 -0.99 -52.50
C SER E 545 1.24 -0.87 -52.84
N SER E 546 0.84 0.24 -53.47
CA SER E 546 -0.56 0.41 -53.84
C SER E 546 -0.98 -0.61 -54.90
N GLU E 547 -0.04 -1.06 -55.73
CA GLU E 547 -0.37 -2.02 -56.77
C GLU E 547 -0.83 -3.35 -56.18
N THR E 548 -0.16 -3.81 -55.12
CA THR E 548 -0.48 -5.08 -54.48
C THR E 548 -1.09 -4.82 -53.10
N PRO E 549 -2.40 -4.96 -52.93
CA PRO E 549 -3.01 -4.76 -51.60
C PRO E 549 -2.73 -5.89 -50.63
N ASP E 550 -2.17 -7.01 -51.09
CA ASP E 550 -1.86 -8.15 -50.24
C ASP E 550 -0.46 -8.09 -49.65
N SER E 551 0.18 -6.93 -49.69
CA SER E 551 1.53 -6.82 -49.15
C SER E 551 1.52 -7.04 -47.64
N PRO E 552 2.53 -7.71 -47.09
CA PRO E 552 2.54 -7.97 -45.65
C PRO E 552 2.93 -6.75 -44.83
N ILE E 553 3.67 -5.84 -45.44
CA ILE E 553 4.15 -4.64 -44.77
C ILE E 553 3.43 -3.42 -45.32
N LEU E 554 3.62 -2.28 -44.65
CA LEU E 554 3.01 -1.01 -45.04
C LEU E 554 4.11 -0.01 -45.34
N ILE E 555 3.99 0.69 -46.46
CA ILE E 555 4.96 1.72 -46.85
C ILE E 555 4.39 3.04 -46.33
N THR E 556 4.74 3.38 -45.11
CA THR E 556 4.32 4.59 -44.43
C THR E 556 5.42 5.65 -44.55
N PRO E 557 5.13 6.90 -44.19
CA PRO E 557 6.19 7.92 -44.15
C PRO E 557 7.35 7.56 -43.23
N ARG E 558 7.19 6.58 -42.34
CA ARG E 558 8.31 6.10 -41.54
C ARG E 558 9.39 5.49 -42.42
N GLN E 559 8.99 4.81 -43.50
CA GLN E 559 9.96 4.19 -44.39
C GLN E 559 10.81 5.25 -45.09
N LEU E 560 10.22 6.39 -45.44
CA LEU E 560 10.98 7.46 -46.09
C LEU E 560 12.06 7.98 -45.15
N GLU E 561 11.74 8.19 -43.88
CA GLU E 561 12.73 8.65 -42.92
C GLU E 561 13.76 7.57 -42.61
N ALA E 562 13.41 6.30 -42.78
CA ALA E 562 14.39 5.23 -42.61
C ALA E 562 15.50 5.35 -43.64
N LEU E 563 15.15 5.71 -44.88
CA LEU E 563 16.16 5.91 -45.91
C LEU E 563 17.11 7.03 -45.54
N ILE E 564 16.59 8.12 -44.95
CA ILE E 564 17.44 9.21 -44.49
C ILE E 564 18.39 8.71 -43.40
N ARG E 565 17.87 7.94 -42.45
CA ARG E 565 18.69 7.43 -41.36
C ARG E 565 19.77 6.49 -41.88
N ILE E 566 19.42 5.63 -42.84
CA ILE E 566 20.40 4.69 -43.39
C ILE E 566 21.49 5.45 -44.14
N SER E 567 21.12 6.48 -44.88
CA SER E 567 22.10 7.25 -45.64
C SER E 567 23.11 7.93 -44.71
N GLU E 568 22.63 8.50 -43.60
CA GLU E 568 23.55 9.14 -42.66
C GLU E 568 24.47 8.13 -42.01
N ALA E 569 23.98 6.91 -41.74
CA ALA E 569 24.81 5.88 -41.15
C ALA E 569 25.97 5.50 -42.06
N TYR E 570 25.70 5.39 -43.37
CA TYR E 570 26.76 5.09 -44.32
C TYR E 570 27.81 6.19 -44.35
N ALA E 571 27.37 7.46 -44.34
CA ALA E 571 28.32 8.57 -44.29
C ALA E 571 29.09 8.57 -42.98
N LYS E 572 28.40 8.32 -41.87
CA LYS E 572 29.08 8.25 -40.57
C LYS E 572 30.02 7.07 -40.47
N MET E 573 29.81 6.02 -41.26
CA MET E 573 30.68 4.86 -41.20
C MET E 573 32.07 5.18 -41.74
N ALA E 574 32.17 6.08 -42.72
CA ALA E 574 33.44 6.51 -43.26
C ALA E 574 33.85 7.89 -42.77
N LEU E 575 33.22 8.37 -41.70
CA LEU E 575 33.51 9.68 -41.11
C LEU E 575 33.30 10.82 -42.10
N LYS E 576 32.39 10.62 -43.06
CA LYS E 576 32.10 11.66 -44.03
C LYS E 576 31.33 12.81 -43.39
N ALA E 577 31.62 14.03 -43.84
CA ALA E 577 30.99 15.21 -43.30
C ALA E 577 29.60 15.47 -43.89
N GLU E 578 29.25 14.81 -44.99
CA GLU E 578 27.95 15.00 -45.61
C GLU E 578 27.60 13.77 -46.43
N VAL E 579 26.33 13.66 -46.77
CA VAL E 579 25.82 12.51 -47.53
C VAL E 579 25.90 12.82 -49.01
N THR E 580 26.58 11.96 -49.76
CA THR E 580 26.75 12.11 -51.20
C THR E 580 25.91 11.07 -51.93
N ARG E 581 26.04 11.03 -53.26
CA ARG E 581 25.21 10.16 -54.06
C ARG E 581 25.53 8.68 -53.84
N GLU E 582 26.79 8.36 -53.51
CA GLU E 582 27.14 6.96 -53.27
C GLU E 582 26.48 6.45 -51.99
N ASP E 583 26.41 7.29 -50.96
CA ASP E 583 25.72 6.90 -49.74
C ASP E 583 24.23 6.65 -49.99
N ALA E 584 23.61 7.53 -50.78
CA ALA E 584 22.21 7.32 -51.14
C ALA E 584 22.02 6.05 -51.97
N GLU E 585 22.95 5.80 -52.90
CA GLU E 585 22.88 4.59 -53.71
C GLU E 585 22.99 3.34 -52.83
N ARG E 586 23.91 3.35 -51.87
CA ARG E 586 24.04 2.22 -50.96
C ARG E 586 22.83 2.09 -50.05
N ALA E 587 22.26 3.22 -49.62
CA ALA E 587 21.07 3.17 -48.79
C ALA E 587 19.88 2.58 -49.54
N ILE E 588 19.73 2.94 -50.81
CA ILE E 588 18.64 2.38 -51.61
C ILE E 588 18.87 0.89 -51.86
N ASN E 589 20.12 0.50 -52.13
CA ASN E 589 20.41 -0.89 -52.46
C ASN E 589 20.07 -1.83 -51.31
N ILE E 590 20.46 -1.45 -50.08
CA ILE E 590 20.13 -2.29 -48.93
C ILE E 590 18.63 -2.28 -48.66
N MET E 591 17.96 -1.15 -48.93
CA MET E 591 16.51 -1.11 -48.79
C MET E 591 15.83 -2.03 -49.78
N ARG E 592 16.34 -2.10 -51.01
CA ARG E 592 15.76 -2.99 -52.02
C ARG E 592 15.87 -4.44 -51.59
N LEU E 593 17.02 -4.84 -51.03
CA LEU E 593 17.18 -6.22 -50.59
C LEU E 593 16.21 -6.55 -49.47
N PHE E 594 15.93 -5.59 -48.59
CA PHE E 594 14.93 -5.81 -47.55
C PHE E 594 13.55 -6.06 -48.16
N LEU E 595 13.19 -5.30 -49.19
CA LEU E 595 11.91 -5.50 -49.85
C LEU E 595 11.83 -6.86 -50.53
N GLU E 596 12.93 -7.30 -51.16
CA GLU E 596 12.93 -8.60 -51.81
C GLU E 596 12.79 -9.73 -50.79
N SER E 597 13.35 -9.54 -49.60
CA SER E 597 13.27 -10.58 -48.57
C SER E 597 11.83 -10.83 -48.14
N VAL E 598 11.04 -9.77 -47.97
CA VAL E 598 9.65 -9.93 -47.52
C VAL E 598 8.70 -10.25 -48.65
N GLY E 599 9.19 -10.38 -49.89
CA GLY E 599 8.35 -10.74 -51.01
C GLY E 599 7.92 -9.60 -51.90
N VAL E 600 8.37 -8.38 -51.66
CA VAL E 600 8.04 -7.24 -52.50
C VAL E 600 9.07 -7.15 -53.61
N ASP E 601 8.59 -7.11 -54.86
CA ASP E 601 9.45 -7.09 -56.03
C ASP E 601 9.43 -5.70 -56.66
N MET E 602 10.61 -5.18 -56.97
CA MET E 602 10.73 -3.86 -57.59
C MET E 602 11.31 -3.98 -58.99
N ARG F 106 33.99 -36.49 22.25
CA ARG F 106 32.63 -36.82 22.61
C ARG F 106 31.64 -36.33 21.56
N VAL F 107 30.95 -37.27 20.90
CA VAL F 107 29.99 -36.96 19.85
C VAL F 107 28.60 -36.92 20.48
N ILE F 108 27.96 -35.76 20.43
CA ILE F 108 26.64 -35.56 21.02
C ILE F 108 25.74 -34.93 19.98
N GLU F 109 24.53 -35.46 19.84
CA GLU F 109 23.54 -34.88 18.95
C GLU F 109 23.03 -33.56 19.52
N LEU F 110 22.30 -32.82 18.68
CA LEU F 110 21.79 -31.51 19.09
C LEU F 110 20.71 -31.60 20.15
N ARG F 111 20.13 -32.76 20.39
CA ARG F 111 19.03 -32.92 21.33
C ARG F 111 19.48 -33.40 22.71
N LYS F 112 20.79 -33.56 22.94
CA LYS F 112 21.29 -34.13 24.18
C LYS F 112 22.35 -33.24 24.80
N ILE F 113 22.12 -31.92 24.81
CA ILE F 113 23.05 -30.96 25.40
C ILE F 113 22.42 -30.40 26.67
N ARG F 114 23.19 -30.43 27.75
CA ARG F 114 22.74 -29.93 29.05
C ARG F 114 23.73 -28.89 29.57
N SER F 115 23.50 -28.45 30.81
CA SER F 115 24.34 -27.41 31.40
C SER F 115 25.77 -27.90 31.60
N THR F 116 25.93 -29.19 31.94
CA THR F 116 27.27 -29.73 32.18
C THR F 116 28.11 -29.75 30.92
N ASP F 117 27.49 -29.73 29.73
CA ASP F 117 28.24 -29.79 28.49
C ASP F 117 29.02 -28.51 28.20
N ILE F 118 28.64 -27.39 28.83
CA ILE F 118 29.32 -26.12 28.58
C ILE F 118 30.71 -26.18 29.19
N GLY F 119 31.71 -25.80 28.39
CA GLY F 119 33.08 -25.79 28.84
C GLY F 119 33.89 -27.03 28.50
N LYS F 120 33.39 -27.89 27.62
CA LYS F 120 34.07 -29.12 27.25
C LYS F 120 34.19 -29.20 25.74
N LEU F 121 35.28 -29.83 25.27
CA LEU F 121 35.52 -29.99 23.85
C LEU F 121 34.64 -31.11 23.32
N ILE F 122 33.72 -30.77 22.41
CA ILE F 122 32.78 -31.72 21.85
C ILE F 122 32.76 -31.57 20.33
N THR F 123 32.22 -32.59 19.67
CA THR F 123 32.09 -32.59 18.21
C THR F 123 30.62 -32.77 17.84
N ILE F 124 30.19 -32.01 16.83
CA ILE F 124 28.81 -32.02 16.36
C ILE F 124 28.80 -32.25 14.87
N ASP F 125 27.95 -33.17 14.41
CA ASP F 125 27.77 -33.45 13.00
C ASP F 125 26.40 -32.96 12.57
N GLY F 126 26.36 -32.21 11.48
CA GLY F 126 25.10 -31.65 11.00
C GLY F 126 25.24 -31.07 9.62
N ILE F 127 24.20 -30.37 9.20
CA ILE F 127 24.14 -29.77 7.87
C ILE F 127 24.02 -28.25 8.01
N LEU F 128 24.74 -27.52 7.17
CA LEU F 128 24.70 -26.07 7.20
C LEU F 128 23.38 -25.56 6.64
N VAL F 129 22.88 -24.47 7.24
CA VAL F 129 21.65 -23.82 6.80
C VAL F 129 21.89 -22.37 6.42
N LYS F 130 22.52 -21.61 7.32
CA LYS F 130 22.75 -20.19 7.11
C LYS F 130 24.22 -19.87 7.27
N VAL F 131 24.73 -19.01 6.39
CA VAL F 131 26.11 -18.54 6.44
C VAL F 131 26.11 -17.03 6.24
N THR F 132 26.69 -16.30 7.18
CA THR F 132 26.76 -14.86 7.14
C THR F 132 27.96 -14.39 6.33
N PRO F 133 27.95 -13.15 5.85
CA PRO F 133 29.16 -12.59 5.23
C PRO F 133 30.27 -12.40 6.25
N VAL F 134 31.50 -12.38 5.74
CA VAL F 134 32.67 -12.25 6.60
C VAL F 134 32.67 -10.89 7.28
N LYS F 135 32.90 -10.87 8.58
CA LYS F 135 32.95 -9.65 9.37
C LYS F 135 34.30 -9.53 10.07
N GLU F 136 34.47 -8.45 10.83
CA GLU F 136 35.70 -8.20 11.56
C GLU F 136 35.35 -7.95 13.02
N ARG F 137 36.01 -8.68 13.91
CA ARG F 137 35.79 -8.58 15.34
C ARG F 137 37.01 -7.99 16.02
N ILE F 138 36.79 -7.06 16.93
CA ILE F 138 37.88 -6.37 17.64
C ILE F 138 38.22 -7.17 18.90
N TYR F 139 39.51 -7.52 19.03
CA TYR F 139 40.02 -8.14 20.25
C TYR F 139 41.01 -7.28 20.99
N LYS F 140 41.42 -6.14 20.42
CA LYS F 140 42.32 -5.21 21.10
C LYS F 140 42.05 -3.83 20.51
N ALA F 141 41.30 -3.01 21.23
CA ALA F 141 40.87 -1.70 20.77
C ALA F 141 41.75 -0.61 21.35
N THR F 142 42.16 0.33 20.49
CA THR F 142 42.98 1.47 20.90
C THR F 142 42.06 2.67 21.09
N TYR F 143 42.05 3.22 22.30
CA TYR F 143 41.19 4.34 22.66
C TYR F 143 42.02 5.58 22.95
N LYS F 144 41.60 6.71 22.41
CA LYS F 144 42.23 7.99 22.68
C LYS F 144 41.31 8.83 23.55
N HIS F 145 41.85 9.32 24.67
CA HIS F 145 41.07 10.10 25.62
C HIS F 145 40.95 11.54 25.12
N ILE F 146 39.74 11.94 24.74
CA ILE F 146 39.48 13.28 24.24
C ILE F 146 39.16 14.14 25.46
N HIS F 147 40.21 14.67 26.09
CA HIS F 147 40.09 15.54 27.25
C HIS F 147 40.91 16.80 26.98
N PRO F 148 40.46 17.96 27.46
CA PRO F 148 41.15 19.22 27.11
C PRO F 148 42.62 19.27 27.52
N ASP F 149 43.12 18.28 28.27
CA ASP F 149 44.52 18.27 28.65
C ASP F 149 45.22 16.92 28.49
N CYS F 150 44.51 15.87 28.09
CA CYS F 150 45.12 14.54 28.02
C CYS F 150 45.77 14.28 26.66
N MET F 151 44.97 14.25 25.60
CA MET F 151 45.44 13.90 24.26
C MET F 151 46.25 12.60 24.29
N GLN F 152 45.75 11.62 25.03
CA GLN F 152 46.47 10.37 25.24
C GLN F 152 45.70 9.21 24.64
N GLU F 153 46.43 8.24 24.11
CA GLU F 153 45.87 7.04 23.51
C GLU F 153 46.44 5.80 24.20
N PHE F 154 45.66 4.73 24.19
CA PHE F 154 46.02 3.50 24.88
C PHE F 154 45.10 2.39 24.39
N GLU F 155 45.43 1.17 24.80
CA GLU F 155 44.59 0.00 24.54
C GLU F 155 43.81 -0.31 25.81
N TRP F 156 42.49 -0.16 25.74
CA TRP F 156 41.65 -0.35 26.93
C TRP F 156 41.75 -1.75 27.52
N PRO F 157 41.66 -2.84 26.74
CA PRO F 157 41.78 -4.16 27.40
C PRO F 157 43.24 -4.55 27.68
N GLU F 158 43.77 -4.06 28.80
CA GLU F 158 45.13 -4.41 29.18
C GLU F 158 45.17 -5.85 29.69
N ASP F 159 46.21 -6.57 29.29
CA ASP F 159 46.50 -7.94 29.73
C ASP F 159 45.40 -8.94 29.37
N GLU F 160 44.44 -8.55 28.53
CA GLU F 160 43.40 -9.48 28.10
C GLU F 160 42.79 -8.97 26.80
N GLU F 161 42.17 -9.87 26.06
CA GLU F 161 41.51 -9.51 24.82
C GLU F 161 40.18 -8.84 25.09
N MET F 162 39.67 -8.16 24.07
CA MET F 162 38.34 -7.57 24.17
C MET F 162 37.29 -8.69 24.25
N PRO F 163 36.41 -8.66 25.24
CA PRO F 163 35.37 -9.69 25.34
C PRO F 163 34.36 -9.57 24.22
N GLU F 164 33.43 -10.52 24.18
CA GLU F 164 32.38 -10.51 23.17
C GLU F 164 31.48 -9.29 23.30
N VAL F 165 31.47 -8.64 24.46
CA VAL F 165 30.71 -7.42 24.67
C VAL F 165 31.68 -6.25 24.70
N LEU F 166 31.43 -5.27 23.84
CA LEU F 166 32.29 -4.09 23.79
C LEU F 166 32.19 -3.31 25.09
N GLU F 167 33.34 -2.92 25.64
CA GLU F 167 33.40 -2.20 26.90
C GLU F 167 33.91 -0.78 26.66
N MET F 168 33.31 0.16 27.37
CA MET F 168 33.62 1.59 27.23
C MET F 168 34.44 2.01 28.43
N PRO F 169 35.75 2.25 28.29
CA PRO F 169 36.55 2.70 29.43
C PRO F 169 35.99 3.99 30.03
N THR F 170 36.00 4.04 31.36
CA THR F 170 35.48 5.19 32.09
C THR F 170 36.55 6.08 32.70
N ILE F 171 37.71 5.51 33.03
CA ILE F 171 38.81 6.27 33.63
C ILE F 171 40.03 6.11 32.73
N CYS F 172 40.60 7.23 32.31
CA CYS F 172 41.79 7.21 31.48
C CYS F 172 43.00 6.85 32.32
N PRO F 173 43.70 5.75 32.05
CA PRO F 173 44.87 5.41 32.85
C PRO F 173 45.97 6.46 32.81
N LYS F 174 46.10 7.18 31.69
CA LYS F 174 47.15 8.19 31.56
C LYS F 174 46.91 9.40 32.45
N CYS F 175 45.67 9.65 32.84
CA CYS F 175 45.35 10.82 33.67
C CYS F 175 44.49 10.51 34.89
N GLY F 176 43.77 9.39 34.92
CA GLY F 176 43.03 9.00 36.10
C GLY F 176 41.71 9.71 36.31
N LYS F 177 41.19 10.42 35.30
CA LYS F 177 39.92 11.11 35.44
C LYS F 177 39.01 10.76 34.28
N PRO F 178 37.70 10.77 34.49
CA PRO F 178 36.78 10.44 33.40
C PRO F 178 36.71 11.54 32.36
N GLY F 179 36.24 11.17 31.17
CA GLY F 179 36.10 12.11 30.07
C GLY F 179 35.52 11.48 28.82
N GLN F 180 36.02 11.90 27.67
CA GLN F 180 35.56 11.39 26.38
C GLN F 180 36.67 10.55 25.74
N PHE F 181 36.29 9.36 25.28
CA PHE F 181 37.23 8.44 24.64
C PHE F 181 36.78 8.18 23.21
N ARG F 182 37.72 8.27 22.27
CA ARG F 182 37.45 8.05 20.86
C ARG F 182 38.28 6.87 20.37
N LEU F 183 37.61 5.95 19.66
CA LEU F 183 38.29 4.79 19.12
C LEU F 183 39.24 5.18 18.00
N ILE F 184 40.35 4.45 17.89
CA ILE F 184 41.35 4.66 16.86
C ILE F 184 41.38 3.42 15.97
N PRO F 185 40.66 3.43 14.85
CA PRO F 185 40.66 2.24 13.97
C PRO F 185 42.02 1.88 13.41
N GLU F 186 42.90 2.85 13.21
CA GLU F 186 44.20 2.57 12.62
C GLU F 186 45.02 1.65 13.51
N LYS F 187 45.03 1.91 14.82
CA LYS F 187 45.76 1.06 15.76
C LYS F 187 44.93 -0.09 16.29
N THR F 188 43.64 -0.15 15.98
CA THR F 188 42.80 -1.24 16.43
C THR F 188 43.18 -2.54 15.73
N LYS F 189 43.21 -3.63 16.47
CA LYS F 189 43.55 -4.94 15.95
C LYS F 189 42.26 -5.72 15.68
N LEU F 190 42.18 -6.33 14.50
CA LEU F 190 40.97 -7.00 14.05
C LEU F 190 41.23 -8.48 13.79
N ILE F 191 40.16 -9.26 13.84
CA ILE F 191 40.19 -10.69 13.56
C ILE F 191 39.02 -11.03 12.65
N ASP F 192 39.29 -11.86 11.63
CA ASP F 192 38.24 -12.32 10.74
C ASP F 192 37.15 -13.03 11.53
N TRP F 193 35.90 -12.71 11.22
CA TRP F 193 34.75 -13.22 11.96
C TRP F 193 33.72 -13.78 10.98
N GLN F 194 33.03 -14.83 11.43
CA GLN F 194 32.04 -15.50 10.60
C GLN F 194 31.07 -16.25 11.49
N LYS F 195 29.79 -16.19 11.15
CA LYS F 195 28.74 -16.85 11.90
C LYS F 195 27.94 -17.76 10.99
N ALA F 196 27.64 -18.97 11.47
CA ALA F 196 26.90 -19.95 10.69
C ALA F 196 25.90 -20.66 11.59
N VAL F 197 24.89 -21.25 10.96
CA VAL F 197 23.85 -21.99 11.66
C VAL F 197 23.82 -23.40 11.10
N ILE F 198 23.84 -24.40 11.97
CA ILE F 198 23.81 -25.80 11.58
C ILE F 198 22.53 -26.44 12.10
N GLN F 199 22.14 -27.53 11.44
CA GLN F 199 20.93 -28.25 11.79
C GLN F 199 21.21 -29.74 11.77
N GLU F 200 20.54 -30.47 12.66
CA GLU F 200 20.69 -31.92 12.72
C GLU F 200 20.15 -32.57 11.45
N ARG F 201 20.73 -33.72 11.10
CA ARG F 201 20.30 -34.43 9.90
C ARG F 201 18.87 -34.92 10.07
N PRO F 202 18.01 -34.75 9.06
CA PRO F 202 16.60 -35.11 9.23
C PRO F 202 16.36 -36.60 9.45
N GLU F 203 17.30 -37.46 9.06
CA GLU F 203 17.13 -38.88 9.30
C GLU F 203 17.20 -39.21 10.78
N GLU F 204 18.02 -38.49 11.54
CA GLU F 204 18.13 -38.70 12.98
C GLU F 204 17.09 -37.92 13.76
N VAL F 205 16.37 -37.01 13.12
CA VAL F 205 15.34 -36.21 13.81
C VAL F 205 14.11 -37.07 14.02
N PRO F 206 13.57 -37.15 15.24
CA PRO F 206 12.31 -37.87 15.44
C PRO F 206 11.20 -37.24 14.61
N SER F 207 10.30 -38.09 14.12
CA SER F 207 9.20 -37.63 13.28
C SER F 207 8.16 -36.89 14.11
N GLY F 208 7.53 -35.89 13.48
CA GLY F 208 6.42 -35.17 14.07
C GLY F 208 6.75 -33.79 14.61
N GLN F 209 8.02 -33.48 14.82
CA GLN F 209 8.41 -32.19 15.38
C GLN F 209 9.56 -31.59 14.58
N LEU F 210 9.65 -30.27 14.62
CA LEU F 210 10.64 -29.54 13.83
C LEU F 210 12.03 -29.74 14.44
N PRO F 211 13.04 -30.07 13.64
CA PRO F 211 14.40 -30.25 14.19
C PRO F 211 14.96 -28.96 14.77
N ARG F 212 15.87 -29.12 15.72
CA ARG F 212 16.50 -28.02 16.42
C ARG F 212 17.82 -27.67 15.75
N GLN F 213 18.17 -26.39 15.75
CA GLN F 213 19.38 -25.88 15.13
C GLN F 213 20.38 -25.43 16.19
N LEU F 214 21.52 -24.93 15.71
CA LEU F 214 22.56 -24.43 16.61
C LEU F 214 23.40 -23.40 15.85
N GLU F 215 23.88 -22.40 16.59
CA GLU F 215 24.68 -21.32 16.03
C GLU F 215 26.15 -21.59 16.27
N ILE F 216 26.97 -21.43 15.22
CA ILE F 216 28.40 -21.66 15.30
C ILE F 216 29.13 -20.43 14.78
N ILE F 217 30.36 -20.26 15.23
CA ILE F 217 31.19 -19.11 14.89
C ILE F 217 32.48 -19.59 14.27
N LEU F 218 32.81 -19.06 13.11
CA LEU F 218 34.06 -19.36 12.41
C LEU F 218 35.02 -18.17 12.57
N GLU F 219 36.24 -18.46 12.99
CA GLU F 219 37.22 -17.42 13.30
C GLU F 219 38.49 -17.63 12.49
N ASP F 220 39.00 -16.52 11.94
CA ASP F 220 40.30 -16.47 11.26
C ASP F 220 40.28 -17.42 10.07
N ASP F 221 41.18 -18.41 9.99
CA ASP F 221 41.26 -19.27 8.82
C ASP F 221 40.03 -20.15 8.64
N LEU F 222 39.26 -20.38 9.71
CA LEU F 222 38.07 -21.22 9.62
C LEU F 222 36.95 -20.57 8.82
N VAL F 223 37.08 -19.28 8.49
CA VAL F 223 36.03 -18.58 7.75
C VAL F 223 35.96 -19.13 6.32
N ASP F 224 34.75 -19.27 5.80
CA ASP F 224 34.50 -19.72 4.43
C ASP F 224 35.08 -21.11 4.18
N SER F 225 35.01 -21.97 5.19
CA SER F 225 35.46 -23.35 5.08
C SER F 225 34.33 -24.31 4.72
N ALA F 226 33.12 -23.82 4.52
CA ALA F 226 31.99 -24.68 4.21
C ALA F 226 30.94 -23.86 3.45
N ARG F 227 29.91 -24.55 3.00
CA ARG F 227 28.81 -23.96 2.25
C ARG F 227 27.49 -24.47 2.80
N PRO F 228 26.40 -23.74 2.58
CA PRO F 228 25.10 -24.19 3.09
C PRO F 228 24.67 -25.51 2.48
N GLY F 229 23.92 -26.28 3.25
CA GLY F 229 23.42 -27.56 2.80
C GLY F 229 24.47 -28.62 2.58
N ASP F 230 25.45 -28.73 3.48
CA ASP F 230 26.48 -29.75 3.41
C ASP F 230 26.66 -30.39 4.78
N ARG F 231 26.77 -31.73 4.79
CA ARG F 231 26.98 -32.47 6.02
C ARG F 231 28.43 -32.30 6.46
N VAL F 232 28.65 -31.71 7.63
CA VAL F 232 29.98 -31.40 8.13
C VAL F 232 30.10 -31.89 9.57
N LYS F 233 31.34 -31.90 10.05
CA LYS F 233 31.64 -32.23 11.45
C LYS F 233 32.49 -31.10 12.02
N VAL F 234 32.10 -30.60 13.20
CA VAL F 234 32.75 -29.47 13.82
C VAL F 234 33.33 -29.91 15.17
N THR F 235 34.15 -29.04 15.74
CA THR F 235 34.77 -29.28 17.04
C THR F 235 35.04 -27.95 17.71
N GLY F 236 34.83 -27.89 19.02
CA GLY F 236 35.04 -26.65 19.76
C GLY F 236 34.38 -26.73 21.13
N ILE F 237 34.16 -25.55 21.69
CA ILE F 237 33.62 -25.41 23.04
C ILE F 237 32.25 -24.74 22.97
N LEU F 238 31.42 -25.02 23.97
CA LEU F 238 30.10 -24.44 24.09
C LEU F 238 30.12 -23.28 25.08
N ASP F 239 29.29 -22.27 24.81
CA ASP F 239 29.18 -21.11 25.70
C ASP F 239 27.84 -20.44 25.45
N ILE F 240 27.44 -19.60 26.41
CA ILE F 240 26.18 -18.88 26.35
C ILE F 240 26.36 -17.61 25.54
N LYS F 241 25.24 -17.07 25.05
CA LYS F 241 25.25 -15.89 24.19
C LYS F 241 24.78 -14.67 24.97
N GLN F 242 25.57 -13.61 24.91
CA GLN F 242 25.19 -12.31 25.46
C GLN F 242 24.67 -11.43 24.33
N ASP F 243 23.42 -10.99 24.46
CA ASP F 243 22.77 -10.15 23.47
C ASP F 243 22.75 -8.68 23.88
N SER F 244 22.22 -8.38 25.06
CA SER F 244 22.20 -7.01 25.58
C SER F 244 22.33 -7.05 27.09
N PRO F 245 23.55 -7.30 27.59
CA PRO F 245 23.73 -7.35 29.05
C PRO F 245 23.40 -6.05 29.75
N VAL F 246 23.62 -4.90 29.08
CA VAL F 246 23.28 -3.62 29.68
C VAL F 246 21.77 -3.50 29.87
N LYS F 247 21.00 -3.94 28.87
CA LYS F 247 19.55 -3.87 28.96
C LYS F 247 19.03 -4.77 30.06
N ARG F 248 18.13 -4.23 30.88
CA ARG F 248 17.51 -4.99 31.97
C ARG F 248 16.21 -5.61 31.47
N GLY F 249 15.41 -6.11 32.40
CA GLY F 249 14.16 -6.76 32.04
C GLY F 249 14.11 -8.22 32.42
N SER F 250 14.78 -8.56 33.52
CA SER F 250 14.84 -9.94 34.04
C SER F 250 15.48 -10.81 32.97
N ARG F 251 14.93 -11.99 32.66
CA ARG F 251 15.45 -12.85 31.61
C ARG F 251 16.92 -13.23 31.86
N ALA F 252 17.12 -13.95 32.96
CA ALA F 252 18.44 -14.47 33.30
C ALA F 252 18.79 -15.73 32.51
N VAL F 253 18.03 -16.03 31.46
CA VAL F 253 18.29 -17.19 30.60
C VAL F 253 19.05 -16.74 29.38
N PHE F 254 19.83 -17.65 28.81
CA PHE F 254 20.63 -17.36 27.63
C PHE F 254 20.61 -18.56 26.70
N ASP F 255 20.86 -18.30 25.42
CA ASP F 255 20.96 -19.37 24.42
C ASP F 255 22.36 -19.98 24.50
N ILE F 256 22.70 -20.82 23.53
CA ILE F 256 23.99 -21.50 23.48
C ILE F 256 24.58 -21.31 22.09
N TYR F 257 25.79 -20.78 22.03
CA TYR F 257 26.54 -20.67 20.80
C TYR F 257 27.78 -21.55 20.89
N MET F 258 28.20 -22.07 19.75
CA MET F 258 29.20 -23.13 19.68
C MET F 258 30.39 -22.60 18.87
N LYS F 259 31.43 -22.18 19.56
CA LYS F 259 32.63 -21.71 18.88
C LYS F 259 33.39 -22.89 18.28
N VAL F 260 33.82 -22.74 17.03
CA VAL F 260 34.41 -23.82 16.25
C VAL F 260 35.92 -23.73 16.32
N SER F 261 36.56 -24.86 16.63
CA SER F 261 38.02 -24.97 16.60
C SER F 261 38.53 -25.78 15.42
N SER F 262 37.73 -26.73 14.93
CA SER F 262 38.10 -27.53 13.77
C SER F 262 36.84 -27.88 13.00
N ILE F 263 36.84 -27.58 11.70
CA ILE F 263 35.67 -27.82 10.84
C ILE F 263 36.10 -28.76 9.72
N GLU F 264 35.36 -29.85 9.56
CA GLU F 264 35.61 -30.82 8.51
C GLU F 264 34.33 -31.04 7.71
N VAL F 265 34.43 -30.95 6.39
CA VAL F 265 33.28 -31.13 5.51
C VAL F 265 33.23 -32.58 5.06
N SER F 266 32.11 -33.24 5.33
CA SER F 266 31.91 -34.64 4.95
C SER F 266 32.99 -35.54 5.53
N SER F 273 45.50 -38.79 -1.63
CA SER F 273 45.54 -37.72 -2.63
C SER F 273 46.51 -38.06 -3.75
N GLU F 274 47.55 -38.82 -3.41
CA GLU F 274 48.55 -39.24 -4.38
C GLU F 274 48.23 -40.59 -5.04
N GLU F 275 47.09 -41.17 -4.71
CA GLU F 275 46.70 -42.46 -5.28
C GLU F 275 45.63 -42.36 -6.35
N ASP F 276 44.84 -41.28 -6.35
CA ASP F 276 43.73 -41.19 -7.29
C ASP F 276 44.21 -41.13 -8.74
N GLU F 277 45.26 -40.34 -9.01
CA GLU F 277 45.75 -40.25 -10.39
C GLU F 277 46.33 -41.57 -10.85
N LYS F 278 47.05 -42.28 -9.95
CA LYS F 278 47.52 -43.62 -10.29
C LYS F 278 46.36 -44.58 -10.48
N LYS F 279 45.32 -44.46 -9.64
CA LYS F 279 44.11 -45.25 -9.82
C LYS F 279 43.33 -44.87 -11.07
N ILE F 280 43.67 -43.74 -11.69
CA ILE F 280 43.00 -43.26 -12.89
C ILE F 280 43.85 -43.45 -14.14
N LYS F 281 45.14 -43.14 -14.05
CA LYS F 281 46.01 -43.25 -15.22
C LYS F 281 46.13 -44.68 -15.71
N ASP F 282 46.13 -45.65 -14.78
CA ASP F 282 46.23 -47.05 -15.17
C ASP F 282 45.01 -47.49 -15.97
N LEU F 283 43.82 -47.03 -15.59
CA LEU F 283 42.62 -47.39 -16.32
C LEU F 283 42.64 -46.84 -17.74
N ALA F 284 43.14 -45.61 -17.91
CA ALA F 284 43.24 -45.04 -19.24
C ALA F 284 44.19 -45.83 -20.13
N LYS F 285 45.18 -46.50 -19.54
CA LYS F 285 46.11 -47.31 -20.32
C LYS F 285 45.42 -48.51 -20.97
N ASP F 286 44.28 -48.94 -20.45
CA ASP F 286 43.56 -50.05 -21.05
C ASP F 286 43.00 -49.62 -22.41
N PRO F 287 43.26 -50.37 -23.47
CA PRO F 287 42.75 -49.97 -24.80
C PRO F 287 41.25 -50.05 -24.93
N TRP F 288 40.57 -50.76 -24.03
CA TRP F 288 39.12 -50.92 -24.08
C TRP F 288 38.46 -50.34 -22.83
N ILE F 289 39.05 -49.28 -22.26
CA ILE F 289 38.48 -48.65 -21.08
C ILE F 289 37.14 -48.00 -21.40
N ARG F 290 36.96 -47.55 -22.64
CA ARG F 290 35.70 -46.90 -23.01
C ARG F 290 34.52 -47.85 -22.83
N ASP F 291 34.66 -49.09 -23.31
CA ASP F 291 33.58 -50.05 -23.15
C ASP F 291 33.35 -50.41 -21.69
N ARG F 292 34.41 -50.35 -20.87
CA ARG F 292 34.25 -50.53 -19.43
C ARG F 292 33.39 -49.42 -18.84
N ILE F 293 33.57 -48.19 -19.32
CA ILE F 293 32.77 -47.07 -18.84
C ILE F 293 31.30 -47.28 -19.20
N ILE F 294 31.04 -47.71 -20.43
CA ILE F 294 29.66 -47.90 -20.89
C ILE F 294 28.99 -49.01 -20.07
N SER F 295 29.69 -50.12 -19.87
CA SER F 295 29.14 -51.22 -19.10
C SER F 295 28.95 -50.83 -17.63
N SER F 296 29.87 -50.04 -17.08
CA SER F 296 29.76 -49.62 -15.69
C SER F 296 28.56 -48.70 -15.45
N ILE F 297 28.06 -48.04 -16.49
CA ILE F 297 26.92 -47.15 -16.33
C ILE F 297 25.66 -47.98 -16.09
N ALA F 298 24.93 -47.63 -15.02
CA ALA F 298 23.69 -48.30 -14.64
C ALA F 298 23.89 -49.80 -14.50
N PRO F 299 24.61 -50.25 -13.45
CA PRO F 299 24.82 -51.70 -13.29
C PRO F 299 23.52 -52.48 -13.11
N SER F 300 22.51 -51.88 -12.49
CA SER F 300 21.24 -52.56 -12.25
C SER F 300 20.28 -52.47 -13.44
N ILE F 301 20.78 -52.14 -14.62
CA ILE F 301 19.96 -52.03 -15.83
C ILE F 301 20.56 -52.91 -16.90
N TYR F 302 19.73 -53.75 -17.52
CA TYR F 302 20.16 -54.61 -18.61
C TYR F 302 19.94 -53.93 -19.95
N GLY F 303 20.85 -54.18 -20.88
CA GLY F 303 20.71 -53.64 -22.22
C GLY F 303 20.84 -52.13 -22.23
N HIS F 304 20.20 -51.51 -23.22
CA HIS F 304 20.24 -50.06 -23.41
C HIS F 304 21.66 -49.55 -23.53
N TRP F 305 22.50 -50.30 -24.26
CA TRP F 305 23.89 -49.90 -24.44
C TRP F 305 23.99 -48.57 -25.17
N GLU F 306 23.15 -48.36 -26.19
CA GLU F 306 23.10 -47.07 -26.85
C GLU F 306 22.65 -45.97 -25.89
N LEU F 307 21.78 -46.31 -24.95
CA LEU F 307 21.40 -45.35 -23.92
C LEU F 307 22.53 -45.11 -22.93
N LYS F 308 23.19 -46.19 -22.48
CA LYS F 308 24.32 -46.03 -21.57
C LYS F 308 25.46 -45.27 -22.23
N GLU F 309 25.74 -45.57 -23.49
CA GLU F 309 26.81 -44.86 -24.20
C GLU F 309 26.50 -43.38 -24.34
N ALA F 310 25.25 -43.05 -24.67
CA ALA F 310 24.85 -41.65 -24.75
C ALA F 310 24.91 -40.98 -23.38
N LEU F 311 24.49 -41.69 -22.33
CA LEU F 311 24.49 -41.11 -20.99
C LEU F 311 25.91 -40.80 -20.52
N ALA F 312 26.87 -41.68 -20.83
CA ALA F 312 28.25 -41.44 -20.44
C ALA F 312 28.82 -40.22 -21.13
N LEU F 313 28.34 -39.92 -22.35
CA LEU F 313 28.82 -38.73 -23.07
C LEU F 313 28.46 -37.45 -22.33
N ALA F 314 27.25 -37.41 -21.75
CA ALA F 314 26.79 -36.19 -21.08
C ALA F 314 27.67 -35.84 -19.88
N LEU F 315 28.09 -36.85 -19.11
CA LEU F 315 28.90 -36.60 -17.93
C LEU F 315 30.23 -35.95 -18.29
N PHE F 316 30.92 -36.52 -19.29
CA PHE F 316 32.20 -35.96 -19.69
C PHE F 316 32.02 -34.62 -20.40
N GLY F 317 31.11 -34.57 -21.38
CA GLY F 317 30.82 -33.34 -22.09
C GLY F 317 31.93 -32.89 -23.01
N GLY F 318 31.57 -32.14 -24.06
CA GLY F 318 32.58 -31.59 -24.93
C GLY F 318 33.27 -30.37 -24.33
N VAL F 319 34.42 -30.04 -24.89
CA VAL F 319 35.16 -28.86 -24.39
C VAL F 319 34.43 -27.60 -24.84
N PRO F 320 34.31 -26.58 -23.98
CA PRO F 320 33.71 -25.32 -24.42
C PRO F 320 34.74 -24.37 -25.00
N LYS F 321 34.34 -23.68 -26.07
CA LYS F 321 35.22 -22.77 -26.79
C LYS F 321 34.87 -21.33 -26.42
N VAL F 322 35.87 -20.58 -25.96
CA VAL F 322 35.71 -19.17 -25.60
C VAL F 322 36.59 -18.36 -26.53
N LEU F 323 35.99 -17.39 -27.22
CA LEU F 323 36.69 -16.56 -28.18
C LEU F 323 36.51 -15.08 -27.82
N GLU F 324 37.21 -14.23 -28.56
CA GLU F 324 37.10 -12.79 -28.34
C GLU F 324 35.70 -12.29 -28.67
N ASP F 325 35.11 -12.79 -29.75
CA ASP F 325 33.82 -12.30 -30.21
C ASP F 325 32.64 -13.10 -29.66
N THR F 326 32.66 -14.41 -29.84
CA THR F 326 31.53 -15.26 -29.47
C THR F 326 31.98 -16.30 -28.44
N ARG F 327 31.06 -17.21 -28.10
CA ARG F 327 31.32 -18.29 -27.17
C ARG F 327 30.40 -19.45 -27.51
N ILE F 328 30.96 -20.66 -27.51
CA ILE F 328 30.26 -21.86 -27.93
C ILE F 328 30.10 -22.79 -26.73
N ARG F 329 28.87 -23.26 -26.51
CA ARG F 329 28.61 -24.18 -25.41
C ARG F 329 29.29 -25.52 -25.68
N GLY F 330 29.91 -26.08 -24.64
CA GLY F 330 30.57 -27.36 -24.76
C GLY F 330 29.78 -28.50 -24.16
N ASP F 331 28.76 -28.18 -23.38
CA ASP F 331 27.96 -29.22 -22.73
C ASP F 331 27.08 -29.93 -23.76
N ILE F 332 26.68 -31.15 -23.40
CA ILE F 332 25.85 -31.99 -24.26
C ILE F 332 24.54 -32.26 -23.54
N HIS F 333 23.42 -32.05 -24.24
CA HIS F 333 22.10 -32.26 -23.69
C HIS F 333 21.50 -33.52 -24.29
N ILE F 334 21.00 -34.40 -23.44
CA ILE F 334 20.48 -35.70 -23.84
C ILE F 334 19.00 -35.77 -23.51
N LEU F 335 18.18 -36.13 -24.49
CA LEU F 335 16.75 -36.31 -24.31
C LEU F 335 16.38 -37.74 -24.70
N ILE F 336 15.63 -38.41 -23.83
CA ILE F 336 15.09 -39.71 -24.13
C ILE F 336 13.62 -39.76 -23.73
N ILE F 337 12.88 -40.68 -24.35
CA ILE F 337 11.45 -40.83 -24.12
C ILE F 337 11.19 -42.26 -23.70
N GLY F 338 10.49 -42.43 -22.59
CA GLY F 338 10.18 -43.75 -22.08
C GLY F 338 8.71 -43.87 -21.72
N ASP F 339 8.15 -45.06 -21.96
CA ASP F 339 6.77 -45.31 -21.61
C ASP F 339 6.61 -45.41 -20.10
N PRO F 340 5.42 -45.12 -19.58
CA PRO F 340 5.18 -45.32 -18.15
C PRO F 340 5.37 -46.78 -17.75
N GLY F 341 5.93 -46.98 -16.56
CA GLY F 341 6.23 -48.31 -16.08
C GLY F 341 7.59 -48.84 -16.49
N THR F 342 8.36 -48.09 -17.26
CA THR F 342 9.70 -48.51 -17.66
C THR F 342 10.75 -48.17 -16.61
N ALA F 343 10.36 -47.55 -15.50
CA ALA F 343 11.26 -47.22 -14.39
C ALA F 343 12.42 -46.34 -14.86
N LYS F 344 12.06 -45.14 -15.33
CA LYS F 344 13.05 -44.16 -15.75
C LYS F 344 13.62 -43.35 -14.59
N SER F 345 13.16 -43.59 -13.37
CA SER F 345 13.67 -42.89 -12.20
C SER F 345 14.81 -43.63 -11.51
N GLN F 346 15.23 -44.78 -12.04
CA GLN F 346 16.29 -45.55 -11.41
C GLN F 346 17.67 -45.00 -11.74
N MET F 347 18.02 -44.96 -13.03
CA MET F 347 19.30 -44.39 -13.42
C MET F 347 19.35 -42.89 -13.18
N LEU F 348 18.20 -42.22 -13.23
CA LEU F 348 18.16 -40.81 -12.85
C LEU F 348 18.52 -40.62 -11.39
N GLN F 349 18.03 -41.50 -10.51
CA GLN F 349 18.51 -41.52 -9.14
C GLN F 349 19.98 -41.92 -9.09
N PHE F 350 20.38 -42.90 -9.89
CA PHE F 350 21.76 -43.36 -9.91
C PHE F 350 22.71 -42.28 -10.41
N ILE F 351 22.31 -41.55 -11.46
CA ILE F 351 23.21 -40.54 -12.03
C ILE F 351 23.44 -39.40 -11.05
N SER F 352 22.46 -39.12 -10.18
CA SER F 352 22.66 -38.10 -9.15
C SER F 352 23.73 -38.52 -8.16
N ARG F 353 23.74 -39.80 -7.78
CA ARG F 353 24.70 -40.28 -6.78
C ARG F 353 26.13 -40.20 -7.30
N VAL F 354 26.36 -40.65 -8.52
CA VAL F 354 27.71 -40.66 -9.07
C VAL F 354 28.19 -39.23 -9.35
N ALA F 355 27.30 -38.37 -9.80
CA ALA F 355 27.68 -37.00 -10.12
C ALA F 355 28.02 -36.24 -8.84
N PRO F 356 29.17 -35.57 -8.78
CA PRO F 356 29.50 -34.79 -7.58
C PRO F 356 28.50 -33.69 -7.26
N ARG F 357 27.91 -33.08 -8.28
CA ARG F 357 26.94 -32.01 -8.07
C ARG F 357 25.88 -32.09 -9.16
N ALA F 358 24.64 -32.34 -8.78
CA ALA F 358 23.55 -32.44 -9.73
C ALA F 358 22.25 -32.07 -9.04
N VAL F 359 21.26 -31.69 -9.86
CA VAL F 359 19.92 -31.33 -9.38
C VAL F 359 18.90 -32.09 -10.18
N TYR F 360 17.70 -32.21 -9.61
CA TYR F 360 16.60 -32.94 -10.24
C TYR F 360 15.34 -32.10 -10.22
N THR F 361 14.54 -32.20 -11.26
CA THR F 361 13.29 -31.47 -11.36
C THR F 361 12.30 -32.27 -12.18
N THR F 362 11.02 -31.93 -12.02
CA THR F 362 9.93 -32.59 -12.73
C THR F 362 9.15 -31.57 -13.55
N GLY F 363 8.65 -32.01 -14.71
CA GLY F 363 7.93 -31.10 -15.58
C GLY F 363 6.64 -30.59 -14.98
N LYS F 364 5.87 -31.48 -14.34
CA LYS F 364 4.59 -31.07 -13.75
C LYS F 364 4.79 -30.07 -12.63
N GLY F 365 5.81 -30.27 -11.79
CA GLY F 365 6.06 -29.40 -10.66
C GLY F 365 6.85 -28.15 -10.95
N SER F 366 7.21 -27.91 -12.20
CA SER F 366 8.02 -26.76 -12.58
C SER F 366 7.32 -25.98 -13.69
N THR F 367 7.62 -24.69 -13.75
CA THR F 367 7.07 -23.82 -14.79
C THR F 367 8.16 -22.95 -15.39
N ALA F 368 7.78 -21.97 -16.22
CA ALA F 368 8.77 -21.08 -16.82
C ALA F 368 9.50 -20.26 -15.76
N ALA F 369 8.76 -19.75 -14.77
CA ALA F 369 9.39 -18.95 -13.73
C ALA F 369 10.13 -19.82 -12.72
N GLY F 370 9.64 -21.02 -12.44
CA GLY F 370 10.25 -21.89 -11.47
C GLY F 370 11.47 -22.65 -11.94
N LEU F 371 11.82 -22.54 -13.22
CA LEU F 371 12.96 -23.26 -13.78
C LEU F 371 14.16 -22.35 -14.04
N THR F 372 13.94 -21.20 -14.66
CA THR F 372 15.03 -20.29 -15.00
C THR F 372 15.28 -19.27 -13.90
N ALA F 373 14.27 -18.44 -13.61
CA ALA F 373 14.37 -17.40 -12.59
C ALA F 373 12.97 -16.83 -12.36
N ALA F 374 12.79 -16.24 -11.18
CA ALA F 374 11.50 -15.66 -10.82
C ALA F 374 11.72 -14.53 -9.84
N VAL F 375 10.70 -13.67 -9.73
CA VAL F 375 10.70 -12.54 -8.81
C VAL F 375 9.60 -12.75 -7.79
N VAL F 376 9.94 -12.62 -6.51
CA VAL F 376 9.00 -12.85 -5.42
C VAL F 376 9.43 -12.01 -4.22
N ARG F 377 8.50 -11.82 -3.29
CA ARG F 377 8.75 -11.09 -2.06
C ARG F 377 8.40 -11.95 -0.86
N GLU F 378 9.25 -11.92 0.15
CA GLU F 378 9.08 -12.74 1.34
C GLU F 378 8.12 -12.05 2.33
N LYS F 379 7.49 -12.87 3.18
CA LYS F 379 6.58 -12.33 4.17
C LYS F 379 7.31 -11.45 5.18
N GLY F 380 8.50 -11.85 5.59
CA GLY F 380 9.25 -11.08 6.57
C GLY F 380 9.69 -9.72 6.07
N THR F 381 9.99 -9.61 4.78
CA THR F 381 10.50 -8.37 4.19
C THR F 381 9.49 -7.69 3.28
N GLY F 382 8.96 -8.41 2.29
CA GLY F 382 8.04 -7.84 1.32
C GLY F 382 8.70 -7.16 0.14
N GLU F 383 10.02 -7.05 0.13
CA GLU F 383 10.73 -6.43 -0.98
C GLU F 383 10.89 -7.42 -2.12
N TYR F 384 10.70 -6.95 -3.35
CA TYR F 384 10.89 -7.79 -4.52
C TYR F 384 12.35 -8.16 -4.68
N TYR F 385 12.59 -9.44 -4.98
CA TYR F 385 13.95 -9.92 -5.21
C TYR F 385 13.91 -11.05 -6.23
N LEU F 386 15.06 -11.29 -6.86
CA LEU F 386 15.18 -12.32 -7.87
C LEU F 386 15.51 -13.66 -7.21
N GLU F 387 14.79 -14.71 -7.64
CA GLU F 387 14.98 -16.06 -7.13
C GLU F 387 15.69 -16.91 -8.17
N ALA F 388 16.74 -17.59 -7.76
CA ALA F 388 17.49 -18.44 -8.68
C ALA F 388 16.69 -19.69 -9.03
N GLY F 389 16.71 -20.05 -10.31
CA GLY F 389 16.02 -21.23 -10.78
C GLY F 389 16.85 -22.49 -10.67
N ALA F 390 16.28 -23.59 -11.16
CA ALA F 390 16.98 -24.88 -11.12
C ALA F 390 18.23 -24.86 -12.00
N LEU F 391 18.14 -24.24 -13.18
CA LEU F 391 19.28 -24.23 -14.09
C LEU F 391 20.46 -23.46 -13.49
N VAL F 392 20.19 -22.34 -12.82
CA VAL F 392 21.27 -21.55 -12.23
C VAL F 392 21.99 -22.33 -11.15
N LEU F 393 21.23 -23.03 -10.29
CA LEU F 393 21.84 -23.86 -9.26
C LEU F 393 22.61 -25.04 -9.86
N ALA F 394 22.28 -25.44 -11.07
CA ALA F 394 22.94 -26.57 -11.73
C ALA F 394 24.16 -26.14 -12.54
N ASP F 395 24.52 -24.85 -12.51
CA ASP F 395 25.67 -24.37 -13.25
C ASP F 395 26.94 -25.11 -12.82
N GLY F 396 27.72 -25.56 -13.79
CA GLY F 396 28.88 -26.38 -13.50
C GLY F 396 28.58 -27.84 -13.21
N GLY F 397 27.32 -28.26 -13.37
CA GLY F 397 26.95 -29.64 -13.11
C GLY F 397 25.98 -30.19 -14.12
N ILE F 398 25.10 -31.09 -13.67
CA ILE F 398 24.13 -31.76 -14.54
C ILE F 398 22.75 -31.61 -13.93
N ALA F 399 21.75 -31.39 -14.79
CA ALA F 399 20.36 -31.28 -14.37
C ALA F 399 19.53 -32.32 -15.12
N VAL F 400 18.57 -32.93 -14.42
CA VAL F 400 17.69 -33.93 -14.99
C VAL F 400 16.25 -33.45 -14.85
N ILE F 401 15.50 -33.51 -15.95
CA ILE F 401 14.11 -33.07 -15.99
C ILE F 401 13.24 -34.22 -16.48
N ASP F 402 12.13 -34.44 -15.81
CA ASP F 402 11.20 -35.52 -16.14
C ASP F 402 9.94 -34.95 -16.79
N GLU F 403 9.24 -35.83 -17.50
CA GLU F 403 7.99 -35.55 -18.19
C GLU F 403 7.99 -34.17 -18.86
N ILE F 404 9.07 -33.90 -19.60
CA ILE F 404 9.16 -32.65 -20.34
C ILE F 404 8.33 -32.69 -21.63
N ASP F 405 8.06 -33.88 -22.16
CA ASP F 405 7.25 -33.99 -23.37
C ASP F 405 5.83 -33.49 -23.13
N LYS F 406 5.24 -33.85 -21.99
CA LYS F 406 3.91 -33.38 -21.63
C LYS F 406 3.92 -31.98 -21.05
N MET F 407 5.10 -31.41 -20.80
CA MET F 407 5.18 -30.08 -20.21
C MET F 407 4.65 -29.03 -21.19
N ARG F 408 3.94 -28.04 -20.66
CA ARG F 408 3.26 -27.06 -21.50
C ARG F 408 4.27 -26.18 -22.23
N ASP F 409 3.75 -25.41 -23.19
CA ASP F 409 4.60 -24.69 -24.13
C ASP F 409 5.26 -23.46 -23.52
N GLU F 410 4.63 -22.82 -22.53
CA GLU F 410 5.15 -21.56 -22.01
C GLU F 410 6.51 -21.73 -21.34
N ASP F 411 6.76 -22.89 -20.73
CA ASP F 411 8.07 -23.13 -20.14
C ASP F 411 9.13 -23.35 -21.21
N ARG F 412 8.75 -23.94 -22.35
CA ARG F 412 9.71 -24.22 -23.41
C ARG F 412 10.38 -22.94 -23.93
N VAL F 413 9.63 -21.84 -23.97
CA VAL F 413 10.23 -20.58 -24.37
C VAL F 413 11.26 -20.11 -23.35
N ALA F 414 11.00 -20.36 -22.06
CA ALA F 414 11.89 -19.88 -21.02
C ALA F 414 13.29 -20.48 -21.14
N ILE F 415 13.37 -21.78 -21.43
CA ILE F 415 14.66 -22.46 -21.52
C ILE F 415 15.14 -22.58 -22.97
N HIS F 416 14.52 -21.83 -23.89
CA HIS F 416 15.03 -21.80 -25.26
C HIS F 416 16.44 -21.23 -25.32
N GLU F 417 16.68 -20.16 -24.57
CA GLU F 417 17.99 -19.50 -24.54
C GLU F 417 18.84 -19.93 -23.35
N ALA F 418 18.22 -20.42 -22.27
CA ALA F 418 18.96 -20.76 -21.07
C ALA F 418 19.97 -21.88 -21.33
N MET F 419 19.57 -22.91 -22.07
CA MET F 419 20.42 -24.05 -22.34
C MET F 419 21.06 -24.00 -23.72
N GLU F 420 20.99 -22.87 -24.41
CA GLU F 420 21.66 -22.67 -25.68
C GLU F 420 22.80 -21.67 -25.60
N GLN F 421 22.54 -20.48 -25.08
CA GLN F 421 23.58 -19.49 -24.84
C GLN F 421 24.19 -19.61 -23.45
N GLN F 422 23.74 -20.57 -22.65
CA GLN F 422 24.26 -20.84 -21.30
C GLN F 422 24.04 -19.67 -20.35
N THR F 423 23.16 -18.75 -20.70
CA THR F 423 22.81 -17.63 -19.84
C THR F 423 21.29 -17.47 -19.80
N VAL F 424 20.79 -16.89 -18.72
CA VAL F 424 19.39 -16.58 -18.56
C VAL F 424 19.24 -15.08 -18.29
N SER F 425 18.37 -14.42 -19.04
CA SER F 425 18.13 -12.99 -18.91
C SER F 425 16.71 -12.76 -18.44
N ILE F 426 16.55 -11.92 -17.42
CA ILE F 426 15.25 -11.64 -16.83
C ILE F 426 15.07 -10.13 -16.71
N ALA F 427 13.85 -9.65 -17.01
CA ALA F 427 13.51 -8.23 -16.89
C ALA F 427 12.10 -8.17 -16.31
N LYS F 428 12.01 -8.12 -14.98
CA LYS F 428 10.73 -8.15 -14.29
C LYS F 428 10.71 -7.11 -13.18
N ALA F 429 9.62 -6.35 -13.11
CA ALA F 429 9.35 -5.43 -12.01
C ALA F 429 10.51 -4.46 -11.78
N GLY F 430 11.08 -3.96 -12.87
CA GLY F 430 12.10 -2.94 -12.78
C GLY F 430 13.50 -3.41 -12.45
N ILE F 431 13.72 -4.73 -12.39
CA ILE F 431 15.05 -5.28 -12.15
C ILE F 431 15.45 -6.11 -13.35
N VAL F 432 16.71 -5.98 -13.77
CA VAL F 432 17.25 -6.70 -14.92
C VAL F 432 18.52 -7.40 -14.47
N ALA F 433 18.63 -8.69 -14.81
CA ALA F 433 19.80 -9.47 -14.41
C ALA F 433 20.06 -10.56 -15.43
N LYS F 434 21.31 -11.00 -15.48
CA LYS F 434 21.74 -12.11 -16.33
C LYS F 434 22.54 -13.08 -15.47
N LEU F 435 22.17 -14.36 -15.51
CA LEU F 435 22.80 -15.37 -14.68
C LEU F 435 23.33 -16.50 -15.54
N ASN F 436 24.44 -17.10 -15.09
CA ASN F 436 25.06 -18.19 -15.82
C ASN F 436 24.20 -19.45 -15.73
N ALA F 437 24.13 -20.18 -16.84
CA ALA F 437 23.39 -21.43 -16.91
C ALA F 437 24.20 -22.49 -17.65
N ARG F 438 25.50 -22.56 -17.34
CA ARG F 438 26.41 -23.52 -17.97
C ARG F 438 26.18 -24.88 -17.33
N ALA F 439 25.30 -25.68 -17.94
CA ALA F 439 24.98 -26.99 -17.41
C ALA F 439 24.48 -27.88 -18.54
N ALA F 440 24.50 -29.18 -18.29
CA ALA F 440 23.98 -30.18 -19.21
C ALA F 440 22.67 -30.73 -18.67
N VAL F 441 21.66 -30.79 -19.52
CA VAL F 441 20.32 -31.20 -19.13
C VAL F 441 20.05 -32.60 -19.67
N ILE F 442 19.35 -33.41 -18.88
CA ILE F 442 18.90 -34.74 -19.28
C ILE F 442 17.38 -34.74 -19.19
N ALA F 443 16.72 -35.06 -20.30
CA ALA F 443 15.27 -34.95 -20.39
C ALA F 443 14.65 -36.32 -20.57
N ALA F 444 13.64 -36.62 -19.75
CA ALA F 444 12.88 -37.86 -19.83
C ALA F 444 11.41 -37.53 -19.98
N GLY F 445 10.74 -38.16 -20.93
CA GLY F 445 9.35 -37.86 -21.21
C GLY F 445 8.62 -39.08 -21.72
N ASN F 446 7.36 -38.88 -22.07
CA ASN F 446 6.47 -39.90 -22.58
C ASN F 446 6.01 -39.54 -23.99
N PRO F 447 5.62 -40.52 -24.80
CA PRO F 447 5.14 -40.22 -26.16
C PRO F 447 3.87 -39.38 -26.15
N LYS F 448 3.39 -39.01 -27.34
CA LYS F 448 2.23 -38.13 -27.44
C LYS F 448 1.00 -38.75 -26.79
N PHE F 449 0.76 -40.04 -27.03
CA PHE F 449 -0.36 -40.75 -26.44
C PHE F 449 0.08 -41.86 -25.49
N GLY F 450 1.29 -41.74 -24.94
CA GLY F 450 1.85 -42.75 -24.07
C GLY F 450 2.55 -43.89 -24.77
N ARG F 451 2.51 -43.92 -26.10
CA ARG F 451 3.19 -44.97 -26.86
C ARG F 451 3.36 -44.47 -28.30
N TYR F 452 4.23 -45.17 -29.03
CA TYR F 452 4.45 -44.85 -30.44
C TYR F 452 3.18 -45.14 -31.23
N ILE F 453 2.86 -44.24 -32.17
CA ILE F 453 1.70 -44.37 -33.02
C ILE F 453 2.17 -44.61 -34.44
N SER F 454 1.85 -45.78 -34.99
CA SER F 454 2.30 -46.12 -36.33
C SER F 454 1.55 -45.33 -37.40
N GLU F 455 0.23 -45.18 -37.24
CA GLU F 455 -0.56 -44.46 -38.23
C GLU F 455 -0.17 -42.98 -38.28
N ARG F 456 0.13 -42.40 -37.11
CA ARG F 456 0.54 -41.00 -37.07
C ARG F 456 1.92 -40.84 -37.71
N PRO F 457 2.17 -39.72 -38.38
CA PRO F 457 3.47 -39.50 -39.00
C PRO F 457 4.57 -39.33 -37.94
N VAL F 458 5.81 -39.60 -38.38
CA VAL F 458 6.95 -39.50 -37.48
C VAL F 458 7.20 -38.07 -37.04
N SER F 459 6.65 -37.08 -37.76
CA SER F 459 6.93 -35.68 -37.44
C SER F 459 6.36 -35.28 -36.09
N ASP F 460 5.09 -35.58 -35.86
CA ASP F 460 4.42 -35.17 -34.63
C ASP F 460 4.43 -36.25 -33.54
N ASN F 461 5.10 -37.38 -33.78
CA ASN F 461 5.19 -38.41 -32.76
C ASN F 461 5.95 -37.91 -31.54
N ILE F 462 6.94 -37.04 -31.74
CA ILE F 462 7.67 -36.47 -30.61
C ILE F 462 6.76 -35.57 -29.79
N ASN F 463 5.83 -34.87 -30.45
CA ASN F 463 4.90 -33.96 -29.79
C ASN F 463 5.64 -32.83 -29.07
N LEU F 464 6.64 -32.26 -29.73
CA LEU F 464 7.40 -31.15 -29.21
C LEU F 464 7.67 -30.16 -30.34
N PRO F 465 7.85 -28.88 -30.02
CA PRO F 465 8.15 -27.91 -31.06
C PRO F 465 9.47 -28.22 -31.73
N PRO F 466 9.59 -27.98 -33.02
CA PRO F 466 10.87 -28.25 -33.71
C PRO F 466 12.03 -27.43 -33.18
N THR F 467 11.77 -26.24 -32.63
CA THR F 467 12.86 -25.38 -32.18
C THR F 467 13.58 -26.00 -30.99
N ILE F 468 12.84 -26.42 -29.97
CA ILE F 468 13.47 -26.99 -28.78
C ILE F 468 14.14 -28.33 -29.12
N LEU F 469 13.53 -29.10 -30.03
CA LEU F 469 14.10 -30.38 -30.41
C LEU F 469 15.44 -30.21 -31.12
N SER F 470 15.61 -29.12 -31.87
CA SER F 470 16.87 -28.89 -32.58
C SER F 470 18.02 -28.62 -31.63
N ARG F 471 17.75 -28.30 -30.38
CA ARG F 471 18.79 -28.00 -29.40
C ARG F 471 19.24 -29.22 -28.61
N PHE F 472 18.72 -30.40 -28.92
CA PHE F 472 19.09 -31.63 -28.24
C PHE F 472 20.03 -32.43 -29.10
N ASP F 473 21.15 -32.87 -28.52
CA ASP F 473 22.17 -33.57 -29.29
C ASP F 473 21.73 -34.97 -29.67
N LEU F 474 21.16 -35.72 -28.73
CA LEU F 474 20.78 -37.11 -28.95
C LEU F 474 19.37 -37.34 -28.42
N ILE F 475 18.55 -38.00 -29.22
CA ILE F 475 17.18 -38.35 -28.85
C ILE F 475 16.97 -39.83 -29.11
N PHE F 476 16.47 -40.55 -28.10
CA PHE F 476 16.15 -41.96 -28.23
C PHE F 476 14.78 -42.20 -27.60
N ILE F 477 13.87 -42.81 -28.35
CA ILE F 477 12.52 -43.10 -27.87
C ILE F 477 12.47 -44.55 -27.44
N LEU F 478 12.11 -44.78 -26.18
CA LEU F 478 11.99 -46.12 -25.62
C LEU F 478 10.54 -46.40 -25.25
N LYS F 479 10.15 -47.66 -25.34
CA LYS F 479 8.77 -48.06 -25.13
C LYS F 479 8.71 -49.29 -24.25
N ASP F 480 7.58 -49.46 -23.58
CA ASP F 480 7.29 -50.68 -22.82
C ASP F 480 6.61 -51.72 -23.70
N GLN F 481 7.22 -51.98 -24.85
CA GLN F 481 6.64 -52.91 -25.82
C GLN F 481 6.95 -54.35 -25.41
N PRO F 482 5.95 -55.23 -25.38
CA PRO F 482 6.22 -56.64 -25.06
C PRO F 482 7.13 -57.27 -26.09
N GLY F 483 7.99 -58.17 -25.61
CA GLY F 483 8.93 -58.82 -26.51
C GLY F 483 9.86 -59.73 -25.75
N GLU F 484 11.02 -59.99 -26.36
CA GLU F 484 12.02 -60.87 -25.75
C GLU F 484 12.62 -60.28 -24.48
N GLN F 485 12.55 -58.96 -24.31
CA GLN F 485 13.16 -58.32 -23.15
C GLN F 485 12.36 -58.49 -21.87
N ASP F 486 11.09 -58.91 -21.97
CA ASP F 486 10.26 -59.03 -20.78
C ASP F 486 10.77 -60.12 -19.84
N ARG F 487 11.11 -61.29 -20.40
CA ARG F 487 11.51 -62.41 -19.57
C ARG F 487 12.87 -62.18 -18.92
N GLU F 488 13.86 -61.76 -19.70
CA GLU F 488 15.20 -61.58 -19.16
C GLU F 488 15.25 -60.47 -18.12
N LEU F 489 14.56 -59.35 -18.37
CA LEU F 489 14.57 -58.25 -17.42
C LEU F 489 13.90 -58.64 -16.11
N ALA F 490 12.81 -59.40 -16.19
CA ALA F 490 12.14 -59.85 -14.97
C ALA F 490 13.05 -60.73 -14.13
N ASN F 491 13.77 -61.66 -14.78
CA ASN F 491 14.78 -62.44 -14.06
C ASN F 491 15.92 -61.56 -13.59
N TYR F 492 16.32 -60.57 -14.40
CA TYR F 492 17.35 -59.63 -13.98
C TYR F 492 16.89 -58.81 -12.78
N ILE F 493 15.62 -58.37 -12.80
CA ILE F 493 15.08 -57.64 -11.66
C ILE F 493 15.06 -58.52 -10.41
N LEU F 494 14.62 -59.76 -10.56
CA LEU F 494 14.59 -60.68 -9.43
C LEU F 494 15.98 -60.93 -8.87
N ASP F 495 16.96 -61.13 -9.75
CA ASP F 495 18.33 -61.34 -9.29
C ASP F 495 18.87 -60.10 -8.59
N VAL F 496 18.59 -58.91 -9.13
CA VAL F 496 19.02 -57.68 -8.47
C VAL F 496 18.33 -57.52 -7.12
N HIS F 497 17.02 -57.78 -7.08
CA HIS F 497 16.29 -57.74 -5.82
C HIS F 497 16.76 -58.81 -4.86
N SER F 498 17.26 -59.94 -5.39
CA SER F 498 17.76 -61.00 -4.53
C SER F 498 19.04 -60.60 -3.81
N GLY F 499 19.86 -59.75 -4.43
CA GLY F 499 21.11 -59.32 -3.84
C GLY F 499 22.32 -59.62 -4.68
N LYS F 500 22.14 -59.75 -5.99
CA LYS F 500 23.25 -60.01 -6.88
C LYS F 500 24.20 -58.82 -6.92
N SER F 501 25.50 -59.11 -6.93
CA SER F 501 26.54 -58.08 -6.95
C SER F 501 27.42 -58.33 -8.17
N THR F 502 27.16 -57.61 -9.26
CA THR F 502 27.97 -57.73 -10.46
C THR F 502 29.37 -57.19 -10.19
N LYS F 503 30.37 -57.95 -10.65
CA LYS F 503 31.77 -57.59 -10.45
C LYS F 503 32.40 -57.20 -11.78
N ASN F 504 33.71 -56.93 -11.73
CA ASN F 504 34.48 -56.47 -12.89
C ASN F 504 33.88 -55.20 -13.48
N ILE F 505 33.39 -54.33 -12.62
CA ILE F 505 32.84 -53.04 -13.00
C ILE F 505 33.51 -51.96 -12.17
N ILE F 506 33.79 -50.82 -12.81
CA ILE F 506 34.45 -49.71 -12.12
C ILE F 506 33.54 -49.21 -11.00
N ASP F 507 34.11 -49.07 -9.81
CA ASP F 507 33.32 -48.65 -8.65
C ASP F 507 32.80 -47.23 -8.83
N ILE F 508 31.63 -46.97 -8.25
CA ILE F 508 31.01 -45.65 -8.36
C ILE F 508 31.87 -44.60 -7.69
N ASP F 509 32.64 -44.97 -6.67
CA ASP F 509 33.55 -44.03 -6.03
C ASP F 509 34.72 -43.70 -6.96
N THR F 510 35.32 -44.74 -7.55
CA THR F 510 36.43 -44.52 -8.47
C THR F 510 35.96 -43.81 -9.74
N LEU F 511 34.77 -44.17 -10.24
CA LEU F 511 34.24 -43.54 -11.44
C LEU F 511 34.01 -42.05 -11.24
N ARG F 512 33.52 -41.67 -10.06
CA ARG F 512 33.30 -40.26 -9.77
C ARG F 512 34.61 -39.47 -9.82
N LYS F 513 35.67 -40.02 -9.21
CA LYS F 513 36.97 -39.38 -9.31
C LYS F 513 37.53 -39.44 -10.73
N TYR F 514 37.25 -40.54 -11.45
CA TYR F 514 37.74 -40.67 -12.81
C TYR F 514 37.15 -39.60 -13.73
N ILE F 515 35.84 -39.36 -13.61
CA ILE F 515 35.18 -38.37 -14.45
C ILE F 515 35.67 -36.97 -14.11
N ALA F 516 35.76 -36.65 -12.82
CA ALA F 516 36.17 -35.30 -12.41
C ALA F 516 37.59 -34.99 -12.87
N TYR F 517 38.50 -35.94 -12.74
CA TYR F 517 39.89 -35.70 -13.16
C TYR F 517 39.98 -35.49 -14.66
N ALA F 518 39.25 -36.28 -15.44
CA ALA F 518 39.32 -36.17 -16.90
C ALA F 518 38.80 -34.82 -17.37
N ARG F 519 37.72 -34.33 -16.75
CA ARG F 519 37.15 -33.05 -17.15
C ARG F 519 38.04 -31.87 -16.81
N LYS F 520 39.10 -32.08 -16.03
CA LYS F 520 39.97 -31.00 -15.57
C LYS F 520 41.28 -30.91 -16.32
N TYR F 521 41.68 -31.94 -17.06
CA TYR F 521 42.99 -31.94 -17.70
C TYR F 521 42.99 -32.49 -19.12
N VAL F 522 41.84 -32.68 -19.75
CA VAL F 522 41.77 -33.20 -21.11
C VAL F 522 41.13 -32.15 -22.01
N THR F 523 41.86 -31.72 -23.03
CA THR F 523 41.38 -30.76 -24.02
C THR F 523 41.69 -31.29 -25.41
N PRO F 524 40.84 -32.19 -25.93
CA PRO F 524 41.07 -32.74 -27.26
C PRO F 524 41.04 -31.66 -28.33
N LYS F 525 41.83 -31.87 -29.39
CA LYS F 525 41.96 -30.92 -30.49
C LYS F 525 41.59 -31.61 -31.79
N ILE F 526 40.74 -30.97 -32.59
CA ILE F 526 40.31 -31.53 -33.87
C ILE F 526 41.46 -31.41 -34.87
N THR F 527 41.73 -32.51 -35.56
CA THR F 527 42.77 -32.56 -36.58
C THR F 527 42.17 -32.62 -37.98
N SER F 528 43.04 -32.49 -38.98
CA SER F 528 42.58 -32.43 -40.36
C SER F 528 41.95 -33.75 -40.80
N GLU F 529 42.53 -34.89 -40.41
CA GLU F 529 41.99 -36.17 -40.84
C GLU F 529 40.60 -36.42 -40.24
N ALA F 530 40.40 -36.04 -38.98
CA ALA F 530 39.11 -36.25 -38.34
C ALA F 530 38.04 -35.31 -38.91
N LYS F 531 38.42 -34.10 -39.29
CA LYS F 531 37.44 -33.13 -39.80
C LYS F 531 36.89 -33.52 -41.16
N ASN F 532 37.61 -34.34 -41.92
CA ASN F 532 37.13 -34.72 -43.26
C ASN F 532 35.90 -35.61 -43.17
N LEU F 533 35.89 -36.56 -42.23
CA LEU F 533 34.73 -37.44 -42.08
C LEU F 533 33.50 -36.65 -41.64
N ILE F 534 33.68 -35.70 -40.72
CA ILE F 534 32.56 -34.91 -40.23
C ILE F 534 31.97 -34.06 -41.35
N THR F 535 32.84 -33.40 -42.13
CA THR F 535 32.37 -32.52 -43.19
C THR F 535 31.59 -33.30 -44.25
N ASP F 536 32.12 -34.43 -44.69
CA ASP F 536 31.46 -35.22 -45.73
C ASP F 536 30.14 -35.80 -45.22
N PHE F 537 30.12 -36.28 -43.98
CA PHE F 537 28.90 -36.87 -43.44
C PHE F 537 27.81 -35.82 -43.26
N PHE F 538 28.18 -34.61 -42.86
CA PHE F 538 27.19 -33.56 -42.64
C PHE F 538 26.52 -33.15 -43.95
N VAL F 539 27.28 -33.13 -45.05
CA VAL F 539 26.73 -32.69 -46.33
C VAL F 539 25.59 -33.60 -46.77
N GLU F 540 25.80 -34.91 -46.70
CA GLU F 540 24.75 -35.85 -47.10
C GLU F 540 23.59 -35.84 -46.12
N MET F 541 23.86 -35.58 -44.84
CA MET F 541 22.77 -35.51 -43.87
C MET F 541 21.81 -34.37 -44.18
N ARG F 542 22.33 -33.20 -44.54
CA ARG F 542 21.46 -32.11 -44.97
C ARG F 542 20.91 -32.36 -46.36
N LYS F 543 21.65 -33.06 -47.21
CA LYS F 543 21.17 -33.38 -48.54
C LYS F 543 19.95 -34.28 -48.48
N LYS F 544 19.94 -35.25 -47.57
CA LYS F 544 18.79 -36.15 -47.44
C LYS F 544 17.54 -35.39 -47.02
N SER F 545 17.67 -34.48 -46.06
CA SER F 545 16.52 -33.72 -45.58
C SER F 545 15.95 -32.84 -46.68
N SER F 546 16.82 -32.26 -47.52
CA SER F 546 16.34 -31.54 -48.69
C SER F 546 15.63 -32.48 -49.65
N GLU F 547 16.18 -33.69 -49.84
CA GLU F 547 15.55 -34.66 -50.72
C GLU F 547 14.20 -35.13 -50.18
N THR F 548 14.12 -35.36 -48.86
CA THR F 548 12.89 -35.86 -48.24
C THR F 548 12.24 -34.76 -47.41
N PRO F 549 11.17 -34.12 -47.89
CA PRO F 549 10.55 -33.03 -47.12
C PRO F 549 9.77 -33.48 -45.90
N ASP F 550 9.62 -34.79 -45.69
CA ASP F 550 8.87 -35.32 -44.56
C ASP F 550 9.77 -35.73 -43.40
N SER F 551 10.88 -35.03 -43.22
CA SER F 551 11.80 -35.35 -42.13
C SER F 551 11.17 -34.99 -40.80
N PRO F 552 11.07 -35.93 -39.85
CA PRO F 552 10.47 -35.59 -38.54
C PRO F 552 11.22 -34.51 -37.79
N ILE F 553 12.54 -34.48 -37.89
CA ILE F 553 13.38 -33.52 -37.18
C ILE F 553 14.20 -32.74 -38.20
N LEU F 554 14.18 -31.41 -38.09
CA LEU F 554 14.96 -30.57 -38.98
C LEU F 554 16.45 -30.76 -38.71
N ILE F 555 17.24 -30.71 -39.77
CA ILE F 555 18.70 -30.82 -39.68
C ILE F 555 19.26 -29.41 -39.72
N THR F 556 19.74 -28.94 -38.58
CA THR F 556 20.26 -27.59 -38.40
C THR F 556 21.74 -27.65 -38.07
N PRO F 557 22.48 -26.54 -38.27
CA PRO F 557 23.89 -26.53 -37.88
C PRO F 557 24.14 -26.87 -36.42
N ARG F 558 23.10 -26.85 -35.57
CA ARG F 558 23.25 -27.32 -34.20
C ARG F 558 23.65 -28.79 -34.17
N GLN F 559 23.21 -29.58 -35.16
CA GLN F 559 23.61 -30.98 -35.22
C GLN F 559 25.11 -31.11 -35.46
N LEU F 560 25.68 -30.24 -36.31
CA LEU F 560 27.11 -30.26 -36.53
C LEU F 560 27.88 -29.98 -35.25
N GLU F 561 27.41 -29.01 -34.47
CA GLU F 561 28.04 -28.74 -33.17
C GLU F 561 27.92 -29.94 -32.25
N ALA F 562 26.76 -30.60 -32.26
CA ALA F 562 26.59 -31.79 -31.43
C ALA F 562 27.54 -32.90 -31.86
N LEU F 563 27.71 -33.08 -33.17
CA LEU F 563 28.63 -34.11 -33.66
C LEU F 563 30.06 -33.82 -33.23
N ILE F 564 30.47 -32.55 -33.29
CA ILE F 564 31.80 -32.17 -32.82
C ILE F 564 31.95 -32.44 -31.33
N ARG F 565 30.92 -32.09 -30.55
CA ARG F 565 30.98 -32.27 -29.11
C ARG F 565 31.12 -33.74 -28.73
N ILE F 566 30.43 -34.62 -29.45
CA ILE F 566 30.51 -36.05 -29.17
C ILE F 566 31.92 -36.56 -29.41
N SER F 567 32.54 -36.14 -30.51
CA SER F 567 33.89 -36.59 -30.83
C SER F 567 34.89 -36.12 -29.78
N GLU F 568 34.77 -34.87 -29.35
CA GLU F 568 35.69 -34.35 -28.33
C GLU F 568 35.49 -35.07 -27.00
N ALA F 569 34.25 -35.36 -26.64
CA ALA F 569 33.99 -36.06 -25.39
C ALA F 569 34.45 -37.51 -25.44
N TYR F 570 34.43 -38.12 -26.63
CA TYR F 570 34.87 -39.51 -26.75
C TYR F 570 36.35 -39.66 -26.40
N ALA F 571 37.18 -38.72 -26.84
CA ALA F 571 38.59 -38.75 -26.48
C ALA F 571 38.84 -38.40 -25.02
N LYS F 572 37.86 -37.84 -24.32
CA LYS F 572 38.09 -37.40 -22.95
C LYS F 572 38.26 -38.59 -21.99
N MET F 573 37.37 -39.59 -22.08
CA MET F 573 37.55 -40.76 -21.24
C MET F 573 38.72 -41.61 -21.70
N ALA F 574 39.13 -41.48 -22.96
CA ALA F 574 40.37 -42.09 -23.42
C ALA F 574 41.59 -41.31 -22.96
N LEU F 575 41.40 -40.14 -22.34
CA LEU F 575 42.49 -39.29 -21.86
C LEU F 575 43.43 -38.92 -23.00
N LYS F 576 42.86 -38.62 -24.16
CA LYS F 576 43.61 -38.25 -25.35
C LYS F 576 43.52 -36.75 -25.58
N ALA F 577 44.66 -36.13 -25.89
CA ALA F 577 44.70 -34.71 -26.21
C ALA F 577 44.51 -34.44 -27.70
N GLU F 578 44.27 -35.47 -28.50
CA GLU F 578 44.11 -35.33 -29.94
C GLU F 578 42.96 -36.20 -30.40
N VAL F 579 42.14 -35.66 -31.32
CA VAL F 579 41.01 -36.38 -31.87
C VAL F 579 41.49 -37.20 -33.06
N THR F 580 41.30 -38.52 -32.99
CA THR F 580 41.81 -39.44 -33.98
C THR F 580 40.72 -39.82 -34.98
N ARG F 581 41.09 -40.69 -35.92
CA ARG F 581 40.14 -41.15 -36.94
C ARG F 581 39.00 -41.94 -36.30
N GLU F 582 39.31 -42.81 -35.34
CA GLU F 582 38.28 -43.63 -34.73
C GLU F 582 37.28 -42.80 -33.95
N ASP F 583 37.70 -41.64 -33.42
CA ASP F 583 36.78 -40.79 -32.67
C ASP F 583 35.67 -40.26 -33.57
N ALA F 584 36.01 -39.81 -34.77
CA ALA F 584 35.00 -39.33 -35.70
C ALA F 584 34.07 -40.45 -36.14
N GLU F 585 34.63 -41.62 -36.45
CA GLU F 585 33.80 -42.75 -36.85
C GLU F 585 32.91 -43.22 -35.70
N ARG F 586 33.47 -43.27 -34.48
CA ARG F 586 32.68 -43.67 -33.32
C ARG F 586 31.59 -42.67 -32.98
N ALA F 587 31.67 -41.44 -33.51
CA ALA F 587 30.64 -40.44 -33.28
C ALA F 587 29.59 -40.42 -34.37
N ILE F 588 29.95 -40.83 -35.59
CA ILE F 588 28.98 -40.85 -36.68
C ILE F 588 27.96 -41.95 -36.48
N ASN F 589 28.40 -43.13 -36.02
CA ASN F 589 27.49 -44.26 -35.91
C ASN F 589 26.50 -44.08 -34.77
N ILE F 590 26.94 -43.51 -33.65
CA ILE F 590 26.05 -43.41 -32.49
C ILE F 590 24.90 -42.46 -32.77
N MET F 591 25.17 -41.30 -33.36
CA MET F 591 24.08 -40.37 -33.68
C MET F 591 23.28 -40.85 -34.88
N ARG F 592 23.83 -41.75 -35.69
CA ARG F 592 23.03 -42.41 -36.71
C ARG F 592 21.96 -43.30 -36.08
N LEU F 593 22.26 -43.90 -34.92
CA LEU F 593 21.24 -44.63 -34.19
C LEU F 593 20.11 -43.70 -33.73
N PHE F 594 20.45 -42.46 -33.41
CA PHE F 594 19.43 -41.46 -33.11
C PHE F 594 18.51 -41.24 -34.30
N LEU F 595 19.06 -41.21 -35.50
CA LEU F 595 18.25 -41.03 -36.70
C LEU F 595 17.27 -42.17 -36.88
N GLU F 596 17.76 -43.42 -36.84
CA GLU F 596 16.89 -44.56 -37.03
C GLU F 596 15.93 -44.75 -35.87
N SER F 597 16.28 -44.25 -34.68
CA SER F 597 15.38 -44.38 -33.54
C SER F 597 14.11 -43.57 -33.75
N VAL F 598 14.25 -42.32 -34.21
CA VAL F 598 13.09 -41.44 -34.39
C VAL F 598 12.35 -41.69 -35.69
N GLY F 599 12.90 -42.51 -36.59
CA GLY F 599 12.28 -42.79 -37.87
C GLY F 599 13.00 -42.20 -39.07
N VAL F 600 14.13 -41.54 -38.88
CA VAL F 600 14.89 -40.99 -40.00
C VAL F 600 15.55 -42.13 -40.75
N ASP F 601 15.36 -42.15 -42.07
CA ASP F 601 15.88 -43.21 -42.93
C ASP F 601 17.07 -42.70 -43.72
N MET F 602 18.13 -43.51 -43.77
CA MET F 602 19.33 -43.15 -44.51
C MET F 602 19.05 -43.06 -46.00
#